data_6IP2
#
_entry.id   6IP2
#
_cell.length_a   1
_cell.length_b   1
_cell.length_c   1
_cell.angle_alpha   90
_cell.angle_beta   90
_cell.angle_gamma   90
#
_symmetry.space_group_name_H-M   'P 1'
#
loop_
_entity.id
_entity.type
_entity.pdbx_description
1 polymer 'Vesicle-fusing ATPase'
2 non-polymer "ADENOSINE-5'-TRIPHOSPHATE"
#
_entity_poly.entity_id   1
_entity_poly.type   'polypeptide(L)'
_entity_poly.pdbx_seq_one_letter_code
;MRGSHHHHHHTDPLDVDSEPDVSAKMAGRSMQAARCPTDELSLSNCAVVSEKDYQSGQHVIVRTSPNHKYIFTLRTHPSV
VPGSVAFSLPQRKWAGLSIGQEIEVALYSFDKAKQCIGTMTIEIDFLQKKNIDSNPYDTDKMAAEFIQQFNNQAFSVGQQ
LVFSFNDKLFGLLVKDIEAVDPSILKGEPASGKRQKIEVGLVVGNSQVAFEKAENSSLNLIGKAKTKENRQSIINPDWNF
EKMGIGGLDKEFSDIFRRAFASRVFPPEIVEQMGCKHVKGILLYGPPGCGKTLLARQIGKMLNAREPKVVNGPEILNKYV
GESEANIRKLFADAEEEQRRLGANSGLHIIIFDEIDAICKQRGSMAGSTGVHDTVVNQLLSKIDGVEQLNNILVIGMTNR
PDLIDEALLRPGRLEVKMEIGLPDEKGRLQILHIHTARMRGHQLLSADVDIKELAVETKNFSGAELEGLVRAAQSTAMNR
HIKASTKVEVDMEKAESLQVTRGDFLASLENDIKPAFGTNQEDYASYIMNGIIKWGDPVTRVLDDGELLVQQTKNSDRTP
LVSVLLEGPPHSGKTALAAKIAEESNFPFIKICSPDKMIGFSETAKCQAMKKIFDDAYKSQLSCVVVDDIERLLDYVPIG
PRFSNLVLQALLVLLKKAPPQGRKLLIIGTTSRKDVLQEMEMLNAFSTTIHVPNIATGEQLLEALELLGNFKDKERTTIA
QQVKGKKVWIGIKKLLMLIEMSLQMDPEYRVRKFLALLREEGASPLDFD
;
_entity_poly.pdbx_strand_id   B,C,D,E,F,A
#
loop_
_chem_comp.id
_chem_comp.type
_chem_comp.name
_chem_comp.formula
ATP non-polymer ADENOSINE-5'-TRIPHOSPHATE 'C10 H16 N5 O13 P3'
#
# COMPACT_ATOMS: atom_id res chain seq x y z
N GLU A 241 34.13 -35.49 -26.35
CA GLU A 241 34.48 -35.46 -24.94
C GLU A 241 33.35 -35.98 -24.07
N LYS A 242 32.16 -35.47 -24.31
CA LYS A 242 31.00 -35.74 -23.47
C LYS A 242 29.74 -35.43 -24.25
N MET A 243 28.61 -35.47 -23.53
CA MET A 243 27.33 -35.14 -24.13
C MET A 243 27.30 -33.65 -24.45
N GLY A 244 26.47 -33.27 -25.41
CA GLY A 244 26.66 -32.06 -26.17
C GLY A 244 26.55 -30.79 -25.36
N ILE A 245 27.66 -30.12 -25.10
CA ILE A 245 27.73 -28.82 -24.44
C ILE A 245 28.66 -27.98 -25.28
N GLY A 246 28.10 -27.11 -26.12
CA GLY A 246 28.90 -26.35 -27.07
C GLY A 246 29.49 -25.11 -26.45
N GLY A 247 30.81 -24.96 -26.59
CA GLY A 247 31.47 -23.70 -26.30
C GLY A 247 31.74 -23.40 -24.85
N LEU A 248 31.19 -24.19 -23.93
CA LEU A 248 31.37 -23.95 -22.51
C LEU A 248 32.59 -24.66 -21.94
N ASP A 249 33.43 -25.23 -22.81
CA ASP A 249 34.59 -25.99 -22.34
C ASP A 249 35.68 -25.10 -21.75
N LYS A 250 35.62 -23.79 -21.99
CA LYS A 250 36.57 -22.87 -21.37
C LYS A 250 36.24 -22.64 -19.91
N GLU A 251 35.00 -22.92 -19.51
CA GLU A 251 34.59 -22.82 -18.12
C GLU A 251 33.97 -24.10 -17.60
N PHE A 252 33.88 -25.14 -18.43
CA PHE A 252 33.54 -26.45 -17.89
C PHE A 252 34.69 -26.98 -17.05
N SER A 253 35.92 -26.76 -17.51
CA SER A 253 37.11 -27.10 -16.75
C SER A 253 37.44 -26.06 -15.69
N ASP A 254 36.56 -25.09 -15.45
CA ASP A 254 36.70 -24.22 -14.30
C ASP A 254 35.89 -24.71 -13.11
N ILE A 255 34.70 -25.28 -13.32
CA ILE A 255 34.01 -25.88 -12.19
C ILE A 255 34.53 -27.28 -11.93
N PHE A 256 34.80 -28.06 -12.99
CA PHE A 256 35.35 -29.40 -12.81
C PHE A 256 36.78 -29.35 -12.31
N ARG A 257 37.41 -28.18 -12.39
CA ARG A 257 38.58 -27.88 -11.59
C ARG A 257 38.28 -28.00 -10.10
N ARG A 258 37.10 -27.56 -9.67
CA ARG A 258 36.89 -27.34 -8.24
C ARG A 258 35.51 -27.72 -7.74
N ALA A 259 34.88 -28.77 -8.27
CA ALA A 259 33.53 -29.07 -7.79
C ALA A 259 33.26 -30.46 -7.21
N PHE A 260 33.93 -31.58 -7.56
CA PHE A 260 34.79 -32.08 -8.67
C PHE A 260 36.26 -31.71 -8.61
N ALA A 261 36.70 -31.14 -7.50
CA ALA A 261 38.11 -31.28 -7.14
C ALA A 261 38.27 -32.53 -6.31
N SER A 262 37.46 -32.61 -5.26
CA SER A 262 37.27 -33.81 -4.47
C SER A 262 36.26 -34.70 -5.18
N ARG A 263 35.77 -35.73 -4.47
CA ARG A 263 34.67 -36.64 -4.81
C ARG A 263 35.02 -37.65 -5.89
N VAL A 264 36.12 -37.41 -6.62
CA VAL A 264 36.55 -38.31 -7.68
C VAL A 264 38.04 -38.60 -7.62
N PHE A 265 38.86 -37.56 -7.55
CA PHE A 265 40.25 -37.76 -7.98
C PHE A 265 41.23 -38.43 -7.02
N PRO A 266 41.31 -38.11 -5.73
CA PRO A 266 42.39 -38.74 -4.92
C PRO A 266 42.14 -40.21 -4.64
N PRO A 267 40.92 -40.64 -4.23
CA PRO A 267 39.69 -40.20 -3.55
C PRO A 267 39.65 -40.63 -2.08
N GLU A 268 40.62 -41.43 -1.66
CA GLU A 268 40.75 -41.81 -0.26
C GLU A 268 41.85 -41.03 0.45
N ILE A 269 42.44 -40.04 -0.22
CA ILE A 269 43.39 -39.12 0.43
C ILE A 269 42.66 -37.98 1.11
N VAL A 270 41.39 -37.77 0.75
CA VAL A 270 40.59 -36.67 1.27
C VAL A 270 40.36 -36.83 2.78
N GLU A 271 40.35 -38.06 3.28
CA GLU A 271 40.28 -38.27 4.73
C GLU A 271 41.56 -37.81 5.42
N GLN A 272 42.69 -37.79 4.71
CA GLN A 272 43.92 -37.28 5.31
C GLN A 272 43.98 -35.76 5.24
N MET A 273 43.98 -35.20 4.04
CA MET A 273 43.93 -33.75 3.89
C MET A 273 42.51 -33.30 4.16
N GLY A 274 42.24 -32.90 5.41
CA GLY A 274 40.91 -32.65 5.91
C GLY A 274 40.17 -31.58 5.15
N CYS A 275 39.20 -32.02 4.38
CA CYS A 275 38.58 -31.17 3.37
C CYS A 275 37.10 -31.42 3.38
N LYS A 276 36.32 -30.36 3.25
CA LYS A 276 34.90 -30.51 3.02
C LYS A 276 34.66 -30.64 1.52
N HIS A 277 33.40 -30.67 1.13
CA HIS A 277 33.05 -30.67 -0.27
C HIS A 277 32.35 -29.36 -0.58
N VAL A 278 32.63 -28.80 -1.75
CA VAL A 278 31.97 -27.57 -2.16
C VAL A 278 30.48 -27.82 -2.38
N LYS A 279 29.67 -27.02 -1.71
CA LYS A 279 28.25 -27.30 -1.57
C LYS A 279 27.40 -26.49 -2.52
N GLY A 280 27.96 -25.94 -3.58
CA GLY A 280 27.15 -25.15 -4.48
C GLY A 280 27.93 -24.61 -5.65
N ILE A 281 27.23 -24.44 -6.76
CA ILE A 281 27.76 -23.81 -7.95
C ILE A 281 26.72 -22.83 -8.45
N LEU A 282 27.12 -21.58 -8.69
CA LEU A 282 26.22 -20.55 -9.17
C LEU A 282 26.52 -20.27 -10.63
N LEU A 283 25.47 -20.18 -11.45
CA LEU A 283 25.61 -20.09 -12.89
C LEU A 283 24.98 -18.79 -13.36
N TYR A 284 25.79 -17.90 -13.94
CA TYR A 284 25.27 -16.66 -14.52
C TYR A 284 24.61 -16.94 -15.86
N GLY A 285 24.28 -15.88 -16.58
CA GLY A 285 24.08 -15.99 -18.00
C GLY A 285 22.80 -15.36 -18.49
N PRO A 286 22.78 -14.99 -19.76
CA PRO A 286 21.53 -14.60 -20.40
C PRO A 286 20.65 -15.82 -20.58
N PRO A 287 19.34 -15.64 -20.80
CA PRO A 287 18.45 -16.80 -20.94
C PRO A 287 18.71 -17.54 -22.25
N GLY A 288 18.92 -18.84 -22.15
CA GLY A 288 19.19 -19.65 -23.32
C GLY A 288 20.65 -19.72 -23.70
N CYS A 289 21.50 -20.20 -22.79
CA CYS A 289 22.88 -20.48 -23.12
C CYS A 289 23.37 -21.79 -22.54
N GLY A 290 22.51 -22.56 -21.90
CA GLY A 290 22.93 -23.80 -21.30
C GLY A 290 23.13 -23.75 -19.81
N LYS A 291 22.39 -22.89 -19.11
CA LYS A 291 22.42 -22.92 -17.65
C LYS A 291 21.85 -24.23 -17.13
N THR A 292 20.72 -24.66 -17.68
CA THR A 292 20.15 -25.95 -17.26
C THR A 292 21.00 -27.11 -17.76
N LEU A 293 21.70 -26.92 -18.88
CA LEU A 293 22.41 -28.04 -19.49
C LEU A 293 23.69 -28.38 -18.71
N LEU A 294 24.22 -27.44 -17.95
CA LEU A 294 25.22 -27.79 -16.95
C LEU A 294 24.64 -28.12 -15.62
N ALA A 295 23.41 -28.60 -15.55
CA ALA A 295 22.87 -29.10 -14.30
C ALA A 295 22.47 -30.56 -14.41
N ARG A 296 21.83 -30.93 -15.51
CA ARG A 296 21.59 -32.35 -15.76
C ARG A 296 22.87 -33.07 -16.11
N GLN A 297 23.68 -32.49 -17.00
CA GLN A 297 24.90 -33.18 -17.44
C GLN A 297 26.00 -33.09 -16.39
N ILE A 298 25.92 -32.14 -15.46
CA ILE A 298 26.96 -32.04 -14.44
C ILE A 298 26.78 -33.07 -13.34
N GLY A 299 25.63 -33.74 -13.29
CA GLY A 299 25.44 -34.80 -12.31
C GLY A 299 25.77 -36.15 -12.88
N LYS A 300 25.43 -36.34 -14.17
CA LYS A 300 25.73 -37.59 -14.85
C LYS A 300 27.22 -37.78 -15.07
N MET A 301 28.01 -36.70 -15.00
CA MET A 301 29.46 -36.79 -14.94
C MET A 301 29.97 -37.22 -13.57
N LEU A 302 29.09 -37.35 -12.58
CA LEU A 302 29.46 -37.84 -11.27
C LEU A 302 28.87 -39.22 -10.98
N ASN A 303 27.98 -39.72 -11.86
CA ASN A 303 27.24 -40.97 -11.69
C ASN A 303 26.46 -40.97 -10.38
N ALA A 304 25.88 -39.81 -10.05
CA ALA A 304 25.25 -39.60 -8.75
C ALA A 304 23.77 -39.94 -8.74
N ARG A 305 23.14 -40.10 -9.91
CA ARG A 305 21.92 -40.89 -10.11
C ARG A 305 20.65 -40.24 -9.56
N GLU A 306 20.73 -39.17 -8.78
CA GLU A 306 19.54 -38.48 -8.30
C GLU A 306 19.58 -37.00 -8.65
N PRO A 307 19.06 -36.60 -9.81
CA PRO A 307 18.77 -35.19 -10.05
C PRO A 307 17.42 -34.79 -9.49
N LYS A 308 17.43 -33.98 -8.44
CA LYS A 308 16.20 -33.41 -7.89
C LYS A 308 16.08 -31.98 -8.38
N VAL A 309 15.12 -31.74 -9.28
CA VAL A 309 14.95 -30.45 -9.92
C VAL A 309 13.70 -29.82 -9.35
N VAL A 310 13.82 -28.56 -8.91
CA VAL A 310 12.66 -27.80 -8.50
C VAL A 310 12.74 -26.43 -9.17
N ASN A 311 11.59 -25.95 -9.63
CA ASN A 311 11.55 -24.67 -10.31
C ASN A 311 11.67 -23.55 -9.28
N GLY A 312 12.08 -22.37 -9.75
CA GLY A 312 12.37 -21.25 -8.89
C GLY A 312 11.19 -20.71 -8.10
N PRO A 313 10.20 -20.12 -8.78
CA PRO A 313 9.07 -19.54 -8.05
C PRO A 313 8.00 -20.54 -7.67
N GLU A 314 8.30 -21.83 -7.75
CA GLU A 314 7.34 -22.83 -7.31
C GLU A 314 7.29 -22.95 -5.79
N ILE A 315 8.39 -22.63 -5.10
CA ILE A 315 8.41 -22.72 -3.65
C ILE A 315 7.66 -21.56 -3.02
N LEU A 316 7.58 -20.41 -3.70
CA LEU A 316 6.90 -19.19 -3.21
C LEU A 316 5.41 -19.32 -3.07
N ASN A 317 4.82 -20.48 -3.29
CA ASN A 317 3.37 -20.59 -3.41
C ASN A 317 2.68 -20.37 -2.07
N LYS A 318 2.92 -21.22 -1.09
CA LYS A 318 1.91 -21.53 -0.09
C LYS A 318 1.74 -20.42 0.94
N TYR A 319 0.91 -20.70 1.94
CA TYR A 319 0.63 -19.79 3.02
C TYR A 319 1.73 -19.87 4.07
N VAL A 320 1.50 -19.35 5.28
CA VAL A 320 2.58 -19.33 6.26
C VAL A 320 2.86 -20.73 6.77
N GLY A 321 4.11 -21.16 6.61
CA GLY A 321 4.59 -22.45 7.06
C GLY A 321 4.72 -23.51 6.00
N GLU A 322 3.75 -23.62 5.12
CA GLU A 322 3.82 -24.59 4.04
C GLU A 322 4.65 -24.09 2.87
N SER A 323 4.99 -22.80 2.82
CA SER A 323 5.88 -22.31 1.78
C SER A 323 7.30 -22.78 2.01
N GLU A 324 7.73 -22.81 3.27
CA GLU A 324 9.02 -23.40 3.59
C GLU A 324 9.00 -24.92 3.52
N ALA A 325 7.81 -25.53 3.56
CA ALA A 325 7.69 -26.98 3.51
C ALA A 325 8.00 -27.57 2.14
N ASN A 326 8.20 -26.74 1.12
CA ASN A 326 8.77 -27.25 -0.13
C ASN A 326 10.24 -27.57 0.06
N ILE A 327 11.05 -26.56 0.41
CA ILE A 327 12.48 -26.78 0.43
C ILE A 327 12.96 -27.50 1.67
N ARG A 328 12.16 -27.58 2.72
CA ARG A 328 12.65 -28.39 3.83
C ARG A 328 12.29 -29.85 3.69
N LYS A 329 11.47 -30.20 2.70
CA LYS A 329 11.33 -31.58 2.25
C LYS A 329 12.19 -31.86 1.03
N LEU A 330 13.00 -30.88 0.62
CA LEU A 330 13.82 -31.05 -0.57
C LEU A 330 15.16 -31.68 -0.23
N PHE A 331 15.68 -31.38 0.95
CA PHE A 331 16.89 -32.04 1.43
C PHE A 331 16.57 -33.28 2.24
N ALA A 332 15.28 -33.50 2.54
CA ALA A 332 14.89 -34.57 3.47
C ALA A 332 15.11 -35.94 2.87
N ASP A 333 14.97 -36.08 1.55
CA ASP A 333 15.27 -37.36 0.91
C ASP A 333 16.77 -37.64 0.96
N ALA A 334 17.59 -36.59 1.02
CA ALA A 334 19.01 -36.70 1.23
C ALA A 334 19.41 -36.58 2.70
N GLU A 335 18.44 -36.43 3.61
CA GLU A 335 18.79 -36.28 5.01
C GLU A 335 19.25 -37.59 5.61
N GLU A 336 18.37 -38.60 5.62
CA GLU A 336 18.73 -39.92 6.13
C GLU A 336 19.61 -40.62 5.10
N GLU A 337 20.91 -40.38 5.23
CA GLU A 337 21.86 -40.91 4.26
C GLU A 337 23.24 -40.96 4.89
N GLN A 338 23.89 -42.13 4.87
CA GLN A 338 23.35 -43.39 4.33
C GLN A 338 22.65 -44.16 5.44
N ARG A 339 21.35 -43.89 5.61
CA ARG A 339 20.65 -44.02 6.87
C ARG A 339 21.48 -43.39 7.98
N ARG A 340 21.69 -42.08 7.81
CA ARG A 340 22.35 -41.16 8.75
C ARG A 340 23.82 -41.49 9.01
N LEU A 341 24.51 -42.15 8.08
CA LEU A 341 25.96 -42.23 8.19
C LEU A 341 26.61 -41.37 7.11
N GLY A 342 27.66 -40.65 7.50
CA GLY A 342 28.28 -39.67 6.64
C GLY A 342 29.37 -40.23 5.75
N ALA A 343 29.08 -41.35 5.09
CA ALA A 343 29.96 -41.91 4.09
C ALA A 343 29.11 -42.33 2.90
N ASN A 344 29.78 -42.65 1.79
CA ASN A 344 29.23 -43.19 0.55
C ASN A 344 28.31 -42.22 -0.20
N SER A 345 28.08 -41.02 0.34
CA SER A 345 27.74 -39.79 -0.37
C SER A 345 26.34 -39.71 -0.97
N GLY A 346 25.60 -40.83 -1.00
CA GLY A 346 24.19 -40.92 -1.35
C GLY A 346 23.61 -40.06 -2.45
N LEU A 347 22.58 -39.27 -2.11
CA LEU A 347 22.04 -38.26 -3.01
C LEU A 347 23.02 -37.09 -3.13
N HIS A 348 23.06 -36.50 -4.31
CA HIS A 348 23.93 -35.35 -4.51
C HIS A 348 23.21 -34.08 -4.93
N ILE A 349 22.50 -34.05 -6.05
CA ILE A 349 22.25 -32.80 -6.76
C ILE A 349 20.83 -32.32 -6.53
N ILE A 350 20.71 -31.09 -6.02
CA ILE A 350 19.48 -30.31 -6.07
C ILE A 350 19.72 -29.14 -7.02
N ILE A 351 18.84 -28.98 -8.00
CA ILE A 351 18.96 -27.94 -9.01
C ILE A 351 17.88 -26.89 -8.77
N PHE A 352 18.30 -25.66 -8.48
CA PHE A 352 17.39 -24.52 -8.48
C PHE A 352 17.42 -23.84 -9.84
N ASP A 353 16.25 -23.52 -10.36
CA ASP A 353 16.14 -23.07 -11.74
C ASP A 353 16.13 -21.55 -11.85
N GLU A 354 15.24 -20.88 -11.10
CA GLU A 354 15.15 -19.42 -11.12
C GLU A 354 15.35 -18.96 -9.68
N ILE A 355 16.62 -18.82 -9.30
CA ILE A 355 16.96 -18.59 -7.90
C ILE A 355 16.74 -17.15 -7.46
N ASP A 356 16.50 -16.23 -8.39
CA ASP A 356 16.18 -14.85 -8.01
C ASP A 356 14.78 -14.72 -7.45
N ALA A 357 13.95 -15.76 -7.55
CA ALA A 357 12.64 -15.72 -6.93
C ALA A 357 12.70 -15.85 -5.41
N ILE A 358 13.83 -16.29 -4.87
CA ILE A 358 13.90 -16.54 -3.44
C ILE A 358 14.77 -15.49 -2.75
N CYS A 359 16.06 -15.46 -3.08
CA CYS A 359 17.03 -14.82 -2.21
C CYS A 359 17.16 -13.33 -2.54
N LYS A 360 16.54 -12.48 -1.73
CA LYS A 360 16.80 -11.04 -1.79
C LYS A 360 17.20 -10.45 -0.45
N GLN A 361 16.50 -10.81 0.63
CA GLN A 361 16.70 -10.29 1.99
C GLN A 361 16.61 -8.77 2.05
N ARG A 362 15.41 -8.25 1.75
CA ARG A 362 15.18 -6.81 1.83
C ARG A 362 15.11 -6.29 3.26
N GLY A 363 14.85 -7.17 4.24
CA GLY A 363 14.99 -6.85 5.64
C GLY A 363 13.70 -6.41 6.33
N SER A 364 12.89 -5.57 5.68
CA SER A 364 11.75 -4.94 6.34
C SER A 364 10.65 -5.95 6.66
N MET A 365 10.36 -6.84 5.70
CA MET A 365 9.46 -8.00 5.79
C MET A 365 8.10 -7.67 6.41
N ALA A 366 7.46 -6.65 5.84
CA ALA A 366 6.11 -6.24 6.18
C ALA A 366 5.18 -6.73 5.07
N GLY A 367 4.47 -7.83 5.31
CA GLY A 367 3.64 -8.39 4.26
C GLY A 367 2.60 -9.41 4.66
N SER A 368 2.20 -10.22 3.67
CA SER A 368 1.08 -11.14 3.79
C SER A 368 1.49 -12.48 4.39
N THR A 369 0.63 -13.48 4.26
CA THR A 369 0.73 -14.74 4.99
C THR A 369 1.87 -15.65 4.53
N GLY A 370 3.11 -15.26 4.85
CA GLY A 370 4.27 -16.16 4.80
C GLY A 370 4.84 -16.51 3.45
N VAL A 371 5.44 -15.54 2.74
CA VAL A 371 5.91 -15.77 1.38
C VAL A 371 7.39 -15.44 1.20
N HIS A 372 7.76 -14.20 1.49
CA HIS A 372 8.84 -13.55 0.77
C HIS A 372 10.22 -13.92 1.30
N ASP A 373 10.51 -13.65 2.57
CA ASP A 373 11.90 -13.79 3.02
C ASP A 373 12.07 -14.70 4.24
N THR A 374 11.12 -15.55 4.55
CA THR A 374 11.45 -16.66 5.44
C THR A 374 11.73 -17.93 4.67
N VAL A 375 11.58 -17.89 3.35
CA VAL A 375 12.08 -18.98 2.53
C VAL A 375 13.59 -18.88 2.38
N VAL A 376 14.15 -17.67 2.52
CA VAL A 376 15.59 -17.53 2.47
C VAL A 376 16.22 -18.06 3.75
N ASN A 377 15.59 -17.78 4.89
CA ASN A 377 16.14 -18.25 6.15
C ASN A 377 16.04 -19.76 6.29
N GLN A 378 15.12 -20.39 5.54
CA GLN A 378 15.11 -21.84 5.48
C GLN A 378 16.26 -22.35 4.63
N LEU A 379 16.48 -21.74 3.46
CA LEU A 379 17.50 -22.20 2.54
C LEU A 379 18.91 -21.87 3.03
N LEU A 380 19.07 -20.76 3.75
CA LEU A 380 20.37 -20.42 4.32
C LEU A 380 20.78 -21.39 5.41
N SER A 381 19.82 -22.12 5.98
CA SER A 381 20.04 -22.82 7.22
C SER A 381 19.73 -24.31 7.14
N LYS A 382 19.42 -24.84 5.97
CA LYS A 382 19.48 -26.29 5.78
C LYS A 382 20.81 -26.74 5.22
N ILE A 383 21.50 -25.87 4.51
CA ILE A 383 22.76 -26.24 3.90
C ILE A 383 23.94 -25.79 4.76
N ASP A 384 23.69 -25.67 6.06
CA ASP A 384 24.75 -25.47 7.05
C ASP A 384 24.44 -26.32 8.27
N GLY A 385 24.96 -25.90 9.43
CA GLY A 385 25.09 -26.80 10.56
C GLY A 385 23.75 -27.18 11.19
N VAL A 386 23.62 -28.45 11.55
CA VAL A 386 24.72 -29.42 11.68
C VAL A 386 24.99 -30.29 10.43
N GLU A 387 26.26 -30.55 10.16
CA GLU A 387 26.70 -31.49 9.15
C GLU A 387 26.67 -32.89 9.77
N GLN A 388 26.50 -33.96 8.96
CA GLN A 388 26.63 -34.04 7.50
C GLN A 388 25.35 -33.74 6.73
N LEU A 389 25.52 -32.84 5.76
CA LEU A 389 24.51 -32.38 4.84
C LEU A 389 24.21 -33.35 3.70
N ASN A 390 24.83 -34.56 3.72
CA ASN A 390 24.94 -35.59 2.66
C ASN A 390 25.96 -35.20 1.60
N ASN A 391 26.73 -34.13 1.86
CA ASN A 391 27.69 -33.54 0.92
C ASN A 391 27.03 -33.23 -0.41
N ILE A 392 25.83 -32.67 -0.34
CA ILE A 392 24.99 -32.40 -1.49
C ILE A 392 25.58 -31.32 -2.38
N LEU A 393 25.05 -31.18 -3.58
CA LEU A 393 25.49 -30.15 -4.51
C LEU A 393 24.26 -29.36 -4.92
N VAL A 394 24.17 -28.12 -4.46
CA VAL A 394 23.00 -27.29 -4.71
C VAL A 394 23.37 -26.29 -5.79
N ILE A 395 22.81 -26.44 -6.98
CA ILE A 395 23.20 -25.64 -8.12
C ILE A 395 22.18 -24.54 -8.33
N GLY A 396 22.65 -23.31 -8.41
CA GLY A 396 21.79 -22.16 -8.61
C GLY A 396 22.11 -21.49 -9.92
N MET A 397 21.10 -20.91 -10.55
CA MET A 397 21.29 -20.29 -11.85
C MET A 397 20.26 -19.18 -12.04
N THR A 398 20.72 -18.06 -12.57
CA THR A 398 19.85 -16.93 -12.91
C THR A 398 20.60 -15.98 -13.83
N ASN A 399 19.93 -14.88 -14.17
CA ASN A 399 20.48 -13.82 -15.01
C ASN A 399 21.13 -12.71 -14.22
N ARG A 400 20.56 -12.33 -13.10
CA ARG A 400 21.15 -11.27 -12.29
C ARG A 400 21.65 -11.84 -10.97
N PRO A 401 22.94 -12.03 -10.81
CA PRO A 401 23.46 -12.66 -9.59
C PRO A 401 23.57 -11.69 -8.43
N ASP A 402 23.64 -10.39 -8.72
CA ASP A 402 23.70 -9.38 -7.69
C ASP A 402 22.38 -9.22 -6.93
N LEU A 403 21.29 -9.72 -7.47
CA LEU A 403 20.03 -9.74 -6.74
C LEU A 403 20.02 -10.80 -5.65
N ILE A 404 20.88 -11.82 -5.78
CA ILE A 404 21.03 -12.82 -4.72
C ILE A 404 21.79 -12.19 -3.55
N ASP A 405 21.65 -12.81 -2.37
CA ASP A 405 22.25 -12.31 -1.14
C ASP A 405 23.77 -12.29 -1.20
N GLU A 406 24.36 -11.42 -0.39
CA GLU A 406 25.75 -11.58 -0.03
C GLU A 406 25.92 -12.54 1.13
N ALA A 407 24.84 -12.96 1.75
CA ALA A 407 24.87 -13.87 2.87
C ALA A 407 24.75 -15.32 2.45
N LEU A 408 24.64 -15.59 1.16
CA LEU A 408 24.54 -16.95 0.66
C LEU A 408 25.63 -17.27 -0.35
N LEU A 409 26.21 -16.27 -1.00
CA LEU A 409 27.36 -16.48 -1.87
C LEU A 409 28.67 -16.51 -1.10
N ARG A 410 28.63 -16.53 0.23
CA ARG A 410 29.83 -16.71 1.01
C ARG A 410 30.33 -18.14 0.81
N PRO A 411 31.63 -18.40 1.05
CA PRO A 411 32.19 -19.72 0.73
C PRO A 411 31.67 -20.92 1.52
N GLY A 412 30.72 -20.74 2.43
CA GLY A 412 30.06 -21.88 3.00
C GLY A 412 29.12 -22.56 2.02
N ARG A 413 28.27 -21.78 1.37
CA ARG A 413 27.11 -22.33 0.69
C ARG A 413 27.27 -22.46 -0.82
N LEU A 414 27.49 -21.35 -1.53
CA LEU A 414 27.71 -21.40 -2.97
C LEU A 414 29.09 -20.82 -3.21
N GLU A 415 30.09 -21.71 -3.23
CA GLU A 415 31.49 -21.30 -3.34
C GLU A 415 31.77 -20.58 -4.65
N VAL A 416 31.28 -21.11 -5.75
CA VAL A 416 31.70 -20.67 -7.07
C VAL A 416 30.53 -20.02 -7.79
N LYS A 417 30.79 -18.87 -8.40
CA LYS A 417 29.87 -18.26 -9.33
C LYS A 417 30.61 -18.02 -10.64
N MET A 418 29.93 -18.26 -11.76
CA MET A 418 30.63 -18.38 -13.02
C MET A 418 29.73 -17.87 -14.15
N GLU A 419 30.33 -17.21 -15.13
CA GLU A 419 29.59 -16.63 -16.24
C GLU A 419 29.44 -17.65 -17.36
N ILE A 420 28.22 -18.06 -17.64
CA ILE A 420 27.90 -18.75 -18.88
C ILE A 420 27.60 -17.65 -19.88
N GLY A 421 28.63 -17.21 -20.57
CA GLY A 421 28.47 -16.25 -21.63
C GLY A 421 27.89 -16.92 -22.85
N LEU A 422 27.43 -16.10 -23.77
CA LEU A 422 27.04 -16.60 -25.08
C LEU A 422 28.26 -17.14 -25.80
N PRO A 423 28.09 -18.11 -26.71
CA PRO A 423 29.24 -18.62 -27.45
C PRO A 423 29.81 -17.59 -28.40
N ASP A 424 31.12 -17.64 -28.58
CA ASP A 424 31.86 -16.68 -29.37
C ASP A 424 31.93 -17.15 -30.83
N GLU A 425 32.85 -16.56 -31.61
CA GLU A 425 32.98 -16.89 -33.03
C GLU A 425 33.46 -18.32 -33.24
N LYS A 426 34.13 -18.90 -32.26
CA LYS A 426 34.61 -20.28 -32.34
C LYS A 426 33.68 -21.25 -31.62
N GLY A 427 33.07 -20.83 -30.52
CA GLY A 427 32.21 -21.72 -29.76
C GLY A 427 30.87 -22.00 -30.39
N ARG A 428 30.53 -21.33 -31.50
CA ARG A 428 29.29 -21.64 -32.18
C ARG A 428 29.44 -22.79 -33.16
N LEU A 429 30.63 -23.00 -33.69
CA LEU A 429 30.87 -24.23 -34.45
C LEU A 429 31.18 -25.42 -33.56
N GLN A 430 31.11 -25.25 -32.24
CA GLN A 430 30.95 -26.40 -31.36
C GLN A 430 29.50 -26.83 -31.32
N ILE A 431 28.62 -25.92 -30.93
CA ILE A 431 27.22 -26.26 -30.67
C ILE A 431 26.48 -26.57 -31.96
N LEU A 432 26.82 -25.93 -33.08
CA LEU A 432 26.26 -26.35 -34.36
C LEU A 432 26.78 -27.72 -34.77
N HIS A 433 28.05 -28.01 -34.48
CA HIS A 433 28.58 -29.34 -34.78
C HIS A 433 27.96 -30.41 -33.90
N ILE A 434 27.44 -30.04 -32.73
CA ILE A 434 26.72 -30.99 -31.90
C ILE A 434 25.40 -31.39 -32.53
N HIS A 435 24.58 -30.40 -32.89
CA HIS A 435 23.29 -30.70 -33.47
C HIS A 435 23.40 -31.18 -34.91
N THR A 436 24.52 -30.92 -35.57
CA THR A 436 24.75 -31.45 -36.91
C THR A 436 25.85 -32.50 -36.92
N ALA A 437 26.12 -33.14 -35.79
CA ALA A 437 26.82 -34.43 -35.80
C ALA A 437 25.89 -35.55 -36.26
N ARG A 438 24.60 -35.30 -36.30
CA ARG A 438 23.63 -36.30 -36.71
C ARG A 438 23.73 -36.50 -38.21
N MET A 439 24.55 -37.47 -38.59
CA MET A 439 24.83 -37.82 -39.98
C MET A 439 23.67 -38.66 -40.52
N ARG A 440 23.91 -39.28 -41.68
CA ARG A 440 22.86 -40.00 -42.40
C ARG A 440 22.40 -41.25 -41.65
N GLY A 441 21.08 -41.36 -41.43
CA GLY A 441 20.15 -40.24 -41.44
C GLY A 441 19.32 -39.85 -42.64
N HIS A 442 18.94 -38.57 -42.63
CA HIS A 442 18.03 -38.01 -43.63
C HIS A 442 18.61 -37.97 -45.06
N GLN A 443 19.71 -37.24 -45.33
CA GLN A 443 20.98 -37.14 -44.60
C GLN A 443 21.20 -35.92 -43.72
N LEU A 444 20.35 -34.90 -43.91
CA LEU A 444 20.34 -33.59 -43.25
C LEU A 444 21.49 -32.68 -43.70
N LEU A 445 22.40 -33.20 -44.50
CA LEU A 445 23.64 -32.50 -44.78
C LEU A 445 23.89 -32.53 -46.28
N SER A 446 24.20 -31.37 -46.83
CA SER A 446 24.64 -31.28 -48.21
C SER A 446 26.17 -31.13 -48.24
N ALA A 447 26.72 -31.06 -49.45
CA ALA A 447 28.15 -30.81 -49.57
C ALA A 447 28.49 -29.36 -49.24
N ASP A 448 27.60 -28.44 -49.59
CA ASP A 448 27.83 -27.02 -49.32
C ASP A 448 27.31 -26.58 -47.97
N VAL A 449 26.81 -27.49 -47.14
CA VAL A 449 26.49 -27.16 -45.75
C VAL A 449 27.80 -27.02 -44.98
N ASP A 450 28.08 -25.82 -44.51
CA ASP A 450 29.37 -25.51 -43.90
C ASP A 450 29.09 -24.75 -42.61
N ILE A 451 29.36 -25.39 -41.47
CA ILE A 451 29.18 -24.73 -40.19
C ILE A 451 30.24 -23.66 -39.97
N LYS A 452 31.37 -23.74 -40.67
CA LYS A 452 32.37 -22.69 -40.58
C LYS A 452 31.91 -21.41 -41.25
N GLU A 453 31.02 -21.54 -42.25
CA GLU A 453 30.39 -20.37 -42.84
C GLU A 453 29.20 -19.91 -42.00
N LEU A 454 28.55 -20.81 -41.27
CA LEU A 454 27.48 -20.42 -40.38
C LEU A 454 27.98 -19.84 -39.07
N ALA A 455 29.26 -20.03 -38.74
CA ALA A 455 29.77 -19.46 -37.51
C ALA A 455 30.12 -17.98 -37.65
N VAL A 456 30.10 -17.44 -38.86
CA VAL A 456 30.37 -16.02 -39.05
C VAL A 456 29.13 -15.24 -39.48
N GLU A 457 28.07 -15.89 -39.92
CA GLU A 457 26.84 -15.19 -40.24
C GLU A 457 25.76 -15.34 -39.17
N THR A 458 25.92 -16.30 -38.26
CA THR A 458 25.17 -16.30 -37.00
C THR A 458 26.08 -15.70 -35.94
N LYS A 459 26.35 -14.41 -36.07
CA LYS A 459 27.49 -13.82 -35.39
C LYS A 459 27.23 -13.41 -33.95
N ASN A 460 26.00 -13.46 -33.48
CA ASN A 460 25.83 -13.03 -32.09
C ASN A 460 25.05 -14.01 -31.25
N PHE A 461 24.03 -14.65 -31.80
CA PHE A 461 23.00 -15.18 -30.92
C PHE A 461 23.37 -16.55 -30.36
N SER A 462 22.54 -16.99 -29.42
CA SER A 462 22.91 -17.91 -28.36
C SER A 462 22.29 -19.29 -28.60
N GLY A 463 22.47 -20.17 -27.62
CA GLY A 463 22.29 -21.60 -27.85
C GLY A 463 20.85 -22.01 -28.10
N ALA A 464 19.93 -21.52 -27.28
CA ALA A 464 18.52 -21.79 -27.53
C ALA A 464 18.03 -21.11 -28.80
N GLU A 465 18.65 -19.99 -29.17
CA GLU A 465 18.36 -19.35 -30.44
C GLU A 465 19.07 -20.03 -31.60
N LEU A 466 19.91 -21.03 -31.33
CA LEU A 466 20.71 -21.68 -32.36
C LEU A 466 20.24 -23.10 -32.66
N GLU A 467 19.76 -23.83 -31.66
CA GLU A 467 19.07 -25.08 -31.96
C GLU A 467 17.75 -24.81 -32.65
N GLY A 468 17.14 -23.67 -32.35
CA GLY A 468 15.97 -23.22 -33.10
C GLY A 468 16.29 -22.79 -34.51
N LEU A 469 17.56 -22.58 -34.85
CA LEU A 469 17.91 -22.44 -36.26
C LEU A 469 17.91 -23.79 -36.95
N VAL A 470 18.53 -24.79 -36.31
CA VAL A 470 18.59 -26.14 -36.85
C VAL A 470 17.19 -26.73 -36.95
N ARG A 471 16.38 -26.58 -35.91
CA ARG A 471 15.04 -27.15 -35.90
C ARG A 471 14.09 -26.43 -36.85
N ALA A 472 14.45 -25.23 -37.31
CA ALA A 472 13.66 -24.55 -38.33
C ALA A 472 14.30 -24.55 -39.71
N ALA A 473 15.60 -24.86 -39.82
CA ALA A 473 16.18 -25.03 -41.15
C ALA A 473 15.69 -26.33 -41.78
N GLN A 474 15.70 -27.41 -41.01
CA GLN A 474 15.19 -28.68 -41.51
C GLN A 474 13.67 -28.66 -41.61
N SER A 475 13.01 -27.77 -40.88
CA SER A 475 11.57 -27.62 -40.99
C SER A 475 11.17 -27.06 -42.35
N THR A 476 12.04 -26.30 -43.00
CA THR A 476 11.79 -25.93 -44.39
C THR A 476 11.93 -27.13 -45.30
N ALA A 477 12.98 -27.93 -45.10
CA ALA A 477 13.17 -29.14 -45.88
C ALA A 477 12.18 -30.24 -45.51
N MET A 478 11.52 -30.15 -44.35
CA MET A 478 10.37 -31.00 -44.11
C MET A 478 9.22 -30.66 -45.04
N ASN A 479 9.12 -29.42 -45.49
CA ASN A 479 8.00 -28.97 -46.30
C ASN A 479 8.37 -28.51 -47.70
N ARG A 480 9.27 -27.55 -47.84
CA ARG A 480 9.38 -26.78 -49.08
C ARG A 480 10.52 -27.20 -49.99
N HIS A 481 11.73 -27.40 -49.43
CA HIS A 481 12.91 -27.53 -50.29
C HIS A 481 12.90 -28.83 -51.07
N ILE A 482 12.24 -29.86 -50.53
CA ILE A 482 11.76 -30.97 -51.34
C ILE A 482 10.27 -30.75 -51.51
N LYS A 483 9.79 -30.94 -52.75
CA LYS A 483 8.42 -31.18 -53.21
C LYS A 483 7.46 -29.99 -53.06
N ALA A 484 7.84 -28.97 -52.27
CA ALA A 484 7.08 -27.74 -51.93
C ALA A 484 5.73 -27.98 -51.25
N SER A 485 5.32 -29.24 -51.09
CA SER A 485 4.13 -29.81 -50.49
C SER A 485 2.82 -29.51 -51.22
N THR A 486 2.75 -28.40 -51.97
CA THR A 486 1.85 -28.07 -53.09
C THR A 486 0.34 -28.31 -52.92
N LYS A 487 -0.09 -28.95 -51.82
CA LYS A 487 -1.46 -29.33 -51.53
C LYS A 487 -1.50 -30.02 -50.17
N VAL A 488 -2.69 -30.46 -49.81
CA VAL A 488 -2.94 -31.27 -48.61
C VAL A 488 -3.43 -32.65 -49.09
N GLU A 489 -2.57 -33.68 -49.12
CA GLU A 489 -1.15 -33.74 -48.74
C GLU A 489 -0.41 -34.58 -49.80
N VAL A 490 0.75 -34.13 -50.31
CA VAL A 490 1.44 -34.91 -51.35
C VAL A 490 2.22 -36.06 -50.74
N ASP A 491 2.69 -36.94 -51.63
CA ASP A 491 3.78 -37.85 -51.32
C ASP A 491 5.05 -37.06 -50.97
N MET A 492 5.83 -37.49 -49.94
CA MET A 492 5.84 -38.72 -49.08
C MET A 492 5.89 -40.07 -49.88
N GLU A 493 7.02 -40.40 -50.52
CA GLU A 493 8.29 -39.66 -50.55
C GLU A 493 8.96 -39.94 -51.88
N LYS A 494 9.48 -38.93 -52.55
CA LYS A 494 9.90 -39.17 -53.93
C LYS A 494 11.39 -39.44 -54.11
N ALA A 495 12.25 -38.50 -53.77
CA ALA A 495 13.68 -38.65 -54.01
C ALA A 495 14.47 -38.87 -52.73
N GLU A 496 13.81 -39.39 -51.68
CA GLU A 496 14.31 -39.71 -50.33
C GLU A 496 14.60 -38.46 -49.50
N SER A 497 14.52 -37.28 -50.15
CA SER A 497 14.74 -35.91 -49.70
C SER A 497 16.22 -35.61 -49.43
N LEU A 498 17.05 -36.65 -49.32
CA LEU A 498 18.46 -36.73 -49.68
C LEU A 498 19.43 -35.90 -48.85
N GLN A 499 18.95 -34.81 -48.23
CA GLN A 499 19.78 -33.81 -47.55
C GLN A 499 18.93 -32.66 -47.02
N VAL A 500 19.52 -31.83 -46.16
CA VAL A 500 19.01 -30.51 -45.85
C VAL A 500 20.10 -29.52 -46.21
N THR A 501 19.83 -28.63 -47.15
CA THR A 501 20.88 -27.89 -47.83
C THR A 501 21.23 -26.60 -47.11
N ARG A 502 22.24 -25.91 -47.64
CA ARG A 502 22.64 -24.60 -47.13
C ARG A 502 21.56 -23.56 -47.36
N GLY A 503 20.81 -23.67 -48.45
CA GLY A 503 19.69 -22.79 -48.71
C GLY A 503 18.55 -22.89 -47.71
N ASP A 504 18.49 -24.00 -46.96
CA ASP A 504 17.55 -24.10 -45.85
C ASP A 504 18.04 -23.34 -44.63
N PHE A 505 19.36 -23.29 -44.42
CA PHE A 505 19.88 -22.57 -43.26
C PHE A 505 19.77 -21.07 -43.45
N LEU A 506 20.44 -20.52 -44.46
CA LEU A 506 20.53 -19.08 -44.57
C LEU A 506 19.34 -18.45 -45.28
N ALA A 507 18.23 -19.16 -45.40
CA ALA A 507 16.94 -18.50 -45.60
C ALA A 507 16.11 -18.51 -44.33
N SER A 508 16.20 -19.58 -43.54
CA SER A 508 15.41 -19.65 -42.32
C SER A 508 16.01 -18.83 -41.19
N LEU A 509 17.20 -18.29 -41.36
CA LEU A 509 17.63 -17.24 -40.45
C LEU A 509 17.20 -15.86 -40.93
N GLU A 510 16.52 -15.78 -42.07
CA GLU A 510 16.11 -14.50 -42.63
C GLU A 510 14.60 -14.40 -42.87
N ASN A 511 13.90 -15.54 -43.00
CA ASN A 511 12.44 -15.51 -43.07
C ASN A 511 11.83 -14.99 -41.78
N ASP A 512 12.30 -15.51 -40.66
CA ASP A 512 11.71 -15.27 -39.34
C ASP A 512 12.80 -14.87 -38.35
N ILE A 513 13.52 -13.78 -38.68
CA ILE A 513 14.68 -13.26 -37.93
C ILE A 513 14.39 -13.11 -36.45
N LYS A 514 15.12 -13.86 -35.63
CA LYS A 514 14.66 -14.13 -34.28
C LYS A 514 15.61 -13.96 -33.09
N PRO A 515 16.53 -13.01 -33.06
CA PRO A 515 16.96 -12.47 -31.75
C PRO A 515 16.20 -11.18 -31.44
N ALA A 516 16.20 -10.56 -30.25
CA ALA A 516 17.09 -10.68 -29.05
C ALA A 516 17.20 -12.07 -28.42
N PHE A 517 18.42 -12.54 -28.15
CA PHE A 517 19.63 -11.74 -27.93
C PHE A 517 20.44 -11.44 -29.20
N GLY A 518 20.60 -10.16 -29.51
CA GLY A 518 21.01 -9.72 -30.84
C GLY A 518 19.84 -9.08 -31.55
N THR A 519 19.93 -8.96 -32.88
CA THR A 519 21.10 -9.09 -33.73
C THR A 519 21.08 -7.92 -34.69
N ASN A 520 21.85 -8.08 -35.78
CA ASN A 520 22.06 -7.15 -36.90
C ASN A 520 20.81 -6.37 -37.29
N GLN A 521 19.68 -7.06 -37.40
CA GLN A 521 18.41 -6.37 -37.62
C GLN A 521 17.33 -7.13 -36.84
N GLU A 522 17.09 -6.69 -35.62
CA GLU A 522 15.71 -6.62 -35.18
C GLU A 522 15.11 -5.48 -35.99
N ASP A 523 13.90 -5.70 -36.53
CA ASP A 523 13.48 -4.95 -37.72
C ASP A 523 13.26 -3.46 -37.46
N TYR A 524 14.33 -2.69 -37.68
CA TYR A 524 14.33 -1.24 -37.60
C TYR A 524 14.08 -0.59 -38.94
N ALA A 525 13.79 -1.37 -39.98
CA ALA A 525 13.45 -0.80 -41.28
C ALA A 525 12.10 -0.11 -41.27
N SER A 526 11.28 -0.33 -40.24
CA SER A 526 10.09 0.47 -40.03
C SER A 526 10.41 1.87 -39.54
N TYR A 527 11.65 2.11 -39.08
CA TYR A 527 12.04 3.46 -38.68
C TYR A 527 12.62 4.26 -39.83
N ILE A 528 13.15 3.60 -40.85
CA ILE A 528 13.56 4.27 -42.08
C ILE A 528 12.49 3.90 -43.11
N MET A 529 11.44 4.71 -43.19
CA MET A 529 10.31 4.30 -44.02
C MET A 529 10.54 4.59 -45.49
N ASN A 530 11.15 5.72 -45.81
CA ASN A 530 11.31 6.15 -47.19
C ASN A 530 12.78 6.21 -47.61
N GLY A 531 13.62 5.41 -46.98
CA GLY A 531 15.02 5.37 -47.33
C GLY A 531 15.79 6.57 -46.80
N ILE A 532 17.04 6.65 -47.22
CA ILE A 532 17.91 7.77 -46.88
C ILE A 532 18.32 8.40 -48.20
N ILE A 533 17.57 9.40 -48.64
CA ILE A 533 17.96 10.12 -49.85
C ILE A 533 19.07 11.09 -49.50
N LYS A 534 19.80 11.51 -50.53
CA LYS A 534 20.97 12.37 -50.35
C LYS A 534 20.67 13.70 -51.03
N TRP A 535 20.08 14.63 -50.28
CA TRP A 535 19.70 15.91 -50.87
C TRP A 535 20.84 16.91 -50.97
N GLY A 536 22.07 16.49 -50.73
CA GLY A 536 23.19 17.39 -50.92
C GLY A 536 24.38 16.91 -50.12
N ASP A 537 25.23 17.86 -49.78
CA ASP A 537 26.31 17.64 -48.82
C ASP A 537 25.80 17.11 -47.47
N PRO A 538 24.97 17.82 -46.69
CA PRO A 538 24.94 17.58 -45.24
C PRO A 538 24.34 16.26 -44.80
N VAL A 539 23.72 15.48 -45.69
CA VAL A 539 23.33 14.13 -45.31
C VAL A 539 24.56 13.25 -45.14
N THR A 540 25.42 13.24 -46.16
CA THR A 540 26.67 12.49 -46.08
C THR A 540 27.58 13.07 -45.00
N ARG A 541 27.56 14.39 -44.82
CA ARG A 541 28.38 15.01 -43.77
C ARG A 541 27.81 14.81 -42.38
N VAL A 542 26.67 14.15 -42.22
CA VAL A 542 26.28 13.63 -40.92
C VAL A 542 26.80 12.21 -40.74
N LEU A 543 26.47 11.33 -41.68
CA LEU A 543 26.77 9.91 -41.54
C LEU A 543 28.18 9.55 -41.97
N ASP A 544 29.01 10.52 -42.39
CA ASP A 544 30.44 10.23 -42.46
C ASP A 544 31.06 10.33 -41.07
N ASP A 545 30.62 11.31 -40.30
CA ASP A 545 31.12 11.49 -38.94
C ASP A 545 30.63 10.37 -38.04
N GLY A 546 29.46 9.80 -38.35
CA GLY A 546 29.01 8.63 -37.62
C GLY A 546 29.91 7.43 -37.85
N GLU A 547 30.26 7.16 -39.12
CA GLU A 547 31.14 6.04 -39.39
C GLU A 547 32.61 6.37 -39.16
N LEU A 548 32.96 7.63 -38.94
CA LEU A 548 34.22 7.95 -38.29
C LEU A 548 34.17 7.67 -36.80
N LEU A 549 32.98 7.48 -36.25
CA LEU A 549 32.79 7.31 -34.82
C LEU A 549 32.36 5.91 -34.44
N VAL A 550 31.73 5.17 -35.37
CA VAL A 550 31.60 3.73 -35.21
C VAL A 550 32.97 3.08 -35.21
N GLN A 551 33.83 3.53 -36.12
CA GLN A 551 35.19 3.01 -36.26
C GLN A 551 36.04 3.32 -35.02
N GLN A 552 35.69 4.36 -34.27
CA GLN A 552 36.35 4.63 -33.00
C GLN A 552 36.08 3.52 -31.99
N THR A 553 34.83 3.07 -31.91
CA THR A 553 34.43 2.10 -30.90
C THR A 553 35.05 0.73 -31.16
N LYS A 554 35.21 0.37 -32.44
CA LYS A 554 35.65 -0.96 -32.80
C LYS A 554 37.17 -1.12 -32.76
N ASN A 555 37.94 -0.05 -32.96
CA ASN A 555 39.39 -0.19 -32.97
C ASN A 555 40.01 -0.30 -31.58
N SER A 556 39.88 0.73 -30.76
CA SER A 556 40.72 0.83 -29.57
C SER A 556 39.89 0.83 -28.30
N ASP A 557 40.62 0.88 -27.17
CA ASP A 557 40.06 0.62 -25.86
C ASP A 557 40.34 1.69 -24.82
N ARG A 558 41.02 2.78 -25.19
CA ARG A 558 41.09 3.93 -24.30
C ARG A 558 39.70 4.53 -24.08
N THR A 559 38.86 4.50 -25.10
CA THR A 559 37.44 4.85 -24.99
C THR A 559 36.64 3.57 -25.22
N PRO A 560 36.31 2.82 -24.17
CA PRO A 560 35.42 1.68 -24.35
C PRO A 560 33.99 2.08 -24.59
N LEU A 561 33.61 3.31 -24.22
CA LEU A 561 32.27 3.83 -24.42
C LEU A 561 32.34 5.08 -25.29
N VAL A 562 31.55 5.10 -26.36
CA VAL A 562 31.47 6.24 -27.25
C VAL A 562 30.00 6.60 -27.41
N SER A 563 29.69 7.89 -27.38
CA SER A 563 28.32 8.34 -27.54
C SER A 563 28.27 9.54 -28.48
N VAL A 564 27.07 9.82 -28.98
CA VAL A 564 26.83 10.96 -29.85
C VAL A 564 25.35 11.30 -29.75
N LEU A 565 25.02 12.57 -29.94
CA LEU A 565 23.66 13.05 -29.86
C LEU A 565 23.30 13.73 -31.17
N LEU A 566 22.53 13.05 -32.00
CA LEU A 566 22.06 13.62 -33.25
C LEU A 566 21.00 14.67 -32.95
N GLU A 567 21.35 15.94 -33.13
CA GLU A 567 20.48 17.02 -32.73
C GLU A 567 19.98 17.76 -33.95
N GLY A 568 19.08 18.70 -33.72
CA GLY A 568 18.55 19.49 -34.79
C GLY A 568 17.11 19.91 -34.55
N PRO A 569 16.50 20.54 -35.56
CA PRO A 569 15.09 20.90 -35.46
C PRO A 569 14.22 19.66 -35.54
N PRO A 570 12.96 19.74 -35.14
CA PRO A 570 12.07 18.59 -35.34
C PRO A 570 11.74 18.41 -36.81
N HIS A 571 11.26 17.20 -37.12
CA HIS A 571 10.98 16.73 -38.49
C HIS A 571 12.21 16.84 -39.40
N SER A 572 13.41 16.68 -38.84
CA SER A 572 14.62 16.76 -39.64
C SER A 572 15.17 15.41 -40.03
N GLY A 573 14.60 14.32 -39.52
CA GLY A 573 15.10 13.01 -39.85
C GLY A 573 16.22 12.56 -38.94
N LYS A 574 16.12 12.91 -37.66
CA LYS A 574 17.13 12.51 -36.69
C LYS A 574 16.98 11.03 -36.34
N THR A 575 15.73 10.57 -36.19
CA THR A 575 15.47 9.17 -35.89
C THR A 575 15.92 8.27 -37.04
N ALA A 576 15.71 8.72 -38.28
CA ALA A 576 16.09 7.91 -39.43
C ALA A 576 17.61 7.83 -39.59
N LEU A 577 18.29 8.96 -39.40
CA LEU A 577 19.75 8.93 -39.46
C LEU A 577 20.37 8.23 -38.26
N ALA A 578 19.61 8.01 -37.19
CA ALA A 578 20.14 7.24 -36.07
C ALA A 578 20.24 5.77 -36.41
N ALA A 579 19.22 5.23 -37.07
CA ALA A 579 19.25 3.81 -37.42
C ALA A 579 20.15 3.54 -38.61
N LYS A 580 20.28 4.51 -39.52
CA LYS A 580 21.13 4.32 -40.70
C LYS A 580 22.60 4.21 -40.33
N ILE A 581 23.03 4.95 -39.30
CA ILE A 581 24.40 4.80 -38.82
C ILE A 581 24.60 3.43 -38.17
N ALA A 582 23.56 2.88 -37.57
CA ALA A 582 23.65 1.50 -37.09
C ALA A 582 23.71 0.51 -38.25
N GLU A 583 23.06 0.83 -39.37
CA GLU A 583 23.16 -0.03 -40.56
C GLU A 583 24.56 0.00 -41.16
N GLU A 584 25.27 1.13 -41.05
CA GLU A 584 26.62 1.21 -41.58
C GLU A 584 27.65 0.53 -40.69
N SER A 585 27.25 0.13 -39.48
CA SER A 585 28.21 -0.35 -38.50
C SER A 585 28.65 -1.79 -38.77
N ASN A 586 27.70 -2.65 -39.14
CA ASN A 586 27.81 -4.12 -39.08
C ASN A 586 28.21 -4.59 -37.68
N PHE A 587 27.75 -3.88 -36.66
CA PHE A 587 27.85 -4.36 -35.29
C PHE A 587 26.93 -5.55 -35.10
N PRO A 588 27.28 -6.47 -34.20
CA PRO A 588 26.38 -7.59 -33.92
C PRO A 588 25.09 -7.19 -33.25
N PHE A 589 25.15 -6.33 -32.24
CA PHE A 589 24.00 -6.07 -31.37
C PHE A 589 23.47 -4.67 -31.64
N ILE A 590 22.28 -4.57 -32.21
CA ILE A 590 21.63 -3.28 -32.47
C ILE A 590 20.22 -3.33 -31.90
N LYS A 591 19.95 -2.51 -30.90
CA LYS A 591 18.61 -2.34 -30.36
C LYS A 591 18.34 -0.86 -30.22
N ILE A 592 17.11 -0.46 -30.52
CA ILE A 592 16.74 0.94 -30.47
C ILE A 592 15.86 1.15 -29.23
N CYS A 593 16.44 1.79 -28.22
CA CYS A 593 15.68 2.15 -27.03
C CYS A 593 14.75 3.29 -27.40
N SER A 594 13.49 2.97 -27.64
CA SER A 594 12.57 3.86 -28.33
C SER A 594 11.39 4.15 -27.43
N PRO A 595 10.81 5.35 -27.53
CA PRO A 595 9.64 5.67 -26.70
C PRO A 595 8.36 5.03 -27.17
N ASP A 596 8.27 4.64 -28.43
CA ASP A 596 6.99 4.20 -28.98
C ASP A 596 6.60 2.81 -28.50
N LYS A 597 7.55 2.01 -28.02
CA LYS A 597 7.27 0.74 -27.39
C LYS A 597 7.18 0.86 -25.88
N MET A 598 6.92 2.07 -25.38
CA MET A 598 6.90 2.31 -23.94
C MET A 598 5.70 3.13 -23.49
N ILE A 599 4.70 3.31 -24.34
CA ILE A 599 3.58 4.20 -24.04
C ILE A 599 2.66 3.59 -23.01
N GLY A 600 2.17 4.42 -22.09
CA GLY A 600 1.38 3.94 -21.00
C GLY A 600 2.16 3.44 -19.81
N PHE A 601 3.49 3.40 -19.89
CA PHE A 601 4.30 2.98 -18.76
C PHE A 601 4.37 4.06 -17.69
N SER A 602 4.79 3.66 -16.50
CA SER A 602 5.14 4.61 -15.46
C SER A 602 6.58 5.08 -15.67
N GLU A 603 7.12 5.77 -14.68
CA GLU A 603 8.53 6.13 -14.78
C GLU A 603 9.41 4.94 -14.41
N THR A 604 8.96 4.11 -13.47
CA THR A 604 9.74 2.95 -13.08
C THR A 604 9.77 1.90 -14.18
N ALA A 605 8.65 1.72 -14.88
CA ALA A 605 8.64 0.80 -16.01
C ALA A 605 9.45 1.33 -17.17
N LYS A 606 9.55 2.65 -17.30
CA LYS A 606 10.33 3.23 -18.39
C LYS A 606 11.81 3.14 -18.11
N CYS A 607 12.21 3.08 -16.84
CA CYS A 607 13.61 2.84 -16.52
C CYS A 607 13.97 1.37 -16.72
N GLN A 608 13.11 0.47 -16.26
CA GLN A 608 13.43 -0.95 -16.34
C GLN A 608 13.18 -1.55 -17.71
N ALA A 609 12.87 -0.75 -18.72
CA ALA A 609 13.07 -1.17 -20.09
C ALA A 609 14.33 -0.56 -20.66
N MET A 610 14.67 0.64 -20.20
CA MET A 610 15.94 1.25 -20.54
C MET A 610 17.09 0.59 -19.81
N LYS A 611 16.82 -0.11 -18.72
CA LYS A 611 17.88 -0.85 -18.05
C LYS A 611 18.13 -2.19 -18.72
N LYS A 612 17.08 -2.85 -19.21
CA LYS A 612 17.22 -4.17 -19.80
C LYS A 612 17.99 -4.12 -21.12
N ILE A 613 17.74 -3.09 -21.93
CA ILE A 613 18.44 -2.97 -23.21
C ILE A 613 19.92 -2.72 -22.99
N PHE A 614 20.26 -1.91 -21.99
CA PHE A 614 21.68 -1.71 -21.72
C PHE A 614 22.31 -2.90 -20.99
N ASP A 615 21.58 -3.62 -20.16
CA ASP A 615 22.17 -4.82 -19.58
C ASP A 615 22.27 -5.96 -20.58
N ASP A 616 21.52 -5.89 -21.69
CA ASP A 616 21.79 -6.80 -22.79
C ASP A 616 23.08 -6.41 -23.50
N ALA A 617 23.23 -5.14 -23.86
CA ALA A 617 24.39 -4.67 -24.61
C ALA A 617 25.69 -4.78 -23.83
N TYR A 618 25.61 -4.89 -22.51
CA TYR A 618 26.80 -5.23 -21.72
C TYR A 618 27.19 -6.69 -21.90
N LYS A 619 26.26 -7.55 -22.30
CA LYS A 619 26.55 -8.97 -22.44
C LYS A 619 27.03 -9.35 -23.83
N SER A 620 27.12 -8.41 -24.75
CA SER A 620 27.63 -8.68 -26.08
C SER A 620 29.03 -8.10 -26.25
N GLN A 621 29.71 -8.55 -27.30
CA GLN A 621 31.06 -8.10 -27.57
C GLN A 621 31.07 -6.67 -28.09
N LEU A 622 30.28 -6.40 -29.12
CA LEU A 622 30.08 -5.06 -29.64
C LEU A 622 28.59 -4.80 -29.63
N SER A 623 28.21 -3.53 -29.63
CA SER A 623 26.81 -3.16 -29.50
C SER A 623 26.63 -1.70 -29.86
N CYS A 624 25.55 -1.42 -30.59
CA CYS A 624 25.15 -0.05 -30.91
C CYS A 624 23.72 0.12 -30.45
N VAL A 625 23.51 0.91 -29.41
CA VAL A 625 22.20 1.10 -28.82
C VAL A 625 21.72 2.49 -29.21
N VAL A 626 20.52 2.58 -29.76
CA VAL A 626 19.98 3.84 -30.21
C VAL A 626 18.94 4.28 -29.18
N VAL A 627 19.32 5.25 -28.35
CA VAL A 627 18.39 5.79 -27.34
C VAL A 627 17.68 6.94 -28.03
N ASP A 628 16.65 6.58 -28.80
CA ASP A 628 16.07 7.51 -29.75
C ASP A 628 15.05 8.43 -29.09
N ASP A 629 15.10 9.71 -29.49
CA ASP A 629 14.14 10.75 -29.11
C ASP A 629 14.11 10.94 -27.59
N ILE A 630 15.22 11.48 -27.08
CA ILE A 630 15.50 11.61 -25.64
C ILE A 630 14.37 12.28 -24.90
N GLU A 631 13.85 13.40 -25.44
CA GLU A 631 12.87 14.17 -24.67
C GLU A 631 11.52 13.50 -24.57
N ARG A 632 11.27 12.42 -25.31
CA ARG A 632 10.09 11.63 -25.04
C ARG A 632 10.35 10.54 -24.02
N LEU A 633 11.61 10.14 -23.86
CA LEU A 633 11.96 9.28 -22.74
C LEU A 633 11.97 10.06 -21.44
N LEU A 634 12.25 11.35 -21.52
CA LEU A 634 12.21 12.23 -20.36
C LEU A 634 10.83 12.79 -20.12
N ASP A 635 9.84 12.34 -20.90
CA ASP A 635 8.42 12.71 -20.98
C ASP A 635 8.15 14.18 -20.66
N TYR A 636 8.89 15.04 -21.34
CA TYR A 636 9.04 16.46 -21.08
C TYR A 636 7.93 17.28 -21.73
N VAL A 637 7.64 18.45 -21.13
CA VAL A 637 6.77 19.48 -21.67
C VAL A 637 7.12 20.81 -21.02
N PRO A 638 7.31 21.89 -21.80
CA PRO A 638 7.82 23.14 -21.23
C PRO A 638 6.82 23.97 -20.43
N ILE A 639 5.55 23.56 -20.28
CA ILE A 639 4.63 24.33 -19.45
C ILE A 639 4.82 23.86 -18.01
N GLY A 640 5.61 24.61 -17.23
CA GLY A 640 5.91 24.21 -15.87
C GLY A 640 6.76 22.96 -15.89
N PRO A 641 8.04 23.09 -16.25
CA PRO A 641 8.72 22.06 -17.06
C PRO A 641 8.87 20.70 -16.41
N ARG A 642 7.77 19.96 -16.37
CA ARG A 642 7.78 18.65 -15.76
C ARG A 642 8.49 17.64 -16.63
N PHE A 643 9.37 16.86 -16.01
CA PHE A 643 10.01 15.75 -16.69
C PHE A 643 10.17 14.63 -15.69
N SER A 644 10.86 13.58 -16.11
CA SER A 644 11.11 12.44 -15.22
C SER A 644 12.53 12.56 -14.69
N ASN A 645 12.64 12.94 -13.42
CA ASN A 645 13.94 12.94 -12.76
C ASN A 645 14.45 11.52 -12.59
N LEU A 646 13.55 10.57 -12.45
CA LEU A 646 13.98 9.17 -12.28
C LEU A 646 14.56 8.62 -13.58
N VAL A 647 13.99 9.01 -14.71
CA VAL A 647 14.54 8.52 -15.98
C VAL A 647 15.81 9.26 -16.35
N LEU A 648 15.81 10.58 -16.17
CA LEU A 648 16.95 11.42 -16.53
C LEU A 648 18.20 11.03 -15.77
N GLN A 649 18.05 10.64 -14.52
CA GLN A 649 19.16 10.16 -13.72
C GLN A 649 19.31 8.66 -13.79
N ALA A 650 18.46 7.98 -14.53
CA ALA A 650 18.78 6.65 -15.01
C ALA A 650 19.33 6.67 -16.41
N LEU A 651 19.56 7.85 -16.97
CA LEU A 651 20.07 7.98 -18.32
C LEU A 651 21.40 8.71 -18.38
N LEU A 652 21.63 9.66 -17.46
CA LEU A 652 22.97 10.25 -17.36
C LEU A 652 23.97 9.22 -16.87
N VAL A 653 23.53 8.28 -16.05
CA VAL A 653 24.43 7.27 -15.52
C VAL A 653 24.77 6.26 -16.59
N LEU A 654 23.80 5.88 -17.43
CA LEU A 654 24.07 4.90 -18.48
C LEU A 654 24.84 5.46 -19.65
N LEU A 655 25.08 6.77 -19.71
CA LEU A 655 26.00 7.33 -20.68
C LEU A 655 27.42 7.37 -20.15
N LYS A 656 27.68 6.76 -19.00
CA LYS A 656 29.01 6.70 -18.43
C LYS A 656 29.42 5.31 -18.00
N LYS A 657 28.48 4.39 -17.80
CA LYS A 657 28.78 3.05 -17.34
C LYS A 657 29.41 2.26 -18.48
N ALA A 658 30.73 2.13 -18.45
CA ALA A 658 31.44 1.27 -19.38
C ALA A 658 31.06 -0.19 -19.12
N PRO A 659 31.05 -1.01 -20.16
CA PRO A 659 30.69 -2.43 -19.99
C PRO A 659 31.78 -3.17 -19.24
N PRO A 660 31.58 -4.46 -18.94
CA PRO A 660 32.70 -5.29 -18.46
C PRO A 660 33.85 -5.34 -19.46
N GLN A 661 35.02 -5.70 -18.94
CA GLN A 661 36.30 -5.37 -19.55
C GLN A 661 36.48 -6.05 -20.90
N GLY A 662 36.85 -5.24 -21.90
CA GLY A 662 36.97 -5.71 -23.26
C GLY A 662 35.76 -5.50 -24.14
N ARG A 663 34.61 -5.21 -23.55
CA ARG A 663 33.38 -5.07 -24.29
C ARG A 663 33.05 -3.59 -24.49
N LYS A 664 32.46 -3.28 -25.63
CA LYS A 664 32.28 -1.92 -26.09
C LYS A 664 30.80 -1.56 -26.10
N LEU A 665 30.52 -0.29 -26.35
CA LEU A 665 29.14 0.19 -26.41
C LEU A 665 29.13 1.49 -27.21
N LEU A 666 28.08 1.67 -28.00
CA LEU A 666 27.91 2.87 -28.81
C LEU A 666 26.48 3.35 -28.67
N ILE A 667 26.32 4.59 -28.22
CA ILE A 667 25.00 5.11 -27.87
C ILE A 667 24.69 6.29 -28.76
N ILE A 668 23.76 6.11 -29.68
CA ILE A 668 23.33 7.16 -30.59
C ILE A 668 21.99 7.66 -30.08
N GLY A 669 22.00 8.79 -29.40
CA GLY A 669 20.76 9.41 -29.01
C GLY A 669 20.34 10.50 -29.96
N THR A 670 19.06 10.86 -29.93
CA THR A 670 18.54 11.93 -30.76
C THR A 670 17.66 12.84 -29.92
N THR A 671 17.65 14.13 -30.25
CA THR A 671 16.70 15.06 -29.63
C THR A 671 16.45 16.24 -30.54
N SER A 672 15.25 16.79 -30.41
CA SER A 672 14.89 18.01 -31.12
C SER A 672 15.23 19.26 -30.33
N ARG A 673 15.51 19.14 -29.04
CA ARG A 673 15.71 20.27 -28.15
C ARG A 673 17.11 20.16 -27.55
N LYS A 674 18.11 20.72 -28.23
CA LYS A 674 19.45 20.79 -27.68
C LYS A 674 19.49 21.65 -26.43
N ASP A 675 18.78 22.77 -26.44
CA ASP A 675 18.86 23.74 -25.36
C ASP A 675 18.17 23.27 -24.09
N VAL A 676 17.28 22.30 -24.17
CA VAL A 676 16.75 21.68 -22.96
C VAL A 676 17.80 20.78 -22.34
N LEU A 677 18.50 20.00 -23.16
CA LEU A 677 19.47 19.04 -22.69
C LEU A 677 20.78 19.68 -22.20
N GLN A 678 20.95 20.98 -22.38
CA GLN A 678 22.11 21.64 -21.79
C GLN A 678 21.79 22.23 -20.43
N GLU A 679 20.51 22.50 -20.16
CA GLU A 679 20.11 22.89 -18.81
C GLU A 679 20.23 21.72 -17.85
N MET A 680 19.81 20.54 -18.27
CA MET A 680 19.83 19.35 -17.43
C MET A 680 21.21 18.73 -17.29
N GLU A 681 22.20 19.26 -18.00
CA GLU A 681 23.57 18.72 -18.10
C GLU A 681 23.53 17.28 -18.62
N MET A 682 23.07 17.14 -19.86
CA MET A 682 23.19 15.90 -20.60
C MET A 682 24.14 16.01 -21.78
N LEU A 683 24.25 17.19 -22.40
CA LEU A 683 25.30 17.43 -23.39
C LEU A 683 26.69 17.29 -22.78
N ASN A 684 26.81 17.55 -21.48
CA ASN A 684 28.04 17.26 -20.77
C ASN A 684 28.33 15.77 -20.76
N ALA A 685 27.30 14.92 -20.73
CA ALA A 685 27.52 13.48 -20.58
C ALA A 685 27.86 12.80 -21.89
N PHE A 686 27.37 13.32 -23.03
CA PHE A 686 27.71 12.74 -24.30
C PHE A 686 29.16 13.04 -24.67
N SER A 687 29.70 12.24 -25.58
CA SER A 687 31.05 12.50 -26.06
C SER A 687 31.07 13.67 -27.04
N THR A 688 30.20 13.64 -28.04
CA THR A 688 30.10 14.72 -29.00
C THR A 688 28.67 14.80 -29.49
N THR A 689 28.40 15.77 -30.37
CA THR A 689 27.12 15.88 -31.05
C THR A 689 27.35 16.06 -32.54
N ILE A 690 26.32 15.76 -33.31
CA ILE A 690 26.29 15.98 -34.75
C ILE A 690 25.01 16.70 -35.06
N HIS A 691 25.12 17.90 -35.64
CA HIS A 691 23.95 18.71 -35.94
C HIS A 691 23.41 18.33 -37.32
N VAL A 692 22.19 17.81 -37.35
CA VAL A 692 21.50 17.48 -38.59
C VAL A 692 20.72 18.71 -39.01
N PRO A 693 21.06 19.36 -40.12
CA PRO A 693 20.34 20.57 -40.52
C PRO A 693 19.11 20.22 -41.35
N ASN A 694 18.33 21.25 -41.64
CA ASN A 694 17.28 21.15 -42.62
C ASN A 694 17.84 21.57 -43.97
N ILE A 695 16.98 21.71 -44.97
CA ILE A 695 17.42 22.23 -46.26
C ILE A 695 17.41 23.75 -46.19
N ALA A 696 18.36 24.38 -46.87
CA ALA A 696 18.52 25.83 -46.80
C ALA A 696 18.18 26.54 -48.10
N THR A 697 18.74 26.11 -49.22
CA THR A 697 18.53 26.79 -50.49
C THR A 697 17.32 26.20 -51.22
N GLY A 698 16.87 26.93 -52.24
CA GLY A 698 15.97 26.33 -53.20
C GLY A 698 16.65 25.26 -54.03
N GLU A 699 17.97 25.35 -54.18
CA GLU A 699 18.74 24.29 -54.82
C GLU A 699 18.74 23.02 -53.99
N GLN A 700 18.84 23.13 -52.66
CA GLN A 700 18.79 21.95 -51.81
C GLN A 700 17.40 21.33 -51.78
N LEU A 701 16.37 22.14 -52.02
CA LEU A 701 15.01 21.60 -52.06
C LEU A 701 14.76 20.86 -53.38
N LEU A 702 15.23 21.43 -54.49
CA LEU A 702 15.02 20.78 -55.78
C LEU A 702 15.95 19.60 -55.97
N GLU A 703 17.11 19.60 -55.32
CA GLU A 703 17.95 18.41 -55.30
C GLU A 703 17.29 17.28 -54.52
N ALA A 704 16.53 17.64 -53.48
CA ALA A 704 15.79 16.64 -52.72
C ALA A 704 14.67 16.03 -53.55
N LEU A 705 13.94 16.85 -54.29
CA LEU A 705 12.75 16.39 -54.98
C LEU A 705 13.08 15.60 -56.24
N GLU A 706 14.33 15.64 -56.70
CA GLU A 706 14.80 14.72 -57.74
C GLU A 706 14.72 13.28 -57.27
N LEU A 707 15.33 12.99 -56.12
CA LEU A 707 15.42 11.62 -55.63
C LEU A 707 14.13 11.10 -55.03
N LEU A 708 13.11 11.94 -54.87
CA LEU A 708 11.79 11.43 -54.55
C LEU A 708 11.00 11.08 -55.80
N GLY A 709 11.18 11.84 -56.87
CA GLY A 709 10.55 11.54 -58.14
C GLY A 709 9.05 11.74 -58.13
N ASN A 710 8.61 12.98 -58.01
CA ASN A 710 7.19 13.30 -58.00
C ASN A 710 6.75 14.21 -59.13
N PHE A 711 7.56 15.20 -59.50
CA PHE A 711 7.11 16.27 -60.36
C PHE A 711 7.79 16.18 -61.72
N LYS A 712 7.48 17.16 -62.58
CA LYS A 712 7.97 17.24 -63.94
C LYS A 712 9.11 18.26 -63.99
N ASP A 713 9.96 18.13 -65.01
CA ASP A 713 11.13 19.00 -65.15
C ASP A 713 10.74 20.46 -65.33
N LYS A 714 9.62 20.71 -66.02
CA LYS A 714 9.10 22.06 -66.07
C LYS A 714 8.45 22.45 -64.74
N GLU A 715 7.86 21.49 -64.04
CA GLU A 715 7.27 21.75 -62.73
C GLU A 715 8.34 22.01 -61.68
N ARG A 716 9.47 21.30 -61.77
CA ARG A 716 10.61 21.63 -60.91
C ARG A 716 11.20 22.98 -61.28
N THR A 717 11.16 23.32 -62.57
CA THR A 717 11.54 24.66 -63.00
C THR A 717 10.51 25.68 -62.52
N THR A 718 9.24 25.28 -62.45
CA THR A 718 8.20 26.17 -61.95
C THR A 718 8.41 26.47 -60.47
N ILE A 719 8.85 25.48 -59.71
CA ILE A 719 9.25 25.71 -58.32
C ILE A 719 10.51 26.56 -58.27
N ALA A 720 11.42 26.36 -59.23
CA ALA A 720 12.65 27.15 -59.30
C ALA A 720 12.37 28.62 -59.57
N GLN A 721 11.29 28.92 -60.29
CA GLN A 721 10.93 30.31 -60.53
C GLN A 721 10.25 30.97 -59.33
N GLN A 722 10.15 30.27 -58.21
CA GLN A 722 9.57 30.83 -56.99
C GLN A 722 10.53 30.83 -55.80
N VAL A 723 11.39 29.82 -55.66
CA VAL A 723 12.22 29.69 -54.47
C VAL A 723 13.71 29.55 -54.77
N LYS A 724 14.12 29.27 -56.01
CA LYS A 724 15.54 29.05 -56.28
C LYS A 724 16.32 30.37 -56.20
N GLY A 725 17.31 30.39 -55.31
CA GLY A 725 18.01 31.60 -54.97
C GLY A 725 17.54 32.25 -53.68
N LYS A 726 16.55 31.69 -53.01
CA LYS A 726 15.98 32.27 -51.81
C LYS A 726 16.36 31.46 -50.58
N LYS A 727 15.78 31.83 -49.44
CA LYS A 727 16.01 31.18 -48.16
C LYS A 727 14.75 30.44 -47.75
N VAL A 728 14.84 29.11 -47.71
CA VAL A 728 13.74 28.25 -47.26
C VAL A 728 14.26 27.36 -46.15
N TRP A 729 13.37 26.94 -45.27
CA TRP A 729 13.78 26.20 -44.09
C TRP A 729 12.68 25.21 -43.73
N ILE A 730 12.87 23.95 -44.13
CA ILE A 730 11.91 22.90 -43.83
C ILE A 730 12.68 21.59 -43.72
N GLY A 731 12.19 20.68 -42.89
CA GLY A 731 12.86 19.41 -42.72
C GLY A 731 12.56 18.43 -43.82
N ILE A 732 13.29 17.30 -43.78
CA ILE A 732 13.11 16.26 -44.77
C ILE A 732 11.80 15.51 -44.57
N LYS A 733 11.22 15.58 -43.37
CA LYS A 733 9.98 14.86 -43.08
C LYS A 733 8.73 15.66 -43.44
N LYS A 734 8.71 16.95 -43.10
CA LYS A 734 7.63 17.82 -43.54
C LYS A 734 7.59 17.95 -45.05
N LEU A 735 8.74 17.84 -45.71
CA LEU A 735 8.78 17.78 -47.16
C LEU A 735 8.06 16.54 -47.68
N LEU A 736 8.23 15.41 -46.99
CA LEU A 736 7.44 14.23 -47.30
C LEU A 736 5.99 14.39 -46.90
N MET A 737 5.69 15.28 -45.95
CA MET A 737 4.30 15.51 -45.58
C MET A 737 3.59 16.35 -46.63
N LEU A 738 4.26 17.39 -47.15
CA LEU A 738 3.60 18.32 -48.05
C LEU A 738 3.38 17.75 -49.43
N ILE A 739 4.27 16.86 -49.88
CA ILE A 739 4.14 16.29 -51.21
C ILE A 739 2.95 15.34 -51.27
N GLU A 740 2.70 14.61 -50.20
CA GLU A 740 1.53 13.73 -50.20
C GLU A 740 0.24 14.51 -50.00
N MET A 741 0.31 15.65 -49.31
CA MET A 741 -0.84 16.55 -49.28
C MET A 741 -1.01 17.33 -50.56
N SER A 742 -0.04 17.28 -51.47
CA SER A 742 -0.17 17.95 -52.75
C SER A 742 -0.64 17.02 -53.87
N LEU A 743 -0.36 15.73 -53.78
CA LEU A 743 -0.74 14.81 -54.85
C LEU A 743 -2.24 14.59 -54.94
N GLN A 744 -2.98 14.88 -53.86
CA GLN A 744 -4.42 14.68 -53.88
C GLN A 744 -5.15 15.76 -54.67
N MET A 745 -4.48 16.86 -55.00
CA MET A 745 -5.06 17.85 -55.88
C MET A 745 -5.00 17.38 -57.33
N ASP A 746 -5.74 18.07 -58.18
CA ASP A 746 -5.60 17.92 -59.62
C ASP A 746 -4.22 18.40 -60.05
N PRO A 747 -3.61 17.77 -61.06
CA PRO A 747 -2.26 18.16 -61.48
C PRO A 747 -2.14 19.57 -62.04
N GLU A 748 -3.26 20.20 -62.37
CA GLU A 748 -3.27 21.62 -62.71
C GLU A 748 -3.15 22.50 -61.48
N TYR A 749 -3.29 21.92 -60.29
CA TYR A 749 -3.28 22.67 -59.03
C TYR A 749 -2.18 22.25 -58.07
N ARG A 750 -1.42 21.19 -58.39
CA ARG A 750 -0.50 20.64 -57.39
C ARG A 750 0.70 21.53 -57.15
N VAL A 751 1.24 22.15 -58.20
CA VAL A 751 2.48 22.91 -58.07
C VAL A 751 2.24 24.21 -57.30
N ARG A 752 1.10 24.84 -57.54
CA ARG A 752 0.74 26.00 -56.74
C ARG A 752 -0.05 25.63 -55.49
N LYS A 753 -0.02 24.37 -55.08
CA LYS A 753 -0.42 23.98 -53.73
C LYS A 753 0.78 23.55 -52.90
N PHE A 754 1.72 22.84 -53.52
CA PHE A 754 3.02 22.60 -52.90
C PHE A 754 3.74 23.91 -52.59
N LEU A 755 3.69 24.86 -53.52
CA LEU A 755 4.25 26.18 -53.26
C LEU A 755 3.29 27.05 -52.46
N ALA A 756 2.10 26.53 -52.14
CA ALA A 756 1.21 27.21 -51.21
C ALA A 756 1.24 26.56 -49.83
N LEU A 757 1.68 25.32 -49.74
CA LEU A 757 1.96 24.71 -48.45
C LEU A 757 3.36 25.02 -47.95
N LEU A 758 4.18 25.68 -48.77
CA LEU A 758 5.54 26.05 -48.39
C LEU A 758 5.58 27.43 -47.74
N ARG A 759 4.47 27.87 -47.16
CA ARG A 759 4.39 29.22 -46.59
C ARG A 759 4.75 29.26 -45.10
N GLU A 760 5.62 28.37 -44.64
CA GLU A 760 6.17 28.46 -43.30
C GLU A 760 7.69 28.30 -43.32
N GLU B 241 42.37 -30.22 24.02
CA GLU B 241 41.56 -29.78 25.15
C GLU B 241 40.21 -29.29 24.63
N LYS B 242 40.23 -28.74 23.42
CA LYS B 242 39.00 -28.32 22.76
C LYS B 242 39.16 -28.38 21.24
N MET B 243 38.08 -28.75 20.57
CA MET B 243 38.06 -28.88 19.12
C MET B 243 37.88 -27.51 18.50
N GLY B 244 38.33 -27.37 17.26
CA GLY B 244 38.70 -26.10 16.66
C GLY B 244 37.69 -24.99 16.50
N ILE B 245 37.98 -23.84 17.12
CA ILE B 245 37.33 -22.57 16.86
C ILE B 245 38.43 -21.52 16.79
N GLY B 246 38.53 -20.83 15.67
CA GLY B 246 39.66 -19.94 15.49
C GLY B 246 39.42 -18.49 15.86
N GLY B 247 40.22 -17.96 16.76
CA GLY B 247 40.23 -16.53 17.00
C GLY B 247 39.06 -16.00 17.77
N LEU B 248 38.36 -16.86 18.51
CA LEU B 248 37.28 -16.44 19.39
C LEU B 248 37.62 -16.75 20.84
N ASP B 249 38.86 -16.43 21.24
CA ASP B 249 39.28 -16.66 22.62
C ASP B 249 38.54 -15.76 23.59
N LYS B 250 38.14 -14.55 23.17
CA LYS B 250 37.43 -13.67 24.07
C LYS B 250 35.97 -14.08 24.20
N GLU B 251 35.31 -14.33 23.07
CA GLU B 251 33.87 -14.60 23.09
C GLU B 251 33.56 -15.96 23.68
N PHE B 252 34.40 -16.96 23.43
CA PHE B 252 34.11 -18.29 23.95
C PHE B 252 34.40 -18.35 25.44
N SER B 253 35.36 -17.57 25.92
CA SER B 253 35.58 -17.46 27.36
C SER B 253 34.66 -16.46 28.01
N ASP B 254 33.82 -15.78 27.24
CA ASP B 254 32.81 -14.92 27.84
C ASP B 254 31.46 -15.60 27.95
N ILE B 255 31.24 -16.70 27.24
CA ILE B 255 30.15 -17.59 27.61
C ILE B 255 30.63 -18.67 28.56
N PHE B 256 31.91 -18.67 28.93
CA PHE B 256 32.31 -19.40 30.13
C PHE B 256 31.69 -18.78 31.36
N ARG B 257 31.68 -17.47 31.43
CA ARG B 257 31.21 -16.73 32.58
C ARG B 257 29.68 -16.68 32.64
N ARG B 258 28.98 -17.24 31.66
CA ARG B 258 27.54 -17.15 31.64
C ARG B 258 26.82 -18.48 31.73
N ALA B 259 27.03 -19.38 30.77
CA ALA B 259 26.37 -20.68 30.77
C ALA B 259 27.34 -21.80 31.06
N PHE B 260 28.49 -21.48 31.64
CA PHE B 260 29.48 -22.48 31.95
C PHE B 260 30.12 -22.26 33.32
N ALA B 261 29.97 -21.08 33.92
CA ALA B 261 30.55 -20.85 35.25
C ALA B 261 29.69 -21.51 36.32
N SER B 262 28.39 -21.30 36.24
CA SER B 262 27.47 -22.06 37.07
C SER B 262 27.26 -23.44 36.46
N ARG B 263 26.38 -24.23 37.10
CA ARG B 263 25.76 -25.45 36.58
C ARG B 263 26.74 -26.62 36.50
N VAL B 264 28.04 -26.38 36.61
CA VAL B 264 29.00 -27.46 36.59
C VAL B 264 30.00 -27.34 37.74
N PHE B 265 30.49 -26.11 38.03
CA PHE B 265 31.75 -25.98 38.76
C PHE B 265 31.72 -26.47 40.21
N PRO B 266 30.88 -25.93 41.12
CA PRO B 266 31.17 -26.18 42.56
C PRO B 266 30.85 -27.59 43.04
N PRO B 267 29.71 -28.24 42.66
CA PRO B 267 28.35 -28.07 42.13
C PRO B 267 27.28 -28.05 43.23
N GLU B 268 27.71 -27.89 44.48
CA GLU B 268 26.78 -27.82 45.61
C GLU B 268 26.77 -26.47 46.31
N ILE B 269 27.68 -25.56 45.96
CA ILE B 269 27.68 -24.22 46.55
C ILE B 269 26.61 -23.37 45.90
N VAL B 270 26.15 -23.76 44.71
CA VAL B 270 25.09 -23.03 44.01
C VAL B 270 23.80 -23.05 44.81
N GLU B 271 23.39 -24.21 45.31
CA GLU B 271 22.16 -24.26 46.08
C GLU B 271 22.35 -23.70 47.48
N GLN B 272 23.60 -23.61 47.96
CA GLN B 272 23.87 -22.93 49.22
C GLN B 272 23.83 -21.42 49.03
N MET B 273 24.57 -20.93 48.04
CA MET B 273 24.60 -19.51 47.71
C MET B 273 23.70 -19.34 46.49
N GLY B 274 22.39 -19.23 46.75
CA GLY B 274 21.34 -19.39 45.77
C GLY B 274 21.39 -18.53 44.53
N CYS B 275 21.12 -19.15 43.38
CA CYS B 275 21.31 -18.54 42.08
C CYS B 275 20.60 -19.33 40.99
N LYS B 276 19.78 -18.68 40.17
CA LYS B 276 19.24 -19.33 39.00
C LYS B 276 20.32 -19.46 37.94
N HIS B 277 20.21 -20.50 37.14
CA HIS B 277 21.12 -20.63 36.01
C HIS B 277 20.58 -19.83 34.84
N VAL B 278 21.48 -19.46 33.93
CA VAL B 278 21.11 -18.59 32.83
C VAL B 278 20.30 -19.39 31.81
N LYS B 279 19.45 -18.71 31.06
CA LYS B 279 18.54 -19.38 30.14
C LYS B 279 18.94 -19.25 28.69
N GLY B 280 20.13 -18.74 28.37
CA GLY B 280 20.55 -18.86 26.98
C GLY B 280 21.49 -17.77 26.54
N ILE B 281 21.96 -17.95 25.31
CA ILE B 281 22.95 -17.09 24.67
C ILE B 281 22.38 -16.62 23.35
N LEU B 282 22.67 -15.37 22.96
CA LEU B 282 22.34 -14.87 21.64
C LEU B 282 23.62 -14.55 20.88
N LEU B 283 23.69 -14.96 19.61
CA LEU B 283 24.90 -14.82 18.82
C LEU B 283 24.66 -13.89 17.63
N TYR B 284 25.22 -12.68 17.70
CA TYR B 284 25.21 -11.74 16.59
C TYR B 284 26.11 -12.23 15.46
N GLY B 285 26.18 -11.43 14.40
CA GLY B 285 27.28 -11.58 13.47
C GLY B 285 27.03 -11.16 12.04
N PRO B 286 28.12 -10.81 11.35
CA PRO B 286 28.12 -10.82 9.90
C PRO B 286 28.15 -12.27 9.41
N PRO B 287 27.74 -12.53 8.17
CA PRO B 287 27.55 -13.92 7.73
C PRO B 287 28.87 -14.65 7.55
N GLY B 288 28.96 -15.83 8.14
CA GLY B 288 30.16 -16.63 8.04
C GLY B 288 31.27 -16.19 8.97
N CYS B 289 31.03 -16.29 10.27
CA CYS B 289 32.07 -16.00 11.25
C CYS B 289 32.18 -17.06 12.32
N GLY B 290 31.33 -18.07 12.32
CA GLY B 290 31.36 -19.04 13.39
C GLY B 290 30.27 -18.80 14.40
N LYS B 291 29.06 -18.54 13.91
CA LYS B 291 27.88 -18.59 14.75
C LYS B 291 27.37 -20.02 14.88
N THR B 292 27.19 -20.72 13.77
CA THR B 292 26.75 -22.10 13.82
C THR B 292 27.88 -23.02 14.26
N LEU B 293 29.13 -22.59 14.09
CA LEU B 293 30.24 -23.30 14.71
C LEU B 293 30.11 -23.29 16.23
N LEU B 294 29.66 -22.19 16.81
CA LEU B 294 29.38 -22.15 18.24
C LEU B 294 28.01 -22.68 18.60
N ALA B 295 27.42 -23.54 17.78
CA ALA B 295 26.32 -24.38 18.23
C ALA B 295 26.73 -25.84 18.22
N ARG B 296 27.36 -26.27 17.14
CA ARG B 296 27.82 -27.64 17.01
C ARG B 296 28.93 -27.95 17.99
N GLN B 297 29.87 -27.01 18.16
CA GLN B 297 30.94 -27.22 19.10
C GLN B 297 30.44 -27.09 20.54
N ILE B 298 29.51 -26.16 20.79
CA ILE B 298 29.01 -25.99 22.16
C ILE B 298 28.01 -27.08 22.52
N GLY B 299 27.48 -27.79 21.53
CA GLY B 299 26.66 -28.94 21.75
C GLY B 299 27.44 -30.21 21.92
N LYS B 300 28.76 -30.12 21.91
CA LYS B 300 29.64 -31.26 22.10
C LYS B 300 30.69 -31.06 23.19
N MET B 301 30.96 -29.81 23.56
CA MET B 301 31.77 -29.55 24.75
C MET B 301 30.94 -29.35 26.00
N LEU B 302 29.65 -29.64 25.96
CA LEU B 302 28.87 -29.62 27.18
C LEU B 302 28.63 -31.02 27.74
N ASN B 303 28.87 -32.05 26.91
CA ASN B 303 28.54 -33.45 27.20
C ASN B 303 27.06 -33.60 27.53
N ALA B 304 26.22 -32.86 26.81
CA ALA B 304 24.79 -32.78 27.07
C ALA B 304 23.98 -33.79 26.27
N ARG B 305 24.52 -34.25 25.13
CA ARG B 305 24.16 -35.47 24.42
C ARG B 305 22.82 -35.40 23.68
N GLU B 306 22.03 -34.35 23.89
CA GLU B 306 20.78 -34.16 23.16
C GLU B 306 20.57 -32.71 22.78
N PRO B 307 21.17 -32.24 21.69
CA PRO B 307 20.83 -30.90 21.21
C PRO B 307 19.55 -30.94 20.36
N LYS B 308 18.48 -30.34 20.87
CA LYS B 308 17.23 -30.25 20.14
C LYS B 308 17.35 -29.24 19.01
N VAL B 309 18.09 -29.58 17.96
CA VAL B 309 18.40 -28.61 16.92
C VAL B 309 17.15 -28.36 16.09
N VAL B 310 16.62 -27.15 16.17
CA VAL B 310 15.51 -26.77 15.32
C VAL B 310 16.12 -25.88 14.25
N ASN B 311 15.39 -25.70 13.16
CA ASN B 311 15.88 -24.80 12.14
C ASN B 311 15.18 -23.45 12.31
N GLY B 312 15.41 -22.54 11.36
CA GLY B 312 14.84 -21.22 11.44
C GLY B 312 13.33 -21.19 11.29
N PRO B 313 12.84 -21.43 10.10
CA PRO B 313 11.39 -21.46 9.91
C PRO B 313 10.77 -22.83 10.08
N GLU B 314 11.48 -23.76 10.74
CA GLU B 314 11.03 -25.15 10.87
C GLU B 314 9.69 -25.24 11.58
N ILE B 315 9.44 -24.35 12.54
CA ILE B 315 8.30 -24.49 13.44
C ILE B 315 6.99 -24.22 12.72
N LEU B 316 6.99 -23.28 11.77
CA LEU B 316 5.78 -22.63 11.25
C LEU B 316 4.83 -23.54 10.48
N ASN B 317 5.15 -24.84 10.36
CA ASN B 317 4.75 -25.68 9.22
C ASN B 317 3.25 -25.78 8.96
N LYS B 318 2.45 -26.05 9.99
CA LYS B 318 1.10 -26.56 9.74
C LYS B 318 0.13 -25.44 9.37
N TYR B 319 -1.16 -25.78 9.35
CA TYR B 319 -2.22 -24.89 8.92
C TYR B 319 -2.36 -23.72 9.89
N VAL B 320 -2.98 -22.65 9.41
CA VAL B 320 -2.95 -21.37 10.13
C VAL B 320 -3.75 -21.48 11.44
N GLY B 321 -3.05 -21.25 12.54
CA GLY B 321 -3.54 -21.60 13.87
C GLY B 321 -2.68 -22.68 14.52
N GLU B 322 -2.29 -23.68 13.75
CA GLU B 322 -1.70 -24.91 14.27
C GLU B 322 -0.19 -24.84 14.52
N SER B 323 0.41 -23.64 14.53
CA SER B 323 1.87 -23.55 14.44
C SER B 323 2.60 -23.88 15.74
N GLU B 324 1.97 -23.67 16.89
CA GLU B 324 2.68 -23.75 18.16
C GLU B 324 2.75 -25.16 18.70
N ALA B 325 2.39 -26.16 17.91
CA ALA B 325 2.52 -27.53 18.36
C ALA B 325 3.98 -27.95 18.43
N ASN B 326 4.85 -27.25 17.70
CA ASN B 326 6.26 -27.61 17.70
C ASN B 326 7.02 -26.92 18.82
N ILE B 327 6.74 -25.64 19.08
CA ILE B 327 7.48 -24.88 20.09
C ILE B 327 6.95 -25.11 21.49
N ARG B 328 6.09 -26.10 21.68
CA ARG B 328 5.81 -26.58 23.02
C ARG B 328 6.05 -28.07 23.19
N LYS B 329 6.17 -28.83 22.10
CA LYS B 329 6.84 -30.12 22.18
C LYS B 329 8.34 -29.98 22.16
N LEU B 330 8.85 -28.77 21.88
CA LEU B 330 10.29 -28.56 21.81
C LEU B 330 10.90 -28.61 23.20
N PHE B 331 10.26 -27.97 24.17
CA PHE B 331 10.71 -28.00 25.55
C PHE B 331 10.15 -29.17 26.34
N ALA B 332 9.38 -30.05 25.70
CA ALA B 332 8.56 -31.01 26.43
C ALA B 332 9.41 -32.10 27.08
N ASP B 333 10.42 -32.60 26.36
CA ASP B 333 11.27 -33.63 26.94
C ASP B 333 12.16 -33.05 28.03
N ALA B 334 12.49 -31.77 27.94
CA ALA B 334 13.20 -31.11 29.02
C ALA B 334 12.28 -30.65 30.13
N GLU B 335 10.98 -30.51 29.84
CA GLU B 335 10.01 -30.26 30.90
C GLU B 335 9.85 -31.49 31.78
N GLU B 336 10.06 -32.68 31.23
CA GLU B 336 9.84 -33.91 31.97
C GLU B 336 10.92 -34.19 33.02
N GLU B 337 11.93 -33.32 33.14
CA GLU B 337 12.76 -33.37 34.34
C GLU B 337 12.26 -32.45 35.43
N GLN B 338 11.03 -31.93 35.32
CA GLN B 338 10.33 -31.37 36.48
C GLN B 338 9.63 -32.54 37.15
N ARG B 339 10.44 -33.37 37.80
CA ARG B 339 10.06 -34.69 38.27
C ARG B 339 10.76 -34.84 39.62
N ARG B 340 10.91 -36.07 40.12
CA ARG B 340 11.75 -36.30 41.28
C ARG B 340 13.22 -36.03 40.98
N LEU B 341 13.61 -36.01 39.70
CA LEU B 341 14.93 -35.56 39.30
C LEU B 341 14.82 -34.07 38.93
N GLY B 342 14.51 -33.27 39.95
CA GLY B 342 14.23 -31.86 39.77
C GLY B 342 15.44 -31.04 39.38
N ALA B 343 16.43 -31.01 40.28
CA ALA B 343 17.77 -30.58 39.91
C ALA B 343 18.52 -31.78 39.34
N ASN B 344 19.85 -31.69 39.29
CA ASN B 344 20.72 -32.83 39.02
C ASN B 344 20.51 -33.46 37.64
N SER B 345 21.03 -32.81 36.59
CA SER B 345 21.08 -33.36 35.23
C SER B 345 19.71 -33.57 34.62
N GLY B 346 19.12 -32.51 34.09
CA GLY B 346 19.90 -31.42 33.51
C GLY B 346 20.38 -31.74 32.10
N LEU B 347 19.44 -31.84 31.15
CA LEU B 347 19.72 -32.14 29.74
C LEU B 347 19.15 -31.01 28.89
N HIS B 348 20.04 -30.17 28.35
CA HIS B 348 19.74 -28.76 28.17
C HIS B 348 19.20 -28.37 26.79
N ILE B 349 20.03 -28.53 25.76
CA ILE B 349 20.21 -27.49 24.75
C ILE B 349 19.05 -27.45 23.77
N ILE B 350 18.69 -26.23 23.33
CA ILE B 350 17.83 -26.00 22.16
C ILE B 350 18.51 -24.94 21.31
N ILE B 351 18.74 -25.24 20.04
CA ILE B 351 19.50 -24.36 19.17
C ILE B 351 18.54 -23.76 18.15
N PHE B 352 18.27 -22.47 18.27
CA PHE B 352 17.53 -21.71 17.26
C PHE B 352 18.53 -21.29 16.20
N ASP B 353 18.52 -21.98 15.06
CA ASP B 353 19.60 -21.80 14.09
C ASP B 353 19.47 -20.48 13.33
N GLU B 354 18.25 -19.96 13.18
CA GLU B 354 18.14 -18.62 12.63
C GLU B 354 16.87 -18.01 13.21
N ILE B 355 17.02 -17.29 14.31
CA ILE B 355 15.89 -16.92 15.14
C ILE B 355 15.10 -15.76 14.56
N ASP B 356 15.72 -14.92 13.72
CA ASP B 356 15.10 -13.67 13.30
C ASP B 356 13.93 -13.84 12.32
N ALA B 357 13.70 -15.05 11.82
CA ALA B 357 12.48 -15.34 11.07
C ALA B 357 11.36 -15.84 11.97
N ILE B 358 11.55 -15.82 13.27
CA ILE B 358 10.53 -16.19 14.23
C ILE B 358 10.11 -14.97 15.04
N CYS B 359 11.09 -14.33 15.66
CA CYS B 359 10.86 -13.36 16.72
C CYS B 359 10.98 -11.95 16.19
N LYS B 360 9.85 -11.29 15.93
CA LYS B 360 9.89 -9.86 15.61
C LYS B 360 9.10 -9.01 16.61
N GLN B 361 7.81 -9.29 16.79
CA GLN B 361 6.90 -8.61 17.73
C GLN B 361 6.91 -7.09 17.51
N ARG B 362 6.36 -6.71 16.36
CA ARG B 362 6.53 -5.33 15.90
C ARG B 362 5.60 -4.34 16.59
N GLY B 363 4.80 -4.77 17.56
CA GLY B 363 4.10 -3.88 18.45
C GLY B 363 2.82 -3.28 17.91
N SER B 364 2.64 -3.28 16.57
CA SER B 364 1.41 -2.84 15.94
C SER B 364 0.71 -3.98 15.23
N MET B 365 1.17 -5.23 15.45
CA MET B 365 0.72 -6.49 14.87
C MET B 365 0.44 -6.44 13.37
N ALA B 366 1.26 -5.69 12.63
CA ALA B 366 1.06 -5.55 11.19
C ALA B 366 1.45 -6.83 10.46
N GLY B 367 0.55 -7.80 10.49
CA GLY B 367 0.73 -9.10 9.87
C GLY B 367 -0.56 -9.90 9.93
N SER B 368 -0.95 -10.47 8.80
CA SER B 368 -2.24 -11.11 8.69
C SER B 368 -2.27 -12.45 9.40
N THR B 369 -3.43 -12.74 10.03
CA THR B 369 -3.87 -14.04 10.59
C THR B 369 -2.83 -14.74 11.47
N GLY B 370 -1.96 -13.97 12.13
CA GLY B 370 -1.04 -14.53 13.10
C GLY B 370 0.21 -15.18 12.53
N VAL B 371 1.05 -14.39 11.88
CA VAL B 371 2.31 -14.91 11.36
C VAL B 371 3.38 -14.92 12.45
N HIS B 372 3.69 -13.75 12.99
CA HIS B 372 4.86 -13.54 13.83
C HIS B 372 4.48 -12.90 15.15
N ASP B 373 3.31 -13.26 15.68
CA ASP B 373 2.87 -12.74 16.97
C ASP B 373 2.32 -13.80 17.90
N THR B 374 2.23 -15.05 17.47
CA THR B 374 1.82 -16.13 18.36
C THR B 374 2.82 -17.28 18.37
N VAL B 375 3.80 -17.29 17.47
CA VAL B 375 4.97 -18.12 17.66
C VAL B 375 5.98 -17.44 18.57
N VAL B 376 5.82 -16.13 18.79
CA VAL B 376 6.74 -15.38 19.63
C VAL B 376 6.42 -15.57 21.09
N ASN B 377 5.17 -15.37 21.49
CA ASN B 377 4.86 -15.43 22.90
C ASN B 377 4.40 -16.79 23.39
N GLN B 378 4.23 -17.76 22.50
CA GLN B 378 4.30 -19.14 22.93
C GLN B 378 5.72 -19.48 23.36
N LEU B 379 6.70 -18.91 22.65
CA LEU B 379 8.10 -19.07 22.99
C LEU B 379 8.47 -18.23 24.20
N LEU B 380 7.89 -17.04 24.33
CA LEU B 380 8.23 -16.15 25.45
C LEU B 380 7.70 -16.66 26.77
N SER B 381 6.78 -17.62 26.76
CA SER B 381 6.09 -17.99 27.98
C SER B 381 6.17 -19.48 28.27
N LYS B 382 6.87 -20.26 27.45
CA LYS B 382 7.29 -21.58 27.86
C LYS B 382 8.64 -21.59 28.54
N ILE B 383 9.28 -20.43 28.68
CA ILE B 383 10.55 -20.37 29.38
C ILE B 383 10.43 -19.44 30.59
N ASP B 384 9.23 -19.36 31.15
CA ASP B 384 8.92 -18.55 32.33
C ASP B 384 7.79 -19.21 33.12
N GLY B 385 7.16 -18.44 34.02
CA GLY B 385 6.39 -19.02 35.12
C GLY B 385 5.09 -19.68 34.70
N VAL B 386 4.91 -20.94 35.09
CA VAL B 386 5.75 -21.65 36.08
C VAL B 386 6.93 -22.40 35.45
N GLU B 387 8.06 -22.39 36.14
CA GLU B 387 9.29 -22.96 35.62
C GLU B 387 10.01 -23.68 36.76
N GLN B 388 10.98 -24.50 36.37
CA GLN B 388 11.82 -25.28 37.25
C GLN B 388 13.10 -24.46 37.53
N LEU B 389 14.20 -25.10 37.96
CA LEU B 389 15.50 -24.45 38.16
C LEU B 389 16.00 -23.58 36.99
N ASN B 390 16.10 -24.07 35.73
CA ASN B 390 15.66 -25.32 35.11
C ASN B 390 16.64 -25.92 34.14
N ASN B 391 16.07 -26.81 33.32
CA ASN B 391 16.84 -27.69 32.48
C ASN B 391 17.51 -26.93 31.33
N ILE B 392 16.72 -26.18 30.56
CA ILE B 392 17.05 -25.77 29.20
C ILE B 392 18.17 -24.74 29.09
N LEU B 393 18.63 -24.52 27.86
CA LEU B 393 19.62 -23.51 27.51
C LEU B 393 19.41 -23.18 26.04
N VAL B 394 18.76 -22.06 25.75
CA VAL B 394 18.32 -21.76 24.39
C VAL B 394 19.34 -20.88 23.70
N ILE B 395 20.00 -21.40 22.67
CA ILE B 395 21.02 -20.66 21.93
C ILE B 395 20.43 -20.28 20.58
N GLY B 396 20.29 -18.99 20.36
CA GLY B 396 19.75 -18.46 19.13
C GLY B 396 20.79 -17.59 18.45
N MET B 397 20.87 -17.69 17.13
CA MET B 397 21.86 -16.94 16.39
C MET B 397 21.21 -16.29 15.19
N THR B 398 21.77 -15.17 14.76
CA THR B 398 21.16 -14.40 13.68
C THR B 398 22.22 -13.60 12.95
N ASN B 399 21.95 -13.36 11.66
CA ASN B 399 22.72 -12.39 10.91
C ASN B 399 22.30 -10.97 11.26
N ARG B 400 21.03 -10.79 11.61
CA ARG B 400 20.43 -9.47 11.84
C ARG B 400 20.05 -9.32 13.30
N PRO B 401 20.82 -8.60 14.09
CA PRO B 401 20.60 -8.57 15.54
C PRO B 401 19.35 -7.86 16.03
N ASP B 402 19.14 -6.61 15.62
CA ASP B 402 18.19 -5.74 16.29
C ASP B 402 16.73 -6.01 15.91
N LEU B 403 16.50 -6.77 14.86
CA LEU B 403 15.14 -7.07 14.43
C LEU B 403 14.51 -8.17 15.28
N ILE B 404 15.29 -8.84 16.13
CA ILE B 404 14.73 -9.69 17.17
C ILE B 404 13.90 -8.83 18.11
N ASP B 405 12.77 -9.37 18.55
CA ASP B 405 11.94 -8.76 19.59
C ASP B 405 12.70 -8.36 20.84
N GLU B 406 12.54 -7.11 21.23
CA GLU B 406 13.23 -6.54 22.38
C GLU B 406 12.67 -7.00 23.71
N ALA B 407 11.51 -7.64 23.72
CA ALA B 407 11.00 -8.23 24.95
C ALA B 407 11.73 -9.51 25.32
N LEU B 408 12.26 -10.21 24.32
CA LEU B 408 12.86 -11.52 24.51
C LEU B 408 14.31 -11.46 24.94
N LEU B 409 14.97 -10.32 24.75
CA LEU B 409 16.39 -10.19 25.04
C LEU B 409 16.64 -9.65 26.44
N ARG B 410 15.63 -9.69 27.32
CA ARG B 410 15.80 -9.33 28.70
C ARG B 410 16.70 -10.32 29.41
N PRO B 411 17.30 -9.93 30.54
CA PRO B 411 18.19 -10.86 31.26
C PRO B 411 17.51 -12.08 31.84
N GLY B 412 16.18 -12.15 31.86
CA GLY B 412 15.53 -13.39 32.18
C GLY B 412 15.76 -14.47 31.14
N ARG B 413 15.48 -14.17 29.88
CA ARG B 413 15.40 -15.23 28.88
C ARG B 413 16.71 -15.40 28.12
N LEU B 414 17.16 -14.38 27.41
CA LEU B 414 18.41 -14.47 26.65
C LEU B 414 19.33 -13.36 27.14
N GLU B 415 20.21 -13.73 28.07
CA GLU B 415 21.06 -12.76 28.75
C GLU B 415 22.07 -12.13 27.81
N VAL B 416 22.98 -12.93 27.30
CA VAL B 416 24.12 -12.40 26.56
C VAL B 416 23.81 -12.29 25.08
N LYS B 417 24.07 -11.12 24.53
CA LYS B 417 23.92 -10.82 23.12
C LYS B 417 25.35 -10.60 22.64
N MET B 418 25.99 -11.66 22.18
CA MET B 418 27.43 -11.66 22.02
C MET B 418 27.83 -11.38 20.58
N GLU B 419 28.78 -10.47 20.41
CA GLU B 419 29.21 -9.96 19.11
C GLU B 419 30.26 -10.89 18.52
N ILE B 420 29.92 -11.58 17.43
CA ILE B 420 30.88 -12.44 16.75
C ILE B 420 31.18 -11.81 15.40
N GLY B 421 32.30 -11.11 15.30
CA GLY B 421 32.66 -10.40 14.09
C GLY B 421 33.76 -11.10 13.30
N LEU B 422 34.35 -10.34 12.41
CA LEU B 422 35.49 -10.88 11.68
C LEU B 422 36.76 -10.75 12.51
N PRO B 423 37.69 -11.68 12.41
CA PRO B 423 38.83 -11.70 13.33
C PRO B 423 39.99 -10.81 12.88
N ASP B 424 40.81 -10.46 13.85
CA ASP B 424 41.97 -9.62 13.66
C ASP B 424 43.18 -10.39 13.12
N GLU B 425 44.36 -9.79 13.22
CA GLU B 425 45.56 -10.37 12.62
C GLU B 425 46.01 -11.61 13.38
N LYS B 426 45.78 -11.64 14.69
CA LYS B 426 46.26 -12.75 15.50
C LYS B 426 45.22 -13.85 15.61
N GLY B 427 43.95 -13.53 15.36
CA GLY B 427 42.95 -14.57 15.32
C GLY B 427 42.98 -15.41 14.07
N ARG B 428 43.65 -14.96 13.02
CA ARG B 428 43.65 -15.70 11.78
C ARG B 428 44.74 -16.73 11.70
N LEU B 429 45.86 -16.54 12.39
CA LEU B 429 46.81 -17.65 12.53
C LEU B 429 46.37 -18.64 13.60
N GLN B 430 45.20 -18.44 14.20
CA GLN B 430 44.52 -19.53 14.88
C GLN B 430 43.76 -20.39 13.87
N ILE B 431 42.97 -19.75 13.02
CA ILE B 431 42.07 -20.50 12.14
C ILE B 431 42.81 -21.08 10.94
N LEU B 432 43.86 -20.41 10.45
CA LEU B 432 44.74 -21.07 9.49
C LEU B 432 45.49 -22.23 10.13
N HIS B 433 45.83 -22.12 11.41
CA HIS B 433 46.46 -23.22 12.12
C HIS B 433 45.49 -24.36 12.39
N ILE B 434 44.18 -24.09 12.41
CA ILE B 434 43.22 -25.17 12.62
C ILE B 434 43.02 -25.97 11.35
N HIS B 435 42.67 -25.31 10.25
CA HIS B 435 42.28 -26.07 9.07
C HIS B 435 43.46 -26.67 8.34
N THR B 436 44.65 -26.09 8.49
CA THR B 436 45.85 -26.68 7.93
C THR B 436 46.56 -27.61 8.91
N ALA B 437 45.92 -27.96 10.02
CA ALA B 437 46.53 -28.93 10.92
C ALA B 437 46.40 -30.33 10.37
N ARG B 438 45.19 -30.74 9.98
CA ARG B 438 45.02 -32.06 9.39
C ARG B 438 45.59 -32.12 7.98
N MET B 439 45.65 -30.98 7.29
CA MET B 439 46.34 -30.86 6.01
C MET B 439 47.80 -31.20 6.17
N ARG B 440 48.28 -32.21 5.45
CA ARG B 440 49.60 -32.72 5.77
C ARG B 440 50.25 -33.42 4.59
N GLY B 441 51.56 -33.28 4.52
CA GLY B 441 52.40 -34.27 3.90
C GLY B 441 52.85 -35.20 5.00
N HIS B 442 53.31 -34.61 6.10
CA HIS B 442 53.59 -35.33 7.33
C HIS B 442 52.68 -34.89 8.47
N GLN B 443 52.72 -33.60 8.81
CA GLN B 443 51.77 -33.00 9.75
C GLN B 443 51.30 -31.67 9.18
N LEU B 444 52.07 -31.11 8.26
CA LEU B 444 51.74 -29.91 7.50
C LEU B 444 52.02 -30.16 6.02
N LEU B 445 51.68 -29.18 5.18
CA LEU B 445 51.68 -29.41 3.74
C LEU B 445 53.08 -29.41 3.15
N SER B 446 53.76 -28.26 3.20
CA SER B 446 55.04 -28.07 2.54
C SER B 446 55.93 -27.22 3.43
N ALA B 447 57.05 -26.77 2.86
CA ALA B 447 57.96 -25.90 3.57
C ALA B 447 57.76 -24.44 3.20
N ASP B 448 57.53 -24.14 1.93
CA ASP B 448 57.28 -22.77 1.50
C ASP B 448 55.91 -22.27 1.89
N VAL B 449 54.99 -23.16 2.26
CA VAL B 449 53.70 -22.74 2.82
C VAL B 449 53.94 -22.31 4.26
N ASP B 450 53.75 -21.02 4.53
CA ASP B 450 53.73 -20.50 5.89
C ASP B 450 52.43 -19.75 6.08
N ILE B 451 51.60 -20.24 7.01
CA ILE B 451 50.33 -19.61 7.28
C ILE B 451 50.49 -18.25 7.94
N LYS B 452 51.58 -18.04 8.68
CA LYS B 452 51.77 -16.78 9.38
C LYS B 452 52.12 -15.65 8.41
N GLU B 453 52.61 -16.00 7.22
CA GLU B 453 52.76 -15.01 6.17
C GLU B 453 51.44 -14.81 5.43
N LEU B 454 50.64 -15.86 5.30
CA LEU B 454 49.30 -15.69 4.74
C LEU B 454 48.30 -15.21 5.77
N ALA B 455 48.68 -15.11 7.03
CA ALA B 455 47.78 -14.51 8.01
C ALA B 455 47.67 -13.00 7.79
N VAL B 456 48.77 -12.36 7.41
CA VAL B 456 48.80 -10.91 7.41
C VAL B 456 48.36 -10.29 6.08
N GLU B 457 48.27 -11.06 5.01
CA GLU B 457 47.79 -10.48 3.75
C GLU B 457 46.42 -11.00 3.36
N THR B 458 45.88 -11.97 4.09
CA THR B 458 44.48 -12.32 4.02
C THR B 458 43.76 -11.62 5.18
N LYS B 459 43.80 -10.29 5.13
CA LYS B 459 43.69 -9.51 6.36
C LYS B 459 42.26 -9.28 6.82
N ASN B 460 41.30 -9.14 5.92
CA ASN B 460 40.01 -8.64 6.34
C ASN B 460 38.92 -9.69 6.39
N PHE B 461 38.92 -10.66 5.48
CA PHE B 461 37.75 -11.51 5.33
C PHE B 461 37.71 -12.57 6.42
N SER B 462 36.48 -13.00 6.72
CA SER B 462 36.17 -13.69 7.96
C SER B 462 36.50 -15.17 7.85
N GLY B 463 35.97 -15.95 8.80
CA GLY B 463 36.43 -17.32 8.96
C GLY B 463 35.97 -18.25 7.86
N ALA B 464 34.67 -18.25 7.59
CA ALA B 464 34.16 -19.05 6.48
C ALA B 464 34.62 -18.53 5.14
N GLU B 465 34.94 -17.24 5.07
CA GLU B 465 35.58 -16.68 3.89
C GLU B 465 37.01 -17.18 3.74
N LEU B 466 37.58 -17.71 4.83
CA LEU B 466 38.98 -18.14 4.88
C LEU B 466 39.14 -19.64 4.80
N GLU B 467 38.13 -20.42 5.22
CA GLU B 467 38.20 -21.85 4.99
C GLU B 467 38.01 -22.15 3.52
N GLY B 468 37.23 -21.33 2.82
CA GLY B 468 37.14 -21.43 1.37
C GLY B 468 38.43 -21.13 0.65
N LEU B 469 39.34 -20.39 1.30
CA LEU B 469 40.68 -20.23 0.76
C LEU B 469 41.46 -21.54 0.83
N VAL B 470 41.39 -22.20 1.99
CA VAL B 470 42.15 -23.43 2.20
C VAL B 470 41.62 -24.55 1.32
N ARG B 471 40.30 -24.64 1.20
CA ARG B 471 39.70 -25.70 0.40
C ARG B 471 39.92 -25.50 -1.10
N ALA B 472 39.91 -24.25 -1.57
CA ALA B 472 40.13 -24.02 -2.99
C ALA B 472 41.60 -23.85 -3.33
N ALA B 473 42.50 -23.95 -2.35
CA ALA B 473 43.92 -23.99 -2.68
C ALA B 473 44.38 -25.43 -2.91
N GLN B 474 43.93 -26.36 -2.08
CA GLN B 474 44.17 -27.77 -2.35
C GLN B 474 43.40 -28.25 -3.56
N SER B 475 42.26 -27.63 -3.85
CA SER B 475 41.57 -27.86 -5.11
C SER B 475 42.41 -27.47 -6.31
N THR B 476 43.14 -26.36 -6.22
CA THR B 476 44.08 -26.00 -7.28
C THR B 476 45.22 -27.00 -7.34
N ALA B 477 45.68 -27.46 -6.19
CA ALA B 477 46.74 -28.46 -6.15
C ALA B 477 46.27 -29.86 -6.56
N MET B 478 44.96 -30.09 -6.68
CA MET B 478 44.49 -31.30 -7.34
C MET B 478 44.90 -31.30 -8.81
N ASN B 479 44.39 -30.34 -9.58
CA ASN B 479 44.65 -30.28 -11.02
C ASN B 479 46.12 -30.00 -11.35
N ARG B 480 46.88 -29.45 -10.41
CA ARG B 480 48.32 -29.41 -10.56
C ARG B 480 48.90 -30.82 -10.60
N HIS B 481 48.29 -31.74 -9.86
CA HIS B 481 48.73 -33.13 -9.84
C HIS B 481 48.00 -33.99 -10.87
N ILE B 482 46.67 -34.07 -10.77
CA ILE B 482 45.89 -34.92 -11.67
C ILE B 482 45.67 -34.21 -12.99
N LYS B 483 45.16 -34.95 -13.98
CA LYS B 483 44.77 -34.39 -15.26
C LYS B 483 43.28 -34.59 -15.43
N ALA B 484 42.58 -33.56 -15.93
CA ALA B 484 41.11 -33.57 -15.88
C ALA B 484 40.56 -32.87 -17.13
N SER B 485 40.28 -33.66 -18.15
CA SER B 485 39.43 -33.18 -19.23
C SER B 485 38.16 -34.03 -19.27
N THR B 486 38.35 -35.33 -19.44
CA THR B 486 37.28 -36.32 -19.44
C THR B 486 37.10 -36.84 -18.02
N LYS B 487 36.48 -38.02 -17.87
CA LYS B 487 36.36 -38.77 -16.62
C LYS B 487 37.70 -39.36 -16.13
N VAL B 488 38.82 -38.94 -16.72
CA VAL B 488 40.16 -39.47 -16.45
C VAL B 488 40.53 -39.34 -14.97
N GLU B 489 40.90 -40.47 -14.38
CA GLU B 489 41.34 -40.55 -12.99
C GLU B 489 42.74 -41.11 -12.85
N VAL B 490 43.49 -41.24 -13.96
CA VAL B 490 44.53 -42.25 -14.21
C VAL B 490 45.57 -42.42 -13.12
N ASP B 491 45.83 -41.37 -12.34
CA ASP B 491 46.77 -41.47 -11.24
C ASP B 491 46.07 -41.79 -9.92
N MET B 492 46.51 -42.81 -9.15
CA MET B 492 47.77 -43.63 -9.12
C MET B 492 49.05 -42.77 -9.18
N GLU B 493 49.22 -41.99 -8.11
CA GLU B 493 49.82 -40.65 -8.12
C GLU B 493 51.12 -40.55 -8.92
N LYS B 494 51.19 -39.51 -9.77
CA LYS B 494 52.23 -39.43 -10.79
C LYS B 494 53.59 -39.14 -10.19
N ALA B 495 53.65 -38.23 -9.23
CA ALA B 495 54.89 -38.00 -8.49
C ALA B 495 55.03 -38.95 -7.30
N GLU B 496 54.14 -39.94 -7.18
CA GLU B 496 54.00 -40.89 -6.07
C GLU B 496 53.70 -40.20 -4.74
N SER B 497 53.31 -38.93 -4.77
CA SER B 497 53.09 -38.11 -3.59
C SER B 497 52.27 -36.91 -4.01
N LEU B 498 52.00 -36.03 -3.05
CA LEU B 498 51.26 -34.80 -3.31
C LEU B 498 51.49 -33.83 -2.16
N GLN B 499 51.80 -32.59 -2.49
CA GLN B 499 51.83 -31.52 -1.50
C GLN B 499 51.31 -30.25 -2.16
N VAL B 500 50.93 -29.29 -1.33
CA VAL B 500 50.35 -28.03 -1.78
C VAL B 500 51.42 -26.96 -1.61
N THR B 501 51.69 -26.22 -2.69
CA THR B 501 52.73 -25.21 -2.67
C THR B 501 52.16 -23.87 -2.22
N ARG B 502 53.06 -22.91 -1.96
CA ARG B 502 52.65 -21.56 -1.68
C ARG B 502 52.06 -20.90 -2.92
N GLY B 503 52.54 -21.30 -4.10
CA GLY B 503 51.95 -20.85 -5.35
C GLY B 503 50.56 -21.37 -5.60
N ASP B 504 50.14 -22.41 -4.88
CA ASP B 504 48.78 -22.90 -5.00
C ASP B 504 47.82 -22.13 -4.11
N PHE B 505 48.29 -21.58 -3.00
CA PHE B 505 47.45 -20.68 -2.21
C PHE B 505 47.19 -19.38 -2.94
N LEU B 506 48.25 -18.68 -3.35
CA LEU B 506 48.08 -17.39 -3.99
C LEU B 506 47.59 -17.48 -5.43
N ALA B 507 47.42 -18.70 -5.96
CA ALA B 507 46.60 -18.85 -7.16
C ALA B 507 45.12 -18.71 -6.83
N SER B 508 44.73 -19.06 -5.60
CA SER B 508 43.38 -18.84 -5.11
C SER B 508 43.28 -17.60 -4.25
N LEU B 509 44.19 -16.63 -4.42
CA LEU B 509 43.92 -15.25 -4.05
C LEU B 509 43.57 -14.40 -5.25
N GLU B 510 43.60 -14.98 -6.46
CA GLU B 510 42.96 -14.33 -7.60
C GLU B 510 41.48 -14.66 -7.62
N ASN B 511 41.11 -15.85 -7.17
CA ASN B 511 39.76 -16.15 -6.75
C ASN B 511 39.68 -15.83 -5.25
N ASP B 512 38.46 -15.77 -4.70
CA ASP B 512 38.21 -15.34 -3.30
C ASP B 512 38.84 -13.98 -3.02
N ILE B 513 38.22 -12.93 -3.56
CA ILE B 513 38.88 -11.66 -3.78
C ILE B 513 38.59 -10.78 -2.57
N LYS B 514 38.57 -11.41 -1.38
CA LYS B 514 38.24 -10.94 -0.03
C LYS B 514 36.77 -10.58 0.02
N PRO B 515 35.85 -11.54 -0.14
CA PRO B 515 34.46 -11.19 -0.46
C PRO B 515 33.73 -10.55 0.72
N ALA B 516 33.03 -9.45 0.40
CA ALA B 516 32.11 -8.68 1.22
C ALA B 516 32.78 -7.87 2.32
N PHE B 517 34.07 -8.09 2.54
CA PHE B 517 34.86 -7.31 3.51
C PHE B 517 36.28 -7.32 2.97
N GLY B 518 36.67 -6.26 2.28
CA GLY B 518 38.02 -6.14 1.81
C GLY B 518 38.15 -6.27 0.30
N THR B 519 39.27 -5.74 -0.21
CA THR B 519 39.58 -5.85 -1.62
C THR B 519 41.07 -6.12 -1.77
N ASN B 520 41.40 -6.99 -2.74
CA ASN B 520 42.74 -7.06 -3.33
C ASN B 520 42.57 -6.88 -4.84
N GLN B 521 42.50 -5.62 -5.26
CA GLN B 521 42.11 -5.16 -6.59
C GLN B 521 40.81 -5.80 -7.04
N GLU B 522 39.77 -5.79 -6.20
CA GLU B 522 38.54 -6.51 -6.44
C GLU B 522 37.69 -5.77 -7.47
N ASP B 523 38.22 -5.67 -8.69
CA ASP B 523 37.53 -5.18 -9.88
C ASP B 523 36.95 -3.78 -9.70
N TYR B 524 37.60 -2.97 -8.87
CA TYR B 524 37.40 -1.53 -8.89
C TYR B 524 38.39 -0.86 -9.81
N ALA B 525 39.12 -1.65 -10.63
CA ALA B 525 39.94 -1.11 -11.70
C ALA B 525 39.10 -0.70 -12.90
N SER B 526 37.79 -0.89 -12.86
CA SER B 526 36.92 -0.32 -13.88
C SER B 526 36.72 1.18 -13.65
N TYR B 527 37.14 1.69 -12.50
CA TYR B 527 37.17 3.13 -12.31
C TYR B 527 38.49 3.75 -12.71
N ILE B 528 39.55 2.96 -12.77
CA ILE B 528 40.81 3.45 -13.31
C ILE B 528 41.09 2.67 -14.58
N MET B 529 40.58 3.16 -15.71
CA MET B 529 40.67 2.40 -16.94
C MET B 529 41.93 2.68 -17.74
N ASN B 530 42.52 3.86 -17.56
CA ASN B 530 43.66 4.24 -18.37
C ASN B 530 44.83 4.72 -17.51
N GLY B 531 44.89 4.28 -16.26
CA GLY B 531 45.99 4.62 -15.39
C GLY B 531 45.88 6.01 -14.83
N ILE B 532 46.82 6.35 -13.95
CA ILE B 532 46.91 7.66 -13.34
C ILE B 532 48.27 8.22 -13.71
N ILE B 533 48.35 8.96 -14.81
CA ILE B 533 49.60 9.59 -15.14
C ILE B 533 49.71 10.93 -14.41
N LYS B 534 50.93 11.32 -14.12
CA LYS B 534 51.19 12.51 -13.32
C LYS B 534 51.74 13.57 -14.26
N TRP B 535 50.84 14.37 -14.82
CA TRP B 535 51.21 15.43 -15.76
C TRP B 535 51.60 16.72 -15.09
N GLY B 536 51.71 16.76 -13.76
CA GLY B 536 52.14 17.97 -13.11
C GLY B 536 51.90 17.90 -11.62
N ASP B 537 52.36 18.94 -10.95
CA ASP B 537 52.06 19.12 -9.52
C ASP B 537 50.58 19.16 -9.15
N PRO B 538 49.63 19.63 -9.98
CA PRO B 538 48.22 19.47 -9.58
C PRO B 538 47.67 18.05 -9.68
N VAL B 539 48.49 17.03 -9.92
CA VAL B 539 48.10 15.66 -9.61
C VAL B 539 48.80 15.18 -8.36
N THR B 540 50.08 15.54 -8.21
CA THR B 540 50.84 15.15 -7.03
C THR B 540 50.32 15.85 -5.78
N ARG B 541 49.84 17.09 -5.92
CA ARG B 541 49.17 17.74 -4.81
C ARG B 541 47.85 17.08 -4.43
N VAL B 542 47.23 16.33 -5.34
CA VAL B 542 45.98 15.65 -5.05
C VAL B 542 46.24 14.32 -4.36
N LEU B 543 47.08 13.48 -4.94
CA LEU B 543 47.30 12.17 -4.34
C LEU B 543 48.38 12.17 -3.26
N ASP B 544 48.85 13.32 -2.78
CA ASP B 544 49.53 13.29 -1.50
C ASP B 544 48.65 13.83 -0.38
N ASP B 545 47.84 14.85 -0.69
CA ASP B 545 46.85 15.33 0.26
C ASP B 545 45.79 14.30 0.56
N GLY B 546 45.58 13.34 -0.34
CA GLY B 546 44.88 12.14 0.03
C GLY B 546 45.66 11.33 1.07
N GLU B 547 46.91 11.01 0.76
CA GLU B 547 47.64 10.08 1.60
C GLU B 547 48.17 10.73 2.88
N LEU B 548 48.19 12.06 2.96
CA LEU B 548 48.32 12.69 4.27
C LEU B 548 47.06 12.50 5.08
N LEU B 549 45.91 12.66 4.43
CA LEU B 549 44.62 12.48 5.08
C LEU B 549 44.29 11.02 5.36
N VAL B 550 44.98 10.09 4.71
CA VAL B 550 44.89 8.68 5.12
C VAL B 550 45.61 8.48 6.44
N GLN B 551 46.76 9.14 6.61
CA GLN B 551 47.50 9.07 7.87
C GLN B 551 46.72 9.65 9.04
N GLN B 552 45.85 10.63 8.77
CA GLN B 552 44.96 11.14 9.80
C GLN B 552 43.96 10.07 10.23
N THR B 553 43.46 9.28 9.28
CA THR B 553 42.51 8.23 9.63
C THR B 553 43.18 7.10 10.38
N LYS B 554 44.39 6.72 9.96
CA LYS B 554 45.04 5.54 10.49
C LYS B 554 45.60 5.79 11.90
N ASN B 555 46.34 6.87 12.08
CA ASN B 555 47.06 7.07 13.34
C ASN B 555 46.21 7.69 14.43
N SER B 556 45.32 8.61 14.10
CA SER B 556 44.66 9.41 15.12
C SER B 556 43.53 8.68 15.81
N ASP B 557 43.25 9.09 17.04
CA ASP B 557 42.09 8.66 17.79
C ASP B 557 41.24 9.82 18.28
N ARG B 558 41.69 11.07 18.11
CA ARG B 558 40.84 12.22 18.39
C ARG B 558 39.64 12.27 17.47
N THR B 559 39.87 12.10 16.16
CA THR B 559 38.83 12.21 15.14
C THR B 559 38.74 10.85 14.44
N PRO B 560 37.90 9.94 14.93
CA PRO B 560 37.81 8.61 14.30
C PRO B 560 37.00 8.59 13.02
N LEU B 561 36.56 9.73 12.51
CA LEU B 561 35.85 9.81 11.24
C LEU B 561 36.38 11.00 10.47
N VAL B 562 37.02 10.75 9.35
CA VAL B 562 37.60 11.79 8.51
C VAL B 562 36.95 11.69 7.14
N SER B 563 36.54 12.83 6.60
CA SER B 563 35.88 12.87 5.31
C SER B 563 36.56 13.89 4.42
N VAL B 564 36.57 13.61 3.11
CA VAL B 564 37.14 14.53 2.13
C VAL B 564 36.17 14.61 0.97
N LEU B 565 36.30 15.66 0.17
CA LEU B 565 35.43 15.85 -0.99
C LEU B 565 36.28 16.30 -2.17
N LEU B 566 36.58 15.39 -3.08
CA LEU B 566 37.32 15.74 -4.29
C LEU B 566 36.39 16.49 -5.21
N GLU B 567 36.73 17.75 -5.52
CA GLU B 567 35.82 18.61 -6.25
C GLU B 567 36.54 19.17 -7.45
N GLY B 568 35.77 19.74 -8.37
CA GLY B 568 36.34 20.35 -9.54
C GLY B 568 35.39 20.41 -10.71
N PRO B 569 35.92 20.67 -11.89
CA PRO B 569 35.11 20.70 -13.10
C PRO B 569 34.70 19.29 -13.50
N PRO B 570 33.70 19.12 -14.36
CA PRO B 570 33.39 17.80 -14.88
C PRO B 570 34.48 17.32 -15.82
N HIS B 571 34.53 15.99 -15.98
CA HIS B 571 35.52 15.28 -16.80
C HIS B 571 36.95 15.55 -16.36
N SER B 572 37.17 15.76 -15.07
CA SER B 572 38.49 16.12 -14.57
C SER B 572 39.25 14.96 -13.95
N GLY B 573 38.76 13.73 -14.11
CA GLY B 573 39.44 12.61 -13.50
C GLY B 573 39.30 12.57 -12.00
N LYS B 574 38.11 12.89 -11.49
CA LYS B 574 37.90 12.94 -10.05
C LYS B 574 37.70 11.56 -9.45
N THR B 575 36.85 10.74 -10.09
CA THR B 575 36.61 9.37 -9.67
C THR B 575 37.91 8.56 -9.68
N ALA B 576 38.73 8.75 -10.70
CA ALA B 576 39.96 7.98 -10.81
C ALA B 576 40.99 8.38 -9.76
N LEU B 577 41.00 9.64 -9.34
CA LEU B 577 41.87 10.01 -8.24
C LEU B 577 41.34 9.53 -6.91
N ALA B 578 40.03 9.31 -6.79
CA ALA B 578 39.48 8.81 -5.53
C ALA B 578 39.81 7.35 -5.33
N ALA B 579 39.75 6.55 -6.39
CA ALA B 579 40.13 5.17 -6.26
C ALA B 579 41.63 5.01 -6.08
N LYS B 580 42.42 5.93 -6.64
CA LYS B 580 43.86 5.84 -6.49
C LYS B 580 44.30 6.23 -5.08
N ILE B 581 43.62 7.20 -4.46
CA ILE B 581 43.87 7.51 -3.06
C ILE B 581 43.49 6.33 -2.18
N ALA B 582 42.41 5.63 -2.51
CA ALA B 582 42.02 4.46 -1.75
C ALA B 582 42.97 3.29 -1.99
N GLU B 583 43.42 3.08 -3.23
CA GLU B 583 44.30 1.97 -3.55
C GLU B 583 45.70 2.17 -2.98
N GLU B 584 46.15 3.42 -2.87
CA GLU B 584 47.45 3.71 -2.26
C GLU B 584 47.40 3.80 -0.75
N SER B 585 46.33 3.33 -0.12
CA SER B 585 46.13 3.52 1.30
C SER B 585 46.30 2.24 2.11
N ASN B 586 46.15 1.08 1.45
CA ASN B 586 46.27 -0.25 2.07
C ASN B 586 45.30 -0.44 3.24
N PHE B 587 44.10 0.11 3.13
CA PHE B 587 43.08 -0.24 4.08
C PHE B 587 42.60 -1.65 3.81
N PRO B 588 42.05 -2.33 4.82
CA PRO B 588 41.36 -3.60 4.56
C PRO B 588 40.14 -3.38 3.68
N PHE B 589 39.21 -2.55 4.14
CA PHE B 589 37.89 -2.46 3.55
C PHE B 589 37.81 -1.23 2.64
N ILE B 590 37.73 -1.46 1.34
CA ILE B 590 37.62 -0.38 0.35
C ILE B 590 36.41 -0.73 -0.52
N LYS B 591 35.24 -0.22 -0.15
CA LYS B 591 34.04 -0.40 -0.95
C LYS B 591 33.69 0.93 -1.61
N ILE B 592 33.35 0.90 -2.89
CA ILE B 592 33.03 2.10 -3.62
C ILE B 592 31.52 2.19 -3.78
N CYS B 593 30.92 3.12 -3.04
CA CYS B 593 29.49 3.43 -3.18
C CYS B 593 29.33 4.30 -4.41
N SER B 594 28.65 3.79 -5.42
CA SER B 594 28.66 4.40 -6.73
C SER B 594 27.26 4.38 -7.32
N PRO B 595 26.89 5.38 -8.10
CA PRO B 595 25.56 5.39 -8.71
C PRO B 595 25.41 4.45 -9.89
N ASP B 596 26.50 3.91 -10.43
CA ASP B 596 26.37 3.10 -11.63
C ASP B 596 25.81 1.71 -11.34
N LYS B 597 25.81 1.29 -10.08
CA LYS B 597 25.17 0.06 -9.67
C LYS B 597 23.77 0.30 -9.13
N MET B 598 23.28 1.53 -9.23
CA MET B 598 22.02 1.92 -8.62
C MET B 598 21.06 2.53 -9.64
N ILE B 599 21.15 2.08 -10.89
CA ILE B 599 20.36 2.67 -11.97
C ILE B 599 18.89 2.31 -11.80
N GLY B 600 18.03 3.32 -11.89
CA GLY B 600 16.61 3.10 -11.76
C GLY B 600 16.10 2.87 -10.37
N PHE B 601 16.95 2.99 -9.34
CA PHE B 601 16.47 2.88 -7.97
C PHE B 601 15.62 4.07 -7.58
N SER B 602 14.61 3.81 -6.76
CA SER B 602 13.79 4.87 -6.21
C SER B 602 14.52 5.56 -5.07
N GLU B 603 13.85 6.51 -4.43
CA GLU B 603 14.49 7.32 -3.41
C GLU B 603 14.72 6.54 -2.12
N THR B 604 13.92 5.50 -1.88
CA THR B 604 14.11 4.69 -0.69
C THR B 604 15.23 3.68 -0.89
N ALA B 605 15.35 3.12 -2.09
CA ALA B 605 16.35 2.10 -2.36
C ALA B 605 17.74 2.68 -2.51
N LYS B 606 17.88 3.99 -2.71
CA LYS B 606 19.21 4.58 -2.71
C LYS B 606 19.74 4.80 -1.30
N CYS B 607 18.86 5.00 -0.32
CA CYS B 607 19.33 5.15 1.05
C CYS B 607 19.78 3.82 1.63
N GLN B 608 18.98 2.77 1.43
CA GLN B 608 19.27 1.50 2.08
C GLN B 608 20.45 0.79 1.44
N ALA B 609 20.71 1.02 0.16
CA ALA B 609 21.93 0.47 -0.42
C ALA B 609 23.14 1.29 -0.02
N MET B 610 22.95 2.57 0.25
CA MET B 610 24.03 3.36 0.81
C MET B 610 24.24 3.04 2.28
N LYS B 611 23.17 2.67 2.97
CA LYS B 611 23.29 2.26 4.37
C LYS B 611 23.98 0.91 4.50
N LYS B 612 23.76 0.01 3.54
CA LYS B 612 24.40 -1.30 3.57
C LYS B 612 25.90 -1.20 3.39
N ILE B 613 26.37 -0.20 2.65
CA ILE B 613 27.79 -0.06 2.41
C ILE B 613 28.51 0.46 3.64
N PHE B 614 27.92 1.42 4.34
CA PHE B 614 28.58 1.91 5.54
C PHE B 614 28.46 0.96 6.72
N ASP B 615 27.40 0.15 6.77
CA ASP B 615 27.33 -0.85 7.82
C ASP B 615 28.34 -1.97 7.64
N ASP B 616 28.80 -2.20 6.41
CA ASP B 616 29.93 -3.09 6.25
C ASP B 616 31.23 -2.40 6.62
N ALA B 617 31.30 -1.07 6.51
CA ALA B 617 32.47 -0.35 6.99
C ALA B 617 32.53 -0.33 8.50
N TYR B 618 31.39 -0.29 9.15
CA TYR B 618 31.33 -0.27 10.61
C TYR B 618 31.66 -1.63 11.21
N LYS B 619 31.68 -2.70 10.42
CA LYS B 619 32.06 -4.00 10.93
C LYS B 619 33.52 -4.33 10.67
N SER B 620 34.34 -3.32 10.40
CA SER B 620 35.76 -3.51 10.20
C SER B 620 36.55 -2.58 11.11
N GLN B 621 37.84 -2.90 11.30
CA GLN B 621 38.70 -2.04 12.10
C GLN B 621 39.06 -0.78 11.32
N LEU B 622 39.38 -0.91 10.05
CA LEU B 622 39.63 0.21 9.19
C LEU B 622 38.78 0.07 7.95
N SER B 623 38.53 1.20 7.27
CA SER B 623 37.60 1.23 6.15
C SER B 623 37.77 2.51 5.38
N CYS B 624 37.35 2.49 4.12
CA CYS B 624 37.40 3.68 3.27
C CYS B 624 36.34 3.55 2.20
N VAL B 625 35.25 4.29 2.33
CA VAL B 625 34.12 4.23 1.41
C VAL B 625 34.20 5.43 0.48
N VAL B 626 34.30 5.17 -0.82
CA VAL B 626 34.34 6.25 -1.81
C VAL B 626 32.91 6.50 -2.27
N VAL B 627 32.27 7.51 -1.69
CA VAL B 627 30.96 7.93 -2.16
C VAL B 627 31.20 8.72 -3.43
N ASP B 628 31.01 8.06 -4.58
CA ASP B 628 31.40 8.64 -5.85
C ASP B 628 30.25 9.35 -6.53
N ASP B 629 30.54 10.54 -7.08
CA ASP B 629 29.64 11.32 -7.92
C ASP B 629 28.35 11.67 -7.18
N ILE B 630 28.51 12.56 -6.19
CA ILE B 630 27.45 12.95 -5.25
C ILE B 630 26.18 13.35 -5.96
N GLU B 631 26.30 14.15 -7.02
CA GLU B 631 25.12 14.68 -7.69
C GLU B 631 24.42 13.67 -8.60
N ARG B 632 24.84 12.41 -8.59
CA ARG B 632 24.04 11.35 -9.18
C ARG B 632 23.37 10.47 -8.15
N LEU B 633 23.94 10.36 -6.96
CA LEU B 633 23.21 9.75 -5.86
C LEU B 633 22.05 10.63 -5.45
N LEU B 634 22.25 11.94 -5.43
CA LEU B 634 21.22 12.88 -5.09
C LEU B 634 20.21 13.11 -6.20
N ASP B 635 20.36 12.38 -7.33
CA ASP B 635 19.69 12.47 -8.62
C ASP B 635 19.31 13.90 -8.99
N TYR B 636 20.30 14.77 -8.92
CA TYR B 636 20.14 16.22 -9.05
C TYR B 636 19.98 16.62 -10.51
N VAL B 637 19.18 17.65 -10.73
CA VAL B 637 19.03 18.32 -12.01
C VAL B 637 18.58 19.75 -11.71
N PRO B 638 19.23 20.77 -12.26
CA PRO B 638 19.01 22.15 -11.79
C PRO B 638 17.87 22.93 -12.43
N ILE B 639 16.94 22.29 -13.16
CA ILE B 639 15.78 23.03 -13.65
C ILE B 639 14.75 23.06 -12.53
N GLY B 640 14.69 24.18 -11.80
CA GLY B 640 13.85 24.33 -10.63
C GLY B 640 14.26 23.30 -9.61
N PRO B 641 15.47 23.44 -9.08
CA PRO B 641 16.38 22.30 -8.95
C PRO B 641 15.88 21.17 -8.08
N ARG B 642 15.51 20.08 -8.73
CA ARG B 642 14.89 18.94 -8.09
C ARG B 642 15.94 17.89 -7.79
N PHE B 643 15.80 17.27 -6.63
CA PHE B 643 16.73 16.24 -6.20
C PHE B 643 16.01 15.33 -5.23
N SER B 644 16.71 14.31 -4.77
CA SER B 644 16.16 13.45 -3.73
C SER B 644 16.51 14.04 -2.38
N ASN B 645 15.49 14.46 -1.65
CA ASN B 645 15.71 14.97 -0.30
C ASN B 645 16.13 13.85 0.62
N LEU B 646 15.59 12.65 0.43
CA LEU B 646 15.80 11.57 1.36
C LEU B 646 17.21 11.01 1.27
N VAL B 647 17.82 11.07 0.08
CA VAL B 647 19.21 10.62 -0.04
C VAL B 647 20.14 11.61 0.63
N LEU B 648 19.90 12.90 0.43
CA LEU B 648 20.69 13.96 1.05
C LEU B 648 20.61 13.90 2.57
N GLN B 649 19.46 13.52 3.09
CA GLN B 649 19.34 13.38 4.54
C GLN B 649 19.77 12.01 5.04
N ALA B 650 20.03 11.07 4.13
CA ALA B 650 20.78 9.88 4.48
C ALA B 650 22.23 9.98 4.02
N LEU B 651 22.69 11.18 3.77
CA LEU B 651 24.09 11.40 3.46
C LEU B 651 24.72 12.44 4.35
N LEU B 652 23.98 13.49 4.71
CA LEU B 652 24.48 14.43 5.70
C LEU B 652 24.54 13.85 7.10
N VAL B 653 23.90 12.71 7.34
CA VAL B 653 24.03 12.08 8.64
C VAL B 653 25.25 11.17 8.66
N LEU B 654 25.45 10.43 7.59
CA LEU B 654 26.53 9.45 7.56
C LEU B 654 27.90 10.08 7.41
N LEU B 655 27.98 11.33 6.94
CA LEU B 655 29.27 12.01 6.94
C LEU B 655 29.71 12.46 8.32
N LYS B 656 28.82 12.38 9.31
CA LYS B 656 29.18 12.70 10.68
C LYS B 656 28.85 11.57 11.65
N LYS B 657 28.33 10.45 11.18
CA LYS B 657 28.01 9.34 12.06
C LYS B 657 29.30 8.64 12.46
N ALA B 658 29.54 8.54 13.73
CA ALA B 658 30.79 7.95 14.16
C ALA B 658 30.70 6.43 14.15
N PRO B 659 31.77 5.75 13.76
CA PRO B 659 31.81 4.30 13.87
C PRO B 659 31.95 3.90 15.32
N PRO B 660 31.69 2.64 15.67
CA PRO B 660 31.82 2.22 17.07
C PRO B 660 33.27 2.28 17.55
N GLN B 661 33.41 2.08 18.86
CA GLN B 661 34.58 2.55 19.61
C GLN B 661 35.87 1.86 19.16
N GLY B 662 36.78 2.64 18.60
CA GLY B 662 38.06 2.15 18.14
C GLY B 662 38.14 1.89 16.65
N ARG B 663 37.03 1.99 15.94
CA ARG B 663 36.99 1.71 14.52
C ARG B 663 37.04 3.01 13.73
N LYS B 664 37.60 2.96 12.54
CA LYS B 664 37.81 4.15 11.74
C LYS B 664 37.02 4.06 10.44
N LEU B 665 37.04 5.16 9.70
CA LEU B 665 36.38 5.26 8.41
C LEU B 665 36.99 6.45 7.69
N LEU B 666 37.08 6.35 6.36
CA LEU B 666 37.54 7.46 5.53
C LEU B 666 36.57 7.59 4.35
N ILE B 667 35.66 8.53 4.42
CA ILE B 667 34.73 8.75 3.32
C ILE B 667 35.38 9.72 2.35
N ILE B 668 35.44 9.33 1.08
CA ILE B 668 35.99 10.17 0.02
C ILE B 668 34.87 10.46 -0.95
N GLY B 669 34.62 11.74 -1.20
CA GLY B 669 33.54 12.16 -2.07
C GLY B 669 34.08 12.78 -3.35
N THR B 670 33.42 12.50 -4.47
CA THR B 670 33.70 13.13 -5.74
C THR B 670 32.48 13.90 -6.17
N THR B 671 32.66 15.15 -6.58
CA THR B 671 31.54 15.89 -7.15
C THR B 671 32.07 16.89 -8.17
N SER B 672 31.18 17.27 -9.07
CA SER B 672 31.48 18.28 -10.08
C SER B 672 30.91 19.64 -9.73
N ARG B 673 30.03 19.70 -8.73
CA ARG B 673 29.30 20.91 -8.39
C ARG B 673 29.64 21.27 -6.96
N LYS B 674 30.70 22.06 -6.79
CA LYS B 674 31.04 22.60 -5.47
C LYS B 674 29.92 23.50 -4.96
N ASP B 675 29.38 24.34 -5.84
CA ASP B 675 28.43 25.36 -5.43
C ASP B 675 27.09 24.79 -5.02
N VAL B 676 26.65 23.71 -5.68
CA VAL B 676 25.36 23.11 -5.35
C VAL B 676 25.44 22.39 -4.01
N LEU B 677 26.57 21.76 -3.73
CA LEU B 677 26.75 21.13 -2.43
C LEU B 677 26.99 22.14 -1.32
N GLN B 678 27.32 23.38 -1.67
CA GLN B 678 27.32 24.45 -0.69
C GLN B 678 25.90 24.90 -0.40
N GLU B 679 25.05 24.95 -1.43
CA GLU B 679 23.66 25.36 -1.26
C GLU B 679 22.84 24.36 -0.46
N MET B 680 23.30 23.13 -0.35
CA MET B 680 22.59 22.10 0.40
C MET B 680 23.12 21.95 1.82
N GLU B 681 24.10 22.76 2.20
CA GLU B 681 24.86 22.65 3.45
C GLU B 681 25.49 21.25 3.55
N MET B 682 26.38 20.97 2.61
CA MET B 682 27.16 19.74 2.64
C MET B 682 28.65 19.99 2.70
N LEU B 683 29.15 21.09 2.09
CA LEU B 683 30.53 21.52 2.33
C LEU B 683 30.76 21.92 3.77
N ASN B 684 29.71 22.23 4.51
CA ASN B 684 29.77 22.30 5.96
C ASN B 684 30.17 20.94 6.55
N ALA B 685 29.64 19.86 5.99
CA ALA B 685 29.78 18.55 6.65
C ALA B 685 31.13 17.90 6.38
N PHE B 686 31.70 18.08 5.20
CA PHE B 686 33.01 17.51 4.92
C PHE B 686 34.10 18.25 5.68
N SER B 687 35.18 17.54 5.98
CA SER B 687 36.30 18.18 6.66
C SER B 687 37.06 19.10 5.72
N THR B 688 37.54 18.58 4.61
CA THR B 688 38.26 19.42 3.66
C THR B 688 38.00 18.94 2.25
N THR B 689 38.30 19.80 1.29
CA THR B 689 38.08 19.53 -0.12
C THR B 689 39.38 19.72 -0.89
N ILE B 690 39.51 18.98 -1.98
CA ILE B 690 40.66 19.11 -2.87
C ILE B 690 40.13 19.46 -4.25
N HIS B 691 40.43 20.67 -4.70
CA HIS B 691 40.04 21.08 -6.05
C HIS B 691 40.92 20.38 -7.06
N VAL B 692 40.37 19.37 -7.73
CA VAL B 692 41.07 18.66 -8.80
C VAL B 692 40.85 19.45 -10.08
N PRO B 693 41.88 20.07 -10.65
CA PRO B 693 41.68 21.01 -11.75
C PRO B 693 41.73 20.33 -13.12
N ASN B 694 41.46 21.13 -14.14
CA ASN B 694 41.75 20.77 -15.51
C ASN B 694 43.19 21.12 -15.84
N ILE B 695 43.66 20.67 -17.01
CA ILE B 695 44.95 21.16 -17.46
C ILE B 695 44.78 22.58 -17.96
N ALA B 696 45.63 23.49 -17.48
CA ALA B 696 45.41 24.90 -17.72
C ALA B 696 46.44 25.53 -18.63
N THR B 697 47.62 24.94 -18.76
CA THR B 697 48.69 25.51 -19.55
C THR B 697 48.99 24.58 -20.73
N GLY B 698 49.68 25.13 -21.72
CA GLY B 698 50.13 24.31 -22.83
C GLY B 698 51.22 23.34 -22.46
N GLU B 699 52.01 23.68 -21.43
CA GLU B 699 53.08 22.79 -20.99
C GLU B 699 52.50 21.54 -20.32
N GLN B 700 51.44 21.70 -19.53
CA GLN B 700 50.82 20.55 -18.89
C GLN B 700 50.06 19.70 -19.89
N LEU B 701 49.58 20.31 -20.98
CA LEU B 701 48.94 19.52 -22.03
C LEU B 701 49.95 18.68 -22.78
N LEU B 702 51.11 19.25 -23.11
CA LEU B 702 52.16 18.50 -23.77
C LEU B 702 52.75 17.42 -22.85
N GLU B 703 52.84 17.73 -21.55
CA GLU B 703 53.32 16.74 -20.60
C GLU B 703 52.31 15.64 -20.39
N ALA B 704 51.01 15.95 -20.44
CA ALA B 704 49.99 14.91 -20.37
C ALA B 704 49.97 14.06 -21.62
N LEU B 705 50.38 14.62 -22.76
CA LEU B 705 50.33 13.89 -24.01
C LEU B 705 51.57 13.01 -24.20
N GLU B 706 52.70 13.36 -23.59
CA GLU B 706 53.89 12.51 -23.64
C GLU B 706 53.66 11.21 -22.88
N LEU B 707 53.03 11.29 -21.70
CA LEU B 707 52.92 10.14 -20.82
C LEU B 707 51.95 9.10 -21.36
N LEU B 708 50.96 9.54 -22.13
CA LEU B 708 50.10 8.59 -22.83
C LEU B 708 50.84 7.93 -23.98
N GLY B 709 51.62 8.71 -24.72
CA GLY B 709 52.39 8.18 -25.84
C GLY B 709 51.53 7.86 -27.04
N ASN B 710 50.87 8.87 -27.60
CA ASN B 710 50.01 8.68 -28.75
C ASN B 710 50.61 9.22 -30.04
N PHE B 711 50.97 10.50 -30.08
CA PHE B 711 51.37 11.12 -31.33
C PHE B 711 52.85 10.85 -31.62
N LYS B 712 53.39 11.57 -32.60
CA LYS B 712 54.76 11.42 -33.03
C LYS B 712 55.52 12.70 -32.64
N ASP B 713 56.85 12.58 -32.52
CA ASP B 713 57.67 13.66 -32.00
C ASP B 713 57.65 14.87 -32.93
N LYS B 714 57.58 14.64 -34.24
CA LYS B 714 57.36 15.73 -35.17
C LYS B 714 55.91 16.20 -35.14
N GLU B 715 54.99 15.28 -34.87
CA GLU B 715 53.58 15.66 -34.77
C GLU B 715 53.31 16.43 -33.49
N ARG B 716 53.97 16.06 -32.39
CA ARG B 716 53.85 16.84 -31.17
C ARG B 716 54.50 18.21 -31.31
N THR B 717 55.50 18.33 -32.18
CA THR B 717 56.11 19.61 -32.46
C THR B 717 55.12 20.56 -33.11
N THR B 718 54.26 20.03 -33.98
CA THR B 718 53.15 20.82 -34.51
C THR B 718 52.15 21.16 -33.41
N ILE B 719 51.94 20.24 -32.47
CA ILE B 719 51.08 20.51 -31.33
C ILE B 719 51.75 21.51 -30.39
N ALA B 720 53.08 21.41 -30.23
CA ALA B 720 53.80 22.30 -29.31
C ALA B 720 53.81 23.74 -29.80
N GLN B 721 53.73 23.95 -31.11
CA GLN B 721 53.63 25.32 -31.61
C GLN B 721 52.26 25.90 -31.35
N GLN B 722 51.21 25.09 -31.46
CA GLN B 722 49.86 25.63 -31.51
C GLN B 722 49.22 25.79 -30.14
N VAL B 723 49.43 24.83 -29.23
CA VAL B 723 48.77 24.90 -27.92
C VAL B 723 49.43 25.93 -27.01
N LYS B 724 50.61 26.43 -27.36
CA LYS B 724 51.19 27.54 -26.63
C LYS B 724 50.61 28.86 -27.16
N GLY B 725 51.01 29.96 -26.53
CA GLY B 725 50.44 31.24 -26.88
C GLY B 725 49.08 31.45 -26.22
N LYS B 726 48.09 30.71 -26.68
CA LYS B 726 46.78 30.68 -26.04
C LYS B 726 46.76 29.62 -24.94
N LYS B 727 45.92 29.86 -23.94
CA LYS B 727 45.83 28.97 -22.79
C LYS B 727 44.56 28.13 -22.87
N VAL B 728 44.73 26.82 -22.70
CA VAL B 728 43.66 25.86 -22.90
C VAL B 728 43.11 25.42 -21.56
N TRP B 729 41.95 24.79 -21.59
CA TRP B 729 41.23 24.43 -20.38
C TRP B 729 40.36 23.23 -20.71
N ILE B 730 40.84 22.04 -20.37
CA ILE B 730 40.11 20.81 -20.68
C ILE B 730 40.51 19.76 -19.65
N GLY B 731 39.59 18.84 -19.37
CA GLY B 731 39.86 17.82 -18.40
C GLY B 731 40.73 16.72 -18.94
N ILE B 732 41.04 15.77 -18.06
CA ILE B 732 41.89 14.65 -18.47
C ILE B 732 41.07 13.55 -19.14
N LYS B 733 39.83 13.33 -18.69
CA LYS B 733 38.99 12.34 -19.35
C LYS B 733 38.54 12.81 -20.71
N LYS B 734 38.19 14.10 -20.81
CA LYS B 734 37.80 14.68 -22.10
C LYS B 734 38.97 14.73 -23.06
N LEU B 735 40.20 14.84 -22.55
CA LEU B 735 41.38 14.74 -23.39
C LEU B 735 41.54 13.34 -23.97
N LEU B 736 41.17 12.31 -23.21
CA LEU B 736 41.17 10.96 -23.73
C LEU B 736 40.07 10.72 -24.75
N MET B 737 39.03 11.54 -24.75
CA MET B 737 38.04 11.43 -25.81
C MET B 737 38.59 11.95 -27.11
N LEU B 738 39.27 13.11 -27.07
CA LEU B 738 39.69 13.78 -28.30
C LEU B 738 40.82 13.05 -28.99
N ILE B 739 41.75 12.47 -28.22
CA ILE B 739 42.88 11.76 -28.82
C ILE B 739 42.40 10.54 -29.59
N GLU B 740 41.44 9.80 -29.04
CA GLU B 740 40.92 8.65 -29.75
C GLU B 740 40.00 9.05 -30.90
N MET B 741 39.34 10.21 -30.81
CA MET B 741 38.60 10.68 -31.96
C MET B 741 39.50 11.28 -33.03
N SER B 742 40.77 11.57 -32.71
CA SER B 742 41.65 12.17 -33.69
C SER B 742 42.54 11.14 -34.37
N LEU B 743 42.82 10.03 -33.70
CA LEU B 743 43.61 8.96 -34.33
C LEU B 743 42.84 8.29 -35.48
N GLN B 744 41.52 8.33 -35.43
CA GLN B 744 40.69 7.65 -36.43
C GLN B 744 40.50 8.46 -37.70
N MET B 745 41.18 9.59 -37.85
CA MET B 745 41.19 10.33 -39.09
C MET B 745 42.26 9.77 -40.02
N ASP B 746 42.47 10.44 -41.14
CA ASP B 746 43.58 10.09 -42.01
C ASP B 746 44.89 10.48 -41.32
N PRO B 747 45.97 9.71 -41.51
CA PRO B 747 47.24 10.02 -40.85
C PRO B 747 47.88 11.32 -41.30
N GLU B 748 47.47 11.88 -42.44
CA GLU B 748 47.87 13.23 -42.81
C GLU B 748 46.96 14.29 -42.21
N TYR B 749 45.96 13.90 -41.41
CA TYR B 749 45.01 14.85 -40.86
C TYR B 749 44.70 14.60 -39.39
N ARG B 750 45.46 13.74 -38.72
CA ARG B 750 45.24 13.47 -37.29
C ARG B 750 45.56 14.69 -36.45
N VAL B 751 46.64 15.39 -36.77
CA VAL B 751 47.09 16.50 -35.96
C VAL B 751 46.25 17.74 -36.23
N ARG B 752 45.89 17.98 -37.48
CA ARG B 752 45.05 19.12 -37.83
C ARG B 752 43.57 18.87 -37.58
N LYS B 753 43.21 17.72 -37.02
CA LYS B 753 41.89 17.49 -36.43
C LYS B 753 41.92 17.68 -34.93
N PHE B 754 42.97 17.17 -34.27
CA PHE B 754 43.10 17.29 -32.82
C PHE B 754 43.26 18.73 -32.38
N LEU B 755 43.89 19.56 -33.21
CA LEU B 755 43.97 20.98 -32.90
C LEU B 755 42.72 21.74 -33.30
N ALA B 756 41.75 21.08 -33.91
CA ALA B 756 40.49 21.74 -34.24
C ALA B 756 39.45 21.48 -33.16
N LEU B 757 39.36 20.25 -32.66
CA LEU B 757 38.43 19.93 -31.59
C LEU B 757 38.83 20.57 -30.27
N LEU B 758 40.13 20.84 -30.09
CA LEU B 758 40.64 21.44 -28.87
C LEU B 758 40.44 22.96 -28.84
N ARG B 759 39.93 23.54 -29.93
CA ARG B 759 39.57 24.95 -29.92
C ARG B 759 38.36 25.24 -29.04
N GLU B 760 37.60 24.21 -28.66
CA GLU B 760 36.51 24.35 -27.71
C GLU B 760 36.52 23.20 -26.70
N GLU C 241 4.38 -14.55 55.13
CA GLU C 241 4.62 -13.29 54.45
C GLU C 241 4.28 -13.46 52.97
N LYS C 242 5.33 -13.67 52.17
CA LYS C 242 5.38 -13.85 50.72
C LYS C 242 6.84 -14.08 50.36
N MET C 243 7.07 -14.76 49.25
CA MET C 243 8.42 -14.81 48.74
C MET C 243 8.73 -13.46 48.09
N GLY C 244 10.02 -13.17 47.94
CA GLY C 244 10.52 -11.85 47.61
C GLY C 244 9.99 -11.15 46.39
N ILE C 245 9.27 -10.06 46.63
CA ILE C 245 8.80 -9.15 45.59
C ILE C 245 9.28 -7.77 46.02
N GLY C 246 10.21 -7.19 45.26
CA GLY C 246 10.80 -5.93 45.64
C GLY C 246 10.09 -4.76 45.00
N GLY C 247 9.83 -3.74 45.82
CA GLY C 247 9.38 -2.45 45.33
C GLY C 247 8.01 -2.45 44.69
N LEU C 248 7.14 -3.37 45.08
CA LEU C 248 5.78 -3.44 44.56
C LEU C 248 4.78 -3.41 45.70
N ASP C 249 4.98 -2.52 46.67
CA ASP C 249 4.07 -2.45 47.79
C ASP C 249 2.85 -1.60 47.50
N LYS C 250 2.94 -0.64 46.60
CA LYS C 250 1.77 0.12 46.19
C LYS C 250 0.97 -0.59 45.11
N GLU C 251 1.30 -1.83 44.78
CA GLU C 251 0.54 -2.64 43.84
C GLU C 251 0.05 -3.93 44.46
N PHE C 252 0.88 -4.61 45.24
CA PHE C 252 0.45 -5.86 45.84
C PHE C 252 -0.44 -5.64 47.06
N SER C 253 -0.27 -4.52 47.75
CA SER C 253 -1.28 -4.08 48.70
C SER C 253 -2.39 -3.29 48.02
N ASP C 254 -2.36 -3.21 46.69
CA ASP C 254 -3.49 -2.69 45.93
C ASP C 254 -4.29 -3.78 45.24
N ILE C 255 -3.69 -4.94 44.95
CA ILE C 255 -4.50 -6.11 44.66
C ILE C 255 -4.75 -6.94 45.91
N PHE C 256 -4.33 -6.46 47.08
CA PHE C 256 -5.01 -6.86 48.30
C PHE C 256 -6.44 -6.36 48.29
N ARG C 257 -6.61 -5.06 48.11
CA ARG C 257 -7.89 -4.41 48.32
C ARG C 257 -8.84 -4.54 47.15
N ARG C 258 -8.59 -5.47 46.22
CA ARG C 258 -9.55 -5.70 45.16
C ARG C 258 -9.88 -7.18 45.03
N ALA C 259 -8.92 -8.05 45.32
CA ALA C 259 -9.14 -9.50 45.23
C ALA C 259 -8.95 -10.20 46.56
N PHE C 260 -7.83 -9.99 47.23
CA PHE C 260 -7.52 -10.59 48.52
C PHE C 260 -8.44 -10.11 49.63
N ALA C 261 -9.07 -8.94 49.48
CA ALA C 261 -9.76 -8.28 50.59
C ALA C 261 -10.99 -9.05 51.03
N SER C 262 -11.76 -9.55 50.08
CA SER C 262 -12.89 -10.41 50.38
C SER C 262 -12.38 -11.83 50.62
N ARG C 263 -13.30 -12.78 50.68
CA ARG C 263 -13.06 -14.22 50.56
C ARG C 263 -12.27 -14.82 51.72
N VAL C 264 -11.83 -14.03 52.69
CA VAL C 264 -11.23 -14.60 53.89
C VAL C 264 -11.89 -14.05 55.16
N PHE C 265 -11.89 -12.73 55.34
CA PHE C 265 -12.49 -12.10 56.51
C PHE C 265 -14.00 -11.80 56.44
N PRO C 266 -14.60 -11.34 55.34
CA PRO C 266 -16.05 -11.09 55.37
C PRO C 266 -16.99 -12.20 54.89
N PRO C 267 -16.68 -13.53 54.88
CA PRO C 267 -17.80 -14.44 54.51
C PRO C 267 -18.94 -14.51 55.52
N GLU C 268 -18.75 -13.96 56.72
CA GLU C 268 -19.89 -13.79 57.62
C GLU C 268 -20.58 -12.45 57.40
N ILE C 269 -19.97 -11.57 56.61
CA ILE C 269 -20.52 -10.23 56.43
C ILE C 269 -21.09 -10.07 55.03
N VAL C 270 -20.39 -10.61 54.02
CA VAL C 270 -20.91 -10.62 52.66
C VAL C 270 -22.14 -11.52 52.56
N GLU C 271 -22.21 -12.56 53.40
CA GLU C 271 -23.42 -13.38 53.47
C GLU C 271 -24.61 -12.60 54.01
N GLN C 272 -24.36 -11.52 54.76
CA GLN C 272 -25.47 -10.66 55.18
C GLN C 272 -25.92 -9.75 54.05
N MET C 273 -25.04 -8.84 53.63
CA MET C 273 -25.43 -7.74 52.76
C MET C 273 -24.34 -7.47 51.72
N GLY C 274 -23.80 -8.51 51.12
CA GLY C 274 -22.69 -8.38 50.20
C GLY C 274 -23.09 -8.32 48.75
N CYS C 275 -22.11 -8.56 47.88
CA CYS C 275 -22.31 -8.61 46.45
C CYS C 275 -21.28 -9.56 45.85
N LYS C 276 -21.17 -9.57 44.53
CA LYS C 276 -20.24 -10.45 43.84
C LYS C 276 -18.80 -10.05 44.13
N HIS C 277 -17.90 -11.02 44.03
CA HIS C 277 -16.49 -10.78 44.29
C HIS C 277 -15.82 -10.24 43.03
N VAL C 278 -14.50 -10.16 43.08
CA VAL C 278 -13.70 -9.81 41.94
C VAL C 278 -13.75 -10.94 40.90
N LYS C 279 -13.42 -10.60 39.66
CA LYS C 279 -13.47 -11.58 38.59
C LYS C 279 -12.10 -11.89 38.00
N GLY C 280 -11.26 -10.89 37.78
CA GLY C 280 -9.96 -11.18 37.21
C GLY C 280 -9.07 -9.95 37.21
N ILE C 281 -7.77 -10.20 37.21
CA ILE C 281 -6.76 -9.18 37.37
C ILE C 281 -5.90 -9.13 36.12
N LEU C 282 -5.61 -7.93 35.63
CA LEU C 282 -4.73 -7.73 34.50
C LEU C 282 -3.47 -7.01 34.95
N LEU C 283 -2.36 -7.28 34.28
CA LEU C 283 -1.05 -6.81 34.71
C LEU C 283 -0.34 -6.15 33.52
N TYR C 284 -0.29 -4.81 33.54
CA TYR C 284 0.48 -4.05 32.57
C TYR C 284 1.97 -4.28 32.75
N GLY C 285 2.76 -3.67 31.87
CA GLY C 285 4.15 -3.45 32.17
C GLY C 285 5.11 -3.68 31.04
N PRO C 286 6.20 -2.92 31.02
CA PRO C 286 7.31 -3.25 30.16
C PRO C 286 7.99 -4.52 30.65
N PRO C 287 8.66 -5.27 29.77
CA PRO C 287 9.16 -6.60 30.14
C PRO C 287 10.32 -6.48 31.12
N GLY C 288 10.14 -7.06 32.30
CA GLY C 288 11.19 -7.10 33.28
C GLY C 288 10.80 -6.56 34.63
N CYS C 289 9.53 -6.18 34.80
CA CYS C 289 9.10 -5.54 36.02
C CYS C 289 8.53 -6.51 37.05
N GLY C 290 8.21 -7.73 36.66
CA GLY C 290 7.72 -8.67 37.65
C GLY C 290 6.25 -8.97 37.55
N LYS C 291 5.74 -9.09 36.31
CA LYS C 291 4.36 -9.53 36.11
C LYS C 291 4.22 -11.00 36.50
N THR C 292 5.01 -11.86 35.90
CA THR C 292 4.87 -13.31 36.06
C THR C 292 5.22 -13.76 37.47
N LEU C 293 6.12 -13.04 38.14
CA LEU C 293 6.49 -13.37 39.52
C LEU C 293 5.29 -13.23 40.46
N LEU C 294 4.34 -12.36 40.14
CA LEU C 294 3.10 -12.32 40.92
C LEU C 294 2.31 -13.61 40.74
N ALA C 295 2.08 -14.05 39.51
CA ALA C 295 1.24 -15.21 39.30
C ALA C 295 1.89 -16.51 39.73
N ARG C 296 3.22 -16.55 39.86
CA ARG C 296 3.83 -17.66 40.57
C ARG C 296 3.62 -17.54 42.07
N GLN C 297 3.46 -16.32 42.57
CA GLN C 297 3.37 -16.12 44.00
C GLN C 297 1.93 -16.00 44.48
N ILE C 298 1.09 -15.27 43.73
CA ILE C 298 -0.34 -15.20 44.05
C ILE C 298 -1.04 -16.50 43.72
N GLY C 299 -0.42 -17.36 42.92
CA GLY C 299 -0.87 -18.73 42.80
C GLY C 299 -0.43 -19.62 43.95
N LYS C 300 0.42 -19.12 44.83
CA LYS C 300 0.91 -19.87 45.98
C LYS C 300 0.60 -19.23 47.31
N MET C 301 0.58 -17.89 47.39
CA MET C 301 0.18 -17.23 48.63
C MET C 301 -1.32 -17.39 48.88
N LEU C 302 -2.10 -17.64 47.83
CA LEU C 302 -3.54 -17.78 48.01
C LEU C 302 -3.92 -19.11 48.67
N ASN C 303 -2.99 -20.06 48.77
CA ASN C 303 -3.23 -21.41 49.31
C ASN C 303 -4.35 -22.11 48.56
N ALA C 304 -4.43 -21.83 47.26
CA ALA C 304 -5.57 -22.27 46.44
C ALA C 304 -5.49 -23.74 46.09
N ARG C 305 -4.29 -24.23 45.84
CA ARG C 305 -3.92 -25.63 45.57
C ARG C 305 -4.44 -26.16 44.23
N GLU C 306 -4.98 -25.29 43.37
CA GLU C 306 -5.19 -25.61 41.95
C GLU C 306 -4.76 -24.44 41.09
N PRO C 307 -3.45 -24.26 40.86
CA PRO C 307 -3.03 -23.22 39.91
C PRO C 307 -3.13 -23.67 38.47
N LYS C 308 -4.31 -23.51 37.85
CA LYS C 308 -4.53 -23.92 36.47
C LYS C 308 -3.78 -22.97 35.52
N VAL C 309 -2.48 -23.17 35.44
CA VAL C 309 -1.62 -22.31 34.64
C VAL C 309 -1.77 -22.67 33.18
N VAL C 310 -2.18 -21.72 32.37
CA VAL C 310 -2.17 -21.92 30.93
C VAL C 310 -1.13 -20.98 30.37
N ASN C 311 -0.54 -21.36 29.24
CA ASN C 311 0.22 -20.46 28.41
C ASN C 311 -0.76 -19.67 27.53
N GLY C 312 -0.26 -18.62 26.89
CA GLY C 312 -1.06 -17.79 26.04
C GLY C 312 -1.59 -18.51 24.82
N PRO C 313 -0.73 -18.84 23.89
CA PRO C 313 -1.21 -19.50 22.68
C PRO C 313 -1.34 -21.01 22.82
N GLU C 314 -1.40 -21.52 24.05
CA GLU C 314 -1.47 -22.96 24.29
C GLU C 314 -2.76 -23.58 23.77
N ILE C 315 -3.79 -22.77 23.55
CA ILE C 315 -5.10 -23.26 23.13
C ILE C 315 -5.16 -23.49 21.62
N LEU C 316 -4.69 -22.49 20.85
CA LEU C 316 -5.13 -22.26 19.47
C LEU C 316 -4.91 -23.43 18.52
N ASN C 317 -3.89 -24.25 18.76
CA ASN C 317 -3.29 -25.03 17.68
C ASN C 317 -4.00 -26.35 17.40
N LYS C 318 -5.30 -26.44 17.66
CA LYS C 318 -6.03 -27.65 17.31
C LYS C 318 -6.60 -27.51 15.89
N TYR C 319 -7.40 -28.51 15.50
CA TYR C 319 -7.99 -28.53 14.17
C TYR C 319 -9.01 -27.40 14.01
N VAL C 320 -9.15 -26.93 12.78
CA VAL C 320 -9.98 -25.76 12.47
C VAL C 320 -11.44 -26.06 12.78
N GLY C 321 -12.06 -25.21 13.60
CA GLY C 321 -13.41 -25.42 14.08
C GLY C 321 -13.48 -25.72 15.56
N GLU C 322 -12.57 -26.54 16.07
CA GLU C 322 -12.61 -27.02 17.44
C GLU C 322 -11.59 -26.33 18.34
N SER C 323 -11.21 -25.09 18.01
CA SER C 323 -10.16 -24.40 18.74
C SER C 323 -10.66 -23.86 20.08
N GLU C 324 -11.89 -23.37 20.11
CA GLU C 324 -12.45 -22.66 21.25
C GLU C 324 -12.75 -23.57 22.43
N ALA C 325 -12.61 -24.88 22.26
CA ALA C 325 -13.09 -25.84 23.24
C ALA C 325 -12.17 -25.98 24.43
N ASN C 326 -10.90 -25.59 24.32
CA ASN C 326 -9.96 -25.82 25.41
C ASN C 326 -10.24 -24.94 26.61
N ILE C 327 -10.54 -23.66 26.37
CA ILE C 327 -10.77 -22.74 27.48
C ILE C 327 -12.07 -23.03 28.20
N ARG C 328 -13.07 -23.54 27.49
CA ARG C 328 -14.26 -23.99 28.21
C ARG C 328 -14.06 -25.36 28.84
N LYS C 329 -12.99 -26.08 28.48
CA LYS C 329 -12.54 -27.20 29.29
C LYS C 329 -11.57 -26.76 30.38
N LEU C 330 -11.25 -25.47 30.45
CA LEU C 330 -10.37 -24.96 31.48
C LEU C 330 -11.14 -24.43 32.68
N PHE C 331 -12.27 -23.78 32.45
CA PHE C 331 -13.13 -23.33 33.54
C PHE C 331 -13.97 -24.45 34.14
N ALA C 332 -14.12 -25.57 33.42
CA ALA C 332 -15.12 -26.56 33.79
C ALA C 332 -14.77 -27.32 35.05
N ASP C 333 -13.48 -27.48 35.36
CA ASP C 333 -13.13 -28.10 36.63
C ASP C 333 -13.43 -27.17 37.79
N ALA C 334 -13.35 -25.86 37.56
CA ALA C 334 -13.80 -24.90 38.56
C ALA C 334 -15.32 -24.83 38.62
N GLU C 335 -15.99 -24.97 37.47
CA GLU C 335 -17.42 -24.71 37.35
C GLU C 335 -18.28 -25.70 38.12
N GLU C 336 -17.73 -26.81 38.60
CA GLU C 336 -18.50 -27.71 39.45
C GLU C 336 -18.77 -27.15 40.84
N GLU C 337 -18.05 -26.12 41.26
CA GLU C 337 -18.32 -25.45 42.52
C GLU C 337 -19.24 -24.25 42.34
N GLN C 338 -20.10 -24.31 41.32
CA GLN C 338 -21.27 -23.44 41.20
C GLN C 338 -22.27 -23.67 42.32
N ARG C 339 -22.22 -24.84 42.97
CA ARG C 339 -23.19 -25.30 43.93
C ARG C 339 -22.69 -25.28 45.37
N ARG C 340 -21.46 -24.84 45.61
CA ARG C 340 -20.81 -25.00 46.89
C ARG C 340 -20.27 -23.66 47.40
N LEU C 341 -19.47 -23.76 48.45
CA LEU C 341 -18.76 -22.61 49.03
C LEU C 341 -17.49 -23.14 49.69
N GLY C 342 -16.84 -22.30 50.49
CA GLY C 342 -15.63 -22.71 51.18
C GLY C 342 -15.06 -21.69 52.14
N ALA C 343 -13.76 -21.81 52.41
CA ALA C 343 -13.07 -20.91 53.35
C ALA C 343 -11.59 -20.85 52.96
N ASN C 344 -10.88 -19.92 53.61
CA ASN C 344 -9.41 -19.74 53.50
C ASN C 344 -8.98 -19.45 52.06
N SER C 345 -9.38 -18.25 51.61
CA SER C 345 -8.87 -17.63 50.38
C SER C 345 -9.19 -18.45 49.14
N GLY C 346 -10.47 -18.40 48.70
CA GLY C 346 -11.09 -19.19 47.64
C GLY C 346 -10.28 -19.56 46.41
N LEU C 347 -10.48 -20.79 45.95
CA LEU C 347 -9.35 -21.65 45.56
C LEU C 347 -9.23 -21.99 44.09
N HIS C 348 -9.94 -21.32 43.18
CA HIS C 348 -9.70 -21.54 41.76
C HIS C 348 -9.09 -20.30 41.13
N ILE C 349 -7.99 -20.48 40.42
CA ILE C 349 -7.33 -19.42 39.67
C ILE C 349 -7.18 -19.90 38.24
N ILE C 350 -7.29 -18.98 37.29
CA ILE C 350 -6.86 -19.21 35.92
C ILE C 350 -5.81 -18.15 35.61
N ILE C 351 -4.65 -18.57 35.13
CA ILE C 351 -3.55 -17.66 34.83
C ILE C 351 -3.24 -17.74 33.35
N PHE C 352 -3.63 -16.72 32.61
CA PHE C 352 -3.14 -16.54 31.25
C PHE C 352 -1.76 -15.89 31.30
N ASP C 353 -1.11 -15.82 30.15
CA ASP C 353 0.27 -15.35 30.12
C ASP C 353 0.53 -14.74 28.76
N GLU C 354 0.73 -13.42 28.74
CA GLU C 354 0.71 -12.58 27.56
C GLU C 354 -0.59 -12.81 26.78
N ILE C 355 -1.66 -12.36 27.43
CA ILE C 355 -3.04 -12.68 27.07
C ILE C 355 -3.46 -12.10 25.73
N ASP C 356 -2.71 -11.14 25.17
CA ASP C 356 -3.06 -10.58 23.88
C ASP C 356 -2.60 -11.43 22.70
N ALA C 357 -2.28 -12.69 22.93
CA ALA C 357 -2.25 -13.66 21.84
C ALA C 357 -3.65 -14.18 21.54
N ILE C 358 -4.31 -14.71 22.57
CA ILE C 358 -5.72 -15.05 22.44
C ILE C 358 -6.56 -13.79 22.28
N CYS C 359 -6.51 -12.91 23.29
CA CYS C 359 -7.50 -11.84 23.44
C CYS C 359 -7.13 -10.64 22.57
N LYS C 360 -7.16 -10.88 21.26
CA LYS C 360 -7.08 -9.85 20.23
C LYS C 360 -8.47 -9.25 20.03
N GLN C 361 -8.72 -8.64 18.86
CA GLN C 361 -9.95 -7.91 18.54
C GLN C 361 -10.10 -6.71 19.48
N ARG C 362 -9.19 -5.77 19.29
CA ARG C 362 -9.28 -4.47 19.94
C ARG C 362 -10.36 -3.59 19.34
N GLY C 363 -11.01 -4.02 18.27
CA GLY C 363 -12.02 -3.24 17.59
C GLY C 363 -11.71 -3.11 16.11
N SER C 364 -10.71 -3.86 15.65
CA SER C 364 -10.23 -3.70 14.28
C SER C 364 -10.21 -5.01 13.50
N MET C 365 -11.03 -5.97 13.92
CA MET C 365 -11.12 -7.35 13.40
C MET C 365 -9.76 -7.98 13.09
N ALA C 366 -8.88 -7.93 14.09
CA ALA C 366 -7.48 -8.30 13.92
C ALA C 366 -7.34 -9.81 13.78
N GLY C 367 -7.02 -10.26 12.56
CA GLY C 367 -6.76 -11.64 12.24
C GLY C 367 -7.60 -12.09 11.06
N SER C 368 -7.58 -13.40 10.81
CA SER C 368 -8.43 -14.04 9.81
C SER C 368 -8.72 -15.47 10.27
N THR C 369 -9.17 -16.29 9.31
CA THR C 369 -9.66 -17.70 9.42
C THR C 369 -10.67 -17.91 10.55
N GLY C 370 -11.36 -16.86 10.98
CA GLY C 370 -12.52 -16.97 11.87
C GLY C 370 -12.25 -17.52 13.27
N VAL C 371 -11.00 -17.54 13.71
CA VAL C 371 -10.67 -18.05 15.04
C VAL C 371 -10.22 -16.94 15.98
N HIS C 372 -9.63 -15.86 15.45
CA HIS C 372 -9.16 -14.72 16.23
C HIS C 372 -10.27 -13.96 16.95
N ASP C 373 -11.53 -14.16 16.56
CA ASP C 373 -12.68 -13.61 17.26
C ASP C 373 -13.40 -14.63 18.13
N THR C 374 -13.51 -15.87 17.67
CA THR C 374 -14.28 -16.85 18.40
C THR C 374 -13.62 -17.32 19.67
N VAL C 375 -12.30 -17.20 19.79
CA VAL C 375 -11.65 -17.50 21.06
C VAL C 375 -11.65 -16.30 21.98
N VAL C 376 -12.02 -15.12 21.49
CA VAL C 376 -12.21 -13.96 22.35
C VAL C 376 -13.56 -14.04 23.04
N ASN C 377 -14.64 -14.14 22.27
CA ASN C 377 -15.96 -14.09 22.86
C ASN C 377 -16.44 -15.44 23.39
N GLN C 378 -15.67 -16.51 23.19
CA GLN C 378 -15.84 -17.67 24.08
C GLN C 378 -15.35 -17.32 25.47
N LEU C 379 -14.29 -16.54 25.56
CA LEU C 379 -13.71 -16.14 26.83
C LEU C 379 -14.39 -14.92 27.43
N LEU C 380 -15.02 -14.08 26.60
CA LEU C 380 -15.86 -13.01 27.11
C LEU C 380 -17.05 -13.53 27.88
N SER C 381 -17.53 -14.72 27.52
CA SER C 381 -18.81 -15.19 27.98
C SER C 381 -18.74 -16.40 28.90
N LYS C 382 -17.54 -16.87 29.26
CA LYS C 382 -17.46 -17.86 30.31
C LYS C 382 -17.32 -17.24 31.69
N ILE C 383 -17.19 -15.92 31.78
CA ILE C 383 -17.05 -15.29 33.08
C ILE C 383 -18.12 -14.24 33.34
N ASP C 384 -19.11 -14.09 32.46
CA ASP C 384 -20.30 -13.31 32.77
C ASP C 384 -21.60 -14.10 32.75
N GLY C 385 -21.97 -14.71 31.64
CA GLY C 385 -23.31 -15.26 31.54
C GLY C 385 -23.36 -16.71 31.15
N VAL C 386 -24.01 -17.58 31.93
CA VAL C 386 -24.68 -17.28 33.20
C VAL C 386 -23.65 -17.22 34.32
N GLU C 387 -24.09 -16.77 35.50
CA GLU C 387 -23.16 -16.38 36.56
C GLU C 387 -22.37 -17.57 37.07
N GLN C 388 -21.08 -17.34 37.28
CA GLN C 388 -20.04 -18.30 37.60
C GLN C 388 -18.76 -17.50 37.80
N LEU C 389 -17.85 -18.01 38.64
CA LEU C 389 -18.07 -19.08 39.58
C LEU C 389 -18.56 -18.45 40.86
N ASN C 390 -18.17 -17.18 41.00
CA ASN C 390 -17.99 -16.37 42.21
C ASN C 390 -16.77 -16.84 43.00
N ASN C 391 -15.97 -17.76 42.45
CA ASN C 391 -14.75 -18.20 43.10
C ASN C 391 -13.56 -18.39 42.16
N ILE C 392 -13.60 -17.87 40.93
CA ILE C 392 -12.44 -17.90 40.06
C ILE C 392 -11.85 -16.50 39.98
N LEU C 393 -10.61 -16.44 39.51
CA LEU C 393 -9.86 -15.18 39.44
C LEU C 393 -8.94 -15.28 38.24
N VAL C 394 -9.37 -14.71 37.11
CA VAL C 394 -8.63 -14.85 35.87
C VAL C 394 -7.50 -13.85 35.85
N ILE C 395 -6.32 -14.27 36.33
CA ILE C 395 -5.18 -13.38 36.48
C ILE C 395 -4.44 -13.37 35.16
N GLY C 396 -4.66 -12.33 34.38
CA GLY C 396 -4.02 -12.19 33.10
C GLY C 396 -2.88 -11.20 33.15
N MET C 397 -2.01 -11.30 32.17
CA MET C 397 -0.86 -10.41 32.07
C MET C 397 -0.58 -10.21 30.59
N THR C 398 0.17 -9.15 30.28
CA THR C 398 0.54 -8.85 28.91
C THR C 398 1.69 -7.87 28.90
N ASN C 399 2.32 -7.73 27.74
CA ASN C 399 3.31 -6.70 27.51
C ASN C 399 2.77 -5.54 26.67
N ARG C 400 1.79 -5.82 25.82
CA ARG C 400 1.15 -4.80 24.98
C ARG C 400 -0.27 -4.61 25.48
N PRO C 401 -0.51 -3.65 26.35
CA PRO C 401 -1.77 -3.63 27.11
C PRO C 401 -3.01 -3.21 26.34
N ASP C 402 -2.93 -2.16 25.52
CA ASP C 402 -4.13 -1.56 24.95
C ASP C 402 -4.61 -2.24 23.68
N LEU C 403 -4.22 -3.49 23.45
CA LEU C 403 -4.70 -4.25 22.31
C LEU C 403 -5.66 -5.35 22.72
N ILE C 404 -5.86 -5.55 24.02
CA ILE C 404 -6.87 -6.49 24.50
C ILE C 404 -8.24 -5.90 24.23
N ASP C 405 -9.25 -6.78 24.08
CA ASP C 405 -10.60 -6.35 23.75
C ASP C 405 -11.19 -5.49 24.86
N GLU C 406 -11.78 -4.36 24.48
CA GLU C 406 -12.34 -3.43 25.46
C GLU C 406 -13.54 -4.02 26.17
N ALA C 407 -14.22 -4.99 25.57
CA ALA C 407 -15.25 -5.75 26.24
C ALA C 407 -14.70 -6.70 27.27
N LEU C 408 -13.39 -6.94 27.27
CA LEU C 408 -12.73 -7.81 28.22
C LEU C 408 -12.00 -7.02 29.30
N LEU C 409 -12.09 -5.69 29.25
CA LEU C 409 -11.47 -4.82 30.23
C LEU C 409 -12.48 -4.21 31.20
N ARG C 410 -13.78 -4.34 30.94
CA ARG C 410 -14.79 -3.86 31.85
C ARG C 410 -14.76 -4.64 33.17
N PRO C 411 -15.17 -4.01 34.28
CA PRO C 411 -15.09 -4.67 35.58
C PRO C 411 -15.98 -5.88 35.77
N GLY C 412 -16.86 -6.20 34.82
CA GLY C 412 -17.54 -7.48 34.87
C GLY C 412 -16.60 -8.65 34.61
N ARG C 413 -15.53 -8.43 33.85
CA ARG C 413 -14.66 -9.52 33.42
C ARG C 413 -13.27 -9.44 34.01
N LEU C 414 -12.54 -8.36 33.78
CA LEU C 414 -11.22 -8.16 34.39
C LEU C 414 -11.31 -6.86 35.17
N GLU C 415 -11.51 -7.00 36.49
CA GLU C 415 -11.80 -5.86 37.35
C GLU C 415 -10.63 -4.88 37.39
N VAL C 416 -9.44 -5.36 37.74
CA VAL C 416 -8.33 -4.47 37.98
C VAL C 416 -7.24 -4.72 36.94
N LYS C 417 -7.07 -3.74 36.05
CA LYS C 417 -5.87 -3.63 35.26
C LYS C 417 -4.92 -2.68 35.97
N MET C 418 -3.65 -3.08 36.06
CA MET C 418 -2.75 -2.42 36.98
C MET C 418 -1.37 -2.25 36.37
N GLU C 419 -0.84 -1.04 36.46
CA GLU C 419 0.47 -0.69 35.92
C GLU C 419 1.56 -1.22 36.84
N ILE C 420 2.33 -2.20 36.37
CA ILE C 420 3.51 -2.62 37.09
C ILE C 420 4.72 -2.03 36.40
N GLY C 421 5.16 -0.85 36.84
CA GLY C 421 6.31 -0.20 36.28
C GLY C 421 7.59 -0.65 36.94
N LEU C 422 8.70 -0.14 36.43
CA LEU C 422 10.00 -0.41 37.01
C LEU C 422 10.12 0.21 38.39
N PRO C 423 10.88 -0.40 39.28
CA PRO C 423 10.98 0.14 40.64
C PRO C 423 11.82 1.41 40.68
N ASP C 424 11.56 2.21 41.70
CA ASP C 424 12.26 3.47 41.90
C ASP C 424 13.57 3.23 42.64
N GLU C 425 14.16 4.32 43.15
CA GLU C 425 15.34 4.21 44.01
C GLU C 425 15.02 3.43 45.29
N LYS C 426 13.83 3.63 45.84
CA LYS C 426 13.45 2.90 47.05
C LYS C 426 13.16 1.45 46.75
N GLY C 427 12.65 1.16 45.55
CA GLY C 427 12.33 -0.22 45.20
C GLY C 427 13.53 -1.08 44.89
N ARG C 428 14.65 -0.48 44.51
CA ARG C 428 15.80 -1.28 44.12
C ARG C 428 16.68 -1.66 45.30
N LEU C 429 16.54 -1.03 46.44
CA LEU C 429 17.15 -1.56 47.65
C LEU C 429 16.29 -2.65 48.27
N GLN C 430 15.05 -2.80 47.80
CA GLN C 430 14.21 -3.91 48.24
C GLN C 430 14.60 -5.20 47.53
N ILE C 431 14.85 -5.11 46.23
CA ILE C 431 14.99 -6.30 45.41
C ILE C 431 16.41 -6.83 45.42
N LEU C 432 17.41 -5.95 45.55
CA LEU C 432 18.76 -6.40 45.84
C LEU C 432 18.84 -7.15 47.16
N HIS C 433 18.08 -6.70 48.16
CA HIS C 433 18.00 -7.40 49.43
C HIS C 433 17.36 -8.78 49.31
N ILE C 434 16.59 -9.02 48.25
CA ILE C 434 15.93 -10.31 48.06
C ILE C 434 16.87 -11.31 47.40
N HIS C 435 17.41 -10.96 46.23
CA HIS C 435 18.25 -11.88 45.50
C HIS C 435 19.65 -12.01 46.09
N THR C 436 19.97 -11.25 47.14
CA THR C 436 21.18 -11.45 47.92
C THR C 436 20.86 -11.85 49.35
N ALA C 437 19.77 -12.58 49.55
CA ALA C 437 19.39 -13.06 50.87
C ALA C 437 19.72 -14.53 51.06
N ARG C 438 19.48 -15.37 50.04
CA ARG C 438 19.88 -16.76 50.14
C ARG C 438 21.39 -16.91 50.06
N MET C 439 22.05 -15.92 49.47
CA MET C 439 23.48 -15.74 49.65
C MET C 439 23.77 -15.52 51.12
N ARG C 440 24.60 -16.37 51.71
CA ARG C 440 25.02 -16.19 53.10
C ARG C 440 26.52 -15.94 53.21
N GLY C 441 27.36 -16.88 52.75
CA GLY C 441 28.81 -16.76 52.77
C GLY C 441 29.41 -16.41 54.11
N HIS C 442 30.11 -15.27 54.15
CA HIS C 442 30.54 -14.70 55.41
C HIS C 442 29.38 -13.99 56.11
N GLN C 443 28.83 -12.95 55.49
CA GLN C 443 27.60 -12.32 55.97
C GLN C 443 26.84 -11.77 54.76
N LEU C 444 25.98 -12.62 54.21
CA LEU C 444 24.87 -12.37 53.29
C LEU C 444 25.24 -11.99 51.85
N LEU C 445 26.45 -11.50 51.60
CA LEU C 445 27.18 -11.73 50.35
C LEU C 445 28.66 -11.87 50.63
N SER C 446 29.11 -10.98 51.50
CA SER C 446 30.48 -10.47 51.53
C SER C 446 30.62 -9.48 52.67
N ALA C 447 31.78 -8.87 52.81
CA ALA C 447 31.95 -7.79 53.76
C ALA C 447 31.98 -6.41 53.12
N ASP C 448 32.25 -6.34 51.82
CA ASP C 448 32.53 -5.07 51.17
C ASP C 448 31.39 -4.53 50.33
N VAL C 449 30.48 -5.39 49.87
CA VAL C 449 29.44 -4.96 48.95
C VAL C 449 28.37 -4.19 49.71
N ASP C 450 28.22 -2.92 49.37
CA ASP C 450 27.14 -2.09 49.89
C ASP C 450 26.03 -2.07 48.87
N ILE C 451 24.89 -2.65 49.22
CA ILE C 451 23.76 -2.67 48.30
C ILE C 451 23.15 -1.29 48.12
N LYS C 452 23.35 -0.39 49.09
CA LYS C 452 22.98 1.00 48.90
C LYS C 452 23.87 1.69 47.88
N GLU C 453 25.14 1.26 47.77
CA GLU C 453 25.99 1.73 46.70
C GLU C 453 25.56 1.13 45.36
N LEU C 454 24.95 -0.04 45.40
CA LEU C 454 24.32 -0.66 44.24
C LEU C 454 22.87 -0.26 44.07
N ALA C 455 22.34 0.55 44.97
CA ALA C 455 20.97 1.02 44.79
C ALA C 455 20.93 2.23 43.87
N VAL C 456 21.84 3.19 44.09
CA VAL C 456 21.66 4.51 43.53
C VAL C 456 22.30 4.67 42.15
N GLU C 457 23.34 3.90 41.82
CA GLU C 457 23.94 4.03 40.51
C GLU C 457 23.51 2.93 39.55
N THR C 458 22.71 1.99 40.03
CA THR C 458 22.02 1.04 39.16
C THR C 458 20.60 1.55 38.95
N LYS C 459 20.53 2.71 38.31
CA LYS C 459 19.56 3.72 38.73
C LYS C 459 18.20 3.65 38.07
N ASN C 460 18.00 2.85 37.02
CA ASN C 460 16.64 2.85 36.50
C ASN C 460 16.12 1.47 36.13
N PHE C 461 16.99 0.52 35.83
CA PHE C 461 16.54 -0.69 35.15
C PHE C 461 15.80 -1.64 36.07
N SER C 462 14.95 -2.45 35.46
CA SER C 462 13.83 -3.11 36.13
C SER C 462 14.31 -4.35 36.88
N GLY C 463 13.35 -5.18 37.27
CA GLY C 463 13.58 -6.31 38.15
C GLY C 463 14.53 -7.38 37.64
N ALA C 464 14.16 -8.06 36.55
CA ALA C 464 15.04 -9.10 36.00
C ALA C 464 16.28 -8.50 35.37
N GLU C 465 16.21 -7.23 34.97
CA GLU C 465 17.42 -6.48 34.65
C GLU C 465 18.35 -6.45 35.85
N LEU C 466 17.79 -6.29 37.04
CA LEU C 466 18.59 -6.17 38.25
C LEU C 466 18.97 -7.54 38.81
N GLU C 467 18.14 -8.56 38.60
CA GLU C 467 18.52 -9.91 38.96
C GLU C 467 19.72 -10.38 38.16
N GLY C 468 19.80 -9.97 36.89
CA GLY C 468 20.96 -10.28 36.09
C GLY C 468 22.23 -9.59 36.51
N LEU C 469 22.10 -8.47 37.23
CA LEU C 469 23.27 -7.81 37.78
C LEU C 469 23.92 -8.65 38.87
N VAL C 470 23.09 -9.20 39.76
CA VAL C 470 23.61 -10.07 40.80
C VAL C 470 24.11 -11.37 40.21
N ARG C 471 23.35 -11.95 39.28
CA ARG C 471 23.66 -13.26 38.73
C ARG C 471 24.91 -13.25 37.85
N ALA C 472 25.23 -12.11 37.26
CA ALA C 472 26.47 -12.05 36.49
C ALA C 472 27.68 -11.91 37.41
N ALA C 473 27.55 -11.15 38.50
CA ALA C 473 28.70 -10.90 39.36
C ALA C 473 29.08 -12.13 40.16
N GLN C 474 28.09 -12.86 40.68
CA GLN C 474 28.38 -14.12 41.33
C GLN C 474 28.77 -15.19 40.33
N SER C 475 28.52 -14.97 39.04
CA SER C 475 29.11 -15.83 38.02
C SER C 475 30.53 -15.41 37.70
N THR C 476 30.83 -14.11 37.76
CA THR C 476 32.22 -13.68 37.70
C THR C 476 32.98 -14.10 38.95
N ALA C 477 32.29 -14.15 40.09
CA ALA C 477 32.87 -14.71 41.30
C ALA C 477 33.09 -16.21 41.19
N MET C 478 32.41 -16.88 40.28
CA MET C 478 32.74 -18.24 39.89
C MET C 478 33.89 -18.30 38.87
N ASN C 479 34.60 -17.20 38.66
CA ASN C 479 35.89 -17.17 37.98
C ASN C 479 36.84 -16.19 38.64
N ARG C 480 36.87 -16.17 39.97
CA ARG C 480 37.64 -15.15 40.68
C ARG C 480 38.17 -15.71 41.99
N HIS C 481 39.49 -15.92 42.07
CA HIS C 481 40.28 -16.18 43.28
C HIS C 481 40.02 -17.56 43.89
N ILE C 482 38.98 -18.24 43.42
CA ILE C 482 38.77 -19.67 43.66
C ILE C 482 38.63 -20.44 42.37
N LYS C 483 38.23 -19.78 41.29
CA LYS C 483 38.01 -20.41 39.99
C LYS C 483 38.54 -19.50 38.90
N ALA C 484 39.38 -18.53 39.25
CA ALA C 484 40.05 -17.72 38.24
C ALA C 484 41.12 -18.50 37.48
N SER C 485 41.54 -19.64 38.03
CA SER C 485 42.44 -20.56 37.35
C SER C 485 41.77 -21.89 37.00
N THR C 486 40.54 -21.85 36.46
CA THR C 486 39.88 -23.09 36.04
C THR C 486 40.64 -23.76 34.91
N LYS C 487 40.92 -23.01 33.83
CA LYS C 487 41.80 -23.46 32.73
C LYS C 487 41.27 -24.75 32.09
N VAL C 488 40.30 -24.59 31.17
CA VAL C 488 39.02 -25.29 31.03
C VAL C 488 38.93 -26.67 31.69
N GLU C 489 39.99 -27.48 31.63
CA GLU C 489 40.09 -28.68 32.45
C GLU C 489 40.09 -28.22 33.90
N VAL C 490 38.94 -28.37 34.55
CA VAL C 490 38.58 -27.52 35.68
C VAL C 490 39.23 -28.04 36.96
N ASP C 491 39.37 -27.15 37.95
CA ASP C 491 39.66 -27.52 39.32
C ASP C 491 38.37 -27.69 40.12
N MET C 492 38.49 -28.28 41.30
CA MET C 492 37.40 -28.29 42.26
C MET C 492 37.56 -27.08 43.16
N GLU C 493 36.76 -27.01 44.23
CA GLU C 493 36.85 -25.89 45.15
C GLU C 493 38.05 -26.12 46.06
N LYS C 494 39.18 -25.55 45.69
CA LYS C 494 40.39 -25.63 46.49
C LYS C 494 40.61 -24.37 47.32
N ALA C 495 40.36 -23.20 46.73
CA ALA C 495 40.60 -21.95 47.41
C ALA C 495 39.39 -21.47 48.21
N GLU C 496 38.33 -22.28 48.27
CA GLU C 496 37.32 -22.26 49.35
C GLU C 496 36.53 -20.95 49.43
N SER C 497 35.65 -20.77 48.44
CA SER C 497 34.45 -19.93 48.55
C SER C 497 34.80 -18.44 48.74
N LEU C 498 35.31 -17.85 47.67
CA LEU C 498 35.47 -16.40 47.65
C LEU C 498 34.10 -15.74 47.74
N GLN C 499 33.99 -14.75 48.62
CA GLN C 499 32.82 -13.90 48.67
C GLN C 499 32.71 -13.08 47.40
N VAL C 500 31.47 -12.77 47.02
CA VAL C 500 31.23 -11.97 45.82
C VAL C 500 31.65 -10.53 46.12
N THR C 501 32.73 -10.07 45.51
CA THR C 501 33.32 -8.81 45.91
C THR C 501 32.61 -7.63 45.27
N ARG C 502 33.00 -6.44 45.70
CA ARG C 502 32.48 -5.21 45.11
C ARG C 502 33.02 -5.01 43.70
N GLY C 503 34.23 -5.52 43.43
CA GLY C 503 34.78 -5.46 42.09
C GLY C 503 34.07 -6.36 41.10
N ASP C 504 33.24 -7.29 41.58
CA ASP C 504 32.47 -8.13 40.68
C ASP C 504 31.31 -7.37 40.07
N PHE C 505 30.55 -6.66 40.90
CA PHE C 505 29.33 -5.99 40.43
C PHE C 505 29.66 -4.84 39.49
N LEU C 506 30.61 -4.00 39.87
CA LEU C 506 30.97 -2.87 39.01
C LEU C 506 31.87 -3.26 37.86
N ALA C 507 32.18 -4.56 37.71
CA ALA C 507 32.62 -5.08 36.43
C ALA C 507 31.45 -5.63 35.62
N SER C 508 30.39 -6.09 36.30
CA SER C 508 29.25 -6.66 35.59
C SER C 508 28.36 -5.59 35.00
N LEU C 509 28.16 -4.47 35.70
CA LEU C 509 27.44 -3.36 35.10
C LEU C 509 28.31 -2.58 34.12
N GLU C 510 29.63 -2.75 34.20
CA GLU C 510 30.50 -2.25 33.14
C GLU C 510 30.35 -3.10 31.88
N ASN C 511 30.51 -4.41 32.01
CA ASN C 511 30.30 -5.35 30.92
C ASN C 511 29.59 -6.58 31.46
N ASP C 512 28.49 -6.97 30.84
CA ASP C 512 28.01 -6.40 29.58
C ASP C 512 26.50 -6.13 29.58
N ILE C 513 25.90 -6.07 30.76
CA ILE C 513 24.46 -5.88 30.85
C ILE C 513 24.16 -4.42 30.57
N LYS C 514 23.73 -4.15 29.36
CA LYS C 514 23.08 -2.88 29.11
C LYS C 514 21.69 -2.91 29.73
N PRO C 515 21.23 -1.80 30.29
CA PRO C 515 19.89 -1.79 30.92
C PRO C 515 18.74 -1.90 29.93
N ALA C 516 19.00 -1.83 28.62
CA ALA C 516 18.03 -2.00 27.54
C ALA C 516 16.87 -1.02 27.64
N PHE C 517 17.13 0.16 28.16
CA PHE C 517 16.08 1.13 28.46
C PHE C 517 16.27 2.53 27.89
N GLY C 518 17.45 3.18 27.86
CA GLY C 518 18.77 2.82 28.39
C GLY C 518 19.44 3.93 29.18
N THR C 519 19.71 3.63 30.44
CA THR C 519 19.99 4.65 31.45
C THR C 519 21.37 4.44 32.05
N ASN C 520 22.07 5.56 32.24
CA ASN C 520 23.37 5.75 32.90
C ASN C 520 24.54 5.21 32.07
N GLN C 521 24.23 4.41 31.04
CA GLN C 521 25.15 4.16 29.94
C GLN C 521 24.27 3.83 28.74
N GLU C 522 23.94 4.87 27.99
CA GLU C 522 23.32 4.73 26.68
C GLU C 522 24.39 4.80 25.59
N ASP C 523 25.65 4.79 26.01
CA ASP C 523 26.80 5.23 25.22
C ASP C 523 26.54 6.63 24.64
N TYR C 524 26.36 7.58 25.56
CA TYR C 524 26.49 8.99 25.24
C TYR C 524 27.93 9.37 24.95
N ALA C 525 28.90 8.54 25.35
CA ALA C 525 30.31 8.78 25.06
C ALA C 525 30.63 8.75 23.58
N SER C 526 29.73 8.22 22.74
CA SER C 526 29.88 8.42 21.31
C SER C 526 29.64 9.88 20.93
N TYR C 527 28.85 10.61 21.72
CA TYR C 527 28.58 12.01 21.42
C TYR C 527 29.60 12.93 22.06
N ILE C 528 30.02 12.63 23.29
CA ILE C 528 31.11 13.37 23.93
C ILE C 528 32.37 12.57 23.60
N MET C 529 32.97 12.87 22.45
CA MET C 529 34.12 12.08 22.02
C MET C 529 35.38 12.46 22.79
N ASN C 530 35.79 13.72 22.67
CA ASN C 530 37.06 14.18 23.21
C ASN C 530 36.87 14.99 24.49
N GLY C 531 35.90 14.60 25.31
CA GLY C 531 35.66 15.24 26.58
C GLY C 531 35.07 16.63 26.44
N ILE C 532 34.94 17.30 27.59
CA ILE C 532 34.41 18.66 27.66
C ILE C 532 35.50 19.52 28.28
N ILE C 533 36.28 20.20 27.46
CA ILE C 533 37.25 21.15 27.96
C ILE C 533 36.57 22.49 28.14
N LYS C 534 36.90 23.17 29.24
CA LYS C 534 36.35 24.49 29.50
C LYS C 534 37.29 25.51 28.89
N TRP C 535 37.18 25.65 27.57
CA TRP C 535 38.05 26.55 26.82
C TRP C 535 37.72 28.02 27.03
N GLY C 536 36.62 28.35 27.70
CA GLY C 536 36.32 29.74 27.95
C GLY C 536 35.20 29.89 28.94
N ASP C 537 35.00 31.13 29.35
CA ASP C 537 33.80 31.49 30.10
C ASP C 537 32.47 31.14 29.41
N PRO C 538 32.29 31.24 28.08
CA PRO C 538 31.01 30.80 27.50
C PRO C 538 30.80 29.28 27.45
N VAL C 539 31.65 28.47 28.08
CA VAL C 539 31.26 27.09 28.32
C VAL C 539 30.61 26.97 29.68
N THR C 540 31.20 27.59 30.69
CA THR C 540 30.61 27.64 32.02
C THR C 540 29.27 28.36 32.00
N ARG C 541 29.12 29.39 31.16
CA ARG C 541 27.85 30.09 31.04
C ARG C 541 26.75 29.26 30.39
N VAL C 542 27.09 28.15 29.74
CA VAL C 542 26.05 27.30 29.16
C VAL C 542 25.62 26.24 30.15
N LEU C 543 26.57 25.49 30.72
CA LEU C 543 26.19 24.36 31.55
C LEU C 543 25.71 24.75 32.94
N ASP C 544 26.00 25.98 33.41
CA ASP C 544 25.33 26.41 34.64
C ASP C 544 23.87 26.72 34.35
N ASP C 545 23.58 27.24 33.15
CA ASP C 545 22.21 27.36 32.69
C ASP C 545 21.59 26.01 32.35
N GLY C 546 22.40 24.95 32.32
CA GLY C 546 21.86 23.63 32.44
C GLY C 546 21.24 23.45 33.81
N GLU C 547 22.05 23.49 34.86
CA GLU C 547 21.58 23.16 36.20
C GLU C 547 20.69 24.24 36.82
N LEU C 548 20.74 25.48 36.31
CA LEU C 548 19.76 26.47 36.70
C LEU C 548 18.44 26.31 35.97
N LEU C 549 18.37 25.31 35.08
CA LEU C 549 17.15 24.92 34.39
C LEU C 549 16.83 23.44 34.56
N VAL C 550 17.83 22.61 34.85
CA VAL C 550 17.56 21.24 35.30
C VAL C 550 16.87 21.26 36.66
N GLN C 551 17.34 22.11 37.58
CA GLN C 551 16.67 22.24 38.86
C GLN C 551 15.33 22.94 38.76
N GLN C 552 15.04 23.58 37.63
CA GLN C 552 13.67 23.99 37.37
C GLN C 552 12.78 22.78 37.15
N THR C 553 13.30 21.76 36.49
CA THR C 553 12.52 20.56 36.22
C THR C 553 12.34 19.72 37.47
N LYS C 554 13.33 19.68 38.36
CA LYS C 554 13.27 18.77 39.50
C LYS C 554 12.37 19.31 40.60
N ASN C 555 12.24 20.63 40.75
CA ASN C 555 11.59 21.19 41.93
C ASN C 555 10.41 22.10 41.59
N SER C 556 9.79 21.94 40.44
CA SER C 556 8.62 22.75 40.12
C SER C 556 7.34 21.94 40.27
N ASP C 557 6.23 22.67 40.25
CA ASP C 557 4.92 22.10 39.95
C ASP C 557 4.10 22.96 39.00
N ARG C 558 4.49 24.21 38.77
CA ARG C 558 3.83 25.04 37.76
C ARG C 558 4.20 24.59 36.36
N THR C 559 5.48 24.29 36.13
CA THR C 559 5.99 23.90 34.81
C THR C 559 6.42 22.44 34.87
N PRO C 560 5.55 21.51 34.48
CA PRO C 560 5.95 20.10 34.46
C PRO C 560 6.88 19.77 33.33
N LEU C 561 6.97 20.64 32.32
CA LEU C 561 7.70 20.38 31.09
C LEU C 561 8.53 21.61 30.76
N VAL C 562 9.85 21.45 30.78
CA VAL C 562 10.77 22.52 30.39
C VAL C 562 11.48 22.07 29.13
N SER C 563 11.36 22.86 28.07
CA SER C 563 11.99 22.57 26.80
C SER C 563 12.97 23.69 26.46
N VAL C 564 14.25 23.38 26.48
CA VAL C 564 15.30 24.35 26.17
C VAL C 564 15.76 24.09 24.74
N LEU C 565 16.47 25.06 24.16
CA LEU C 565 17.02 24.94 22.82
C LEU C 565 18.44 25.47 22.78
N LEU C 566 19.41 24.59 22.56
CA LEU C 566 20.79 25.00 22.34
C LEU C 566 20.90 25.37 20.87
N GLU C 567 21.61 26.46 20.60
CA GLU C 567 21.76 26.91 19.23
C GLU C 567 23.18 27.45 19.03
N GLY C 568 23.45 27.91 17.82
CA GLY C 568 24.74 28.48 17.54
C GLY C 568 25.25 28.08 16.18
N PRO C 569 26.49 28.42 15.88
CA PRO C 569 27.09 28.06 14.60
C PRO C 569 27.30 26.56 14.50
N PRO C 570 27.46 26.03 13.29
CA PRO C 570 27.82 24.62 13.16
C PRO C 570 29.23 24.38 13.67
N HIS C 571 29.47 23.11 14.02
CA HIS C 571 30.73 22.60 14.59
C HIS C 571 31.08 23.23 15.94
N SER C 572 30.11 23.84 16.61
CA SER C 572 30.40 24.57 17.85
C SER C 572 30.33 23.70 19.09
N GLY C 573 29.94 22.45 18.96
CA GLY C 573 29.84 21.59 20.13
C GLY C 573 28.54 21.75 20.87
N LYS C 574 27.42 21.51 20.19
CA LYS C 574 26.11 21.58 20.82
C LYS C 574 25.62 20.22 21.28
N THR C 575 25.87 19.18 20.48
CA THR C 575 25.47 17.82 20.84
C THR C 575 26.21 17.35 22.10
N ALA C 576 27.48 17.72 22.22
CA ALA C 576 28.22 17.42 23.44
C ALA C 576 27.66 18.17 24.63
N LEU C 577 27.38 19.46 24.46
CA LEU C 577 26.80 20.23 25.56
C LEU C 577 25.34 19.91 25.79
N ALA C 578 24.66 19.24 24.85
CA ALA C 578 23.35 18.73 25.17
C ALA C 578 23.45 17.44 25.98
N ALA C 579 24.47 16.63 25.69
CA ALA C 579 24.67 15.42 26.47
C ALA C 579 25.28 15.73 27.83
N LYS C 580 26.23 16.66 27.89
CA LYS C 580 26.92 16.94 29.14
C LYS C 580 25.99 17.62 30.14
N ILE C 581 25.04 18.42 29.67
CA ILE C 581 23.99 18.91 30.56
C ILE C 581 23.11 17.77 31.03
N ALA C 582 22.72 16.89 30.11
CA ALA C 582 21.80 15.80 30.46
C ALA C 582 22.47 14.75 31.32
N GLU C 583 23.75 14.47 31.07
CA GLU C 583 24.45 13.50 31.89
C GLU C 583 24.71 14.02 33.30
N GLU C 584 25.12 15.29 33.42
CA GLU C 584 25.30 15.89 34.73
C GLU C 584 23.99 16.28 35.40
N SER C 585 22.85 16.04 34.74
CA SER C 585 21.57 16.37 35.35
C SER C 585 21.14 15.35 36.38
N ASN C 586 21.69 14.14 36.31
CA ASN C 586 21.39 13.02 37.20
C ASN C 586 19.91 12.64 37.20
N PHE C 587 19.23 12.80 36.08
CA PHE C 587 17.92 12.20 35.96
C PHE C 587 18.06 10.69 35.78
N PRO C 588 17.01 9.92 36.08
CA PRO C 588 17.05 8.48 35.75
C PRO C 588 17.11 8.21 34.25
N PHE C 589 16.14 8.72 33.49
CA PHE C 589 15.96 8.34 32.09
C PHE C 589 16.54 9.42 31.18
N ILE C 590 17.66 9.11 30.53
CA ILE C 590 18.35 10.03 29.64
C ILE C 590 18.42 9.36 28.28
N LYS C 591 17.58 9.79 27.35
CA LYS C 591 17.53 9.22 26.01
C LYS C 591 17.89 10.29 25.00
N ILE C 592 18.91 10.03 24.20
CA ILE C 592 19.38 10.98 23.20
C ILE C 592 18.69 10.62 21.88
N CYS C 593 17.66 11.38 21.53
CA CYS C 593 16.94 11.17 20.28
C CYS C 593 17.76 11.77 19.15
N SER C 594 18.76 11.03 18.74
CA SER C 594 19.65 11.49 17.68
C SER C 594 19.21 10.88 16.35
N PRO C 595 19.26 11.63 15.24
CA PRO C 595 18.73 11.12 13.98
C PRO C 595 19.63 10.09 13.29
N ASP C 596 20.78 9.77 13.86
CA ASP C 596 21.64 8.78 13.22
C ASP C 596 21.13 7.36 13.41
N LYS C 597 20.24 7.14 14.38
CA LYS C 597 19.58 5.86 14.53
C LYS C 597 18.28 5.82 13.75
N MET C 598 18.09 6.74 12.80
CA MET C 598 16.85 6.88 12.06
C MET C 598 17.11 7.13 10.59
N ILE C 599 18.28 6.72 10.07
CA ILE C 599 18.66 7.06 8.71
C ILE C 599 17.81 6.28 7.72
N GLY C 600 17.45 6.93 6.63
CA GLY C 600 16.62 6.29 5.63
C GLY C 600 15.16 6.18 5.96
N PHE C 601 14.73 6.59 7.15
CA PHE C 601 13.34 6.48 7.52
C PHE C 601 12.51 7.56 6.84
N SER C 602 11.25 7.25 6.60
CA SER C 602 10.35 8.14 5.88
C SER C 602 9.79 9.19 6.84
N GLU C 603 8.78 9.94 6.38
CA GLU C 603 8.15 10.94 7.24
C GLU C 603 7.33 10.28 8.34
N THR C 604 6.77 9.10 8.06
CA THR C 604 5.99 8.41 9.06
C THR C 604 6.88 7.65 10.04
N ALA C 605 7.91 6.99 9.54
CA ALA C 605 8.73 6.13 10.38
C ALA C 605 9.61 6.92 11.34
N LYS C 606 9.77 8.23 11.15
CA LYS C 606 10.40 9.03 12.19
C LYS C 606 9.40 9.36 13.29
N CYS C 607 8.16 9.67 12.92
CA CYS C 607 7.15 10.03 13.92
C CYS C 607 6.74 8.84 14.76
N GLN C 608 6.79 7.63 14.19
CA GLN C 608 6.52 6.44 15.00
C GLN C 608 7.69 6.11 15.90
N ALA C 609 8.89 6.59 15.57
CA ALA C 609 10.04 6.32 16.42
C ALA C 609 10.19 7.39 17.48
N MET C 610 9.85 8.63 17.15
CA MET C 610 9.88 9.70 18.13
C MET C 610 8.74 9.54 19.13
N LYS C 611 7.65 8.90 18.73
CA LYS C 611 6.58 8.56 19.66
C LYS C 611 7.05 7.55 20.70
N LYS C 612 7.90 6.61 20.31
CA LYS C 612 8.38 5.59 21.24
C LYS C 612 9.32 6.18 22.28
N ILE C 613 10.13 7.16 21.90
CA ILE C 613 11.05 7.76 22.87
C ILE C 613 10.29 8.62 23.86
N PHE C 614 9.36 9.44 23.39
CA PHE C 614 8.60 10.27 24.32
C PHE C 614 7.58 9.48 25.13
N ASP C 615 7.22 8.28 24.70
CA ASP C 615 6.43 7.44 25.60
C ASP C 615 7.31 6.77 26.63
N ASP C 616 8.58 6.53 26.32
CA ASP C 616 9.49 6.01 27.33
C ASP C 616 9.92 7.08 28.31
N ALA C 617 9.72 8.35 27.99
CA ALA C 617 9.92 9.43 28.94
C ALA C 617 8.63 9.84 29.63
N TYR C 618 7.52 9.19 29.30
CA TYR C 618 6.30 9.37 30.08
C TYR C 618 6.14 8.30 31.14
N LYS C 619 6.88 7.20 31.01
CA LYS C 619 6.86 6.14 32.02
C LYS C 619 7.83 6.38 33.16
N SER C 620 8.41 7.56 33.29
CA SER C 620 9.36 7.83 34.35
C SER C 620 8.88 9.00 35.20
N GLN C 621 9.42 9.08 36.41
CA GLN C 621 9.14 10.22 37.28
C GLN C 621 9.95 11.44 36.86
N LEU C 622 11.23 11.24 36.61
CA LEU C 622 12.12 12.28 36.15
C LEU C 622 12.84 11.76 34.92
N SER C 623 12.78 12.51 33.81
CA SER C 623 13.37 12.05 32.56
C SER C 623 13.84 13.25 31.74
N CYS C 624 14.92 13.05 31.01
CA CYS C 624 15.44 14.05 30.09
C CYS C 624 15.56 13.45 28.70
N VAL C 625 15.27 14.27 27.69
CA VAL C 625 15.29 13.84 26.29
C VAL C 625 16.08 14.87 25.50
N VAL C 626 17.18 14.46 24.91
CA VAL C 626 17.92 15.29 23.97
C VAL C 626 17.33 15.05 22.60
N VAL C 627 16.61 16.04 22.07
CA VAL C 627 16.11 15.98 20.70
C VAL C 627 17.21 16.64 19.86
N ASP C 628 18.15 15.82 19.41
CA ASP C 628 19.39 16.33 18.84
C ASP C 628 19.24 16.62 17.36
N ASP C 629 19.77 17.77 16.95
CA ASP C 629 19.93 18.20 15.57
C ASP C 629 18.57 18.26 14.86
N ILE C 630 17.79 19.25 15.31
CA ILE C 630 16.42 19.51 14.84
C ILE C 630 16.33 19.52 13.32
N GLU C 631 17.31 20.14 12.65
CA GLU C 631 17.24 20.23 11.20
C GLU C 631 17.63 18.94 10.48
N ARG C 632 17.74 17.80 11.18
CA ARG C 632 17.87 16.51 10.52
C ARG C 632 16.71 15.59 10.79
N LEU C 633 16.01 15.78 11.90
CA LEU C 633 14.70 15.15 12.03
C LEU C 633 13.73 15.73 11.03
N LEU C 634 13.83 17.02 10.75
CA LEU C 634 12.92 17.69 9.85
C LEU C 634 13.36 17.60 8.41
N ASP C 635 14.32 16.71 8.11
CA ASP C 635 15.00 16.45 6.84
C ASP C 635 15.19 17.70 5.98
N TYR C 636 15.65 18.77 6.61
CA TYR C 636 15.62 20.10 6.05
C TYR C 636 16.74 20.31 5.03
N VAL C 637 16.43 21.13 4.02
CA VAL C 637 17.40 21.54 3.01
C VAL C 637 16.95 22.88 2.43
N PRO C 638 17.84 23.87 2.33
CA PRO C 638 17.39 25.22 1.96
C PRO C 638 17.19 25.49 0.46
N ILE C 639 17.09 24.46 -0.37
CA ILE C 639 16.76 24.67 -1.78
C ILE C 639 15.24 24.69 -1.91
N GLY C 640 14.69 25.89 -2.08
CA GLY C 640 13.27 26.10 -2.28
C GLY C 640 12.45 25.59 -1.12
N PRO C 641 12.82 26.02 0.10
CA PRO C 641 13.03 25.11 1.23
C PRO C 641 12.08 23.94 1.36
N ARG C 642 12.63 22.73 1.34
CA ARG C 642 11.85 21.53 1.58
C ARG C 642 12.22 20.95 2.93
N PHE C 643 11.23 20.33 3.57
CA PHE C 643 11.36 19.73 4.87
C PHE C 643 10.16 18.80 5.05
N SER C 644 10.20 18.02 6.11
CA SER C 644 9.03 17.22 6.47
C SER C 644 8.05 18.09 7.22
N ASN C 645 6.84 18.22 6.70
CA ASN C 645 5.81 18.85 7.49
C ASN C 645 5.28 17.89 8.54
N LEU C 646 5.26 16.60 8.22
CA LEU C 646 4.66 15.62 9.11
C LEU C 646 5.51 15.39 10.35
N VAL C 647 6.83 15.52 10.24
CA VAL C 647 7.66 15.41 11.43
C VAL C 647 7.60 16.68 12.25
N LEU C 648 7.51 17.83 11.58
CA LEU C 648 7.45 19.12 12.25
C LEU C 648 6.19 19.24 13.10
N GLN C 649 5.05 18.87 12.54
CA GLN C 649 3.81 18.99 13.27
C GLN C 649 3.58 17.82 14.21
N ALA C 650 4.49 16.86 14.24
CA ALA C 650 4.58 15.91 15.32
C ALA C 650 5.78 16.18 16.21
N LEU C 651 6.43 17.33 16.04
CA LEU C 651 7.42 17.80 16.99
C LEU C 651 7.03 19.09 17.67
N LEU C 652 6.31 19.98 16.97
CA LEU C 652 5.71 21.14 17.60
C LEU C 652 4.65 20.76 18.61
N VAL C 653 4.05 19.58 18.49
CA VAL C 653 3.15 19.12 19.53
C VAL C 653 3.95 18.59 20.72
N LEU C 654 4.95 17.75 20.46
CA LEU C 654 5.71 17.11 21.53
C LEU C 654 6.65 18.04 22.29
N LEU C 655 6.76 19.30 21.89
CA LEU C 655 7.39 20.28 22.76
C LEU C 655 6.39 20.95 23.68
N LYS C 656 5.09 20.68 23.49
CA LYS C 656 4.04 21.21 24.34
C LYS C 656 3.02 20.16 24.72
N LYS C 657 3.43 18.90 24.83
CA LYS C 657 2.58 17.86 25.35
C LYS C 657 2.99 17.54 26.77
N ALA C 658 2.07 17.73 27.71
CA ALA C 658 2.37 17.47 29.10
C ALA C 658 2.46 15.97 29.36
N PRO C 659 3.30 15.55 30.29
CA PRO C 659 3.33 14.14 30.70
C PRO C 659 2.12 13.81 31.55
N PRO C 660 1.98 12.56 32.03
CA PRO C 660 1.06 12.31 33.15
C PRO C 660 1.42 13.17 34.37
N GLN C 661 0.39 13.56 35.11
CA GLN C 661 0.52 14.56 36.16
C GLN C 661 1.38 14.06 37.30
N GLY C 662 2.37 14.86 37.67
CA GLY C 662 3.36 14.47 38.65
C GLY C 662 4.68 14.04 38.06
N ARG C 663 4.79 14.03 36.73
CA ARG C 663 6.00 13.58 36.04
C ARG C 663 6.64 14.74 35.31
N LYS C 664 7.97 14.71 35.22
CA LYS C 664 8.75 15.83 34.74
C LYS C 664 9.57 15.42 33.54
N LEU C 665 9.64 16.30 32.55
CA LEU C 665 10.33 16.01 31.30
C LEU C 665 11.13 17.23 30.87
N LEU C 666 12.40 17.00 30.59
CA LEU C 666 13.33 18.05 30.16
C LEU C 666 13.72 17.78 28.72
N ILE C 667 13.39 18.70 27.81
CA ILE C 667 13.68 18.54 26.40
C ILE C 667 14.80 19.49 26.02
N ILE C 668 15.91 18.94 25.57
CA ILE C 668 17.04 19.73 25.12
C ILE C 668 17.11 19.57 23.61
N GLY C 669 17.28 20.66 22.90
CA GLY C 669 17.33 20.66 21.45
C GLY C 669 18.58 21.32 20.94
N THR C 670 19.17 20.75 19.91
CA THR C 670 20.33 21.33 19.24
C THR C 670 19.94 21.71 17.83
N THR C 671 20.45 22.86 17.38
CA THR C 671 20.23 23.28 16.00
C THR C 671 21.35 24.23 15.60
N SER C 672 21.67 24.20 14.31
CA SER C 672 22.65 25.09 13.73
C SER C 672 22.01 26.21 12.94
N ARG C 673 20.73 26.09 12.61
CA ARG C 673 19.99 27.08 11.84
C ARG C 673 18.89 27.61 12.74
N LYS C 674 19.20 28.65 13.52
CA LYS C 674 18.19 29.31 14.32
C LYS C 674 17.14 29.97 13.46
N ASP C 675 17.57 30.76 12.48
CA ASP C 675 16.66 31.57 11.68
C ASP C 675 15.84 30.77 10.68
N VAL C 676 16.07 29.47 10.55
CA VAL C 676 15.11 28.61 9.90
C VAL C 676 13.95 28.31 10.84
N LEU C 677 14.27 27.97 12.08
CA LEU C 677 13.23 27.71 13.08
C LEU C 677 12.49 28.97 13.49
N GLN C 678 13.06 30.15 13.23
CA GLN C 678 12.34 31.40 13.41
C GLN C 678 11.15 31.48 12.46
N GLU C 679 11.26 30.89 11.28
CA GLU C 679 10.14 30.85 10.35
C GLU C 679 9.05 29.90 10.81
N MET C 680 9.44 28.70 11.22
CA MET C 680 8.49 27.64 11.57
C MET C 680 7.89 27.81 12.96
N GLU C 681 8.24 28.89 13.66
CA GLU C 681 7.77 29.23 15.00
C GLU C 681 8.08 28.14 16.02
N MET C 682 9.20 27.42 15.82
CA MET C 682 9.64 26.47 16.83
C MET C 682 10.43 27.15 17.94
N LEU C 683 10.99 28.34 17.67
CA LEU C 683 11.49 29.17 18.76
C LEU C 683 10.37 29.61 19.70
N ASN C 684 9.15 29.74 19.19
CA ASN C 684 8.00 29.98 20.04
C ASN C 684 7.68 28.75 20.90
N ALA C 685 8.05 27.56 20.44
CA ALA C 685 7.69 26.34 21.15
C ALA C 685 8.59 26.11 22.37
N PHE C 686 9.90 26.27 22.19
CA PHE C 686 10.83 26.08 23.29
C PHE C 686 10.65 27.18 24.34
N SER C 687 10.97 26.83 25.59
CA SER C 687 10.81 27.77 26.69
C SER C 687 11.81 28.90 26.61
N THR C 688 13.10 28.56 26.47
CA THR C 688 14.14 29.55 26.34
C THR C 688 15.29 28.94 25.55
N THR C 689 16.12 29.81 25.00
CA THR C 689 17.25 29.37 24.19
C THR C 689 18.55 29.69 24.89
N ILE C 690 19.59 28.94 24.54
CA ILE C 690 20.93 29.12 25.07
C ILE C 690 21.88 29.17 23.89
N HIS C 691 22.54 30.30 23.70
CA HIS C 691 23.40 30.47 22.54
C HIS C 691 24.77 29.87 22.81
N VAL C 692 25.17 28.89 22.01
CA VAL C 692 26.50 28.31 22.14
C VAL C 692 27.40 28.90 21.07
N PRO C 693 28.32 29.79 21.41
CA PRO C 693 29.13 30.47 20.40
C PRO C 693 30.30 29.60 19.96
N ASN C 694 31.06 30.13 19.01
CA ASN C 694 32.35 29.57 18.65
C ASN C 694 33.41 30.07 19.63
N ILE C 695 34.67 29.75 19.38
CA ILE C 695 35.73 30.36 20.18
C ILE C 695 35.92 31.79 19.69
N ALA C 696 35.99 32.73 20.63
CA ALA C 696 35.87 34.14 20.28
C ALA C 696 37.20 34.82 20.03
N THR C 697 38.08 34.86 21.01
CA THR C 697 39.33 35.60 20.90
C THR C 697 40.50 34.65 20.77
N GLY C 698 41.68 35.24 20.54
CA GLY C 698 42.90 34.46 20.49
C GLY C 698 43.32 33.90 21.83
N GLU C 699 42.83 34.49 22.93
CA GLU C 699 43.11 33.93 24.24
C GLU C 699 42.37 32.61 24.42
N GLN C 700 41.13 32.53 23.92
CA GLN C 700 40.37 31.29 24.01
C GLN C 700 40.92 30.21 23.08
N LEU C 701 41.49 30.62 21.94
CA LEU C 701 42.09 29.66 21.03
C LEU C 701 43.32 29.01 21.65
N LEU C 702 44.11 29.78 22.39
CA LEU C 702 45.20 29.17 23.15
C LEU C 702 44.66 28.37 24.32
N GLU C 703 43.64 28.89 25.01
CA GLU C 703 43.04 28.18 26.13
C GLU C 703 42.36 26.88 25.70
N ALA C 704 41.84 26.84 24.48
CA ALA C 704 41.38 25.58 23.92
C ALA C 704 42.55 24.68 23.56
N LEU C 705 43.72 25.26 23.30
CA LEU C 705 44.88 24.49 22.89
C LEU C 705 45.78 24.14 24.05
N GLU C 706 45.73 24.91 25.14
CA GLU C 706 46.44 24.51 26.36
C GLU C 706 45.81 23.26 26.96
N LEU C 707 44.49 23.18 26.95
CA LEU C 707 43.79 22.07 27.60
C LEU C 707 43.88 20.78 26.79
N LEU C 708 43.81 20.88 25.46
CA LEU C 708 44.07 19.72 24.64
C LEU C 708 45.54 19.33 24.70
N GLY C 709 46.43 20.31 24.77
CA GLY C 709 47.84 20.07 25.02
C GLY C 709 48.56 19.35 23.89
N ASN C 710 48.37 19.82 22.67
CA ASN C 710 48.98 19.15 21.53
C ASN C 710 50.28 19.79 21.09
N PHE C 711 50.55 21.03 21.47
CA PHE C 711 51.66 21.79 20.92
C PHE C 711 52.68 22.17 21.98
N LYS C 712 53.95 22.19 21.56
CA LYS C 712 55.06 22.60 22.40
C LYS C 712 54.94 24.08 22.74
N ASP C 713 55.53 24.47 23.88
CA ASP C 713 55.48 25.84 24.38
C ASP C 713 56.10 26.82 23.39
N LYS C 714 57.19 26.44 22.74
CA LYS C 714 57.73 27.24 21.66
C LYS C 714 56.80 27.22 20.45
N GLU C 715 56.19 26.07 20.17
CA GLU C 715 55.24 25.97 19.06
C GLU C 715 53.94 26.71 19.36
N ARG C 716 53.54 26.76 20.63
CA ARG C 716 52.38 27.56 21.02
C ARG C 716 52.65 29.05 20.86
N THR C 717 53.92 29.46 21.02
CA THR C 717 54.26 30.88 20.99
C THR C 717 54.08 31.47 19.60
N THR C 718 54.39 30.69 18.56
CA THR C 718 54.24 31.18 17.19
C THR C 718 52.77 31.41 16.85
N ILE C 719 51.89 30.51 17.30
CA ILE C 719 50.46 30.74 17.15
C ILE C 719 49.99 31.86 18.07
N ALA C 720 50.63 31.99 19.24
CA ALA C 720 50.33 33.10 20.14
C ALA C 720 50.78 34.44 19.55
N GLN C 721 51.80 34.44 18.70
CA GLN C 721 52.19 35.67 18.04
C GLN C 721 51.30 36.00 16.85
N GLN C 722 50.41 35.10 16.43
CA GLN C 722 49.51 35.37 15.33
C GLN C 722 48.15 35.85 15.80
N VAL C 723 47.42 35.01 16.55
CA VAL C 723 46.00 35.26 16.78
C VAL C 723 45.71 36.17 17.96
N LYS C 724 46.71 36.51 18.76
CA LYS C 724 46.51 37.40 19.91
C LYS C 724 46.25 38.81 19.40
N GLY C 725 44.99 39.19 19.34
CA GLY C 725 44.58 40.44 18.75
C GLY C 725 43.86 40.31 17.42
N LYS C 726 43.94 39.14 16.78
CA LYS C 726 43.19 38.91 15.56
C LYS C 726 41.77 38.42 15.88
N LYS C 727 40.99 38.21 14.83
CA LYS C 727 39.58 37.90 14.93
C LYS C 727 39.37 36.51 14.37
N VAL C 728 39.37 35.50 15.25
CA VAL C 728 39.11 34.13 14.85
C VAL C 728 37.70 33.74 15.26
N TRP C 729 37.06 32.95 14.41
CA TRP C 729 35.67 32.56 14.62
C TRP C 729 35.52 31.16 14.03
N ILE C 730 35.69 30.14 14.87
CA ILE C 730 35.69 28.76 14.41
C ILE C 730 35.23 27.87 15.56
N GLY C 731 34.58 26.77 15.22
CA GLY C 731 34.02 25.91 16.24
C GLY C 731 35.09 25.10 16.96
N ILE C 732 34.66 24.44 18.04
CA ILE C 732 35.57 23.58 18.79
C ILE C 732 35.73 22.23 18.09
N LYS C 733 34.68 21.70 17.47
CA LYS C 733 34.80 20.47 16.72
C LYS C 733 35.62 20.68 15.46
N LYS C 734 35.47 21.84 14.82
CA LYS C 734 36.31 22.17 13.68
C LYS C 734 37.74 22.42 14.11
N LEU C 735 37.95 22.86 15.36
CA LEU C 735 39.30 23.00 15.87
C LEU C 735 39.97 21.64 16.07
N LEU C 736 39.18 20.60 16.34
CA LEU C 736 39.77 19.27 16.45
C LEU C 736 40.14 18.71 15.08
N MET C 737 39.49 19.18 14.01
CA MET C 737 39.95 18.86 12.67
C MET C 737 41.31 19.47 12.40
N LEU C 738 41.45 20.78 12.66
CA LEU C 738 42.63 21.50 12.21
C LEU C 738 43.87 21.16 13.03
N ILE C 739 43.68 20.78 14.29
CA ILE C 739 44.82 20.27 15.05
C ILE C 739 45.28 18.93 14.50
N GLU C 740 44.33 18.08 14.12
CA GLU C 740 44.71 16.72 13.80
C GLU C 740 45.19 16.58 12.35
N MET C 741 44.74 17.46 11.45
CA MET C 741 45.38 17.50 10.14
C MET C 741 46.77 18.10 10.22
N SER C 742 47.05 18.91 11.24
CA SER C 742 48.34 19.57 11.37
C SER C 742 49.43 18.61 11.80
N LEU C 743 49.08 17.65 12.67
CA LEU C 743 50.08 16.76 13.26
C LEU C 743 50.64 15.75 12.25
N GLN C 744 49.95 15.54 11.14
CA GLN C 744 50.36 14.54 10.16
C GLN C 744 51.39 15.08 9.17
N MET C 745 51.87 16.30 9.37
CA MET C 745 52.94 16.87 8.57
C MET C 745 54.28 16.61 9.26
N ASP C 746 55.32 17.30 8.78
CA ASP C 746 56.64 17.19 9.39
C ASP C 746 56.65 17.86 10.76
N PRO C 747 57.49 17.38 11.70
CA PRO C 747 57.45 17.92 13.07
C PRO C 747 57.83 19.39 13.19
N GLU C 748 58.71 19.90 12.34
CA GLU C 748 58.95 21.33 12.31
C GLU C 748 57.87 22.08 11.54
N TYR C 749 56.98 21.38 10.84
CA TYR C 749 56.00 22.01 9.97
C TYR C 749 54.60 21.94 10.52
N ARG C 750 54.41 21.37 11.72
CA ARG C 750 53.08 21.26 12.31
C ARG C 750 52.52 22.58 12.81
N VAL C 751 53.29 23.66 12.78
CA VAL C 751 52.82 24.94 13.30
C VAL C 751 52.11 25.72 12.21
N ARG C 752 52.80 26.04 11.13
CA ARG C 752 52.19 26.88 10.11
C ARG C 752 51.26 26.09 9.19
N LYS C 753 51.31 24.76 9.23
CA LYS C 753 50.23 23.96 8.66
C LYS C 753 48.92 24.27 9.38
N PHE C 754 48.96 24.35 10.71
CA PHE C 754 47.81 24.80 11.47
C PHE C 754 47.46 26.24 11.17
N LEU C 755 48.46 27.09 10.95
CA LEU C 755 48.19 28.49 10.64
C LEU C 755 47.73 28.70 9.22
N ALA C 756 48.00 27.76 8.31
CA ALA C 756 47.42 27.85 6.98
C ALA C 756 45.95 27.46 7.00
N LEU C 757 45.63 26.37 7.69
CA LEU C 757 44.25 25.88 7.78
C LEU C 757 43.36 26.76 8.64
N LEU C 758 43.94 27.52 9.56
CA LEU C 758 43.19 28.43 10.40
C LEU C 758 42.64 29.62 9.63
N ARG C 759 43.25 29.95 8.47
CA ARG C 759 42.84 31.12 7.70
C ARG C 759 41.49 30.97 7.02
N GLU C 760 40.91 29.78 7.01
CA GLU C 760 39.62 29.57 6.37
C GLU C 760 38.79 28.56 7.14
N GLU D 241 -38.69 -4.19 41.05
CA GLU D 241 -39.67 -5.03 40.39
C GLU D 241 -39.23 -6.48 40.41
N LYS D 242 -37.93 -6.67 40.26
CA LYS D 242 -37.30 -7.96 40.04
C LYS D 242 -35.86 -7.84 40.50
N MET D 243 -35.02 -8.79 40.11
CA MET D 243 -33.59 -8.58 40.26
C MET D 243 -33.18 -7.41 39.37
N GLY D 244 -32.43 -6.49 39.95
CA GLY D 244 -32.37 -5.12 39.49
C GLY D 244 -31.84 -4.83 38.10
N ILE D 245 -32.64 -4.11 37.32
CA ILE D 245 -32.24 -3.50 36.07
C ILE D 245 -32.73 -2.07 36.10
N GLY D 246 -31.81 -1.12 36.16
CA GLY D 246 -32.16 0.28 36.27
C GLY D 246 -31.83 1.06 35.02
N GLY D 247 -32.50 2.20 34.87
CA GLY D 247 -32.25 3.06 33.74
C GLY D 247 -32.70 2.55 32.40
N LEU D 248 -33.52 1.49 32.38
CA LEU D 248 -34.09 1.01 31.13
C LEU D 248 -35.60 1.04 31.18
N ASP D 249 -36.15 2.17 31.65
CA ASP D 249 -37.60 2.33 31.70
C ASP D 249 -38.20 2.37 30.30
N LYS D 250 -37.57 3.09 29.37
CA LYS D 250 -38.08 3.15 28.01
C LYS D 250 -37.66 1.96 27.16
N GLU D 251 -36.83 1.06 27.69
CA GLU D 251 -36.35 -0.08 26.94
C GLU D 251 -36.88 -1.41 27.44
N PHE D 252 -37.08 -1.56 28.75
CA PHE D 252 -37.69 -2.79 29.23
C PHE D 252 -39.20 -2.76 29.00
N SER D 253 -39.78 -1.57 28.86
CA SER D 253 -41.14 -1.46 28.37
C SER D 253 -41.19 -1.65 26.86
N ASP D 254 -40.07 -1.45 26.16
CA ASP D 254 -40.05 -1.64 24.73
C ASP D 254 -40.06 -3.13 24.38
N ILE D 255 -39.39 -3.94 25.20
CA ILE D 255 -39.46 -5.39 25.02
C ILE D 255 -40.61 -6.01 25.79
N PHE D 256 -41.36 -5.21 26.57
CA PHE D 256 -42.71 -5.62 26.93
C PHE D 256 -43.58 -5.76 25.69
N ARG D 257 -43.47 -4.81 24.77
CA ARG D 257 -44.40 -4.72 23.66
C ARG D 257 -44.20 -5.84 22.66
N ARG D 258 -42.98 -5.94 22.13
CA ARG D 258 -42.74 -6.68 20.90
C ARG D 258 -42.78 -8.19 21.11
N ALA D 259 -42.39 -8.66 22.28
CA ALA D 259 -42.36 -10.10 22.53
C ALA D 259 -43.19 -10.51 23.73
N PHE D 260 -43.19 -9.71 24.79
CA PHE D 260 -43.74 -10.10 26.08
C PHE D 260 -45.25 -9.95 26.14
N ALA D 261 -45.82 -8.90 25.54
CA ALA D 261 -47.25 -8.65 25.70
C ALA D 261 -48.08 -9.58 24.83
N SER D 262 -47.61 -9.90 23.63
CA SER D 262 -48.36 -10.80 22.76
C SER D 262 -48.20 -12.24 23.24
N ARG D 263 -48.93 -13.14 22.59
CA ARG D 263 -48.91 -14.61 22.66
C ARG D 263 -49.19 -15.21 24.03
N VAL D 264 -49.44 -14.40 25.06
CA VAL D 264 -49.74 -14.96 26.38
C VAL D 264 -50.99 -14.35 27.02
N PHE D 265 -51.08 -13.01 27.06
CA PHE D 265 -51.95 -12.37 28.05
C PHE D 265 -53.45 -12.44 27.76
N PRO D 266 -53.98 -11.97 26.61
CA PRO D 266 -55.44 -11.61 26.56
C PRO D 266 -56.37 -12.82 26.67
N PRO D 267 -56.18 -13.92 25.90
CA PRO D 267 -55.54 -14.39 24.67
C PRO D 267 -56.57 -14.50 23.56
N GLU D 268 -57.63 -13.68 23.64
CA GLU D 268 -58.76 -13.89 22.74
C GLU D 268 -58.47 -13.41 21.32
N ILE D 269 -57.71 -12.33 21.16
CA ILE D 269 -57.38 -11.87 19.81
C ILE D 269 -56.32 -12.77 19.20
N VAL D 270 -55.51 -13.42 20.05
CA VAL D 270 -54.56 -14.42 19.59
C VAL D 270 -55.30 -15.62 19.00
N GLU D 271 -56.38 -16.04 19.64
CA GLU D 271 -57.14 -17.18 19.14
C GLU D 271 -58.27 -16.79 18.20
N GLN D 272 -58.62 -15.50 18.11
CA GLN D 272 -59.53 -15.07 17.05
C GLN D 272 -58.75 -14.69 15.79
N MET D 273 -57.79 -13.78 15.93
CA MET D 273 -57.00 -13.34 14.79
C MET D 273 -55.72 -14.16 14.80
N GLY D 274 -55.59 -15.09 13.84
CA GLY D 274 -54.46 -15.99 13.79
C GLY D 274 -53.16 -15.29 13.48
N CYS D 275 -52.30 -15.18 14.49
CA CYS D 275 -51.16 -14.26 14.47
C CYS D 275 -49.83 -15.00 14.35
N LYS D 276 -48.85 -14.32 13.76
CA LYS D 276 -47.45 -14.73 13.87
C LYS D 276 -46.76 -13.83 14.91
N HIS D 277 -46.21 -14.45 15.95
CA HIS D 277 -45.55 -13.72 17.00
C HIS D 277 -44.05 -13.64 16.71
N VAL D 278 -43.38 -12.74 17.43
CA VAL D 278 -41.99 -12.42 17.07
C VAL D 278 -41.09 -13.57 17.50
N LYS D 279 -39.95 -13.68 16.82
CA LYS D 279 -39.08 -14.83 17.00
C LYS D 279 -37.96 -14.56 17.99
N GLY D 280 -37.52 -13.32 18.13
CA GLY D 280 -36.57 -13.00 19.18
C GLY D 280 -36.01 -11.60 19.00
N ILE D 281 -35.14 -11.23 19.94
CA ILE D 281 -34.67 -9.85 20.09
C ILE D 281 -33.16 -9.84 19.93
N LEU D 282 -32.63 -8.84 19.22
CA LEU D 282 -31.20 -8.61 19.12
C LEU D 282 -30.85 -7.39 19.95
N LEU D 283 -29.76 -7.48 20.72
CA LEU D 283 -29.47 -6.50 21.77
C LEU D 283 -28.17 -5.77 21.46
N TYR D 284 -28.29 -4.53 20.99
CA TYR D 284 -27.13 -3.68 20.78
C TYR D 284 -26.55 -3.24 22.11
N GLY D 285 -25.40 -2.58 22.05
CA GLY D 285 -24.93 -1.81 23.17
C GLY D 285 -23.43 -1.82 23.38
N PRO D 286 -22.93 -0.83 24.10
CA PRO D 286 -21.56 -0.88 24.59
C PRO D 286 -21.45 -1.91 25.70
N PRO D 287 -20.25 -2.41 25.97
CA PRO D 287 -20.09 -3.43 27.02
C PRO D 287 -20.32 -2.83 28.41
N GLY D 288 -21.27 -3.42 29.13
CA GLY D 288 -21.59 -2.95 30.47
C GLY D 288 -22.96 -2.31 30.60
N CYS D 289 -23.94 -2.80 29.86
CA CYS D 289 -25.28 -2.24 29.93
C CYS D 289 -26.33 -3.32 30.15
N GLY D 290 -25.92 -4.48 30.65
CA GLY D 290 -26.87 -5.48 31.06
C GLY D 290 -27.59 -6.22 29.96
N LYS D 291 -26.92 -6.45 28.82
CA LYS D 291 -27.51 -7.28 27.77
C LYS D 291 -27.70 -8.71 28.26
N THR D 292 -26.72 -9.24 28.99
CA THR D 292 -26.90 -10.51 29.65
C THR D 292 -27.92 -10.40 30.78
N LEU D 293 -27.95 -9.26 31.47
CA LEU D 293 -28.76 -9.13 32.67
C LEU D 293 -30.25 -9.05 32.33
N LEU D 294 -30.58 -8.61 31.12
CA LEU D 294 -31.94 -8.85 30.62
C LEU D 294 -32.18 -10.34 30.46
N ALA D 295 -31.35 -11.01 29.67
CA ALA D 295 -31.57 -12.41 29.37
C ALA D 295 -31.27 -13.33 30.54
N ARG D 296 -30.54 -12.88 31.54
CA ARG D 296 -30.48 -13.65 32.77
C ARG D 296 -31.82 -13.56 33.51
N GLN D 297 -32.54 -12.46 33.34
CA GLN D 297 -33.71 -12.15 34.12
C GLN D 297 -35.01 -12.19 33.30
N ILE D 298 -34.91 -12.15 31.97
CA ILE D 298 -36.12 -12.31 31.15
C ILE D 298 -36.58 -13.76 31.15
N GLY D 299 -35.72 -14.69 31.55
CA GLY D 299 -36.12 -16.06 31.77
C GLY D 299 -36.55 -16.26 33.21
N LYS D 300 -36.74 -15.17 33.94
CA LYS D 300 -37.08 -15.20 35.36
C LYS D 300 -38.15 -14.16 35.73
N MET D 301 -39.06 -13.83 34.82
CA MET D 301 -40.20 -12.97 35.14
C MET D 301 -41.50 -13.75 35.30
N LEU D 302 -41.91 -14.49 34.27
CA LEU D 302 -43.15 -15.24 34.34
C LEU D 302 -42.94 -16.62 34.94
N ASN D 303 -41.69 -16.97 35.24
CA ASN D 303 -41.24 -18.28 35.70
C ASN D 303 -41.67 -19.37 34.70
N ALA D 304 -41.11 -19.23 33.49
CA ALA D 304 -41.42 -20.14 32.40
C ALA D 304 -40.88 -21.55 32.62
N ARG D 305 -39.91 -21.70 33.53
CA ARG D 305 -39.32 -22.94 34.07
C ARG D 305 -38.36 -23.61 33.07
N GLU D 306 -38.28 -23.12 31.84
CA GLU D 306 -37.27 -23.58 30.88
C GLU D 306 -36.43 -22.42 30.38
N PRO D 307 -35.31 -22.12 31.02
CA PRO D 307 -34.29 -21.29 30.37
C PRO D 307 -33.29 -22.17 29.62
N LYS D 308 -32.97 -21.76 28.39
CA LYS D 308 -31.98 -22.45 27.57
C LYS D 308 -30.93 -21.43 27.11
N VAL D 309 -29.84 -21.35 27.86
CA VAL D 309 -28.74 -20.47 27.52
C VAL D 309 -27.67 -21.33 26.87
N VAL D 310 -27.38 -21.05 25.61
CA VAL D 310 -26.21 -21.61 24.98
C VAL D 310 -25.17 -20.51 24.95
N ASN D 311 -23.91 -20.89 24.85
CA ASN D 311 -22.84 -19.92 24.78
C ASN D 311 -22.60 -19.58 23.31
N GLY D 312 -21.66 -18.66 23.06
CA GLY D 312 -21.45 -18.13 21.74
C GLY D 312 -20.88 -19.13 20.75
N PRO D 313 -19.63 -19.50 20.93
CA PRO D 313 -19.03 -20.51 20.05
C PRO D 313 -19.20 -21.94 20.54
N GLU D 314 -20.12 -22.17 21.50
CA GLU D 314 -20.28 -23.48 22.12
C GLU D 314 -20.75 -24.54 21.13
N ILE D 315 -21.44 -24.14 20.08
CA ILE D 315 -21.89 -25.08 19.06
C ILE D 315 -20.71 -25.59 18.23
N LEU D 316 -19.86 -24.68 17.75
CA LEU D 316 -18.88 -24.96 16.71
C LEU D 316 -17.78 -25.94 17.13
N ASN D 317 -17.66 -26.28 18.42
CA ASN D 317 -16.50 -27.03 18.87
C ASN D 317 -16.56 -28.53 18.56
N LYS D 318 -17.43 -28.95 17.66
CA LYS D 318 -17.36 -30.28 17.12
C LYS D 318 -16.95 -30.21 15.65
N TYR D 319 -16.59 -31.38 15.11
CA TYR D 319 -16.20 -31.51 13.71
C TYR D 319 -17.46 -31.58 12.84
N VAL D 320 -17.29 -31.98 11.57
CA VAL D 320 -18.36 -31.89 10.58
C VAL D 320 -19.44 -32.93 10.88
N GLY D 321 -20.68 -32.58 10.57
CA GLY D 321 -21.81 -33.41 10.94
C GLY D 321 -22.34 -33.00 12.30
N GLU D 322 -21.51 -33.12 13.32
CA GLU D 322 -21.89 -32.75 14.67
C GLU D 322 -21.83 -31.25 14.90
N SER D 323 -21.22 -30.49 14.00
CA SER D 323 -21.27 -29.04 14.07
C SER D 323 -22.69 -28.54 13.88
N GLU D 324 -23.38 -29.08 12.88
CA GLU D 324 -24.77 -28.73 12.64
C GLU D 324 -25.71 -29.35 13.68
N ALA D 325 -25.24 -30.36 14.41
CA ALA D 325 -26.12 -31.14 15.26
C ALA D 325 -26.54 -30.40 16.52
N ASN D 326 -25.75 -29.46 17.01
CA ASN D 326 -26.06 -28.87 18.31
C ASN D 326 -27.24 -27.90 18.24
N ILE D 327 -27.32 -27.07 17.21
CA ILE D 327 -28.46 -26.16 17.11
C ILE D 327 -29.74 -26.92 16.76
N ARG D 328 -29.64 -28.01 16.02
CA ARG D 328 -30.82 -28.81 15.75
C ARG D 328 -31.14 -29.76 16.89
N LYS D 329 -30.31 -29.81 17.92
CA LYS D 329 -30.71 -30.34 19.22
C LYS D 329 -30.95 -29.24 20.25
N LEU D 330 -30.69 -27.98 19.89
CA LEU D 330 -31.00 -26.88 20.79
C LEU D 330 -32.46 -26.46 20.66
N PHE D 331 -32.94 -26.32 19.44
CA PHE D 331 -34.36 -26.03 19.22
C PHE D 331 -35.25 -27.26 19.34
N ALA D 332 -34.66 -28.46 19.46
CA ALA D 332 -35.42 -29.70 19.27
C ALA D 332 -36.41 -29.96 20.38
N ASP D 333 -36.05 -29.63 21.63
CA ASP D 333 -36.95 -29.89 22.75
C ASP D 333 -38.14 -28.96 22.78
N ALA D 334 -38.00 -27.75 22.23
CA ALA D 334 -39.13 -26.87 22.06
C ALA D 334 -39.88 -27.13 20.76
N GLU D 335 -39.20 -27.69 19.75
CA GLU D 335 -39.89 -28.10 18.53
C GLU D 335 -40.68 -29.37 18.76
N GLU D 336 -40.21 -30.25 19.65
CA GLU D 336 -40.96 -31.46 19.99
C GLU D 336 -42.22 -31.11 20.75
N GLU D 337 -42.16 -30.09 21.62
CA GLU D 337 -43.35 -29.66 22.32
C GLU D 337 -44.29 -28.84 21.44
N GLN D 338 -43.89 -28.50 20.21
CA GLN D 338 -44.87 -28.23 19.18
C GLN D 338 -45.41 -29.59 18.77
N ARG D 339 -46.52 -29.96 19.40
CA ARG D 339 -47.02 -31.33 19.42
C ARG D 339 -48.47 -31.20 18.99
N ARG D 340 -49.29 -32.24 19.24
CA ARG D 340 -50.74 -32.06 19.24
C ARG D 340 -51.17 -31.00 20.25
N LEU D 341 -50.39 -30.82 21.33
CA LEU D 341 -50.30 -29.53 21.99
C LEU D 341 -49.44 -28.62 21.13
N GLY D 342 -50.07 -27.88 20.20
CA GLY D 342 -49.34 -27.04 19.28
C GLY D 342 -49.03 -25.67 19.85
N ALA D 343 -50.04 -25.05 20.45
CA ALA D 343 -49.87 -23.84 21.23
C ALA D 343 -49.69 -24.23 22.70
N ASN D 344 -49.84 -23.26 23.62
CA ASN D 344 -49.96 -23.47 25.06
C ASN D 344 -48.71 -24.11 25.67
N SER D 345 -47.63 -23.32 25.67
CA SER D 345 -46.38 -23.59 26.42
C SER D 345 -45.70 -24.88 25.95
N GLY D 346 -45.08 -24.80 24.77
CA GLY D 346 -44.63 -23.55 24.17
C GLY D 346 -43.35 -23.06 24.83
N LEU D 347 -42.28 -23.84 24.70
CA LEU D 347 -41.04 -23.58 25.42
C LEU D 347 -40.33 -22.37 24.82
N HIS D 348 -40.19 -21.31 25.62
CA HIS D 348 -39.92 -19.98 25.08
C HIS D 348 -38.44 -19.76 24.82
N ILE D 349 -37.63 -19.90 25.87
CA ILE D 349 -36.36 -19.19 25.96
C ILE D 349 -35.28 -19.95 25.22
N ILE D 350 -34.64 -19.28 24.25
CA ILE D 350 -33.42 -19.76 23.60
C ILE D 350 -32.47 -18.56 23.56
N ILE D 351 -31.35 -18.67 24.27
CA ILE D 351 -30.45 -17.54 24.48
C ILE D 351 -29.10 -17.82 23.83
N PHE D 352 -28.71 -16.96 22.91
CA PHE D 352 -27.35 -16.92 22.39
C PHE D 352 -26.61 -15.80 23.10
N ASP D 353 -25.64 -16.17 23.95
CA ASP D 353 -25.05 -15.19 24.85
C ASP D 353 -24.12 -14.23 24.13
N GLU D 354 -23.58 -14.61 22.97
CA GLU D 354 -22.97 -13.64 22.06
C GLU D 354 -23.02 -14.29 20.67
N ILE D 355 -23.98 -13.84 19.85
CA ILE D 355 -24.38 -14.58 18.66
C ILE D 355 -23.54 -14.23 17.44
N ASP D 356 -22.80 -13.12 17.47
CA ASP D 356 -21.97 -12.76 16.32
C ASP D 356 -20.73 -13.63 16.18
N ALA D 357 -20.45 -14.48 17.17
CA ALA D 357 -19.42 -15.52 17.00
C ALA D 357 -19.81 -16.50 15.91
N ILE D 358 -21.10 -16.86 15.84
CA ILE D 358 -21.59 -17.77 14.82
C ILE D 358 -22.12 -16.99 13.62
N CYS D 359 -23.16 -16.19 13.86
CA CYS D 359 -23.98 -15.66 12.77
C CYS D 359 -23.32 -14.41 12.21
N LYS D 360 -22.33 -14.61 11.34
CA LYS D 360 -21.70 -13.45 10.74
C LYS D 360 -22.32 -13.13 9.38
N GLN D 361 -21.98 -13.95 8.37
CA GLN D 361 -22.17 -13.69 6.93
C GLN D 361 -21.95 -12.20 6.64
N ARG D 362 -20.76 -11.72 6.97
CA ARG D 362 -20.52 -10.30 7.22
C ARG D 362 -20.62 -9.43 5.98
N GLY D 363 -20.55 -10.00 4.79
CA GLY D 363 -20.61 -9.19 3.59
C GLY D 363 -19.38 -9.40 2.74
N SER D 364 -18.26 -9.74 3.39
CA SER D 364 -17.05 -10.16 2.70
C SER D 364 -17.09 -11.65 2.35
N MET D 365 -18.25 -12.30 2.58
CA MET D 365 -18.63 -13.68 2.23
C MET D 365 -17.53 -14.70 2.47
N ALA D 366 -16.84 -14.58 3.60
CA ALA D 366 -15.63 -15.37 3.84
C ALA D 366 -15.64 -15.84 5.30
N GLY D 367 -14.52 -16.42 5.71
CA GLY D 367 -14.32 -16.88 7.08
C GLY D 367 -14.58 -18.37 7.15
N SER D 368 -13.51 -19.17 7.02
CA SER D 368 -13.54 -20.64 7.05
C SER D 368 -14.46 -21.28 6.00
N THR D 369 -14.91 -20.47 5.02
CA THR D 369 -15.95 -20.72 4.01
C THR D 369 -17.12 -21.60 4.49
N GLY D 370 -17.59 -21.35 5.71
CA GLY D 370 -18.85 -21.92 6.10
C GLY D 370 -18.79 -23.27 6.77
N VAL D 371 -18.02 -23.40 7.85
CA VAL D 371 -18.44 -24.33 8.90
C VAL D 371 -19.44 -23.61 9.79
N HIS D 372 -19.33 -22.28 9.86
CA HIS D 372 -20.36 -21.49 10.53
C HIS D 372 -21.54 -21.22 9.61
N ASP D 373 -21.32 -21.04 8.30
CA ASP D 373 -22.45 -20.81 7.42
C ASP D 373 -23.25 -22.08 7.12
N THR D 374 -22.80 -23.24 7.59
CA THR D 374 -23.68 -24.40 7.65
C THR D 374 -24.37 -24.52 8.99
N VAL D 375 -24.04 -23.69 9.97
CA VAL D 375 -24.87 -23.55 11.17
C VAL D 375 -25.48 -22.17 11.28
N VAL D 376 -25.14 -21.25 10.37
CA VAL D 376 -25.97 -20.06 10.19
C VAL D 376 -27.31 -20.43 9.56
N ASN D 377 -27.26 -21.07 8.39
CA ASN D 377 -28.51 -21.33 7.67
C ASN D 377 -29.29 -22.50 8.28
N GLN D 378 -28.60 -23.43 8.94
CA GLN D 378 -29.28 -24.47 9.71
C GLN D 378 -30.04 -23.87 10.88
N LEU D 379 -29.52 -22.79 11.45
CA LEU D 379 -30.32 -22.01 12.39
C LEU D 379 -31.49 -21.35 11.69
N LEU D 380 -31.29 -20.88 10.46
CA LEU D 380 -32.37 -20.20 9.76
C LEU D 380 -33.41 -21.16 9.24
N SER D 381 -33.01 -22.39 8.88
CA SER D 381 -33.97 -23.39 8.43
C SER D 381 -34.80 -23.96 9.56
N LYS D 382 -34.39 -23.76 10.81
CA LYS D 382 -35.15 -24.30 11.92
C LYS D 382 -36.30 -23.38 12.32
N ILE D 383 -36.23 -22.11 11.94
CA ILE D 383 -37.28 -21.17 12.32
C ILE D 383 -38.26 -20.89 11.17
N ASP D 384 -37.88 -21.12 9.92
CA ASP D 384 -38.78 -20.97 8.78
C ASP D 384 -38.64 -22.19 7.88
N GLY D 385 -39.73 -22.97 7.75
CA GLY D 385 -39.70 -24.18 6.96
C GLY D 385 -38.83 -25.27 7.57
N VAL D 386 -39.24 -25.92 8.67
CA VAL D 386 -40.62 -25.94 9.18
C VAL D 386 -40.88 -24.74 10.11
N GLU D 387 -42.11 -24.24 10.08
CA GLU D 387 -42.44 -23.05 10.83
C GLU D 387 -42.63 -23.41 12.30
N GLN D 388 -42.12 -22.53 13.16
CA GLN D 388 -42.35 -22.64 14.60
C GLN D 388 -43.38 -21.59 14.99
N LEU D 389 -44.65 -21.85 14.66
CA LEU D 389 -45.75 -21.01 15.12
C LEU D 389 -45.99 -21.33 16.60
N ASN D 390 -45.10 -20.83 17.44
CA ASN D 390 -44.98 -21.33 18.80
C ASN D 390 -44.74 -20.16 19.72
N ASN D 391 -44.32 -20.47 20.94
CA ASN D 391 -43.99 -19.48 21.95
C ASN D 391 -42.49 -19.28 22.09
N ILE D 392 -41.69 -19.78 21.15
CA ILE D 392 -40.23 -19.74 21.29
C ILE D 392 -39.73 -18.31 21.12
N LEU D 393 -38.52 -18.07 21.63
CA LEU D 393 -37.99 -16.71 21.72
C LEU D 393 -36.47 -16.81 21.65
N VAL D 394 -35.90 -16.34 20.55
CA VAL D 394 -34.46 -16.47 20.30
C VAL D 394 -33.84 -15.12 20.64
N ILE D 395 -33.45 -14.95 21.90
CA ILE D 395 -32.81 -13.71 22.34
C ILE D 395 -31.31 -13.90 22.21
N GLY D 396 -30.76 -13.41 21.11
CA GLY D 396 -29.32 -13.34 20.93
C GLY D 396 -28.87 -11.90 21.10
N MET D 397 -27.73 -11.74 21.74
CA MET D 397 -27.22 -10.41 22.03
C MET D 397 -25.83 -10.28 21.44
N THR D 398 -25.38 -9.04 21.25
CA THR D 398 -24.11 -8.80 20.58
C THR D 398 -23.56 -7.45 20.99
N ASN D 399 -22.34 -7.18 20.53
CA ASN D 399 -21.73 -5.86 20.63
C ASN D 399 -21.52 -5.21 19.27
N ARG D 400 -21.25 -6.01 18.24
CA ARG D 400 -21.09 -5.48 16.88
C ARG D 400 -22.43 -5.56 16.17
N PRO D 401 -23.06 -4.42 15.86
CA PRO D 401 -24.37 -4.45 15.21
C PRO D 401 -24.40 -4.98 13.78
N ASP D 402 -23.58 -4.39 12.90
CA ASP D 402 -23.75 -4.56 11.47
C ASP D 402 -23.20 -5.88 10.94
N LEU D 403 -22.35 -6.56 11.71
CA LEU D 403 -21.61 -7.68 11.15
C LEU D 403 -22.46 -8.94 11.08
N ILE D 404 -23.62 -8.97 11.75
CA ILE D 404 -24.61 -10.00 11.50
C ILE D 404 -25.38 -9.63 10.24
N ASP D 405 -25.62 -10.60 9.36
CA ASP D 405 -26.17 -10.31 8.05
C ASP D 405 -27.67 -9.99 8.13
N GLU D 406 -28.12 -9.10 7.24
CA GLU D 406 -29.50 -8.63 7.28
C GLU D 406 -30.50 -9.66 6.77
N ALA D 407 -30.03 -10.76 6.18
CA ALA D 407 -30.90 -11.91 5.96
C ALA D 407 -31.29 -12.57 7.27
N LEU D 408 -30.53 -12.34 8.33
CA LEU D 408 -30.93 -12.72 9.67
C LEU D 408 -31.56 -11.55 10.43
N LEU D 409 -31.46 -10.33 9.89
CA LEU D 409 -32.13 -9.17 10.46
C LEU D 409 -33.40 -8.79 9.71
N ARG D 410 -33.97 -9.71 8.94
CA ARG D 410 -35.27 -9.49 8.35
C ARG D 410 -36.36 -9.77 9.40
N PRO D 411 -37.56 -9.19 9.23
CA PRO D 411 -38.62 -9.36 10.27
C PRO D 411 -39.07 -10.80 10.49
N GLY D 412 -38.98 -11.66 9.48
CA GLY D 412 -39.27 -13.06 9.71
C GLY D 412 -38.24 -13.74 10.59
N ARG D 413 -36.99 -13.32 10.49
CA ARG D 413 -35.94 -13.90 11.33
C ARG D 413 -35.82 -13.18 12.68
N LEU D 414 -35.42 -11.90 12.65
CA LEU D 414 -35.24 -11.11 13.86
C LEU D 414 -35.41 -9.65 13.45
N GLU D 415 -36.42 -8.98 14.01
CA GLU D 415 -36.66 -7.59 13.68
C GLU D 415 -36.20 -6.63 14.77
N VAL D 416 -36.43 -6.98 16.03
CA VAL D 416 -36.31 -5.98 17.08
C VAL D 416 -34.87 -5.83 17.56
N LYS D 417 -34.11 -5.06 16.80
CA LYS D 417 -32.87 -4.49 17.31
C LYS D 417 -33.20 -3.42 18.35
N MET D 418 -32.39 -3.35 19.41
CA MET D 418 -32.65 -2.37 20.45
C MET D 418 -31.32 -1.85 20.98
N GLU D 419 -31.09 -0.55 20.80
CA GLU D 419 -29.90 0.12 21.29
C GLU D 419 -29.98 0.24 22.80
N ILE D 420 -29.18 -0.54 23.51
CA ILE D 420 -29.12 -0.47 24.96
C ILE D 420 -27.89 0.34 25.32
N GLY D 421 -28.08 1.64 25.50
CA GLY D 421 -26.97 2.55 25.73
C GLY D 421 -26.63 2.69 27.21
N LEU D 422 -25.59 3.46 27.46
CA LEU D 422 -25.22 3.81 28.82
C LEU D 422 -26.25 4.76 29.41
N PRO D 423 -26.60 4.62 30.68
CA PRO D 423 -27.68 5.42 31.24
C PRO D 423 -27.26 6.85 31.53
N ASP D 424 -28.27 7.70 31.72
CA ASP D 424 -28.08 9.12 32.02
C ASP D 424 -28.07 9.35 33.53
N GLU D 425 -28.21 10.62 33.93
CA GLU D 425 -28.26 10.98 35.35
C GLU D 425 -29.46 10.34 36.05
N LYS D 426 -30.63 10.39 35.42
CA LYS D 426 -31.79 9.69 35.97
C LYS D 426 -31.61 8.19 35.91
N GLY D 427 -30.90 7.69 34.89
CA GLY D 427 -30.64 6.27 34.81
C GLY D 427 -29.64 5.79 35.83
N ARG D 428 -28.73 6.66 36.26
CA ARG D 428 -27.72 6.21 37.21
C ARG D 428 -28.20 6.26 38.65
N LEU D 429 -29.22 7.08 38.95
CA LEU D 429 -29.78 7.03 40.29
C LEU D 429 -30.67 5.81 40.47
N GLN D 430 -31.24 5.29 39.37
CA GLN D 430 -31.97 4.03 39.41
C GLN D 430 -31.06 2.87 39.74
N ILE D 431 -29.79 2.97 39.39
CA ILE D 431 -28.91 1.81 39.32
C ILE D 431 -27.86 1.81 40.43
N LEU D 432 -27.61 2.96 41.06
CA LEU D 432 -26.87 2.96 42.33
C LEU D 432 -27.70 2.39 43.45
N HIS D 433 -29.02 2.56 43.38
CA HIS D 433 -29.90 2.13 44.46
C HIS D 433 -30.02 0.61 44.53
N ILE D 434 -29.76 -0.10 43.44
CA ILE D 434 -29.92 -1.54 43.43
C ILE D 434 -28.75 -2.21 44.15
N HIS D 435 -27.52 -1.84 43.78
CA HIS D 435 -26.35 -2.41 44.43
C HIS D 435 -26.16 -1.88 45.83
N THR D 436 -26.68 -0.70 46.13
CA THR D 436 -26.73 -0.16 47.48
C THR D 436 -28.09 -0.38 48.12
N ALA D 437 -28.72 -1.52 47.86
CA ALA D 437 -29.95 -1.87 48.55
C ALA D 437 -29.66 -2.63 49.83
N ARG D 438 -28.78 -3.64 49.75
CA ARG D 438 -28.50 -4.44 50.93
C ARG D 438 -27.63 -3.68 51.92
N MET D 439 -26.68 -2.88 51.43
CA MET D 439 -25.92 -2.00 52.32
C MET D 439 -26.80 -0.90 52.92
N ARG D 440 -27.86 -0.50 52.24
CA ARG D 440 -28.84 0.41 52.83
C ARG D 440 -29.60 -0.27 53.96
N GLY D 441 -29.87 -1.57 53.81
CA GLY D 441 -30.51 -2.33 54.86
C GLY D 441 -29.50 -3.06 55.73
N HIS D 442 -28.26 -2.59 55.76
CA HIS D 442 -27.23 -3.25 56.56
C HIS D 442 -27.11 -2.64 57.94
N GLN D 443 -26.66 -1.37 58.03
CA GLN D 443 -26.60 -0.73 59.33
C GLN D 443 -26.87 0.77 59.30
N LEU D 444 -27.43 1.32 58.21
CA LEU D 444 -27.51 2.76 57.92
C LEU D 444 -26.11 3.39 57.96
N LEU D 445 -25.32 2.99 56.96
CA LEU D 445 -23.86 2.97 56.94
C LEU D 445 -23.14 4.21 57.49
N SER D 446 -23.27 5.34 56.82
CA SER D 446 -22.80 6.58 57.43
C SER D 446 -23.67 7.79 57.11
N ALA D 447 -24.76 7.61 56.35
CA ALA D 447 -25.78 8.61 56.02
C ALA D 447 -25.26 9.80 55.19
N ASP D 448 -23.97 9.84 54.88
CA ASP D 448 -23.44 10.81 53.93
C ASP D 448 -23.27 10.22 52.55
N VAL D 449 -23.59 8.94 52.39
CA VAL D 449 -23.63 8.29 51.09
C VAL D 449 -24.89 8.80 50.40
N ASP D 450 -24.72 9.78 49.51
CA ASP D 450 -25.84 10.35 48.77
C ASP D 450 -25.75 9.88 47.33
N ILE D 451 -26.61 8.94 46.96
CA ILE D 451 -26.59 8.39 45.62
C ILE D 451 -27.07 9.40 44.57
N LYS D 452 -27.72 10.49 44.98
CA LYS D 452 -27.92 11.60 44.07
C LYS D 452 -26.64 12.40 43.86
N GLU D 453 -25.81 12.51 44.90
CA GLU D 453 -24.51 13.17 44.75
C GLU D 453 -23.53 12.26 44.01
N LEU D 454 -23.74 10.95 44.08
CA LEU D 454 -22.92 10.04 43.28
C LEU D 454 -23.44 9.88 41.87
N ALA D 455 -24.68 10.26 41.59
CA ALA D 455 -25.15 10.22 40.22
C ALA D 455 -24.53 11.34 39.40
N VAL D 456 -24.37 12.51 40.00
CA VAL D 456 -23.87 13.67 39.24
C VAL D 456 -22.35 13.64 39.08
N GLU D 457 -21.62 13.13 40.06
CA GLU D 457 -20.16 13.12 39.94
C GLU D 457 -19.67 11.99 39.05
N THR D 458 -20.48 10.96 38.86
CA THR D 458 -20.19 9.86 37.95
C THR D 458 -21.04 10.09 36.71
N LYS D 459 -20.50 10.85 35.76
CA LYS D 459 -21.31 11.45 34.73
C LYS D 459 -21.44 10.64 33.46
N ASN D 460 -20.55 9.68 33.20
CA ASN D 460 -20.58 8.99 31.93
C ASN D 460 -20.87 7.50 32.04
N PHE D 461 -20.20 6.80 32.95
CA PHE D 461 -20.01 5.38 32.75
C PHE D 461 -21.22 4.54 33.13
N SER D 462 -21.29 3.37 32.53
CA SER D 462 -22.50 2.55 32.44
C SER D 462 -22.61 1.62 33.63
N GLY D 463 -23.53 0.67 33.54
CA GLY D 463 -23.98 -0.13 34.66
C GLY D 463 -22.95 -1.03 35.30
N ALA D 464 -22.32 -1.89 34.50
CA ALA D 464 -21.26 -2.74 35.02
C ALA D 464 -20.07 -1.92 35.49
N GLU D 465 -19.80 -0.81 34.81
CA GLU D 465 -18.81 0.14 35.28
C GLU D 465 -19.22 0.74 36.61
N LEU D 466 -20.52 0.92 36.82
CA LEU D 466 -20.99 1.52 38.05
C LEU D 466 -21.00 0.52 39.19
N GLU D 467 -21.22 -0.76 38.89
CA GLU D 467 -21.06 -1.76 39.94
C GLU D 467 -19.61 -1.85 40.40
N GLY D 468 -18.67 -1.68 39.48
CA GLY D 468 -17.26 -1.70 39.83
C GLY D 468 -16.83 -0.57 40.73
N LEU D 469 -17.62 0.50 40.81
CA LEU D 469 -17.41 1.49 41.85
C LEU D 469 -17.75 0.92 43.22
N VAL D 470 -18.79 0.09 43.29
CA VAL D 470 -19.26 -0.43 44.57
C VAL D 470 -18.36 -1.55 45.07
N ARG D 471 -17.94 -2.45 44.18
CA ARG D 471 -17.10 -3.58 44.59
C ARG D 471 -15.72 -3.14 45.07
N ALA D 472 -15.26 -1.97 44.63
CA ALA D 472 -14.07 -1.40 45.23
C ALA D 472 -14.40 -0.63 46.50
N ALA D 473 -15.62 -0.10 46.59
CA ALA D 473 -16.01 0.70 47.74
C ALA D 473 -16.14 -0.16 49.00
N GLN D 474 -16.91 -1.24 48.91
CA GLN D 474 -17.01 -2.12 50.06
C GLN D 474 -15.74 -2.93 50.30
N SER D 475 -14.88 -3.04 49.30
CA SER D 475 -13.56 -3.60 49.53
C SER D 475 -12.64 -2.60 50.22
N THR D 476 -12.81 -1.31 49.95
CA THR D 476 -12.06 -0.29 50.65
C THR D 476 -12.40 -0.27 52.14
N ALA D 477 -13.65 -0.54 52.48
CA ALA D 477 -14.05 -0.65 53.87
C ALA D 477 -13.45 -1.89 54.54
N MET D 478 -13.04 -2.88 53.76
CA MET D 478 -12.44 -4.05 54.37
C MET D 478 -11.00 -3.79 54.79
N ASN D 479 -10.19 -3.17 53.94
CA ASN D 479 -8.83 -2.83 54.33
C ASN D 479 -8.77 -1.57 55.18
N ARG D 480 -9.91 -0.93 55.40
CA ARG D 480 -10.08 -0.04 56.55
C ARG D 480 -10.02 -0.82 57.86
N HIS D 481 -10.28 -2.13 57.80
CA HIS D 481 -10.41 -2.99 58.97
C HIS D 481 -9.40 -4.12 59.02
N ILE D 482 -9.05 -4.74 57.88
CA ILE D 482 -8.33 -6.01 57.91
C ILE D 482 -6.82 -5.88 57.77
N LYS D 483 -6.27 -4.67 57.63
CA LYS D 483 -4.82 -4.49 57.59
C LYS D 483 -4.33 -3.35 58.46
N ALA D 484 -5.21 -2.55 59.03
CA ALA D 484 -4.77 -1.48 59.92
C ALA D 484 -4.30 -2.04 61.27
N SER D 485 -4.85 -3.18 61.68
CA SER D 485 -4.42 -3.79 62.93
C SER D 485 -3.14 -4.59 62.74
N THR D 486 -3.19 -5.63 61.90
CA THR D 486 -2.06 -6.51 61.70
C THR D 486 -1.72 -6.60 60.22
N LYS D 487 -0.76 -7.47 59.92
CA LYS D 487 -0.39 -7.82 58.55
C LYS D 487 -1.29 -8.99 58.14
N VAL D 488 -0.97 -9.64 57.02
CA VAL D 488 -1.56 -10.90 56.63
C VAL D 488 -1.23 -11.97 57.67
N GLU D 489 -2.24 -12.49 58.37
CA GLU D 489 -3.68 -12.23 58.18
C GLU D 489 -4.34 -11.55 59.38
N VAL D 490 -3.70 -11.64 60.55
CA VAL D 490 -4.30 -11.99 61.85
C VAL D 490 -5.72 -11.48 62.13
N ASP D 491 -5.99 -10.19 61.94
CA ASP D 491 -7.14 -9.54 62.58
C ASP D 491 -8.49 -9.98 62.03
N MET D 492 -9.38 -10.40 62.93
CA MET D 492 -10.69 -10.94 62.59
C MET D 492 -11.71 -10.40 63.59
N GLU D 493 -12.57 -9.48 63.13
CA GLU D 493 -13.65 -8.86 63.89
C GLU D 493 -13.10 -8.22 65.17
N LYS D 494 -12.31 -7.17 64.94
CA LYS D 494 -11.68 -6.45 66.04
C LYS D 494 -12.30 -5.07 66.27
N ALA D 495 -13.10 -4.58 65.35
CA ALA D 495 -13.64 -3.23 65.46
C ALA D 495 -15.12 -3.15 65.09
N GLU D 496 -15.88 -4.20 65.39
CA GLU D 496 -17.36 -4.18 65.43
C GLU D 496 -17.96 -3.79 64.07
N SER D 497 -17.84 -4.74 63.12
CA SER D 497 -17.58 -4.56 61.69
C SER D 497 -18.14 -3.28 61.06
N LEU D 498 -17.26 -2.59 60.35
CA LEU D 498 -17.32 -1.14 60.19
C LEU D 498 -18.18 -0.80 58.96
N GLN D 499 -18.10 0.46 58.54
CA GLN D 499 -19.12 1.11 57.73
C GLN D 499 -18.54 1.72 56.46
N VAL D 500 -19.34 1.71 55.40
CA VAL D 500 -18.97 2.26 54.11
C VAL D 500 -19.25 3.76 54.16
N THR D 501 -18.21 4.57 54.03
CA THR D 501 -18.35 6.02 54.12
C THR D 501 -18.37 6.66 52.74
N ARG D 502 -18.49 7.98 52.73
CA ARG D 502 -18.35 8.74 51.50
C ARG D 502 -16.89 8.89 51.12
N GLY D 503 -15.99 8.87 52.12
CA GLY D 503 -14.56 8.90 51.86
C GLY D 503 -14.03 7.65 51.20
N ASP D 504 -14.78 6.55 51.27
CA ASP D 504 -14.40 5.35 50.53
C ASP D 504 -14.74 5.48 49.06
N PHE D 505 -15.87 6.12 48.74
CA PHE D 505 -16.29 6.26 47.36
C PHE D 505 -15.41 7.22 46.58
N LEU D 506 -15.07 8.36 47.19
CA LEU D 506 -14.27 9.36 46.48
C LEU D 506 -12.84 8.89 46.27
N ALA D 507 -12.36 7.99 47.13
CA ALA D 507 -11.11 7.31 46.85
C ALA D 507 -11.30 6.13 45.89
N SER D 508 -12.53 5.64 45.75
CA SER D 508 -12.78 4.56 44.80
C SER D 508 -12.92 5.07 43.37
N LEU D 509 -12.99 6.38 43.18
CA LEU D 509 -12.99 6.93 41.83
C LEU D 509 -11.80 7.87 41.63
N GLU D 510 -10.84 7.80 42.55
CA GLU D 510 -9.44 8.08 42.26
C GLU D 510 -8.74 6.80 41.80
N ASN D 511 -9.20 5.66 42.31
CA ASN D 511 -8.82 4.33 41.84
C ASN D 511 -10.02 3.42 42.01
N ASP D 512 -10.78 3.16 40.95
CA ASP D 512 -10.47 3.52 39.56
C ASP D 512 -11.07 4.83 39.05
N ILE D 513 -10.22 5.66 38.45
CA ILE D 513 -10.69 6.84 37.72
C ILE D 513 -11.49 6.40 36.50
N LYS D 514 -10.93 5.47 35.74
CA LYS D 514 -11.25 5.16 34.34
C LYS D 514 -12.69 4.73 34.16
N PRO D 515 -13.50 5.54 33.49
CA PRO D 515 -14.87 5.14 33.20
C PRO D 515 -14.96 4.08 32.10
N ALA D 516 -14.13 4.20 31.06
CA ALA D 516 -14.07 3.27 29.92
C ALA D 516 -15.45 3.12 29.26
N PHE D 517 -15.89 4.17 28.55
CA PHE D 517 -15.16 5.00 27.57
C PHE D 517 -14.05 5.99 27.93
N GLY D 518 -14.39 6.99 28.74
CA GLY D 518 -13.54 8.15 28.86
C GLY D 518 -14.03 9.34 28.08
N THR D 519 -15.15 9.20 27.37
CA THR D 519 -15.89 10.36 26.88
C THR D 519 -16.35 11.20 28.06
N ASN D 520 -16.04 12.51 27.99
CA ASN D 520 -16.31 13.58 28.96
C ASN D 520 -15.41 13.46 30.20
N GLN D 521 -14.68 12.36 30.32
CA GLN D 521 -13.72 12.17 31.40
C GLN D 521 -12.35 11.98 30.77
N GLU D 522 -11.71 13.10 30.46
CA GLU D 522 -10.30 13.09 30.10
C GLU D 522 -9.42 13.42 31.29
N ASP D 523 -10.03 13.95 32.37
CA ASP D 523 -9.31 14.65 33.44
C ASP D 523 -8.42 15.73 32.85
N TYR D 524 -9.10 16.78 32.38
CA TYR D 524 -8.69 18.00 31.67
C TYR D 524 -7.76 18.90 32.48
N ALA D 525 -7.29 18.47 33.65
CA ALA D 525 -6.20 19.16 34.35
C ALA D 525 -4.91 19.16 33.55
N SER D 526 -4.76 18.27 32.56
CA SER D 526 -3.67 18.42 31.60
C SER D 526 -3.89 19.61 30.68
N TYR D 527 -5.14 20.02 30.49
CA TYR D 527 -5.44 21.21 29.68
C TYR D 527 -5.56 22.46 30.53
N ILE D 528 -5.91 22.34 31.80
CA ILE D 528 -5.89 23.45 32.74
C ILE D 528 -4.98 23.01 33.88
N MET D 529 -3.70 23.38 33.79
CA MET D 529 -2.75 22.86 34.76
C MET D 529 -2.69 23.72 36.01
N ASN D 530 -2.73 25.03 35.86
CA ASN D 530 -2.60 25.94 36.99
C ASN D 530 -3.83 26.82 37.14
N GLY D 531 -5.01 26.23 36.98
CA GLY D 531 -6.26 26.92 37.26
C GLY D 531 -6.58 28.01 36.26
N ILE D 532 -7.68 28.71 36.53
CA ILE D 532 -8.13 29.84 35.73
C ILE D 532 -8.25 31.02 36.68
N ILE D 533 -7.24 31.86 36.72
CA ILE D 533 -7.27 33.02 37.60
C ILE D 533 -7.85 34.21 36.85
N LYS D 534 -8.44 35.13 37.59
CA LYS D 534 -8.94 36.38 37.00
C LYS D 534 -7.85 37.45 37.10
N TRP D 535 -6.80 37.24 36.29
CA TRP D 535 -5.69 38.18 36.25
C TRP D 535 -6.10 39.52 35.65
N GLY D 536 -7.03 39.51 34.70
CA GLY D 536 -7.45 40.72 34.07
C GLY D 536 -8.95 40.87 34.10
N ASP D 537 -9.38 42.12 34.04
CA ASP D 537 -10.77 42.42 33.72
C ASP D 537 -11.29 41.83 32.40
N PRO D 538 -10.52 41.68 31.31
CA PRO D 538 -11.07 40.96 30.14
C PRO D 538 -11.29 39.47 30.34
N VAL D 539 -10.75 38.86 31.39
CA VAL D 539 -10.83 37.40 31.54
C VAL D 539 -12.25 36.96 31.85
N THR D 540 -12.93 37.69 32.75
CA THR D 540 -14.35 37.49 32.95
C THR D 540 -15.14 37.81 31.68
N ARG D 541 -14.67 38.79 30.92
CA ARG D 541 -15.35 39.15 29.68
C ARG D 541 -15.05 38.20 28.54
N VAL D 542 -14.13 37.26 28.72
CA VAL D 542 -14.00 36.16 27.77
C VAL D 542 -15.00 35.06 28.09
N LEU D 543 -14.96 34.55 29.33
CA LEU D 543 -15.73 33.37 29.66
C LEU D 543 -17.20 33.65 29.95
N ASP D 544 -17.63 34.92 29.98
CA ASP D 544 -19.07 35.16 30.00
C ASP D 544 -19.66 35.04 28.60
N ASP D 545 -18.91 35.52 27.60
CA ASP D 545 -19.28 35.38 26.19
C ASP D 545 -19.34 33.93 25.76
N GLY D 546 -18.65 33.04 26.47
CA GLY D 546 -18.93 31.63 26.35
C GLY D 546 -20.33 31.34 26.82
N GLU D 547 -20.66 31.64 28.08
CA GLU D 547 -21.96 31.26 28.61
C GLU D 547 -23.08 32.21 28.16
N LEU D 548 -22.76 33.36 27.57
CA LEU D 548 -23.77 34.09 26.82
C LEU D 548 -24.12 33.37 25.52
N LEU D 549 -23.20 32.55 25.03
CA LEU D 549 -23.39 31.79 23.81
C LEU D 549 -23.67 30.31 24.07
N VAL D 550 -23.35 29.80 25.27
CA VAL D 550 -23.77 28.45 25.63
C VAL D 550 -25.28 28.38 25.77
N GLN D 551 -25.90 29.45 26.29
CA GLN D 551 -27.35 29.51 26.38
C GLN D 551 -28.02 29.56 25.01
N GLN D 552 -27.32 30.04 23.99
CA GLN D 552 -27.82 29.95 22.63
C GLN D 552 -27.88 28.50 22.16
N THR D 553 -26.96 27.67 22.63
CA THR D 553 -27.01 26.26 22.28
C THR D 553 -28.13 25.53 23.03
N LYS D 554 -28.33 25.87 24.30
CA LYS D 554 -29.26 25.13 25.13
C LYS D 554 -30.71 25.42 24.76
N ASN D 555 -30.99 26.62 24.25
CA ASN D 555 -32.37 27.09 24.16
C ASN D 555 -32.92 27.22 22.76
N SER D 556 -32.09 27.52 21.76
CA SER D 556 -32.60 28.00 20.48
C SER D 556 -33.23 26.89 19.65
N ASP D 557 -33.86 27.32 18.56
CA ASP D 557 -34.31 26.44 17.49
C ASP D 557 -34.01 26.96 16.09
N ARG D 558 -33.67 28.24 15.95
CA ARG D 558 -33.21 28.77 14.66
C ARG D 558 -31.83 28.25 14.32
N THR D 559 -30.88 28.36 15.25
CA THR D 559 -29.49 28.02 15.02
C THR D 559 -29.12 26.78 15.82
N PRO D 560 -29.07 25.60 15.20
CA PRO D 560 -28.74 24.38 15.96
C PRO D 560 -27.25 24.10 16.06
N LEU D 561 -26.41 24.88 15.39
CA LEU D 561 -24.98 24.61 15.28
C LEU D 561 -24.21 25.91 15.54
N VAL D 562 -23.40 25.92 16.59
CA VAL D 562 -22.70 27.12 17.00
C VAL D 562 -21.21 26.87 16.92
N SER D 563 -20.48 27.78 16.26
CA SER D 563 -19.05 27.63 16.01
C SER D 563 -18.35 28.90 16.43
N VAL D 564 -17.81 28.92 17.65
CA VAL D 564 -17.14 30.09 18.20
C VAL D 564 -15.64 29.90 17.99
N LEU D 565 -14.90 31.00 18.07
CA LEU D 565 -13.45 30.99 17.91
C LEU D 565 -12.79 31.79 19.02
N LEU D 566 -11.81 31.18 19.69
CA LEU D 566 -11.00 31.85 20.69
C LEU D 566 -9.63 32.10 20.09
N GLU D 567 -9.40 33.32 19.64
CA GLU D 567 -8.16 33.64 18.96
C GLU D 567 -7.27 34.49 19.86
N GLY D 568 -6.13 34.91 19.32
CA GLY D 568 -5.27 35.82 20.01
C GLY D 568 -3.81 35.52 19.77
N PRO D 569 -2.94 36.16 20.55
CA PRO D 569 -1.51 35.86 20.48
C PRO D 569 -1.23 34.47 21.03
N PRO D 570 -0.09 33.87 20.72
CA PRO D 570 0.26 32.59 21.33
C PRO D 570 0.57 32.76 22.80
N HIS D 571 0.47 31.66 23.53
CA HIS D 571 0.67 31.55 24.99
C HIS D 571 -0.31 32.42 25.78
N SER D 572 -1.44 32.82 25.18
CA SER D 572 -2.33 33.76 25.84
C SER D 572 -3.36 33.08 26.72
N GLY D 573 -3.51 31.77 26.62
CA GLY D 573 -4.45 31.06 27.44
C GLY D 573 -5.71 30.69 26.70
N LYS D 574 -5.55 30.30 25.44
CA LYS D 574 -6.71 29.99 24.61
C LYS D 574 -7.20 28.57 24.85
N THR D 575 -6.28 27.61 24.93
CA THR D 575 -6.65 26.22 25.19
C THR D 575 -7.21 26.05 26.60
N ALA D 576 -6.67 26.80 27.56
CA ALA D 576 -7.16 26.72 28.93
C ALA D 576 -8.55 27.29 29.05
N LEU D 577 -8.79 28.48 28.49
CA LEU D 577 -10.12 29.06 28.52
C LEU D 577 -11.11 28.31 27.64
N ALA D 578 -10.63 27.52 26.69
CA ALA D 578 -11.55 26.69 25.93
C ALA D 578 -12.03 25.50 26.75
N ALA D 579 -11.20 25.01 27.66
CA ALA D 579 -11.62 23.89 28.48
C ALA D 579 -12.56 24.34 29.59
N LYS D 580 -12.41 25.57 30.07
CA LYS D 580 -13.25 26.06 31.15
C LYS D 580 -14.67 26.35 30.66
N ILE D 581 -14.79 27.00 29.50
CA ILE D 581 -16.10 27.25 28.90
C ILE D 581 -16.77 25.94 28.53
N ALA D 582 -15.99 24.98 28.07
CA ALA D 582 -16.54 23.65 27.81
C ALA D 582 -16.94 22.93 29.09
N GLU D 583 -16.31 23.27 30.22
CA GLU D 583 -16.68 22.63 31.47
C GLU D 583 -17.87 23.32 32.13
N GLU D 584 -18.00 24.63 31.98
CA GLU D 584 -19.09 25.34 32.64
C GLU D 584 -20.42 25.20 31.93
N SER D 585 -20.46 24.57 30.76
CA SER D 585 -21.75 24.28 30.14
C SER D 585 -22.48 23.17 30.86
N ASN D 586 -21.72 22.26 31.48
CA ASN D 586 -22.21 21.02 32.07
C ASN D 586 -23.00 20.19 31.05
N PHE D 587 -22.44 20.10 29.86
CA PHE D 587 -23.04 19.30 28.81
C PHE D 587 -22.79 17.81 29.04
N PRO D 588 -23.66 16.94 28.53
CA PRO D 588 -23.44 15.49 28.68
C PRO D 588 -22.47 14.88 27.68
N PHE D 589 -21.80 15.69 26.86
CA PHE D 589 -20.75 15.18 25.98
C PHE D 589 -19.78 16.32 25.71
N ILE D 590 -18.68 16.34 26.45
CA ILE D 590 -17.68 17.40 26.35
C ILE D 590 -16.38 16.73 25.92
N LYS D 591 -16.02 16.88 24.66
CA LYS D 591 -14.85 16.23 24.09
C LYS D 591 -13.89 17.30 23.59
N ILE D 592 -12.61 17.12 23.87
CA ILE D 592 -11.57 18.07 23.50
C ILE D 592 -10.81 17.46 22.33
N CYS D 593 -11.21 17.80 21.11
CA CYS D 593 -10.48 17.37 19.92
C CYS D 593 -9.18 18.16 19.83
N SER D 594 -8.07 17.51 20.17
CA SER D 594 -6.83 18.22 20.38
C SER D 594 -5.68 17.42 19.77
N PRO D 595 -4.72 18.10 19.13
CA PRO D 595 -3.69 17.39 18.38
C PRO D 595 -2.65 16.68 19.22
N ASP D 596 -2.70 16.79 20.54
CA ASP D 596 -1.78 16.04 21.39
C ASP D 596 -2.04 14.54 21.38
N LYS D 597 -3.20 14.12 20.89
CA LYS D 597 -3.54 12.71 20.79
C LYS D 597 -3.51 12.21 19.36
N MET D 598 -3.09 13.06 18.41
CA MET D 598 -3.18 12.71 16.99
C MET D 598 -1.83 12.78 16.28
N ILE D 599 -0.72 12.75 17.03
CA ILE D 599 0.58 12.92 16.40
C ILE D 599 0.96 11.67 15.63
N GLY D 600 1.82 11.84 14.63
CA GLY D 600 2.21 10.75 13.77
C GLY D 600 1.16 10.30 12.77
N PHE D 601 -0.07 10.77 12.89
CA PHE D 601 -1.11 10.43 11.94
C PHE D 601 -0.83 11.06 10.59
N SER D 602 -1.24 10.37 9.54
CA SER D 602 -1.04 10.85 8.18
C SER D 602 -2.05 11.96 7.87
N GLU D 603 -2.10 12.37 6.60
CA GLU D 603 -3.03 13.41 6.19
C GLU D 603 -4.46 12.91 6.20
N THR D 604 -4.66 11.59 6.17
CA THR D 604 -6.00 11.03 6.07
C THR D 604 -6.57 10.69 7.45
N ALA D 605 -5.76 10.10 8.32
CA ALA D 605 -6.26 9.62 9.60
C ALA D 605 -6.62 10.74 10.56
N LYS D 606 -6.15 11.96 10.32
CA LYS D 606 -6.66 13.10 11.06
C LYS D 606 -8.08 13.45 10.64
N CYS D 607 -8.47 13.13 9.41
CA CYS D 607 -9.85 13.36 9.02
C CYS D 607 -10.78 12.34 9.67
N GLN D 608 -10.32 11.10 9.83
CA GLN D 608 -11.20 10.08 10.42
C GLN D 608 -11.37 10.30 11.91
N ALA D 609 -10.29 10.59 12.63
CA ALA D 609 -10.40 10.85 14.06
C ALA D 609 -10.93 12.25 14.37
N MET D 610 -11.25 13.05 13.36
CA MET D 610 -12.08 14.23 13.54
C MET D 610 -13.52 13.95 13.14
N LYS D 611 -13.73 13.03 12.19
CA LYS D 611 -15.06 12.54 11.88
C LYS D 611 -15.66 11.78 13.06
N LYS D 612 -14.84 11.00 13.76
CA LYS D 612 -15.32 10.16 14.85
C LYS D 612 -15.78 11.00 16.04
N ILE D 613 -15.05 12.07 16.35
CA ILE D 613 -15.46 12.98 17.41
C ILE D 613 -16.73 13.73 17.00
N PHE D 614 -16.80 14.16 15.75
CA PHE D 614 -18.02 14.79 15.29
C PHE D 614 -19.11 13.80 14.88
N ASP D 615 -18.91 12.50 15.07
CA ASP D 615 -20.04 11.59 15.07
C ASP D 615 -20.66 11.46 16.44
N ASP D 616 -19.83 11.26 17.46
CA ASP D 616 -20.33 11.02 18.81
C ASP D 616 -20.81 12.30 19.50
N ALA D 617 -20.75 13.44 18.82
CA ALA D 617 -21.48 14.62 19.25
C ALA D 617 -22.82 14.75 18.57
N TYR D 618 -23.01 14.06 17.45
CA TYR D 618 -24.33 13.97 16.85
C TYR D 618 -25.21 12.97 17.57
N LYS D 619 -24.62 12.01 18.28
CA LYS D 619 -25.39 11.00 19.00
C LYS D 619 -25.67 11.43 20.43
N SER D 620 -26.20 12.63 20.59
CA SER D 620 -26.57 13.18 21.88
C SER D 620 -27.59 14.28 21.64
N GLN D 621 -27.84 15.10 22.66
CA GLN D 621 -28.70 16.26 22.52
C GLN D 621 -27.93 17.56 22.65
N LEU D 622 -27.20 17.74 23.74
CA LEU D 622 -26.33 18.89 23.94
C LEU D 622 -24.91 18.37 24.06
N SER D 623 -23.99 18.97 23.30
CA SER D 623 -22.61 18.51 23.28
C SER D 623 -21.71 19.63 22.82
N CYS D 624 -20.56 19.75 23.48
CA CYS D 624 -19.55 20.74 23.11
C CYS D 624 -18.28 20.02 22.68
N VAL D 625 -17.75 20.41 21.53
CA VAL D 625 -16.51 19.86 21.01
C VAL D 625 -15.52 21.01 20.86
N VAL D 626 -14.39 20.91 21.56
CA VAL D 626 -13.34 21.91 21.46
C VAL D 626 -12.42 21.47 20.33
N VAL D 627 -12.54 22.10 19.18
CA VAL D 627 -11.62 21.88 18.08
C VAL D 627 -10.39 22.71 18.40
N ASP D 628 -9.43 22.11 19.08
CA ASP D 628 -8.36 22.84 19.74
C ASP D 628 -7.14 22.97 18.84
N ASP D 629 -6.55 24.17 18.85
CA ASP D 629 -5.27 24.49 18.22
C ASP D 629 -5.32 24.22 16.72
N ILE D 630 -6.11 25.07 16.04
CA ILE D 630 -6.51 24.93 14.64
C ILE D 630 -5.30 24.73 13.73
N GLU D 631 -4.23 25.46 13.96
CA GLU D 631 -3.07 25.36 13.08
C GLU D 631 -2.18 24.16 13.40
N ARG D 632 -2.68 23.16 14.11
CA ARG D 632 -2.05 21.86 14.19
C ARG D 632 -2.89 20.74 13.59
N LEU D 633 -4.22 20.84 13.71
CA LEU D 633 -5.08 19.98 12.92
C LEU D 633 -4.93 20.28 11.44
N LEU D 634 -4.77 21.55 11.10
CA LEU D 634 -4.45 21.93 9.73
C LEU D 634 -3.00 21.74 9.39
N ASP D 635 -2.17 21.32 10.37
CA ASP D 635 -0.72 21.14 10.40
C ASP D 635 0.03 22.15 9.55
N TYR D 636 -0.34 23.41 9.73
CA TYR D 636 0.16 24.56 9.00
C TYR D 636 1.58 24.92 9.43
N VAL D 637 2.34 25.48 8.49
CA VAL D 637 3.66 26.04 8.73
C VAL D 637 3.89 27.11 7.67
N PRO D 638 4.37 28.29 8.02
CA PRO D 638 4.35 29.40 7.06
C PRO D 638 5.47 29.42 6.02
N ILE D 639 6.17 28.31 5.81
CA ILE D 639 7.11 28.21 4.70
C ILE D 639 6.39 27.54 3.53
N GLY D 640 6.16 28.31 2.47
CA GLY D 640 5.53 27.78 1.29
C GLY D 640 4.20 28.40 0.91
N PRO D 641 3.24 28.51 1.84
CA PRO D 641 2.96 27.81 3.11
C PRO D 641 2.22 26.50 2.84
N ARG D 642 2.43 25.50 3.68
CA ARG D 642 1.82 24.20 3.46
C ARG D 642 0.93 23.80 4.61
N PHE D 643 -0.06 22.99 4.29
CA PHE D 643 -1.12 22.56 5.19
C PHE D 643 -1.86 21.41 4.53
N SER D 644 -2.47 20.56 5.35
CA SER D 644 -3.24 19.44 4.84
C SER D 644 -4.56 19.96 4.27
N ASN D 645 -4.68 19.95 2.94
CA ASN D 645 -5.94 20.39 2.33
C ASN D 645 -7.04 19.35 2.52
N LEU D 646 -6.68 18.12 2.86
CA LEU D 646 -7.69 17.12 3.13
C LEU D 646 -8.40 17.39 4.45
N VAL D 647 -7.68 17.91 5.45
CA VAL D 647 -8.26 18.17 6.76
C VAL D 647 -9.03 19.49 6.75
N LEU D 648 -8.48 20.51 6.09
CA LEU D 648 -9.12 21.82 6.01
C LEU D 648 -10.49 21.74 5.36
N GLN D 649 -10.62 20.92 4.33
CA GLN D 649 -11.91 20.77 3.69
C GLN D 649 -12.78 19.72 4.35
N ALA D 650 -12.24 19.02 5.35
CA ALA D 650 -13.09 18.30 6.29
C ALA D 650 -13.35 19.11 7.56
N LEU D 651 -12.85 20.33 7.63
CA LEU D 651 -13.06 21.19 8.78
C LEU D 651 -13.79 22.48 8.43
N LEU D 652 -13.78 22.90 7.17
CA LEU D 652 -14.68 23.97 6.78
C LEU D 652 -16.12 23.47 6.66
N VAL D 653 -16.29 22.17 6.49
CA VAL D 653 -17.62 21.61 6.30
C VAL D 653 -18.27 21.29 7.63
N LEU D 654 -17.50 20.76 8.59
CA LEU D 654 -18.03 20.44 9.91
C LEU D 654 -18.40 21.68 10.71
N LEU D 655 -17.97 22.86 10.30
CA LEU D 655 -18.49 24.06 10.91
C LEU D 655 -19.83 24.48 10.34
N LYS D 656 -20.28 23.84 9.28
CA LYS D 656 -21.61 24.08 8.74
C LYS D 656 -22.48 22.83 8.69
N LYS D 657 -21.91 21.64 8.92
CA LYS D 657 -22.72 20.44 8.96
C LYS D 657 -23.56 20.44 10.22
N ALA D 658 -24.85 20.72 10.08
CA ALA D 658 -25.77 20.69 11.20
C ALA D 658 -25.93 19.26 11.72
N PRO D 659 -26.25 19.10 12.99
CA PRO D 659 -26.57 17.77 13.51
C PRO D 659 -27.93 17.30 12.99
N PRO D 660 -28.35 16.07 13.28
CA PRO D 660 -29.73 15.68 12.98
C PRO D 660 -30.75 16.49 13.77
N GLN D 661 -32.02 16.31 13.35
CA GLN D 661 -33.11 17.20 13.74
C GLN D 661 -33.36 17.21 15.24
N GLY D 662 -33.46 18.41 15.81
CA GLY D 662 -33.72 18.60 17.21
C GLY D 662 -32.49 18.56 18.10
N ARG D 663 -31.32 18.33 17.54
CA ARG D 663 -30.10 18.16 18.31
C ARG D 663 -29.22 19.40 18.21
N LYS D 664 -28.33 19.57 19.19
CA LYS D 664 -27.51 20.75 19.30
C LYS D 664 -26.03 20.38 19.36
N LEU D 665 -25.18 21.38 19.14
CA LEU D 665 -23.73 21.19 19.08
C LEU D 665 -23.04 22.53 19.23
N LEU D 666 -22.01 22.57 20.09
CA LEU D 666 -21.17 23.75 20.28
C LEU D 666 -19.75 23.44 19.84
N ILE D 667 -19.17 24.31 19.03
CA ILE D 667 -17.81 24.13 18.54
C ILE D 667 -16.96 25.30 18.99
N ILE D 668 -16.02 25.02 19.88
CA ILE D 668 -15.07 26.02 20.35
C ILE D 668 -13.76 25.79 19.63
N GLY D 669 -13.22 26.84 19.03
CA GLY D 669 -11.97 26.76 18.29
C GLY D 669 -10.93 27.69 18.88
N THR D 670 -9.69 27.22 18.89
CA THR D 670 -8.55 28.00 19.36
C THR D 670 -7.52 28.14 18.27
N THR D 671 -7.03 29.36 18.05
CA THR D 671 -5.95 29.57 17.11
C THR D 671 -5.10 30.75 17.55
N SER D 672 -3.81 30.67 17.24
CA SER D 672 -2.92 31.80 17.41
C SER D 672 -2.77 32.62 16.14
N ARG D 673 -3.44 32.21 15.06
CA ARG D 673 -3.26 32.81 13.74
C ARG D 673 -4.63 33.12 13.18
N LYS D 674 -5.14 34.32 13.44
CA LYS D 674 -6.36 34.76 12.78
C LYS D 674 -6.12 35.05 11.30
N ASP D 675 -5.01 35.70 11.00
CA ASP D 675 -4.71 36.14 9.63
C ASP D 675 -4.48 34.97 8.69
N VAL D 676 -3.94 33.85 9.20
CA VAL D 676 -3.82 32.66 8.37
C VAL D 676 -5.19 32.06 8.08
N LEU D 677 -6.04 31.99 9.10
CA LEU D 677 -7.41 31.54 8.93
C LEU D 677 -8.25 32.52 8.13
N GLN D 678 -7.81 33.78 8.04
CA GLN D 678 -8.52 34.73 7.19
C GLN D 678 -8.29 34.44 5.72
N GLU D 679 -7.12 33.91 5.37
CA GLU D 679 -6.85 33.54 3.98
C GLU D 679 -7.64 32.30 3.58
N MET D 680 -7.67 31.28 4.44
CA MET D 680 -8.29 30.00 4.12
C MET D 680 -9.80 30.00 4.18
N GLU D 681 -10.42 31.16 4.43
CA GLU D 681 -11.88 31.32 4.53
C GLU D 681 -12.46 30.42 5.62
N MET D 682 -11.87 30.49 6.81
CA MET D 682 -12.41 29.80 7.96
C MET D 682 -13.14 30.75 8.91
N LEU D 683 -12.76 32.03 8.92
CA LEU D 683 -13.52 33.04 9.64
C LEU D 683 -14.93 33.20 9.08
N ASN D 684 -15.10 32.89 7.80
CA ASN D 684 -16.43 32.80 7.21
C ASN D 684 -17.24 31.68 7.85
N ALA D 685 -16.60 30.57 8.22
CA ALA D 685 -17.32 29.43 8.76
C ALA D 685 -17.60 29.60 10.24
N PHE D 686 -16.61 30.02 11.02
CA PHE D 686 -16.81 30.34 12.43
C PHE D 686 -17.82 31.47 12.60
N SER D 687 -18.71 31.32 13.58
CA SER D 687 -19.79 32.27 13.76
C SER D 687 -19.28 33.58 14.33
N THR D 688 -18.67 33.56 15.51
CA THR D 688 -18.08 34.75 16.08
C THR D 688 -16.74 34.40 16.70
N THR D 689 -15.90 35.40 16.83
CA THR D 689 -14.54 35.24 17.32
C THR D 689 -14.36 35.99 18.62
N ILE D 690 -13.84 35.30 19.63
CA ILE D 690 -13.56 35.91 20.93
C ILE D 690 -12.08 36.18 20.98
N HIS D 691 -11.71 37.42 21.26
CA HIS D 691 -10.31 37.81 21.33
C HIS D 691 -9.79 37.56 22.73
N VAL D 692 -8.71 36.81 22.85
CA VAL D 692 -8.04 36.67 24.15
C VAL D 692 -6.72 37.42 24.06
N PRO D 693 -6.63 38.62 24.61
CA PRO D 693 -5.38 39.38 24.54
C PRO D 693 -4.41 38.89 25.60
N ASN D 694 -3.22 39.47 25.58
CA ASN D 694 -2.22 39.24 26.61
C ASN D 694 -2.48 40.17 27.79
N ILE D 695 -1.52 40.29 28.70
CA ILE D 695 -1.55 41.37 29.67
C ILE D 695 -1.36 42.70 28.94
N ALA D 696 -2.05 43.74 29.40
CA ALA D 696 -2.02 45.02 28.73
C ALA D 696 -1.29 46.10 29.51
N THR D 697 -1.51 46.18 30.82
CA THR D 697 -0.89 47.20 31.64
C THR D 697 0.07 46.55 32.62
N GLY D 698 0.89 47.38 33.25
CA GLY D 698 1.62 46.94 34.43
C GLY D 698 0.69 46.65 35.59
N GLU D 699 -0.44 47.37 35.65
CA GLU D 699 -1.45 47.10 36.67
C GLU D 699 -2.12 45.74 36.45
N GLN D 700 -2.23 45.30 35.21
CA GLN D 700 -2.63 43.92 34.96
C GLN D 700 -1.49 42.97 35.24
N LEU D 701 -0.25 43.42 35.05
CA LEU D 701 0.90 42.56 35.27
C LEU D 701 1.11 42.28 36.75
N LEU D 702 0.86 43.28 37.60
CA LEU D 702 0.93 43.04 39.04
C LEU D 702 -0.20 42.13 39.50
N GLU D 703 -1.42 42.40 39.02
CA GLU D 703 -2.58 41.60 39.39
C GLU D 703 -2.46 40.15 38.91
N ALA D 704 -1.75 39.93 37.81
CA ALA D 704 -1.48 38.58 37.35
C ALA D 704 -0.49 37.87 38.27
N LEU D 705 0.36 38.63 38.96
CA LEU D 705 1.33 38.06 39.86
C LEU D 705 0.81 37.97 41.29
N GLU D 706 -0.21 38.77 41.63
CA GLU D 706 -0.81 38.74 42.96
C GLU D 706 -1.45 37.37 43.24
N LEU D 707 -2.31 36.93 42.33
CA LEU D 707 -3.12 35.74 42.57
C LEU D 707 -2.31 34.46 42.53
N LEU D 708 -1.18 34.45 41.83
CA LEU D 708 -0.34 33.26 41.79
C LEU D 708 0.37 33.03 43.11
N GLY D 709 0.79 34.10 43.78
CA GLY D 709 1.42 33.99 45.08
C GLY D 709 2.80 33.39 45.02
N ASN D 710 3.71 34.06 44.34
CA ASN D 710 5.09 33.61 44.24
C ASN D 710 6.10 34.62 44.73
N PHE D 711 5.73 35.89 44.84
CA PHE D 711 6.61 36.93 45.32
C PHE D 711 6.05 37.55 46.60
N LYS D 712 6.95 38.19 47.34
CA LYS D 712 6.59 38.91 48.55
C LYS D 712 6.14 40.32 48.17
N ASP D 713 5.41 40.97 49.08
CA ASP D 713 4.81 42.27 48.78
C ASP D 713 5.85 43.37 48.63
N LYS D 714 7.01 43.23 49.29
CA LYS D 714 8.11 44.14 49.02
C LYS D 714 8.71 43.89 47.65
N GLU D 715 8.75 42.62 47.23
CA GLU D 715 9.26 42.28 45.90
C GLU D 715 8.32 42.78 44.81
N ARG D 716 7.01 42.75 45.07
CA ARG D 716 6.04 43.28 44.13
C ARG D 716 6.14 44.80 44.06
N THR D 717 6.48 45.44 45.18
CA THR D 717 6.66 46.89 45.20
C THR D 717 7.87 47.31 44.37
N THR D 718 8.93 46.49 44.36
CA THR D 718 10.07 46.74 43.48
C THR D 718 9.67 46.61 42.02
N ILE D 719 8.86 45.59 41.70
CA ILE D 719 8.33 45.43 40.35
C ILE D 719 7.39 46.58 40.01
N ALA D 720 6.60 47.02 40.99
CA ALA D 720 5.71 48.17 40.79
C ALA D 720 6.50 49.46 40.58
N GLN D 721 7.72 49.55 41.10
CA GLN D 721 8.57 50.67 40.75
C GLN D 721 9.10 50.54 39.32
N GLN D 722 9.13 49.32 38.79
CA GLN D 722 9.66 49.11 37.44
C GLN D 722 8.56 49.10 36.38
N VAL D 723 7.61 48.16 36.48
CA VAL D 723 6.69 47.92 35.36
C VAL D 723 5.57 48.95 35.28
N LYS D 724 5.42 49.81 36.27
CA LYS D 724 4.51 50.95 36.16
C LYS D 724 5.26 52.09 35.47
N GLY D 725 4.70 52.58 34.37
CA GLY D 725 5.36 53.53 33.52
C GLY D 725 5.98 52.93 32.28
N LYS D 726 5.79 51.64 32.05
CA LYS D 726 6.37 50.94 30.92
C LYS D 726 5.28 50.22 30.13
N LYS D 727 5.65 49.74 28.95
CA LYS D 727 4.76 48.96 28.10
C LYS D 727 5.19 47.50 28.15
N VAL D 728 4.29 46.63 28.60
CA VAL D 728 4.54 45.20 28.66
C VAL D 728 3.43 44.48 27.92
N TRP D 729 3.80 43.35 27.31
CA TRP D 729 2.86 42.58 26.49
C TRP D 729 3.39 41.15 26.42
N ILE D 730 2.81 40.25 27.22
CA ILE D 730 3.32 38.88 27.29
C ILE D 730 2.19 37.93 27.63
N GLY D 731 2.28 36.70 27.14
CA GLY D 731 1.24 35.74 27.37
C GLY D 731 1.26 35.18 28.78
N ILE D 732 0.16 34.55 29.18
CA ILE D 732 0.05 34.05 30.54
C ILE D 732 0.71 32.67 30.67
N LYS D 733 0.77 31.87 29.60
CA LYS D 733 1.54 30.64 29.67
C LYS D 733 3.02 30.93 29.75
N LYS D 734 3.47 31.96 29.02
CA LYS D 734 4.84 32.43 29.14
C LYS D 734 5.11 33.04 30.51
N LEU D 735 4.11 33.71 31.10
CA LEU D 735 4.31 34.36 32.39
C LEU D 735 4.42 33.35 33.53
N LEU D 736 3.88 32.15 33.34
CA LEU D 736 4.19 31.09 34.28
C LEU D 736 5.56 30.50 34.03
N MET D 737 6.03 30.52 32.78
CA MET D 737 7.38 30.03 32.51
C MET D 737 8.43 30.95 33.08
N LEU D 738 8.14 32.26 33.16
CA LEU D 738 9.14 33.21 33.64
C LEU D 738 9.34 33.09 35.13
N ILE D 739 8.25 33.03 35.89
CA ILE D 739 8.32 33.00 37.35
C ILE D 739 9.06 31.77 37.83
N GLU D 740 8.82 30.63 37.19
CA GLU D 740 9.51 29.43 37.61
C GLU D 740 10.98 29.43 37.17
N MET D 741 11.32 30.14 36.10
CA MET D 741 12.73 30.35 35.79
C MET D 741 13.38 31.33 36.76
N SER D 742 12.59 32.22 37.35
CA SER D 742 13.15 33.23 38.23
C SER D 742 13.28 32.74 39.67
N LEU D 743 12.41 31.83 40.10
CA LEU D 743 12.47 31.36 41.48
C LEU D 743 13.63 30.42 41.75
N GLN D 744 14.35 29.98 40.73
CA GLN D 744 15.47 29.06 40.92
C GLN D 744 16.75 29.78 41.30
N MET D 745 16.72 31.09 41.42
CA MET D 745 17.91 31.85 41.74
C MET D 745 17.97 32.14 43.25
N ASP D 746 19.05 32.79 43.66
CA ASP D 746 19.22 33.18 45.05
C ASP D 746 18.27 34.31 45.41
N PRO D 747 17.85 34.43 46.67
CA PRO D 747 16.80 35.41 47.04
C PRO D 747 17.17 36.87 46.82
N GLU D 748 18.45 37.20 46.78
CA GLU D 748 18.84 38.54 46.35
C GLU D 748 18.82 38.69 44.85
N TYR D 749 18.72 37.61 44.09
CA TYR D 749 18.86 37.66 42.64
C TYR D 749 17.60 37.27 41.88
N ARG D 750 16.49 37.03 42.57
CA ARG D 750 15.30 36.56 41.87
C ARG D 750 14.57 37.68 41.13
N VAL D 751 14.49 38.85 41.74
CA VAL D 751 13.71 39.95 41.16
C VAL D 751 14.42 40.51 39.94
N ARG D 752 15.74 40.67 40.01
CA ARG D 752 16.51 41.11 38.85
C ARG D 752 16.58 40.06 37.76
N LYS D 753 16.42 38.78 38.09
CA LYS D 753 16.32 37.77 37.06
C LYS D 753 14.99 37.87 36.33
N PHE D 754 13.92 38.19 37.06
CA PHE D 754 12.61 38.30 36.44
C PHE D 754 12.49 39.55 35.58
N LEU D 755 13.18 40.62 35.95
CA LEU D 755 13.12 41.83 35.15
C LEU D 755 13.89 41.68 33.85
N ALA D 756 14.92 40.82 33.84
CA ALA D 756 15.64 40.58 32.59
C ALA D 756 14.79 39.74 31.63
N LEU D 757 14.11 38.73 32.15
CA LEU D 757 13.33 37.83 31.30
C LEU D 757 12.04 38.46 30.83
N LEU D 758 11.48 39.40 31.61
CA LEU D 758 10.29 40.11 31.19
C LEU D 758 10.58 41.18 30.15
N ARG D 759 11.85 41.53 29.99
CA ARG D 759 12.23 42.63 29.10
C ARG D 759 12.01 42.28 27.63
N GLU D 760 12.10 41.00 27.29
CA GLU D 760 11.83 40.56 25.91
C GLU D 760 10.36 40.64 25.53
N GLU E 241 -53.36 -11.44 -18.32
CA GLU E 241 -51.95 -11.53 -18.64
C GLU E 241 -51.12 -11.58 -17.36
N LYS E 242 -50.92 -10.42 -16.75
CA LYS E 242 -50.13 -10.28 -15.53
C LYS E 242 -51.05 -10.24 -14.32
N MET E 243 -50.51 -10.64 -13.16
CA MET E 243 -51.30 -10.73 -11.93
C MET E 243 -51.06 -9.48 -11.09
N GLY E 244 -51.60 -8.36 -11.59
CA GLY E 244 -51.64 -7.11 -10.85
C GLY E 244 -50.29 -6.52 -10.48
N ILE E 245 -49.25 -6.85 -11.23
CA ILE E 245 -47.87 -6.53 -10.88
C ILE E 245 -47.29 -5.61 -11.96
N GLY E 246 -46.47 -4.65 -11.54
CA GLY E 246 -45.97 -3.65 -12.44
C GLY E 246 -44.57 -3.16 -12.14
N GLY E 247 -44.37 -1.86 -12.22
CA GLY E 247 -43.07 -1.23 -11.99
C GLY E 247 -42.13 -1.30 -13.17
N LEU E 248 -41.91 -2.49 -13.71
CA LEU E 248 -41.03 -2.70 -14.86
C LEU E 248 -41.82 -2.73 -16.17
N ASP E 249 -42.48 -1.61 -16.48
CA ASP E 249 -43.36 -1.53 -17.64
C ASP E 249 -42.60 -1.58 -18.97
N LYS E 250 -41.30 -1.25 -18.97
CA LYS E 250 -40.48 -1.47 -20.16
C LYS E 250 -39.96 -2.89 -20.26
N GLU E 251 -40.10 -3.69 -19.20
CA GLU E 251 -39.65 -5.07 -19.19
C GLU E 251 -40.74 -6.06 -19.58
N PHE E 252 -42.02 -5.67 -19.52
CA PHE E 252 -43.09 -6.57 -19.93
C PHE E 252 -43.09 -6.88 -21.42
N SER E 253 -42.29 -6.16 -22.21
CA SER E 253 -42.04 -6.60 -23.58
C SER E 253 -40.88 -7.58 -23.65
N ASP E 254 -39.94 -7.52 -22.69
CA ASP E 254 -38.71 -8.32 -22.77
C ASP E 254 -38.95 -9.81 -22.57
N ILE E 255 -39.93 -10.19 -21.76
CA ILE E 255 -40.30 -11.61 -21.69
C ILE E 255 -40.95 -12.05 -22.99
N PHE E 256 -41.63 -11.14 -23.68
CA PHE E 256 -42.20 -11.45 -24.98
C PHE E 256 -41.26 -11.13 -26.12
N ARG E 257 -39.94 -11.11 -25.91
CA ARG E 257 -39.01 -11.04 -27.02
C ARG E 257 -38.15 -12.28 -27.15
N ARG E 258 -37.40 -12.65 -26.12
CA ARG E 258 -36.29 -13.58 -26.33
C ARG E 258 -36.48 -14.89 -25.58
N ALA E 259 -36.68 -14.80 -24.27
CA ALA E 259 -36.66 -15.99 -23.41
C ALA E 259 -37.97 -16.77 -23.46
N PHE E 260 -39.06 -16.14 -23.03
CA PHE E 260 -40.35 -16.79 -22.95
C PHE E 260 -41.02 -16.91 -24.31
N ALA E 261 -40.61 -16.10 -25.28
CA ALA E 261 -41.28 -16.02 -26.58
C ALA E 261 -40.99 -17.20 -27.49
N SER E 262 -39.97 -18.00 -27.22
CA SER E 262 -39.59 -19.10 -28.09
C SER E 262 -40.27 -20.39 -27.64
N ARG E 263 -39.76 -21.52 -28.15
CA ARG E 263 -40.03 -22.92 -27.75
C ARG E 263 -41.52 -23.30 -27.77
N VAL E 264 -42.36 -22.55 -28.46
CA VAL E 264 -43.79 -22.85 -28.53
C VAL E 264 -44.23 -23.19 -29.96
N PHE E 265 -43.65 -22.53 -30.98
CA PHE E 265 -44.36 -22.53 -32.24
C PHE E 265 -44.15 -23.79 -33.08
N PRO E 266 -42.94 -24.28 -33.41
CA PRO E 266 -42.88 -25.51 -34.25
C PRO E 266 -43.30 -26.77 -33.51
N PRO E 267 -42.72 -27.14 -32.32
CA PRO E 267 -41.49 -27.04 -31.52
C PRO E 267 -40.45 -28.04 -32.02
N GLU E 268 -40.71 -28.65 -33.18
CA GLU E 268 -39.84 -29.65 -33.77
C GLU E 268 -38.86 -29.10 -34.80
N ILE E 269 -38.90 -27.79 -35.07
CA ILE E 269 -37.91 -27.16 -35.94
C ILE E 269 -36.88 -26.38 -35.12
N VAL E 270 -37.09 -26.27 -33.80
CA VAL E 270 -36.10 -25.72 -32.88
C VAL E 270 -34.82 -26.55 -32.91
N GLU E 271 -34.95 -27.86 -33.10
CA GLU E 271 -33.76 -28.68 -33.34
C GLU E 271 -33.39 -28.76 -34.82
N GLN E 272 -34.32 -28.45 -35.73
CA GLN E 272 -33.97 -28.41 -37.15
C GLN E 272 -33.28 -27.11 -37.50
N MET E 273 -33.71 -26.01 -36.89
CA MET E 273 -32.97 -24.75 -36.92
C MET E 273 -32.63 -24.37 -35.49
N GLY E 274 -31.34 -24.47 -35.16
CA GLY E 274 -30.87 -24.57 -33.79
C GLY E 274 -30.99 -23.33 -32.95
N CYS E 275 -32.22 -22.94 -32.63
CA CYS E 275 -32.45 -21.92 -31.61
C CYS E 275 -32.17 -22.53 -30.25
N LYS E 276 -31.02 -22.19 -29.68
CA LYS E 276 -30.67 -22.66 -28.33
C LYS E 276 -31.62 -22.08 -27.31
N HIS E 277 -31.98 -22.89 -26.32
CA HIS E 277 -32.93 -22.46 -25.32
C HIS E 277 -32.24 -21.64 -24.24
N VAL E 278 -33.05 -20.96 -23.43
CA VAL E 278 -32.61 -20.39 -22.17
C VAL E 278 -33.09 -21.29 -21.05
N LYS E 279 -32.26 -21.46 -20.03
CA LYS E 279 -32.54 -22.42 -18.97
C LYS E 279 -33.02 -21.75 -17.68
N GLY E 280 -32.83 -20.45 -17.54
CA GLY E 280 -33.18 -19.81 -16.29
C GLY E 280 -33.23 -18.31 -16.34
N ILE E 281 -33.98 -17.75 -15.39
CA ILE E 281 -34.04 -16.31 -15.13
C ILE E 281 -33.44 -16.07 -13.75
N LEU E 282 -32.71 -14.97 -13.62
CA LEU E 282 -32.15 -14.59 -12.32
C LEU E 282 -32.81 -13.31 -11.86
N LEU E 283 -33.18 -13.28 -10.58
CA LEU E 283 -34.00 -12.21 -10.03
C LEU E 283 -33.25 -11.49 -8.91
N TYR E 284 -33.03 -10.20 -9.08
CA TYR E 284 -32.39 -9.37 -8.09
C TYR E 284 -33.43 -8.73 -7.19
N GLY E 285 -32.97 -8.23 -6.05
CA GLY E 285 -33.84 -7.48 -5.16
C GLY E 285 -33.32 -7.37 -3.74
N PRO E 286 -33.90 -6.46 -2.97
CA PRO E 286 -33.54 -6.32 -1.57
C PRO E 286 -34.10 -7.46 -0.74
N PRO E 287 -33.63 -7.65 0.51
CA PRO E 287 -34.27 -8.63 1.40
C PRO E 287 -35.70 -8.25 1.76
N GLY E 288 -36.64 -9.13 1.46
CA GLY E 288 -38.06 -8.85 1.66
C GLY E 288 -38.76 -8.28 0.45
N CYS E 289 -38.17 -8.37 -0.74
CA CYS E 289 -38.76 -7.79 -1.93
C CYS E 289 -40.01 -8.56 -2.37
N GLY E 290 -39.98 -9.88 -2.21
CA GLY E 290 -41.12 -10.71 -2.60
C GLY E 290 -41.00 -11.17 -4.02
N LYS E 291 -40.79 -12.47 -4.23
CA LYS E 291 -40.58 -13.00 -5.58
C LYS E 291 -41.39 -14.27 -5.82
N THR E 292 -41.77 -14.96 -4.73
CA THR E 292 -42.41 -16.27 -4.84
C THR E 292 -43.81 -16.15 -5.45
N LEU E 293 -44.58 -15.14 -5.03
CA LEU E 293 -45.90 -14.89 -5.60
C LEU E 293 -45.81 -14.46 -7.07
N LEU E 294 -44.67 -13.90 -7.48
CA LEU E 294 -44.40 -13.71 -8.89
C LEU E 294 -43.88 -14.99 -9.55
N ALA E 295 -43.15 -15.82 -8.80
CA ALA E 295 -42.55 -17.02 -9.38
C ALA E 295 -43.61 -18.08 -9.63
N ARG E 296 -44.64 -18.15 -8.79
CA ARG E 296 -45.75 -19.06 -9.08
C ARG E 296 -46.59 -18.57 -10.25
N GLN E 297 -46.51 -17.28 -10.58
CA GLN E 297 -47.27 -16.72 -11.69
C GLN E 297 -46.47 -16.75 -12.99
N ILE E 298 -45.14 -16.72 -12.91
CA ILE E 298 -44.33 -16.73 -14.11
C ILE E 298 -44.34 -18.11 -14.78
N GLY E 299 -44.70 -19.16 -14.03
CA GLY E 299 -45.05 -20.42 -14.66
C GLY E 299 -46.48 -20.43 -15.15
N LYS E 300 -47.38 -19.74 -14.45
CA LYS E 300 -48.75 -19.55 -14.94
C LYS E 300 -48.82 -18.62 -16.13
N MET E 301 -47.78 -17.81 -16.37
CA MET E 301 -47.62 -17.13 -17.65
C MET E 301 -47.52 -18.14 -18.78
N LEU E 302 -46.80 -19.24 -18.54
CA LEU E 302 -46.67 -20.34 -19.48
C LEU E 302 -47.72 -21.40 -19.28
N ASN E 303 -48.54 -21.28 -18.22
CA ASN E 303 -49.44 -22.33 -17.73
C ASN E 303 -48.68 -23.64 -17.51
N ALA E 304 -47.74 -23.56 -16.57
CA ALA E 304 -46.78 -24.65 -16.36
C ALA E 304 -47.39 -25.79 -15.54
N ARG E 305 -48.14 -25.44 -14.49
CA ARG E 305 -49.00 -26.29 -13.68
C ARG E 305 -48.22 -27.24 -12.76
N GLU E 306 -46.91 -27.33 -12.92
CA GLU E 306 -46.04 -27.92 -11.89
C GLU E 306 -44.86 -27.02 -11.55
N PRO E 307 -45.09 -25.84 -10.88
CA PRO E 307 -43.97 -25.17 -10.23
C PRO E 307 -43.72 -25.73 -8.83
N LYS E 308 -42.62 -26.46 -8.67
CA LYS E 308 -42.29 -26.95 -7.35
C LYS E 308 -41.14 -26.15 -6.77
N VAL E 309 -41.12 -26.03 -5.45
CA VAL E 309 -40.22 -25.14 -4.74
C VAL E 309 -39.13 -25.96 -4.07
N VAL E 310 -37.88 -25.66 -4.40
CA VAL E 310 -36.74 -26.07 -3.60
C VAL E 310 -36.15 -24.83 -2.94
N ASN E 311 -35.86 -24.95 -1.65
CA ASN E 311 -35.35 -23.85 -0.86
C ASN E 311 -33.83 -23.78 -0.98
N GLY E 312 -33.28 -22.62 -0.66
CA GLY E 312 -31.85 -22.44 -0.61
C GLY E 312 -31.19 -23.23 0.50
N PRO E 313 -31.46 -22.87 1.76
CA PRO E 313 -30.80 -23.58 2.87
C PRO E 313 -31.33 -24.97 3.14
N GLU E 314 -32.62 -25.25 2.85
CA GLU E 314 -33.21 -26.53 3.22
C GLU E 314 -32.66 -27.69 2.40
N ILE E 315 -32.23 -27.43 1.17
CA ILE E 315 -31.49 -28.46 0.43
C ILE E 315 -30.07 -28.60 0.94
N LEU E 316 -29.56 -27.61 1.67
CA LEU E 316 -28.17 -27.60 2.10
C LEU E 316 -27.96 -28.17 3.50
N ASN E 317 -28.95 -28.87 4.07
CA ASN E 317 -28.71 -29.52 5.36
C ASN E 317 -28.18 -30.94 5.22
N LYS E 318 -28.60 -31.67 4.18
CA LYS E 318 -28.17 -33.04 4.01
C LYS E 318 -26.77 -33.09 3.41
N TYR E 319 -26.13 -34.25 3.56
CA TYR E 319 -24.73 -34.42 3.21
C TYR E 319 -24.52 -34.43 1.69
N VAL E 320 -23.25 -34.45 1.29
CA VAL E 320 -22.90 -34.53 -0.13
C VAL E 320 -23.24 -35.92 -0.66
N GLY E 321 -23.72 -35.99 -1.89
CA GLY E 321 -24.26 -37.22 -2.41
C GLY E 321 -25.75 -37.31 -2.22
N GLU E 322 -26.21 -37.17 -0.97
CA GLU E 322 -27.64 -37.14 -0.68
C GLU E 322 -28.28 -35.84 -1.16
N SER E 323 -27.61 -34.71 -0.93
CA SER E 323 -28.10 -33.42 -1.42
C SER E 323 -28.09 -33.36 -2.94
N GLU E 324 -27.08 -33.96 -3.57
CA GLU E 324 -27.04 -34.05 -5.03
C GLU E 324 -28.00 -35.10 -5.58
N ALA E 325 -28.55 -35.96 -4.72
CA ALA E 325 -29.64 -36.85 -5.11
C ALA E 325 -31.01 -36.25 -4.84
N ASN E 326 -31.12 -35.39 -3.82
CA ASN E 326 -32.38 -34.68 -3.60
C ASN E 326 -32.60 -33.55 -4.58
N ILE E 327 -31.54 -33.03 -5.22
CA ILE E 327 -31.77 -32.15 -6.35
C ILE E 327 -32.14 -32.99 -7.57
N ARG E 328 -31.77 -34.27 -7.58
CA ARG E 328 -32.28 -35.19 -8.58
C ARG E 328 -33.60 -35.82 -8.17
N LYS E 329 -34.16 -35.44 -7.02
CA LYS E 329 -35.57 -35.67 -6.79
C LYS E 329 -36.41 -34.70 -7.60
N LEU E 330 -35.87 -33.50 -7.86
CA LEU E 330 -36.60 -32.41 -8.48
C LEU E 330 -36.03 -31.99 -9.84
N PHE E 331 -34.92 -32.58 -10.29
CA PHE E 331 -34.49 -32.44 -11.67
C PHE E 331 -34.69 -33.70 -12.49
N ALA E 332 -34.66 -34.88 -11.88
CA ALA E 332 -35.12 -36.06 -12.59
C ALA E 332 -36.64 -36.19 -12.56
N ASP E 333 -37.32 -35.39 -11.73
CA ASP E 333 -38.75 -35.18 -11.89
C ASP E 333 -39.08 -34.62 -13.25
N ALA E 334 -38.27 -33.68 -13.75
CA ALA E 334 -38.42 -33.16 -15.10
C ALA E 334 -37.62 -33.93 -16.14
N GLU E 335 -36.78 -34.89 -15.73
CA GLU E 335 -36.02 -35.66 -16.70
C GLU E 335 -36.67 -37.00 -17.01
N GLU E 336 -37.60 -37.48 -16.16
CA GLU E 336 -38.39 -38.63 -16.57
C GLU E 336 -39.38 -38.28 -17.68
N GLU E 337 -39.80 -37.02 -17.77
CA GLU E 337 -40.58 -36.55 -18.90
C GLU E 337 -39.70 -36.19 -20.09
N GLN E 338 -38.38 -36.27 -19.95
CA GLN E 338 -37.44 -36.29 -21.07
C GLN E 338 -37.34 -37.75 -21.52
N ARG E 339 -38.43 -38.20 -22.14
CA ARG E 339 -38.77 -39.58 -22.40
C ARG E 339 -38.48 -39.86 -23.88
N ARG E 340 -38.93 -41.01 -24.39
CA ARG E 340 -38.85 -41.28 -25.82
C ARG E 340 -39.66 -40.31 -26.66
N LEU E 341 -40.70 -39.70 -26.08
CA LEU E 341 -41.33 -38.52 -26.67
C LEU E 341 -40.42 -37.33 -26.37
N GLY E 342 -39.70 -36.86 -27.39
CA GLY E 342 -38.70 -35.84 -27.17
C GLY E 342 -39.18 -34.41 -27.36
N ALA E 343 -40.49 -34.20 -27.20
CA ALA E 343 -41.10 -32.90 -27.40
C ALA E 343 -42.38 -32.84 -26.58
N ASN E 344 -43.23 -31.86 -26.91
CA ASN E 344 -44.59 -31.71 -26.38
C ASN E 344 -44.57 -31.45 -24.86
N SER E 345 -43.82 -30.41 -24.47
CA SER E 345 -43.85 -29.78 -23.16
C SER E 345 -43.52 -30.76 -22.03
N GLY E 346 -42.24 -31.15 -22.01
CA GLY E 346 -41.70 -31.85 -20.84
C GLY E 346 -41.81 -31.01 -19.58
N LEU E 347 -41.62 -31.69 -18.44
CA LEU E 347 -42.14 -31.20 -17.17
C LEU E 347 -41.40 -29.94 -16.70
N HIS E 348 -42.11 -29.12 -15.95
CA HIS E 348 -41.97 -27.66 -15.99
C HIS E 348 -41.02 -27.12 -14.93
N ILE E 349 -41.17 -25.80 -14.71
CA ILE E 349 -40.26 -24.97 -13.92
C ILE E 349 -40.15 -25.46 -12.48
N ILE E 350 -38.92 -25.51 -11.98
CA ILE E 350 -38.65 -25.71 -10.55
C ILE E 350 -38.33 -24.36 -9.94
N ILE E 351 -38.98 -24.03 -8.83
CA ILE E 351 -38.83 -22.73 -8.18
C ILE E 351 -37.66 -22.79 -7.21
N PHE E 352 -36.79 -21.78 -7.24
CA PHE E 352 -35.85 -21.59 -6.14
C PHE E 352 -36.44 -20.60 -5.13
N ASP E 353 -35.95 -20.69 -3.91
CA ASP E 353 -36.28 -19.69 -2.90
C ASP E 353 -35.13 -18.76 -2.59
N GLU E 354 -33.88 -19.23 -2.69
CA GLU E 354 -32.73 -18.41 -2.32
C GLU E 354 -31.51 -18.95 -3.05
N ILE E 355 -31.03 -18.22 -4.06
CA ILE E 355 -29.74 -18.56 -4.66
C ILE E 355 -28.61 -17.90 -3.89
N ASP E 356 -28.94 -17.05 -2.91
CA ASP E 356 -27.93 -16.50 -2.00
C ASP E 356 -27.33 -17.58 -1.12
N ALA E 357 -28.09 -18.61 -0.79
CA ALA E 357 -27.58 -19.67 0.08
C ALA E 357 -26.86 -20.75 -0.72
N ILE E 358 -27.43 -21.15 -1.88
CA ILE E 358 -26.84 -22.22 -2.65
C ILE E 358 -25.58 -21.76 -3.37
N CYS E 359 -25.73 -20.80 -4.28
CA CYS E 359 -24.62 -20.30 -5.09
C CYS E 359 -23.89 -19.23 -4.29
N LYS E 360 -22.61 -19.47 -3.98
CA LYS E 360 -21.78 -18.47 -3.32
C LYS E 360 -20.58 -18.04 -4.17
N GLN E 361 -19.68 -18.98 -4.51
CA GLN E 361 -18.55 -18.79 -5.43
C GLN E 361 -17.63 -17.64 -4.99
N ARG E 362 -16.90 -17.91 -3.90
CA ARG E 362 -15.79 -17.03 -3.55
C ARG E 362 -14.47 -17.52 -4.13
N GLY E 363 -14.27 -18.83 -4.23
CA GLY E 363 -12.95 -19.34 -4.55
C GLY E 363 -12.13 -19.54 -3.29
N SER E 364 -12.62 -20.39 -2.40
CA SER E 364 -12.16 -20.44 -1.02
C SER E 364 -11.48 -21.75 -0.64
N MET E 365 -12.20 -22.87 -0.78
CA MET E 365 -11.77 -24.27 -0.52
C MET E 365 -10.98 -24.46 0.79
N ALA E 366 -11.39 -23.74 1.85
CA ALA E 366 -10.71 -23.83 3.16
C ALA E 366 -11.74 -24.01 4.28
N GLY E 367 -12.15 -25.26 4.51
CA GLY E 367 -13.12 -25.58 5.55
C GLY E 367 -14.49 -25.92 4.98
N SER E 368 -14.77 -27.21 4.86
CA SER E 368 -15.88 -27.86 4.12
C SER E 368 -15.78 -27.61 2.62
N THR E 369 -14.64 -27.12 2.11
CA THR E 369 -14.29 -26.84 0.70
C THR E 369 -15.39 -26.14 -0.11
N GLY E 370 -16.19 -25.32 0.56
CA GLY E 370 -17.32 -24.67 -0.09
C GLY E 370 -18.39 -25.65 -0.54
N VAL E 371 -19.10 -26.26 0.40
CA VAL E 371 -20.03 -27.35 0.12
C VAL E 371 -21.29 -26.78 -0.52
N HIS E 372 -21.52 -25.48 -0.33
CA HIS E 372 -22.51 -24.72 -1.08
C HIS E 372 -22.25 -24.74 -2.59
N ASP E 373 -20.98 -24.67 -3.01
CA ASP E 373 -20.62 -24.71 -4.42
C ASP E 373 -20.46 -26.13 -4.95
N THR E 374 -20.60 -27.15 -4.11
CA THR E 374 -20.45 -28.53 -4.56
C THR E 374 -21.76 -29.13 -5.02
N VAL E 375 -22.88 -28.44 -4.85
CA VAL E 375 -24.14 -28.88 -5.45
C VAL E 375 -24.39 -28.21 -6.80
N VAL E 376 -23.71 -27.10 -7.10
CA VAL E 376 -24.03 -26.36 -8.31
C VAL E 376 -23.26 -26.92 -9.51
N ASN E 377 -22.08 -27.49 -9.28
CA ASN E 377 -21.35 -28.12 -10.38
C ASN E 377 -22.06 -29.37 -10.88
N GLN E 378 -22.85 -30.00 -10.00
CA GLN E 378 -23.81 -31.00 -10.46
C GLN E 378 -25.05 -30.34 -11.04
N LEU E 379 -25.46 -29.18 -10.51
CA LEU E 379 -26.69 -28.53 -10.97
C LEU E 379 -26.48 -27.71 -12.23
N LEU E 380 -25.26 -27.27 -12.53
CA LEU E 380 -25.00 -26.68 -13.85
C LEU E 380 -24.95 -27.76 -14.93
N SER E 381 -24.73 -29.02 -14.53
CA SER E 381 -24.84 -30.12 -15.47
C SER E 381 -26.28 -30.45 -15.80
N LYS E 382 -27.21 -30.18 -14.88
CA LYS E 382 -28.61 -30.55 -15.11
C LYS E 382 -29.29 -29.61 -16.09
N ILE E 383 -28.71 -28.46 -16.40
CA ILE E 383 -29.27 -27.54 -17.38
C ILE E 383 -28.55 -27.71 -18.71
N ASP E 384 -27.30 -28.20 -18.67
CA ASP E 384 -26.47 -28.34 -19.85
C ASP E 384 -25.54 -29.54 -19.63
N GLY E 385 -25.69 -30.56 -20.47
CA GLY E 385 -24.85 -31.75 -20.35
C GLY E 385 -25.10 -32.62 -19.13
N VAL E 386 -26.21 -33.34 -19.05
CA VAL E 386 -27.16 -33.53 -20.14
C VAL E 386 -28.25 -32.43 -20.13
N GLU E 387 -28.43 -31.80 -21.27
CA GLU E 387 -29.41 -30.74 -21.42
C GLU E 387 -30.82 -31.31 -21.43
N GLN E 388 -31.80 -30.42 -21.32
CA GLN E 388 -33.18 -30.83 -21.25
C GLN E 388 -33.96 -30.25 -22.44
N LEU E 389 -34.89 -31.07 -22.94
CA LEU E 389 -35.92 -30.62 -23.87
C LEU E 389 -37.15 -30.13 -23.14
N ASN E 390 -37.05 -29.98 -21.83
CA ASN E 390 -38.11 -29.41 -21.01
C ASN E 390 -38.18 -27.91 -21.23
N ASN E 391 -39.32 -27.33 -20.83
CA ASN E 391 -39.48 -25.88 -20.84
C ASN E 391 -39.23 -25.26 -19.47
N ILE E 392 -38.26 -25.80 -18.71
CA ILE E 392 -37.99 -25.32 -17.36
C ILE E 392 -37.39 -23.92 -17.41
N LEU E 393 -37.40 -23.24 -16.27
CA LEU E 393 -36.79 -21.94 -16.10
C LEU E 393 -36.26 -21.90 -14.68
N VAL E 394 -34.94 -22.01 -14.53
CA VAL E 394 -34.30 -22.01 -13.22
C VAL E 394 -34.35 -20.59 -12.66
N ILE E 395 -35.28 -20.35 -11.73
CA ILE E 395 -35.57 -18.99 -11.26
C ILE E 395 -34.59 -18.70 -10.12
N GLY E 396 -33.41 -18.20 -10.46
CA GLY E 396 -32.48 -17.78 -9.44
C GLY E 396 -32.93 -16.50 -8.77
N MET E 397 -32.85 -16.48 -7.44
CA MET E 397 -33.27 -15.30 -6.69
C MET E 397 -32.39 -15.11 -5.46
N THR E 398 -31.90 -13.88 -5.29
CA THR E 398 -30.99 -13.55 -4.21
C THR E 398 -31.41 -12.25 -3.55
N ASN E 399 -30.90 -12.06 -2.34
CA ASN E 399 -31.03 -10.78 -1.65
C ASN E 399 -29.74 -9.98 -1.68
N ARG E 400 -28.63 -10.59 -2.07
CA ARG E 400 -27.35 -9.91 -2.25
C ARG E 400 -26.86 -10.21 -3.66
N PRO E 401 -26.80 -9.22 -4.54
CA PRO E 401 -26.42 -9.47 -5.94
C PRO E 401 -24.93 -9.71 -6.16
N ASP E 402 -24.11 -9.70 -5.13
CA ASP E 402 -22.68 -9.87 -5.33
C ASP E 402 -22.31 -11.32 -5.57
N LEU E 403 -22.90 -12.25 -4.82
CA LEU E 403 -22.42 -13.62 -4.77
C LEU E 403 -23.24 -14.57 -5.64
N ILE E 404 -23.98 -14.02 -6.60
CA ILE E 404 -24.37 -14.82 -7.76
C ILE E 404 -23.10 -15.18 -8.51
N ASP E 405 -23.05 -16.41 -9.04
CA ASP E 405 -21.79 -16.97 -9.53
C ASP E 405 -21.39 -16.29 -10.84
N GLU E 406 -20.19 -15.70 -10.85
CA GLU E 406 -19.68 -15.08 -12.07
C GLU E 406 -19.26 -16.11 -13.11
N ALA E 407 -19.03 -17.36 -12.70
CA ALA E 407 -18.84 -18.45 -13.66
C ALA E 407 -20.16 -18.97 -14.21
N LEU E 408 -21.27 -18.69 -13.53
CA LEU E 408 -22.60 -18.95 -14.07
C LEU E 408 -23.04 -17.89 -15.08
N LEU E 409 -22.36 -16.74 -15.13
CA LEU E 409 -22.65 -15.78 -16.18
C LEU E 409 -22.10 -16.26 -17.51
N ARG E 410 -22.84 -17.15 -18.16
CA ARG E 410 -22.55 -17.71 -19.46
C ARG E 410 -23.85 -17.54 -20.22
N PRO E 411 -23.80 -17.23 -21.53
CA PRO E 411 -25.04 -17.10 -22.30
C PRO E 411 -25.86 -18.37 -22.40
N GLY E 412 -25.23 -19.54 -22.34
CA GLY E 412 -26.00 -20.77 -22.27
C GLY E 412 -26.62 -20.96 -20.90
N ARG E 413 -25.98 -20.42 -19.87
CA ARG E 413 -26.52 -20.42 -18.51
C ARG E 413 -27.34 -19.14 -18.32
N LEU E 414 -27.65 -18.80 -17.07
CA LEU E 414 -28.45 -17.62 -16.75
C LEU E 414 -27.65 -16.35 -17.03
N GLU E 415 -28.16 -15.51 -17.94
CA GLU E 415 -27.34 -14.44 -18.51
C GLU E 415 -27.99 -13.07 -18.54
N VAL E 416 -29.28 -12.93 -18.22
CA VAL E 416 -30.00 -11.68 -18.41
C VAL E 416 -30.27 -11.01 -17.07
N LYS E 417 -30.18 -9.68 -17.06
CA LYS E 417 -30.31 -8.88 -15.85
C LYS E 417 -31.77 -8.56 -15.56
N MET E 418 -32.15 -8.68 -14.29
CA MET E 418 -33.54 -8.48 -13.87
C MET E 418 -33.57 -7.93 -12.44
N GLU E 419 -33.65 -6.61 -12.32
CA GLU E 419 -33.82 -5.95 -11.03
C GLU E 419 -35.31 -5.78 -10.75
N ILE E 420 -35.73 -6.14 -9.55
CA ILE E 420 -37.12 -5.98 -9.13
C ILE E 420 -37.15 -5.07 -7.92
N GLY E 421 -37.88 -3.96 -8.04
CA GLY E 421 -37.87 -2.91 -7.04
C GLY E 421 -38.88 -3.10 -5.94
N LEU E 422 -39.09 -2.04 -5.17
CA LEU E 422 -40.00 -2.06 -4.04
C LEU E 422 -41.45 -2.11 -4.52
N PRO E 423 -42.35 -2.65 -3.69
CA PRO E 423 -43.79 -2.57 -4.02
C PRO E 423 -44.30 -1.14 -3.99
N ASP E 424 -45.12 -0.80 -4.98
CA ASP E 424 -45.62 0.56 -5.17
C ASP E 424 -46.80 0.84 -4.24
N GLU E 425 -47.53 1.92 -4.53
CA GLU E 425 -48.69 2.32 -3.71
C GLU E 425 -49.77 1.24 -3.71
N LYS E 426 -50.20 0.81 -4.90
CA LYS E 426 -51.23 -0.21 -4.99
C LYS E 426 -50.72 -1.57 -4.53
N GLY E 427 -49.43 -1.86 -4.73
CA GLY E 427 -48.88 -3.13 -4.29
C GLY E 427 -48.78 -3.24 -2.78
N ARG E 428 -48.60 -2.13 -2.08
CA ARG E 428 -48.50 -2.13 -0.62
C ARG E 428 -49.87 -2.11 0.05
N LEU E 429 -50.85 -1.42 -0.54
CA LEU E 429 -52.14 -1.31 0.14
C LEU E 429 -52.98 -2.57 0.00
N GLN E 430 -52.85 -3.29 -1.11
CA GLN E 430 -53.58 -4.55 -1.27
C GLN E 430 -53.09 -5.60 -0.30
N ILE E 431 -51.77 -5.69 -0.10
CA ILE E 431 -51.23 -6.65 0.86
C ILE E 431 -51.44 -6.18 2.30
N LEU E 432 -51.58 -4.87 2.53
CA LEU E 432 -52.15 -4.42 3.80
C LEU E 432 -53.58 -4.87 3.95
N HIS E 433 -54.34 -4.89 2.85
CA HIS E 433 -55.71 -5.37 2.91
C HIS E 433 -55.76 -6.89 2.98
N ILE E 434 -54.68 -7.58 2.59
CA ILE E 434 -54.59 -9.02 2.80
C ILE E 434 -54.46 -9.31 4.29
N HIS E 435 -53.57 -8.60 4.98
CA HIS E 435 -53.32 -8.89 6.39
C HIS E 435 -54.44 -8.41 7.28
N THR E 436 -54.98 -7.22 7.03
CA THR E 436 -56.05 -6.68 7.85
C THR E 436 -57.39 -7.38 7.63
N ALA E 437 -57.53 -8.17 6.57
CA ALA E 437 -58.75 -8.94 6.39
C ALA E 437 -58.78 -10.13 7.34
N ARG E 438 -57.66 -10.85 7.46
CA ARG E 438 -57.60 -11.94 8.43
C ARG E 438 -57.53 -11.40 9.84
N MET E 439 -56.84 -10.27 10.04
CA MET E 439 -56.70 -9.64 11.35
C MET E 439 -57.81 -8.61 11.53
N ARG E 440 -59.06 -9.04 11.29
CA ARG E 440 -60.13 -8.08 11.08
C ARG E 440 -60.62 -7.41 12.37
N GLY E 441 -60.79 -8.15 13.46
CA GLY E 441 -61.44 -7.61 14.63
C GLY E 441 -62.92 -7.41 14.43
N HIS E 442 -63.30 -6.40 13.62
CA HIS E 442 -64.64 -6.30 13.08
C HIS E 442 -64.66 -6.38 11.56
N GLN E 443 -64.01 -5.45 10.87
CA GLN E 443 -63.94 -5.47 9.41
C GLN E 443 -62.52 -5.50 8.89
N LEU E 444 -61.70 -4.51 9.23
CA LEU E 444 -60.27 -4.53 8.98
C LEU E 444 -59.49 -4.39 10.28
N LEU E 445 -59.77 -3.35 11.05
CA LEU E 445 -59.33 -3.13 12.43
C LEU E 445 -60.43 -2.34 13.11
N SER E 446 -60.11 -1.65 14.20
CA SER E 446 -61.03 -0.66 14.74
C SER E 446 -61.05 0.58 13.84
N ALA E 447 -61.82 1.58 14.26
CA ALA E 447 -62.07 2.75 13.43
C ALA E 447 -60.83 3.63 13.33
N ASP E 448 -60.94 4.66 12.49
CA ASP E 448 -59.87 5.61 12.14
C ASP E 448 -58.64 4.88 11.58
N VAL E 449 -58.88 3.79 10.85
CA VAL E 449 -57.84 2.93 10.30
C VAL E 449 -58.18 2.66 8.85
N ASP E 450 -57.24 2.93 7.94
CA ASP E 450 -57.43 2.64 6.52
C ASP E 450 -56.09 2.29 5.89
N ILE E 451 -56.12 1.38 4.92
CA ILE E 451 -54.89 0.97 4.23
C ILE E 451 -54.32 2.08 3.36
N LYS E 452 -55.15 3.05 2.93
CA LYS E 452 -54.61 4.21 2.23
C LYS E 452 -54.25 5.32 3.19
N GLU E 453 -54.84 5.31 4.40
CA GLU E 453 -54.31 6.12 5.48
C GLU E 453 -52.91 5.66 5.89
N LEU E 454 -52.63 4.37 5.73
CA LEU E 454 -51.27 3.87 5.89
C LEU E 454 -50.42 4.07 4.63
N ALA E 455 -51.03 4.02 3.45
CA ALA E 455 -50.26 4.14 2.22
C ALA E 455 -49.70 5.55 2.04
N VAL E 456 -50.38 6.57 2.57
CA VAL E 456 -49.87 7.94 2.52
C VAL E 456 -48.84 8.22 3.60
N GLU E 457 -48.53 7.24 4.45
CA GLU E 457 -47.44 7.38 5.42
C GLU E 457 -46.42 6.27 5.35
N THR E 458 -46.78 5.12 4.76
CA THR E 458 -45.83 4.02 4.55
C THR E 458 -45.68 3.81 3.05
N LYS E 459 -44.67 4.48 2.49
CA LYS E 459 -44.40 4.45 1.06
C LYS E 459 -42.93 4.16 0.75
N ASN E 460 -42.22 3.53 1.67
CA ASN E 460 -40.76 3.46 1.59
C ASN E 460 -40.26 2.02 1.45
N PHE E 461 -40.69 1.11 2.32
CA PHE E 461 -39.94 -0.11 2.55
C PHE E 461 -40.49 -1.31 1.79
N SER E 462 -39.92 -2.47 2.09
CA SER E 462 -40.19 -3.71 1.38
C SER E 462 -41.36 -4.46 2.04
N GLY E 463 -41.59 -5.67 1.54
CA GLY E 463 -42.75 -6.45 1.94
C GLY E 463 -42.64 -7.11 3.29
N ALA E 464 -41.45 -7.58 3.65
CA ALA E 464 -41.27 -8.28 4.92
C ALA E 464 -41.37 -7.32 6.09
N GLU E 465 -40.90 -6.08 5.91
CA GLU E 465 -41.12 -5.05 6.92
C GLU E 465 -42.60 -4.70 7.03
N LEU E 466 -43.34 -4.82 5.93
CA LEU E 466 -44.74 -4.43 5.92
C LEU E 466 -45.60 -5.44 6.65
N GLU E 467 -45.22 -6.73 6.60
CA GLU E 467 -45.84 -7.71 7.48
C GLU E 467 -45.46 -7.42 8.93
N GLY E 468 -44.21 -7.01 9.15
CA GLY E 468 -43.79 -6.64 10.49
C GLY E 468 -44.35 -5.30 10.94
N LEU E 469 -44.86 -4.50 10.00
CA LEU E 469 -45.53 -3.26 10.35
C LEU E 469 -46.84 -3.52 11.08
N VAL E 470 -47.66 -4.41 10.53
CA VAL E 470 -48.88 -4.80 11.21
C VAL E 470 -48.55 -5.67 12.42
N ARG E 471 -47.49 -6.47 12.32
CA ARG E 471 -47.10 -7.33 13.44
C ARG E 471 -46.58 -6.50 14.61
N ALA E 472 -46.00 -5.35 14.33
CA ALA E 472 -45.73 -4.40 15.41
C ALA E 472 -47.01 -3.69 15.84
N ALA E 473 -47.97 -3.52 14.91
CA ALA E 473 -49.18 -2.78 15.24
C ALA E 473 -50.16 -3.64 16.01
N GLN E 474 -50.22 -4.94 15.72
CA GLN E 474 -50.98 -5.84 16.57
C GLN E 474 -50.26 -6.09 17.89
N SER E 475 -48.96 -5.80 17.95
CA SER E 475 -48.25 -5.64 19.20
C SER E 475 -48.41 -4.24 19.79
N THR E 476 -48.69 -3.24 18.94
CA THR E 476 -49.13 -1.95 19.44
C THR E 476 -50.62 -1.99 19.76
N ALA E 477 -51.34 -2.97 19.22
CA ALA E 477 -52.62 -3.33 19.82
C ALA E 477 -52.40 -3.89 21.22
N MET E 478 -51.32 -4.61 21.41
CA MET E 478 -50.95 -5.04 22.75
C MET E 478 -50.33 -3.91 23.57
N ASN E 479 -49.98 -2.79 22.95
CA ASN E 479 -49.87 -1.55 23.71
C ASN E 479 -51.24 -1.03 24.11
N ARG E 480 -52.27 -1.32 23.33
CA ARG E 480 -53.58 -0.70 23.49
C ARG E 480 -54.58 -1.60 24.21
N HIS E 481 -54.67 -2.87 23.79
CA HIS E 481 -55.66 -3.79 24.35
C HIS E 481 -55.33 -4.17 25.80
N ILE E 482 -54.06 -4.31 26.13
CA ILE E 482 -53.65 -4.75 27.46
C ILE E 482 -52.74 -3.75 28.15
N LYS E 483 -51.77 -3.17 27.44
CA LYS E 483 -50.86 -2.26 28.12
C LYS E 483 -51.48 -0.89 28.37
N ALA E 484 -52.33 -0.40 27.47
CA ALA E 484 -53.08 0.82 27.78
C ALA E 484 -54.16 0.58 28.83
N SER E 485 -54.55 -0.68 29.06
CA SER E 485 -55.51 -0.96 30.12
C SER E 485 -54.84 -0.88 31.49
N THR E 486 -53.89 -1.78 31.74
CA THR E 486 -53.14 -1.86 33.00
C THR E 486 -51.72 -2.34 32.68
N LYS E 487 -51.04 -2.82 33.73
CA LYS E 487 -49.67 -3.30 33.69
C LYS E 487 -49.66 -4.74 33.17
N VAL E 488 -48.56 -5.48 33.40
CA VAL E 488 -48.38 -6.89 33.02
C VAL E 488 -49.56 -7.77 33.44
N GLU E 489 -50.16 -7.49 34.59
CA GLU E 489 -51.05 -8.42 35.25
C GLU E 489 -52.52 -8.23 34.86
N VAL E 490 -52.80 -7.93 33.58
CA VAL E 490 -54.13 -7.69 33.02
C VAL E 490 -55.13 -8.77 33.34
N ASP E 491 -56.39 -8.37 33.44
CA ASP E 491 -57.53 -9.21 33.78
C ASP E 491 -58.06 -9.91 32.53
N MET E 492 -59.26 -10.49 32.64
CA MET E 492 -59.86 -11.27 31.56
C MET E 492 -61.08 -10.54 31.02
N GLU E 493 -60.90 -9.86 29.88
CA GLU E 493 -61.97 -9.28 29.06
C GLU E 493 -62.80 -8.22 29.82
N LYS E 494 -62.12 -7.15 30.22
CA LYS E 494 -62.79 -5.97 30.73
C LYS E 494 -62.42 -4.70 29.99
N ALA E 495 -61.52 -4.78 29.02
CA ALA E 495 -61.16 -3.63 28.21
C ALA E 495 -62.08 -3.42 27.02
N GLU E 496 -63.10 -4.27 26.87
CA GLU E 496 -64.06 -4.28 25.75
C GLU E 496 -63.37 -4.51 24.41
N SER E 497 -62.26 -5.25 24.44
CA SER E 497 -61.55 -5.88 23.32
C SER E 497 -60.79 -4.92 22.41
N LEU E 498 -61.03 -3.61 22.56
CA LEU E 498 -60.08 -2.48 22.48
C LEU E 498 -58.92 -2.65 21.49
N GLN E 499 -59.22 -2.82 20.22
CA GLN E 499 -58.18 -3.06 19.22
C GLN E 499 -57.66 -1.72 18.67
N VAL E 500 -56.97 -1.79 17.51
CA VAL E 500 -56.00 -0.79 17.05
C VAL E 500 -56.66 0.57 16.83
N THR E 501 -56.10 1.59 17.46
CA THR E 501 -56.53 2.97 17.29
C THR E 501 -55.58 3.70 16.35
N ARG E 502 -55.87 4.99 16.13
CA ARG E 502 -54.93 5.87 15.44
C ARG E 502 -54.15 6.64 16.50
N GLY E 503 -52.81 6.62 16.41
CA GLY E 503 -52.06 6.02 15.32
C GLY E 503 -51.76 4.53 15.29
N ASP E 504 -50.93 4.06 16.23
CA ASP E 504 -50.41 2.70 16.33
C ASP E 504 -49.56 2.28 15.12
N PHE E 505 -49.35 3.18 14.18
CA PHE E 505 -48.53 3.14 12.97
C PHE E 505 -47.62 4.36 12.91
N LEU E 506 -48.12 5.52 13.35
CA LEU E 506 -47.25 6.66 13.61
C LEU E 506 -46.21 6.33 14.67
N ALA E 507 -46.64 5.62 15.72
CA ALA E 507 -45.68 5.10 16.69
C ALA E 507 -44.83 4.00 16.08
N SER E 508 -45.38 3.23 15.14
CA SER E 508 -44.61 2.14 14.55
C SER E 508 -43.59 2.65 13.55
N LEU E 509 -43.71 3.90 13.11
CA LEU E 509 -42.65 4.52 12.32
C LEU E 509 -41.76 5.41 13.15
N GLU E 510 -42.02 5.55 14.45
CA GLU E 510 -41.24 6.46 15.30
C GLU E 510 -40.69 5.77 16.55
N ASN E 511 -41.40 4.79 17.12
CA ASN E 511 -40.88 4.01 18.25
C ASN E 511 -41.32 2.57 18.05
N ASP E 512 -40.50 1.75 17.40
CA ASP E 512 -39.21 2.13 16.85
C ASP E 512 -39.31 2.60 15.39
N ILE E 513 -38.30 3.31 14.92
CA ILE E 513 -38.29 3.77 13.54
C ILE E 513 -37.90 2.59 12.63
N LYS E 514 -38.79 2.22 11.72
CA LYS E 514 -38.57 1.08 10.82
C LYS E 514 -38.67 1.43 9.34
N PRO E 515 -37.74 2.22 8.78
CA PRO E 515 -37.65 2.21 7.31
C PRO E 515 -36.85 1.05 6.76
N ALA E 516 -35.68 0.75 7.34
CA ALA E 516 -34.74 -0.32 6.98
C ALA E 516 -34.11 -0.15 5.58
N PHE E 517 -34.53 0.90 4.87
CA PHE E 517 -34.41 1.11 3.42
C PHE E 517 -34.86 2.55 3.17
N GLY E 518 -34.45 3.21 2.07
CA GLY E 518 -33.56 2.72 1.02
C GLY E 518 -34.33 2.36 -0.24
N THR E 519 -34.36 3.26 -1.24
CA THR E 519 -33.69 4.56 -1.24
C THR E 519 -34.66 5.68 -1.59
N ASN E 520 -34.88 6.61 -0.66
CA ASN E 520 -35.83 7.70 -0.88
C ASN E 520 -35.25 9.01 -0.38
N GLN E 521 -35.98 10.10 -0.63
CA GLN E 521 -35.44 11.46 -0.50
C GLN E 521 -35.17 11.82 0.95
N GLU E 522 -33.96 12.31 1.21
CA GLU E 522 -33.49 12.56 2.57
C GLU E 522 -32.36 13.57 2.53
N ASP E 523 -32.54 14.74 3.13
CA ASP E 523 -33.82 15.33 3.54
C ASP E 523 -33.85 16.77 3.06
N TYR E 524 -34.86 17.13 2.27
CA TYR E 524 -34.95 18.50 1.79
C TYR E 524 -35.38 19.48 2.88
N ALA E 525 -35.77 18.99 4.06
CA ALA E 525 -35.94 19.84 5.22
C ALA E 525 -34.66 20.00 6.02
N SER E 526 -33.68 19.13 5.82
CA SER E 526 -32.40 19.27 6.49
C SER E 526 -31.54 20.36 5.86
N TYR E 527 -31.90 20.81 4.66
CA TYR E 527 -31.22 21.92 4.01
C TYR E 527 -32.05 23.20 4.04
N ILE E 528 -33.37 23.08 4.07
CA ILE E 528 -34.25 24.21 4.31
C ILE E 528 -34.55 24.15 5.81
N MET E 529 -33.68 24.75 6.61
CA MET E 529 -33.75 24.53 8.05
C MET E 529 -34.74 25.48 8.72
N ASN E 530 -34.78 26.74 8.29
CA ASN E 530 -35.68 27.73 8.88
C ASN E 530 -36.66 28.28 7.85
N GLY E 531 -37.00 27.49 6.84
CA GLY E 531 -37.95 27.92 5.83
C GLY E 531 -37.35 28.91 4.86
N ILE E 532 -38.16 29.29 3.88
CA ILE E 532 -37.75 30.24 2.85
C ILE E 532 -38.69 31.44 2.98
N ILE E 533 -38.29 32.45 3.75
CA ILE E 533 -39.06 33.68 3.75
C ILE E 533 -38.75 34.47 2.49
N LYS E 534 -39.64 35.39 2.17
CA LYS E 534 -39.57 36.15 0.93
C LYS E 534 -39.39 37.60 1.30
N TRP E 535 -38.14 38.01 1.51
CA TRP E 535 -37.87 39.34 2.00
C TRP E 535 -37.89 40.42 0.91
N GLY E 536 -38.35 40.11 -0.29
CA GLY E 536 -38.52 41.16 -1.28
C GLY E 536 -38.37 40.62 -2.69
N ASP E 537 -38.05 41.55 -3.59
CA ASP E 537 -37.88 41.21 -5.00
C ASP E 537 -36.73 40.26 -5.34
N PRO E 538 -35.53 40.30 -4.72
CA PRO E 538 -34.50 39.32 -5.13
C PRO E 538 -34.83 37.87 -4.78
N VAL E 539 -35.69 37.62 -3.80
CA VAL E 539 -36.17 36.27 -3.57
C VAL E 539 -37.06 35.82 -4.71
N THR E 540 -37.83 36.75 -5.27
CA THR E 540 -38.71 36.43 -6.39
C THR E 540 -37.90 36.15 -7.65
N ARG E 541 -36.78 36.86 -7.82
CA ARG E 541 -35.94 36.70 -9.01
C ARG E 541 -35.29 35.32 -9.07
N VAL E 542 -35.07 34.70 -7.91
CA VAL E 542 -34.54 33.34 -7.88
C VAL E 542 -35.60 32.35 -8.38
N LEU E 543 -36.81 32.44 -7.83
CA LEU E 543 -37.79 31.39 -8.01
C LEU E 543 -38.43 31.42 -9.39
N ASP E 544 -38.61 32.59 -10.00
CA ASP E 544 -39.27 32.61 -11.30
C ASP E 544 -38.34 32.15 -12.41
N ASP E 545 -37.08 32.61 -12.39
CA ASP E 545 -36.12 32.22 -13.41
C ASP E 545 -35.70 30.77 -13.26
N GLY E 546 -35.82 30.22 -12.05
CA GLY E 546 -35.61 28.79 -11.88
C GLY E 546 -36.69 27.97 -12.54
N GLU E 547 -37.96 28.30 -12.30
CA GLU E 547 -39.03 27.46 -12.79
C GLU E 547 -39.32 27.64 -14.28
N LEU E 548 -38.98 28.80 -14.84
CA LEU E 548 -39.01 28.93 -16.30
C LEU E 548 -37.95 28.04 -16.94
N LEU E 549 -36.85 27.83 -16.23
CA LEU E 549 -35.82 26.88 -16.64
C LEU E 549 -36.22 25.44 -16.32
N VAL E 550 -37.08 25.22 -15.33
CA VAL E 550 -37.61 23.88 -15.09
C VAL E 550 -38.57 23.50 -16.22
N GLN E 551 -39.33 24.47 -16.73
CA GLN E 551 -40.15 24.24 -17.92
C GLN E 551 -39.29 23.94 -19.14
N GLN E 552 -38.05 24.44 -19.17
CA GLN E 552 -37.16 24.11 -20.27
C GLN E 552 -36.67 22.67 -20.17
N THR E 553 -36.44 22.18 -18.96
CA THR E 553 -35.95 20.82 -18.79
C THR E 553 -37.02 19.80 -19.14
N LYS E 554 -38.26 20.08 -18.76
CA LYS E 554 -39.35 19.13 -18.98
C LYS E 554 -39.75 19.04 -20.45
N ASN E 555 -39.69 20.16 -21.18
CA ASN E 555 -40.39 20.30 -22.45
C ASN E 555 -39.47 20.79 -23.55
N SER E 556 -38.32 20.15 -23.71
CA SER E 556 -37.39 20.53 -24.77
C SER E 556 -37.12 19.37 -25.72
N ASP E 557 -36.46 19.71 -26.81
CA ASP E 557 -35.90 18.79 -27.78
C ASP E 557 -34.43 19.05 -28.07
N ARG E 558 -34.02 20.32 -28.06
CA ARG E 558 -32.65 20.69 -28.42
C ARG E 558 -31.71 20.56 -27.23
N THR E 559 -32.21 20.72 -26.01
CA THR E 559 -31.41 20.82 -24.80
C THR E 559 -31.75 19.70 -23.83
N PRO E 560 -31.14 18.53 -23.97
CA PRO E 560 -31.37 17.47 -22.99
C PRO E 560 -30.64 17.68 -21.68
N LEU E 561 -29.71 18.63 -21.62
CA LEU E 561 -28.91 18.87 -20.41
C LEU E 561 -28.88 20.36 -20.14
N VAL E 562 -29.59 20.78 -19.09
CA VAL E 562 -29.65 22.18 -18.68
C VAL E 562 -28.88 22.31 -17.38
N SER E 563 -27.94 23.26 -17.35
CA SER E 563 -27.06 23.46 -16.20
C SER E 563 -27.15 24.90 -15.76
N VAL E 564 -27.63 25.13 -14.54
CA VAL E 564 -27.78 26.48 -14.01
C VAL E 564 -26.87 26.59 -12.79
N LEU E 565 -26.37 27.81 -12.55
CA LEU E 565 -25.50 28.09 -11.43
C LEU E 565 -26.10 29.18 -10.56
N LEU E 566 -26.16 28.94 -9.26
CA LEU E 566 -26.50 29.99 -8.31
C LEU E 566 -25.23 30.53 -7.69
N GLU E 567 -25.27 31.77 -7.25
CA GLU E 567 -24.06 32.49 -6.92
C GLU E 567 -24.36 33.47 -5.79
N GLY E 568 -23.41 34.36 -5.52
CA GLY E 568 -23.62 35.41 -4.57
C GLY E 568 -22.60 35.36 -3.45
N PRO E 569 -22.77 36.23 -2.46
CA PRO E 569 -21.91 36.21 -1.29
C PRO E 569 -22.20 34.98 -0.44
N PRO E 570 -21.29 34.60 0.45
CA PRO E 570 -21.59 33.50 1.37
C PRO E 570 -22.60 33.93 2.42
N HIS E 571 -23.17 32.93 3.09
CA HIS E 571 -24.26 33.07 4.07
C HIS E 571 -25.49 33.76 3.48
N SER E 572 -25.71 33.64 2.17
CA SER E 572 -26.81 34.34 1.52
C SER E 572 -27.89 33.42 0.99
N GLY E 573 -28.01 32.22 1.54
CA GLY E 573 -29.13 31.37 1.19
C GLY E 573 -28.98 30.68 -0.15
N LYS E 574 -27.75 30.36 -0.54
CA LYS E 574 -27.54 29.75 -1.84
C LYS E 574 -27.89 28.26 -1.81
N THR E 575 -27.52 27.57 -0.73
CA THR E 575 -27.78 26.13 -0.60
C THR E 575 -29.28 25.85 -0.53
N ALA E 576 -30.03 26.74 0.13
CA ALA E 576 -31.45 26.48 0.37
C ALA E 576 -32.28 26.76 -0.88
N LEU E 577 -32.00 27.85 -1.60
CA LEU E 577 -32.81 28.20 -2.76
C LEU E 577 -32.62 27.22 -3.91
N ALA E 578 -31.45 26.58 -4.00
CA ALA E 578 -31.28 25.51 -4.98
C ALA E 578 -32.11 24.31 -4.61
N ALA E 579 -32.23 24.02 -3.32
CA ALA E 579 -33.13 22.96 -2.89
C ALA E 579 -34.59 23.37 -3.05
N LYS E 580 -34.88 24.67 -2.96
CA LYS E 580 -36.25 25.12 -3.13
C LYS E 580 -36.70 25.02 -4.58
N ILE E 581 -35.80 25.29 -5.53
CA ILE E 581 -36.16 25.19 -6.94
C ILE E 581 -36.35 23.74 -7.34
N ALA E 582 -35.54 22.83 -6.79
CA ALA E 582 -35.67 21.43 -7.14
C ALA E 582 -36.91 20.80 -6.52
N GLU E 583 -37.21 21.15 -5.27
CA GLU E 583 -38.33 20.52 -4.56
C GLU E 583 -39.68 20.92 -5.16
N GLU E 584 -39.78 22.11 -5.75
CA GLU E 584 -41.01 22.53 -6.40
C GLU E 584 -41.14 22.01 -7.83
N SER E 585 -40.08 21.41 -8.39
CA SER E 585 -40.11 20.94 -9.76
C SER E 585 -40.98 19.71 -9.95
N ASN E 586 -41.21 18.95 -8.86
CA ASN E 586 -41.98 17.69 -8.85
C ASN E 586 -41.39 16.64 -9.79
N PHE E 587 -40.08 16.69 -10.01
CA PHE E 587 -39.41 15.65 -10.75
C PHE E 587 -39.36 14.38 -9.91
N PRO E 588 -39.27 13.21 -10.55
CA PRO E 588 -39.20 11.97 -9.74
C PRO E 588 -37.87 11.78 -9.05
N PHE E 589 -36.75 12.04 -9.71
CA PHE E 589 -35.42 11.81 -9.14
C PHE E 589 -34.82 13.15 -8.76
N ILE E 590 -34.91 13.50 -7.48
CA ILE E 590 -34.33 14.74 -6.97
C ILE E 590 -33.41 14.35 -5.81
N LYS E 591 -32.13 14.23 -6.11
CA LYS E 591 -31.13 13.93 -5.08
C LYS E 591 -30.09 15.04 -5.10
N ILE E 592 -29.43 15.23 -3.96
CA ILE E 592 -28.58 16.39 -3.74
C ILE E 592 -27.14 15.90 -3.61
N CYS E 593 -26.34 16.17 -4.63
CA CYS E 593 -24.90 15.94 -4.53
C CYS E 593 -24.32 16.97 -3.57
N SER E 594 -24.04 16.55 -2.35
CA SER E 594 -23.76 17.48 -1.28
C SER E 594 -22.38 17.23 -0.71
N PRO E 595 -21.66 18.28 -0.30
CA PRO E 595 -20.32 18.09 0.26
C PRO E 595 -20.32 17.56 1.67
N ASP E 596 -21.37 17.82 2.46
CA ASP E 596 -21.38 17.44 3.86
C ASP E 596 -21.67 15.95 4.09
N LYS E 597 -21.80 15.16 3.03
CA LYS E 597 -21.85 13.72 3.12
C LYS E 597 -20.61 13.07 2.55
N MET E 598 -19.57 13.87 2.24
CA MET E 598 -18.36 13.38 1.61
C MET E 598 -17.12 13.80 2.38
N ILE E 599 -17.26 14.02 3.68
CA ILE E 599 -16.16 14.51 4.50
C ILE E 599 -15.16 13.40 4.78
N GLY E 600 -13.88 13.72 4.65
CA GLY E 600 -12.83 12.74 4.82
C GLY E 600 -12.57 11.87 3.61
N PHE E 601 -13.29 12.07 2.51
CA PHE E 601 -13.07 11.28 1.31
C PHE E 601 -11.81 11.73 0.58
N SER E 602 -11.23 10.81 -0.17
CA SER E 602 -10.10 11.10 -1.03
C SER E 602 -10.58 11.80 -2.29
N GLU E 603 -9.64 12.01 -3.22
CA GLU E 603 -9.99 12.61 -4.51
C GLU E 603 -10.69 11.60 -5.40
N THR E 604 -10.32 10.33 -5.28
CA THR E 604 -10.99 9.28 -6.06
C THR E 604 -12.40 9.04 -5.55
N ALA E 605 -12.57 8.97 -4.22
CA ALA E 605 -13.87 8.71 -3.64
C ALA E 605 -14.84 9.86 -3.84
N LYS E 606 -14.35 11.08 -4.03
CA LYS E 606 -15.26 12.16 -4.41
C LYS E 606 -15.67 12.07 -5.87
N CYS E 607 -14.93 11.33 -6.68
CA CYS E 607 -15.30 11.19 -8.07
C CYS E 607 -16.14 9.95 -8.32
N GLN E 608 -16.11 8.97 -7.42
CA GLN E 608 -16.98 7.83 -7.56
C GLN E 608 -18.26 7.98 -6.77
N ALA E 609 -18.28 8.85 -5.76
CA ALA E 609 -19.54 9.20 -5.15
C ALA E 609 -20.30 10.22 -5.98
N MET E 610 -19.61 10.88 -6.90
CA MET E 610 -20.31 11.83 -7.77
C MET E 610 -20.82 11.14 -9.04
N LYS E 611 -20.11 10.13 -9.52
CA LYS E 611 -20.62 9.38 -10.66
C LYS E 611 -21.78 8.49 -10.26
N LYS E 612 -21.73 7.94 -9.03
CA LYS E 612 -22.82 7.11 -8.53
C LYS E 612 -24.12 7.90 -8.37
N ILE E 613 -24.01 9.20 -8.08
CA ILE E 613 -25.18 10.05 -8.09
C ILE E 613 -25.63 10.31 -9.52
N PHE E 614 -24.69 10.65 -10.41
CA PHE E 614 -25.07 10.96 -11.78
C PHE E 614 -25.42 9.74 -12.61
N ASP E 615 -25.06 8.54 -12.16
CA ASP E 615 -25.57 7.36 -12.86
C ASP E 615 -27.03 7.11 -12.55
N ASP E 616 -27.45 7.33 -11.30
CA ASP E 616 -28.84 7.16 -10.94
C ASP E 616 -29.72 8.31 -11.44
N ALA E 617 -29.13 9.39 -11.93
CA ALA E 617 -29.90 10.41 -12.63
C ALA E 617 -30.08 10.08 -14.11
N TYR E 618 -29.30 9.15 -14.63
CA TYR E 618 -29.42 8.70 -16.01
C TYR E 618 -30.47 7.62 -16.20
N LYS E 619 -31.20 7.25 -15.15
CA LYS E 619 -32.16 6.17 -15.21
C LYS E 619 -33.60 6.64 -15.21
N SER E 620 -33.91 7.75 -14.54
CA SER E 620 -35.25 8.28 -14.61
C SER E 620 -35.40 9.23 -15.79
N GLN E 621 -36.65 9.54 -16.13
CA GLN E 621 -36.92 10.39 -17.28
C GLN E 621 -36.53 11.83 -17.00
N LEU E 622 -37.18 12.46 -16.03
CA LEU E 622 -36.81 13.79 -15.58
C LEU E 622 -36.08 13.66 -14.26
N SER E 623 -35.01 14.42 -14.09
CA SER E 623 -34.22 14.35 -12.87
C SER E 623 -33.46 15.65 -12.66
N CYS E 624 -33.61 16.22 -11.47
CA CYS E 624 -32.87 17.41 -11.07
C CYS E 624 -31.86 17.01 -10.01
N VAL E 625 -30.59 17.30 -10.27
CA VAL E 625 -29.52 17.05 -9.31
C VAL E 625 -29.02 18.40 -8.82
N VAL E 626 -29.21 18.68 -7.54
CA VAL E 626 -28.62 19.87 -6.93
C VAL E 626 -27.19 19.53 -6.57
N VAL E 627 -26.25 20.23 -7.17
CA VAL E 627 -24.83 20.02 -6.91
C VAL E 627 -24.40 21.21 -6.06
N ASP E 628 -24.43 21.01 -4.75
CA ASP E 628 -24.27 22.10 -3.81
C ASP E 628 -22.81 22.39 -3.50
N ASP E 629 -22.47 23.68 -3.48
CA ASP E 629 -21.23 24.22 -2.93
C ASP E 629 -20.01 23.64 -3.66
N ILE E 630 -19.90 24.07 -4.92
CA ILE E 630 -18.92 23.55 -5.88
C ILE E 630 -17.50 23.61 -5.33
N GLU E 631 -17.14 24.73 -4.70
CA GLU E 631 -15.78 24.90 -4.20
C GLU E 631 -15.49 24.10 -2.93
N ARG E 632 -16.44 23.36 -2.40
CA ARG E 632 -16.11 22.34 -1.42
C ARG E 632 -16.01 20.96 -2.05
N LEU E 633 -16.72 20.73 -3.16
CA LEU E 633 -16.43 19.55 -3.96
C LEU E 633 -15.08 19.68 -4.61
N LEU E 634 -14.76 20.86 -5.13
CA LEU E 634 -13.45 21.14 -5.69
C LEU E 634 -12.39 21.42 -4.65
N ASP E 635 -12.75 21.26 -3.36
CA ASP E 635 -11.99 21.41 -2.12
C ASP E 635 -10.96 22.54 -2.19
N TYR E 636 -11.44 23.70 -2.57
CA TYR E 636 -10.62 24.84 -2.97
C TYR E 636 -10.22 25.67 -1.77
N VAL E 637 -8.98 26.15 -1.80
CA VAL E 637 -8.45 27.07 -0.80
C VAL E 637 -7.53 28.04 -1.52
N PRO E 638 -7.68 29.34 -1.36
CA PRO E 638 -6.94 30.28 -2.21
C PRO E 638 -5.50 30.52 -1.80
N ILE E 639 -4.93 29.67 -0.95
CA ILE E 639 -3.49 29.71 -0.68
C ILE E 639 -2.80 28.72 -1.62
N GLY E 640 -2.09 29.23 -2.60
CA GLY E 640 -1.37 28.41 -3.55
C GLY E 640 -1.79 28.56 -5.00
N PRO E 641 -3.09 28.49 -5.32
CA PRO E 641 -4.24 27.87 -4.66
C PRO E 641 -4.31 26.38 -4.96
N ARG E 642 -4.64 25.57 -3.96
CA ARG E 642 -4.72 24.13 -4.15
C ARG E 642 -6.17 23.68 -4.24
N PHE E 643 -6.44 22.87 -5.26
CA PHE E 643 -7.75 22.29 -5.49
C PHE E 643 -7.55 20.94 -6.16
N SER E 644 -8.49 20.02 -5.93
CA SER E 644 -8.40 18.70 -6.53
C SER E 644 -8.80 18.80 -7.99
N ASN E 645 -7.84 18.60 -8.89
CA ASN E 645 -8.13 18.61 -10.31
C ASN E 645 -9.05 17.47 -10.70
N LEU E 646 -8.91 16.32 -10.03
CA LEU E 646 -9.63 15.12 -10.41
C LEU E 646 -11.13 15.27 -10.23
N VAL E 647 -11.57 16.02 -9.22
CA VAL E 647 -12.98 16.32 -9.07
C VAL E 647 -13.43 17.32 -10.13
N LEU E 648 -12.59 18.33 -10.40
CA LEU E 648 -12.90 19.32 -11.42
C LEU E 648 -13.06 18.69 -12.79
N GLN E 649 -12.31 17.64 -13.07
CA GLN E 649 -12.48 16.96 -14.34
C GLN E 649 -13.60 15.94 -14.31
N ALA E 650 -14.00 15.49 -13.14
CA ALA E 650 -15.22 14.70 -13.05
C ALA E 650 -16.45 15.58 -12.93
N LEU E 651 -16.31 16.88 -13.12
CA LEU E 651 -17.41 17.82 -13.03
C LEU E 651 -17.55 18.68 -14.28
N LEU E 652 -16.44 19.05 -14.93
CA LEU E 652 -16.52 19.78 -16.18
C LEU E 652 -17.03 18.92 -17.33
N VAL E 653 -16.95 17.60 -17.20
CA VAL E 653 -17.53 16.73 -18.22
C VAL E 653 -19.02 16.59 -18.02
N LEU E 654 -19.45 16.38 -16.78
CA LEU E 654 -20.86 16.12 -16.48
C LEU E 654 -21.74 17.35 -16.63
N LEU E 655 -21.17 18.54 -16.76
CA LEU E 655 -21.98 19.68 -17.14
C LEU E 655 -22.12 19.82 -18.65
N LYS E 656 -21.64 18.83 -19.41
CA LYS E 656 -21.82 18.81 -20.85
C LYS E 656 -22.22 17.44 -21.37
N LYS E 657 -22.36 16.43 -20.53
CA LYS E 657 -22.67 15.09 -20.98
C LYS E 657 -24.16 14.82 -20.82
N ALA E 658 -24.86 14.72 -21.93
CA ALA E 658 -26.29 14.49 -21.91
C ALA E 658 -26.60 13.03 -21.59
N PRO E 659 -27.76 12.77 -20.98
CA PRO E 659 -28.22 11.39 -20.81
C PRO E 659 -28.67 10.80 -22.12
N PRO E 660 -28.99 9.50 -22.18
CA PRO E 660 -29.56 8.94 -23.41
C PRO E 660 -30.92 9.54 -23.77
N GLN E 661 -31.37 9.18 -24.97
CA GLN E 661 -32.48 9.88 -25.62
C GLN E 661 -33.78 9.67 -24.87
N GLY E 662 -34.54 10.76 -24.71
CA GLY E 662 -35.78 10.75 -23.99
C GLY E 662 -35.67 11.09 -22.52
N ARG E 663 -34.49 10.93 -21.93
CA ARG E 663 -34.28 11.20 -20.51
C ARG E 663 -33.56 12.54 -20.34
N LYS E 664 -34.13 13.42 -19.53
CA LYS E 664 -33.59 14.75 -19.32
C LYS E 664 -32.97 14.87 -17.94
N LEU E 665 -32.06 15.83 -17.80
CA LEU E 665 -31.31 16.03 -16.57
C LEU E 665 -31.13 17.52 -16.31
N LEU E 666 -31.60 17.96 -15.16
CA LEU E 666 -31.36 19.31 -14.68
C LEU E 666 -30.27 19.28 -13.62
N ILE E 667 -29.33 20.23 -13.69
CA ILE E 667 -28.24 20.32 -12.75
C ILE E 667 -28.19 21.74 -12.21
N ILE E 668 -28.30 21.89 -10.90
CA ILE E 668 -28.20 23.18 -10.24
C ILE E 668 -26.89 23.22 -9.45
N GLY E 669 -26.14 24.31 -9.59
CA GLY E 669 -24.93 24.51 -8.84
C GLY E 669 -25.03 25.75 -7.96
N THR E 670 -24.38 25.68 -6.81
CA THR E 670 -24.25 26.81 -5.91
C THR E 670 -22.76 27.09 -5.69
N THR E 671 -22.40 28.36 -5.64
CA THR E 671 -21.03 28.71 -5.29
C THR E 671 -20.98 30.07 -4.61
N SER E 672 -19.99 30.22 -3.72
CA SER E 672 -19.71 31.52 -3.13
C SER E 672 -18.69 32.29 -3.94
N ARG E 673 -17.65 31.62 -4.41
CA ARG E 673 -16.62 32.25 -5.24
C ARG E 673 -17.03 32.05 -6.68
N LYS E 674 -17.72 33.04 -7.25
CA LYS E 674 -18.13 32.99 -8.64
C LYS E 674 -16.94 33.00 -9.58
N ASP E 675 -16.08 34.02 -9.45
CA ASP E 675 -15.00 34.25 -10.40
C ASP E 675 -13.92 33.18 -10.35
N VAL E 676 -13.80 32.48 -9.23
CA VAL E 676 -12.88 31.34 -9.17
C VAL E 676 -13.36 30.23 -10.08
N LEU E 677 -14.66 29.95 -10.08
CA LEU E 677 -15.24 29.03 -11.06
C LEU E 677 -15.14 29.55 -12.48
N GLN E 678 -14.99 30.87 -12.66
CA GLN E 678 -14.75 31.38 -14.00
C GLN E 678 -13.33 31.06 -14.45
N GLU E 679 -12.36 31.15 -13.54
CA GLU E 679 -10.98 30.96 -13.93
C GLU E 679 -10.67 29.49 -14.20
N MET E 680 -11.47 28.58 -13.67
CA MET E 680 -11.36 27.16 -13.97
C MET E 680 -12.07 26.77 -15.24
N GLU E 681 -12.60 27.76 -15.98
CA GLU E 681 -13.35 27.56 -17.23
C GLU E 681 -14.57 26.67 -16.98
N MET E 682 -15.47 27.17 -16.14
CA MET E 682 -16.70 26.46 -15.81
C MET E 682 -17.95 27.30 -16.09
N LEU E 683 -17.84 28.63 -16.04
CA LEU E 683 -18.92 29.46 -16.60
C LEU E 683 -19.00 29.33 -18.11
N ASN E 684 -17.94 28.82 -18.75
CA ASN E 684 -18.05 28.26 -20.08
C ASN E 684 -19.06 27.13 -20.15
N ALA E 685 -19.16 26.31 -19.09
CA ALA E 685 -19.96 25.10 -19.12
C ALA E 685 -21.38 25.29 -18.59
N PHE E 686 -21.63 26.28 -17.74
CA PHE E 686 -23.00 26.54 -17.32
C PHE E 686 -23.78 27.26 -18.40
N SER E 687 -25.07 26.95 -18.47
CA SER E 687 -25.92 27.61 -19.45
C SER E 687 -26.30 29.01 -19.01
N THR E 688 -26.65 29.18 -17.74
CA THR E 688 -26.97 30.51 -17.22
C THR E 688 -26.70 30.55 -15.73
N THR E 689 -26.54 31.77 -15.23
CA THR E 689 -26.34 32.03 -13.81
C THR E 689 -27.46 32.93 -13.31
N ILE E 690 -28.05 32.55 -12.19
CA ILE E 690 -29.12 33.33 -11.57
C ILE E 690 -28.56 33.89 -10.28
N HIS E 691 -28.51 35.21 -10.17
CA HIS E 691 -27.82 35.85 -9.06
C HIS E 691 -28.67 35.78 -7.79
N VAL E 692 -28.01 35.59 -6.66
CA VAL E 692 -28.63 35.64 -5.35
C VAL E 692 -27.86 36.66 -4.51
N PRO E 693 -28.40 37.86 -4.34
CA PRO E 693 -27.64 38.90 -3.62
C PRO E 693 -27.92 38.90 -2.12
N ASN E 694 -27.25 39.80 -1.40
CA ASN E 694 -27.56 40.04 -0.01
C ASN E 694 -28.76 40.98 0.10
N ILE E 695 -29.19 41.23 1.34
CA ILE E 695 -30.23 42.23 1.56
C ILE E 695 -29.62 43.61 1.38
N ALA E 696 -30.39 44.52 0.78
CA ALA E 696 -29.88 45.81 0.31
C ALA E 696 -30.28 46.97 1.20
N THR E 697 -31.57 47.10 1.50
CA THR E 697 -32.07 48.25 2.24
C THR E 697 -32.59 47.82 3.59
N GLY E 698 -32.85 48.83 4.43
CA GLY E 698 -33.52 48.58 5.70
C GLY E 698 -34.95 48.12 5.52
N GLU E 699 -35.59 48.54 4.43
CA GLU E 699 -36.93 48.06 4.11
C GLU E 699 -36.90 46.57 3.77
N GLN E 700 -35.85 46.13 3.05
CA GLN E 700 -35.69 44.71 2.81
C GLN E 700 -35.16 43.99 4.04
N LEU E 701 -34.40 44.71 4.88
CA LEU E 701 -33.92 44.13 6.15
C LEU E 701 -35.08 43.86 7.09
N LEU E 702 -35.98 44.84 7.26
CA LEU E 702 -37.11 44.67 8.17
C LEU E 702 -38.12 43.68 7.61
N GLU E 703 -38.29 43.62 6.29
CA GLU E 703 -39.13 42.60 5.68
C GLU E 703 -38.59 41.20 5.94
N ALA E 704 -37.27 41.05 6.01
CA ALA E 704 -36.68 39.78 6.47
C ALA E 704 -36.93 39.56 7.95
N LEU E 705 -37.18 40.63 8.71
CA LEU E 705 -37.46 40.50 10.13
C LEU E 705 -38.94 40.48 10.44
N GLU E 706 -39.78 41.06 9.58
CA GLU E 706 -41.22 40.97 9.77
C GLU E 706 -41.73 39.56 9.50
N LEU E 707 -41.07 38.83 8.60
CA LEU E 707 -41.47 37.47 8.30
C LEU E 707 -40.95 36.47 9.31
N LEU E 708 -39.89 36.80 10.04
CA LEU E 708 -39.42 35.92 11.09
C LEU E 708 -40.15 36.15 12.40
N GLY E 709 -40.50 37.39 12.70
CA GLY E 709 -41.31 37.69 13.88
C GLY E 709 -40.60 37.50 15.20
N ASN E 710 -39.63 38.36 15.51
CA ASN E 710 -38.84 38.15 16.72
C ASN E 710 -38.80 39.37 17.64
N PHE E 711 -39.33 40.51 17.20
CA PHE E 711 -39.09 41.77 17.90
C PHE E 711 -40.36 42.59 18.09
N LYS E 712 -40.29 43.46 19.10
CA LYS E 712 -41.36 44.40 19.41
C LYS E 712 -41.27 45.59 18.46
N ASP E 713 -42.44 46.18 18.15
CA ASP E 713 -42.52 47.28 17.19
C ASP E 713 -41.76 48.53 17.65
N LYS E 714 -41.74 48.80 18.96
CA LYS E 714 -40.93 49.90 19.47
C LYS E 714 -39.45 49.63 19.25
N GLU E 715 -39.02 48.39 19.46
CA GLU E 715 -37.68 47.99 19.09
C GLU E 715 -37.49 48.00 17.59
N ARG E 716 -38.50 47.52 16.84
CA ARG E 716 -38.42 47.54 15.38
C ARG E 716 -38.46 48.96 14.83
N THR E 717 -39.06 49.90 15.56
CA THR E 717 -38.92 51.31 15.20
C THR E 717 -37.49 51.78 15.44
N THR E 718 -36.90 51.37 16.57
CA THR E 718 -35.53 51.74 16.89
C THR E 718 -34.55 51.10 15.92
N ILE E 719 -34.83 49.86 15.51
CA ILE E 719 -34.06 49.21 14.45
C ILE E 719 -34.25 49.95 13.12
N ALA E 720 -35.48 50.44 12.87
CA ALA E 720 -35.73 51.23 11.67
C ALA E 720 -35.02 52.58 11.75
N GLN E 721 -35.16 53.29 12.86
CA GLN E 721 -34.64 54.65 12.99
C GLN E 721 -33.12 54.73 13.07
N GLN E 722 -32.40 53.62 13.07
CA GLN E 722 -30.95 53.69 12.99
C GLN E 722 -30.45 53.54 11.56
N VAL E 723 -30.97 52.56 10.82
CA VAL E 723 -30.53 52.31 9.45
C VAL E 723 -31.46 52.97 8.44
N LYS E 724 -32.26 53.93 8.87
CA LYS E 724 -33.15 54.65 7.96
C LYS E 724 -32.34 55.57 7.05
N GLY E 725 -32.21 55.18 5.79
CA GLY E 725 -31.39 55.91 4.85
C GLY E 725 -29.92 55.49 4.83
N LYS E 726 -29.56 54.45 5.57
CA LYS E 726 -28.20 53.94 5.57
C LYS E 726 -28.15 52.60 4.83
N LYS E 727 -26.94 52.23 4.44
CA LYS E 727 -26.72 51.05 3.61
C LYS E 727 -26.25 49.88 4.46
N VAL E 728 -26.95 48.75 4.34
CA VAL E 728 -26.58 47.51 5.00
C VAL E 728 -26.39 46.43 3.94
N TRP E 729 -25.46 45.53 4.20
CA TRP E 729 -25.08 44.53 3.21
C TRP E 729 -24.57 43.31 3.96
N ILE E 730 -25.43 42.31 4.13
CA ILE E 730 -25.11 41.14 4.93
C ILE E 730 -26.01 40.00 4.45
N GLY E 731 -25.54 38.78 4.62
CA GLY E 731 -26.29 37.64 4.17
C GLY E 731 -27.45 37.29 5.06
N ILE E 732 -28.33 36.44 4.54
CA ILE E 732 -29.52 36.05 5.28
C ILE E 732 -29.21 34.99 6.33
N LYS E 733 -28.24 34.10 6.07
CA LYS E 733 -27.83 33.14 7.07
C LYS E 733 -27.08 33.81 8.21
N LYS E 734 -26.32 34.85 7.89
CA LYS E 734 -25.68 35.65 8.93
C LYS E 734 -26.71 36.47 9.70
N LEU E 735 -27.83 36.81 9.05
CA LEU E 735 -28.91 37.49 9.76
C LEU E 735 -29.56 36.58 10.79
N LEU E 736 -29.61 35.28 10.52
CA LEU E 736 -30.05 34.36 11.55
C LEU E 736 -29.02 34.19 12.65
N MET E 737 -27.73 34.45 12.37
CA MET E 737 -26.73 34.38 13.42
C MET E 737 -26.83 35.57 14.36
N LEU E 738 -27.05 36.76 13.82
CA LEU E 738 -27.02 37.97 14.64
C LEU E 738 -28.28 38.10 15.49
N ILE E 739 -29.43 37.74 14.92
CA ILE E 739 -30.69 37.88 15.64
C ILE E 739 -30.76 36.89 16.79
N GLU E 740 -30.28 35.66 16.57
CA GLU E 740 -30.36 34.67 17.64
C GLU E 740 -29.36 34.95 18.75
N MET E 741 -28.19 35.52 18.42
CA MET E 741 -27.30 35.96 19.48
C MET E 741 -27.88 37.13 20.26
N SER E 742 -28.68 37.96 19.60
CA SER E 742 -29.32 39.08 20.29
C SER E 742 -30.47 38.65 21.18
N LEU E 743 -31.06 37.48 20.94
CA LEU E 743 -32.17 37.04 21.78
C LEU E 743 -31.70 36.57 23.14
N GLN E 744 -30.45 36.14 23.26
CA GLN E 744 -29.95 35.63 24.53
C GLN E 744 -29.67 36.74 25.54
N MET E 745 -29.44 37.97 25.06
CA MET E 745 -29.12 39.09 25.93
C MET E 745 -30.34 39.55 26.71
N ASP E 746 -30.10 40.45 27.65
CA ASP E 746 -31.16 41.03 28.46
C ASP E 746 -31.80 42.20 27.70
N PRO E 747 -33.12 42.39 27.84
CA PRO E 747 -33.84 43.33 26.94
C PRO E 747 -33.44 44.79 27.09
N GLU E 748 -32.73 45.15 28.15
CA GLU E 748 -32.11 46.46 28.23
C GLU E 748 -31.00 46.63 27.20
N TYR E 749 -30.37 45.53 26.77
CA TYR E 749 -29.19 45.61 25.91
C TYR E 749 -29.28 44.68 24.69
N ARG E 750 -30.47 44.28 24.27
CA ARG E 750 -30.57 43.38 23.12
C ARG E 750 -30.38 44.13 21.81
N VAL E 751 -31.11 45.23 21.63
CA VAL E 751 -31.10 45.93 20.34
C VAL E 751 -29.77 46.64 20.13
N ARG E 752 -29.23 47.28 21.18
CA ARG E 752 -27.94 47.95 21.06
C ARG E 752 -26.80 46.97 20.81
N LYS E 753 -26.91 45.74 21.30
CA LYS E 753 -25.97 44.70 20.90
C LYS E 753 -26.16 44.32 19.44
N PHE E 754 -27.42 44.26 19.00
CA PHE E 754 -27.69 43.96 17.60
C PHE E 754 -27.23 45.09 16.68
N LEU E 755 -27.29 46.34 17.15
CA LEU E 755 -26.80 47.46 16.36
C LEU E 755 -25.29 47.48 16.28
N ALA E 756 -24.60 46.84 17.23
CA ALA E 756 -23.15 46.69 17.12
C ALA E 756 -22.79 45.51 16.22
N LEU E 757 -23.65 44.50 16.13
CA LEU E 757 -23.38 43.36 15.28
C LEU E 757 -23.57 43.69 13.80
N LEU E 758 -24.65 44.41 13.47
CA LEU E 758 -25.00 44.74 12.09
C LEU E 758 -24.02 45.72 11.46
N ARG E 759 -23.21 46.40 12.28
CA ARG E 759 -22.19 47.32 11.77
C ARG E 759 -21.16 46.60 10.91
N GLU E 760 -20.89 45.32 11.19
CA GLU E 760 -19.97 44.53 10.38
C GLU E 760 -20.64 43.28 9.81
N GLU F 241 -13.91 -28.76 -47.64
CA GLU F 241 -13.14 -29.53 -46.68
C GLU F 241 -13.40 -29.09 -45.26
N LYS F 242 -12.95 -27.88 -44.94
CA LYS F 242 -12.82 -27.44 -43.56
C LYS F 242 -14.18 -27.10 -42.96
N MET F 243 -14.48 -27.72 -41.82
CA MET F 243 -15.80 -27.69 -41.21
C MET F 243 -15.91 -26.51 -40.25
N GLY F 244 -16.81 -25.60 -40.55
CA GLY F 244 -17.20 -24.57 -39.59
C GLY F 244 -16.19 -23.45 -39.38
N ILE F 245 -15.12 -23.41 -40.18
CA ILE F 245 -14.20 -22.29 -40.16
C ILE F 245 -14.02 -21.83 -41.61
N GLY F 246 -13.80 -20.53 -41.78
CA GLY F 246 -13.74 -19.99 -43.12
C GLY F 246 -13.07 -18.64 -43.26
N GLY F 247 -12.28 -18.48 -44.32
CA GLY F 247 -11.68 -17.21 -44.64
C GLY F 247 -10.29 -17.03 -44.07
N LEU F 248 -9.50 -18.09 -44.08
CA LEU F 248 -8.18 -18.03 -43.47
C LEU F 248 -7.10 -18.55 -44.42
N ASP F 249 -7.13 -18.07 -45.67
CA ASP F 249 -6.24 -18.61 -46.69
C ASP F 249 -4.78 -18.26 -46.45
N LYS F 250 -4.50 -17.17 -45.72
CA LYS F 250 -3.14 -16.86 -45.33
C LYS F 250 -2.70 -17.63 -44.09
N GLU F 251 -3.65 -18.07 -43.27
CA GLU F 251 -3.32 -18.70 -41.98
C GLU F 251 -2.71 -20.08 -42.15
N PHE F 252 -3.28 -20.89 -43.04
CA PHE F 252 -2.83 -22.26 -43.22
C PHE F 252 -1.52 -22.37 -43.99
N SER F 253 -0.92 -21.25 -44.37
CA SER F 253 0.46 -21.24 -44.82
C SER F 253 1.42 -21.53 -43.67
N ASP F 254 0.99 -21.39 -42.42
CA ASP F 254 1.89 -21.51 -41.29
C ASP F 254 1.60 -22.67 -40.35
N ILE F 255 0.34 -23.10 -40.19
CA ILE F 255 0.12 -24.31 -39.41
C ILE F 255 0.21 -25.56 -40.27
N PHE F 256 0.33 -25.40 -41.58
CA PHE F 256 0.88 -26.45 -42.42
C PHE F 256 2.39 -26.28 -42.63
N ARG F 257 3.03 -25.44 -41.81
CA ARG F 257 4.46 -25.19 -41.93
C ARG F 257 5.26 -25.67 -40.72
N ARG F 258 4.74 -25.50 -39.51
CA ARG F 258 5.50 -25.81 -38.30
C ARG F 258 4.85 -26.87 -37.43
N ALA F 259 3.53 -26.81 -37.22
CA ALA F 259 2.85 -27.92 -36.57
C ALA F 259 2.67 -29.11 -37.51
N PHE F 260 2.98 -28.93 -38.79
CA PHE F 260 2.92 -29.96 -39.81
C PHE F 260 4.29 -30.21 -40.43
N ALA F 261 5.34 -29.60 -39.88
CA ALA F 261 6.69 -30.00 -40.27
C ALA F 261 7.03 -31.35 -39.67
N SER F 262 7.00 -31.45 -38.35
CA SER F 262 7.28 -32.70 -37.66
C SER F 262 6.01 -33.53 -37.59
N ARG F 263 6.14 -34.69 -36.94
CA ARG F 263 5.11 -35.68 -36.56
C ARG F 263 4.21 -36.14 -37.72
N VAL F 264 4.61 -35.94 -38.98
CA VAL F 264 3.77 -36.46 -40.05
C VAL F 264 4.52 -37.26 -41.12
N PHE F 265 5.59 -36.69 -41.73
CA PHE F 265 5.92 -37.11 -43.10
C PHE F 265 6.55 -38.51 -43.21
N PRO F 266 7.61 -38.93 -42.51
CA PRO F 266 8.17 -40.25 -42.84
C PRO F 266 7.41 -41.43 -42.26
N PRO F 267 6.87 -41.40 -41.01
CA PRO F 267 6.97 -40.72 -39.72
C PRO F 267 8.03 -41.33 -38.82
N GLU F 268 9.18 -41.72 -39.39
CA GLU F 268 10.25 -42.33 -38.61
C GLU F 268 11.62 -41.70 -38.86
N ILE F 269 11.86 -41.17 -40.06
CA ILE F 269 13.15 -40.55 -40.40
C ILE F 269 13.37 -39.26 -39.61
N VAL F 270 12.29 -38.60 -39.15
CA VAL F 270 12.43 -37.39 -38.34
C VAL F 270 13.13 -37.69 -37.02
N GLU F 271 12.61 -38.63 -36.25
CA GLU F 271 13.24 -39.04 -35.00
C GLU F 271 14.22 -40.19 -35.19
N GLN F 272 14.55 -40.51 -36.44
CA GLN F 272 15.68 -41.40 -36.70
C GLN F 272 16.98 -40.75 -36.22
N MET F 273 17.17 -39.49 -36.56
CA MET F 273 18.28 -38.70 -36.06
C MET F 273 17.71 -37.44 -35.42
N GLY F 274 18.56 -36.46 -35.13
CA GLY F 274 18.16 -35.31 -34.35
C GLY F 274 17.19 -34.35 -35.03
N CYS F 275 15.93 -34.40 -34.61
CA CYS F 275 14.90 -33.47 -35.06
C CYS F 275 13.78 -33.51 -34.04
N LYS F 276 13.47 -32.36 -33.46
CA LYS F 276 12.55 -32.30 -32.33
C LYS F 276 11.24 -31.64 -32.72
N HIS F 277 10.26 -31.75 -31.82
CA HIS F 277 8.92 -31.25 -32.04
C HIS F 277 8.80 -29.79 -31.58
N VAL F 278 7.59 -29.26 -31.71
CA VAL F 278 7.27 -27.90 -31.27
C VAL F 278 6.60 -27.97 -29.90
N LYS F 279 6.92 -27.02 -29.04
CA LYS F 279 6.39 -27.00 -27.68
C LYS F 279 5.30 -25.98 -27.45
N GLY F 280 4.82 -25.29 -28.48
CA GLY F 280 3.73 -24.35 -28.30
C GLY F 280 3.56 -23.48 -29.52
N ILE F 281 2.39 -22.84 -29.58
CA ILE F 281 2.02 -21.90 -30.64
C ILE F 281 1.07 -20.86 -30.04
N LEU F 282 1.26 -19.59 -30.41
CA LEU F 282 0.38 -18.56 -29.89
C LEU F 282 -0.17 -17.72 -31.04
N LEU F 283 -1.32 -17.11 -30.79
CA LEU F 283 -2.22 -16.62 -31.83
C LEU F 283 -2.64 -15.19 -31.49
N TYR F 284 -2.57 -14.29 -32.46
CA TYR F 284 -2.95 -12.90 -32.30
C TYR F 284 -4.39 -12.69 -32.78
N GLY F 285 -4.95 -11.52 -32.49
CA GLY F 285 -6.17 -11.12 -33.12
C GLY F 285 -7.22 -10.50 -32.22
N PRO F 286 -8.32 -10.04 -32.83
CA PRO F 286 -9.38 -9.38 -32.07
C PRO F 286 -10.20 -10.40 -31.29
N PRO F 287 -10.96 -9.96 -30.28
CA PRO F 287 -11.81 -10.88 -29.53
C PRO F 287 -13.00 -11.33 -30.36
N GLY F 288 -13.16 -12.66 -30.47
CA GLY F 288 -14.21 -13.21 -31.29
C GLY F 288 -13.81 -13.46 -32.72
N CYS F 289 -12.53 -13.31 -33.06
CA CYS F 289 -12.12 -13.50 -34.45
C CYS F 289 -11.94 -14.97 -34.79
N GLY F 290 -11.93 -15.86 -33.79
CA GLY F 290 -11.80 -17.27 -34.06
C GLY F 290 -10.46 -17.89 -33.72
N LYS F 291 -9.90 -17.54 -32.57
CA LYS F 291 -8.69 -18.22 -32.12
C LYS F 291 -9.02 -19.51 -31.38
N THR F 292 -10.12 -19.54 -30.62
CA THR F 292 -10.47 -20.73 -29.85
C THR F 292 -10.93 -21.87 -30.76
N LEU F 293 -11.78 -21.56 -31.75
CA LEU F 293 -12.25 -22.60 -32.64
C LEU F 293 -11.14 -23.09 -33.56
N LEU F 294 -10.20 -22.22 -33.94
CA LEU F 294 -9.04 -22.67 -34.69
C LEU F 294 -8.12 -23.51 -33.83
N ALA F 295 -8.09 -23.27 -32.52
CA ALA F 295 -7.22 -24.02 -31.62
C ALA F 295 -7.68 -25.46 -31.48
N ARG F 296 -8.98 -25.68 -31.29
CA ARG F 296 -9.51 -27.04 -31.22
C ARG F 296 -9.82 -27.63 -32.59
N GLN F 297 -9.38 -26.97 -33.67
CA GLN F 297 -9.44 -27.60 -34.97
C GLN F 297 -8.12 -28.25 -35.33
N ILE F 298 -7.00 -27.65 -34.91
CA ILE F 298 -5.69 -28.27 -35.14
C ILE F 298 -5.46 -29.43 -34.18
N GLY F 299 -6.20 -29.50 -33.07
CA GLY F 299 -6.17 -30.70 -32.25
C GLY F 299 -6.86 -31.87 -32.93
N LYS F 300 -7.93 -31.58 -33.67
CA LYS F 300 -8.57 -32.61 -34.48
C LYS F 300 -7.72 -32.98 -35.70
N MET F 301 -6.94 -32.02 -36.21
CA MET F 301 -6.03 -32.30 -37.31
C MET F 301 -4.71 -32.92 -36.85
N LEU F 302 -4.57 -33.22 -35.56
CA LEU F 302 -3.43 -33.95 -35.03
C LEU F 302 -3.84 -35.30 -34.45
N ASN F 303 -5.15 -35.53 -34.29
CA ASN F 303 -5.73 -36.74 -33.70
C ASN F 303 -5.24 -36.97 -32.27
N ALA F 304 -5.41 -35.94 -31.44
CA ALA F 304 -4.89 -35.94 -30.08
C ALA F 304 -5.96 -36.10 -29.01
N ARG F 305 -7.24 -35.91 -29.37
CA ARG F 305 -8.43 -36.36 -28.63
C ARG F 305 -8.70 -35.57 -27.33
N GLU F 306 -7.75 -34.75 -26.88
CA GLU F 306 -7.94 -33.98 -25.65
C GLU F 306 -7.40 -32.56 -25.76
N PRO F 307 -8.21 -31.62 -26.25
CA PRO F 307 -7.95 -30.21 -25.92
C PRO F 307 -8.68 -29.80 -24.65
N LYS F 308 -7.94 -29.23 -23.70
CA LYS F 308 -8.55 -28.73 -22.46
C LYS F 308 -8.32 -27.22 -22.36
N VAL F 309 -9.37 -26.50 -21.97
CA VAL F 309 -9.38 -25.05 -22.02
C VAL F 309 -9.46 -24.51 -20.59
N VAL F 310 -8.47 -23.71 -20.22
CA VAL F 310 -8.51 -22.95 -18.98
C VAL F 310 -8.68 -21.48 -19.34
N ASN F 311 -9.48 -20.77 -18.56
CA ASN F 311 -9.70 -19.36 -18.82
C ASN F 311 -8.47 -18.57 -18.39
N GLY F 312 -8.36 -17.35 -18.90
CA GLY F 312 -7.25 -16.48 -18.57
C GLY F 312 -7.25 -16.02 -17.13
N PRO F 313 -8.20 -15.14 -16.78
CA PRO F 313 -8.23 -14.62 -15.40
C PRO F 313 -8.79 -15.59 -14.36
N GLU F 314 -9.25 -16.77 -14.76
CA GLU F 314 -9.69 -17.75 -13.77
C GLU F 314 -8.51 -18.37 -13.03
N ILE F 315 -7.34 -18.39 -13.68
CA ILE F 315 -6.16 -19.02 -13.09
C ILE F 315 -5.58 -18.21 -11.94
N LEU F 316 -6.02 -16.96 -11.74
CA LEU F 316 -5.42 -16.05 -10.78
C LEU F 316 -6.31 -15.74 -9.59
N ASN F 317 -7.53 -16.30 -9.54
CA ASN F 317 -8.59 -15.80 -8.66
C ASN F 317 -8.36 -16.09 -7.18
N LYS F 318 -7.29 -16.78 -6.83
CA LYS F 318 -7.06 -17.22 -5.46
C LYS F 318 -6.08 -16.28 -4.75
N TYR F 319 -5.65 -16.68 -3.55
CA TYR F 319 -4.53 -16.06 -2.87
C TYR F 319 -3.24 -16.59 -3.47
N VAL F 320 -2.13 -16.36 -2.80
CA VAL F 320 -0.88 -16.99 -3.23
C VAL F 320 -0.94 -18.46 -2.85
N GLY F 321 -0.45 -19.32 -3.73
CA GLY F 321 -0.44 -20.74 -3.46
C GLY F 321 -1.26 -21.61 -4.38
N GLU F 322 -2.48 -21.18 -4.68
CA GLU F 322 -3.31 -21.98 -5.57
C GLU F 322 -3.15 -21.54 -7.02
N SER F 323 -2.85 -20.26 -7.25
CA SER F 323 -2.57 -19.77 -8.60
C SER F 323 -1.19 -20.18 -9.10
N GLU F 324 -0.36 -20.80 -8.25
CA GLU F 324 0.82 -21.52 -8.70
C GLU F 324 0.58 -23.01 -8.80
N ALA F 325 -0.48 -23.50 -8.14
CA ALA F 325 -0.81 -24.93 -8.21
C ALA F 325 -1.74 -25.24 -9.36
N ASN F 326 -2.58 -24.28 -9.76
CA ASN F 326 -3.46 -24.52 -10.90
C ASN F 326 -2.68 -24.58 -12.21
N ILE F 327 -1.56 -23.86 -12.31
CA ILE F 327 -0.71 -23.98 -13.49
C ILE F 327 0.22 -25.19 -13.43
N ARG F 328 0.16 -25.98 -12.35
CA ARG F 328 0.73 -27.31 -12.35
C ARG F 328 -0.32 -28.38 -12.57
N LYS F 329 -1.57 -28.07 -12.26
CA LYS F 329 -2.66 -29.03 -12.37
C LYS F 329 -2.92 -29.42 -13.82
N LEU F 330 -2.92 -28.44 -14.72
CA LEU F 330 -3.16 -28.69 -16.13
C LEU F 330 -1.94 -29.23 -16.86
N PHE F 331 -0.80 -29.36 -16.18
CA PHE F 331 0.33 -30.11 -16.73
C PHE F 331 0.55 -31.45 -16.05
N ALA F 332 0.21 -31.58 -14.76
CA ALA F 332 0.34 -32.88 -14.10
C ALA F 332 -0.71 -33.86 -14.60
N ASP F 333 -1.83 -33.35 -15.14
CA ASP F 333 -2.77 -34.22 -15.83
C ASP F 333 -2.17 -34.71 -17.15
N ALA F 334 -1.23 -33.96 -17.72
CA ALA F 334 -0.49 -34.40 -18.88
C ALA F 334 0.76 -35.19 -18.49
N GLU F 335 1.36 -34.85 -17.36
CA GLU F 335 2.56 -35.54 -16.91
C GLU F 335 2.23 -36.94 -16.38
N GLU F 336 1.03 -37.13 -15.81
CA GLU F 336 0.64 -38.49 -15.42
C GLU F 336 0.25 -39.33 -16.62
N GLU F 337 -0.06 -38.69 -17.76
CA GLU F 337 -0.26 -39.43 -19.00
C GLU F 337 1.05 -39.71 -19.71
N GLN F 338 2.17 -39.15 -19.24
CA GLN F 338 3.49 -39.61 -19.65
C GLN F 338 3.75 -40.89 -18.86
N ARG F 339 3.24 -41.99 -19.39
CA ARG F 339 3.15 -43.26 -18.70
C ARG F 339 4.44 -44.04 -19.01
N ARG F 340 4.45 -45.36 -18.79
CA ARG F 340 5.63 -46.19 -19.05
C ARG F 340 6.12 -46.13 -20.50
N LEU F 341 5.26 -45.77 -21.45
CA LEU F 341 5.68 -45.38 -22.78
C LEU F 341 5.86 -43.86 -22.77
N GLY F 342 7.11 -43.42 -22.88
CA GLY F 342 7.41 -42.02 -22.63
C GLY F 342 6.95 -41.09 -23.74
N ALA F 343 6.99 -41.56 -24.97
CA ALA F 343 6.40 -40.84 -26.10
C ALA F 343 4.93 -41.26 -26.23
N ASN F 344 4.35 -40.94 -27.39
CA ASN F 344 3.08 -41.50 -27.88
C ASN F 344 1.91 -41.17 -26.94
N SER F 345 1.57 -39.87 -26.94
CA SER F 345 0.34 -39.34 -26.34
C SER F 345 0.28 -39.57 -24.82
N GLY F 346 1.09 -38.82 -24.08
CA GLY F 346 1.68 -37.55 -24.50
C GLY F 346 0.65 -36.44 -24.61
N LEU F 347 -0.04 -36.13 -23.50
CA LEU F 347 -1.32 -35.41 -23.51
C LEU F 347 -1.10 -33.99 -24.00
N HIS F 348 -1.58 -33.72 -25.22
CA HIS F 348 -1.01 -32.68 -26.05
C HIS F 348 -1.43 -31.25 -25.71
N ILE F 349 -2.70 -30.93 -25.87
CA ILE F 349 -3.13 -29.54 -26.01
C ILE F 349 -3.44 -28.94 -24.64
N ILE F 350 -2.85 -27.79 -24.37
CA ILE F 350 -3.24 -26.92 -23.26
C ILE F 350 -3.66 -25.58 -23.85
N ILE F 351 -4.92 -25.20 -23.62
CA ILE F 351 -5.46 -23.95 -24.14
C ILE F 351 -5.44 -22.92 -23.02
N PHE F 352 -4.65 -21.87 -23.19
CA PHE F 352 -4.80 -20.65 -22.40
C PHE F 352 -5.77 -19.73 -23.14
N ASP F 353 -6.91 -19.45 -22.51
CA ASP F 353 -7.92 -18.62 -23.16
C ASP F 353 -7.48 -17.17 -23.25
N GLU F 354 -6.66 -16.72 -22.28
CA GLU F 354 -6.01 -15.42 -22.40
C GLU F 354 -4.72 -15.48 -21.59
N ILE F 355 -3.60 -15.72 -22.28
CA ILE F 355 -2.29 -15.75 -21.63
C ILE F 355 -1.81 -14.34 -21.28
N ASP F 356 -2.48 -13.31 -21.81
CA ASP F 356 -2.14 -11.93 -21.50
C ASP F 356 -2.32 -11.62 -20.02
N ALA F 357 -3.31 -12.23 -19.38
CA ALA F 357 -3.57 -11.94 -17.98
C ALA F 357 -2.56 -12.59 -17.06
N ILE F 358 -1.91 -13.66 -17.52
CA ILE F 358 -0.92 -14.33 -16.68
C ILE F 358 0.41 -13.59 -16.73
N CYS F 359 1.01 -13.51 -17.91
CA CYS F 359 2.29 -12.83 -18.10
C CYS F 359 2.01 -11.35 -18.39
N LYS F 360 1.40 -10.68 -17.40
CA LYS F 360 0.95 -9.30 -17.60
C LYS F 360 2.14 -8.35 -17.66
N GLN F 361 2.85 -8.22 -16.54
CA GLN F 361 4.17 -7.57 -16.44
C GLN F 361 4.10 -6.11 -16.91
N ARG F 362 3.20 -5.37 -16.28
CA ARG F 362 2.93 -4.01 -16.74
C ARG F 362 3.98 -3.01 -16.26
N GLY F 363 4.76 -3.35 -15.24
CA GLY F 363 5.86 -2.53 -14.77
C GLY F 363 5.61 -1.90 -13.41
N SER F 364 4.34 -1.67 -13.06
CA SER F 364 3.98 -1.02 -11.81
C SER F 364 4.12 -1.92 -10.59
N MET F 365 4.52 -3.20 -10.79
CA MET F 365 4.72 -4.26 -9.77
C MET F 365 3.56 -4.37 -8.77
N ALA F 366 2.35 -4.06 -9.21
CA ALA F 366 1.14 -4.22 -8.40
C ALA F 366 0.52 -5.58 -8.71
N GLY F 367 -0.71 -5.79 -8.26
CA GLY F 367 -1.34 -7.08 -8.45
C GLY F 367 -0.87 -8.14 -7.47
N SER F 368 -1.25 -7.97 -6.19
CA SER F 368 -1.01 -8.94 -5.11
C SER F 368 0.49 -9.19 -4.90
N THR F 369 1.19 -8.10 -4.56
CA THR F 369 2.64 -7.93 -4.38
C THR F 369 3.47 -8.71 -5.42
N GLY F 370 3.02 -8.69 -6.67
CA GLY F 370 3.69 -9.40 -7.73
C GLY F 370 3.28 -10.84 -7.87
N VAL F 371 1.98 -11.12 -8.02
CA VAL F 371 1.58 -12.50 -8.30
C VAL F 371 1.92 -12.84 -9.75
N HIS F 372 1.94 -11.84 -10.63
CA HIS F 372 2.39 -12.02 -12.01
C HIS F 372 3.91 -12.08 -12.11
N ASP F 373 4.62 -11.96 -10.99
CA ASP F 373 6.01 -12.37 -10.90
C ASP F 373 6.16 -13.83 -10.53
N THR F 374 5.10 -14.46 -10.01
CA THR F 374 5.17 -15.81 -9.46
C THR F 374 4.28 -16.81 -10.16
N VAL F 375 3.50 -16.40 -11.16
CA VAL F 375 2.67 -17.34 -11.92
C VAL F 375 3.17 -17.54 -13.33
N VAL F 376 4.28 -16.92 -13.70
CA VAL F 376 4.88 -17.22 -15.00
C VAL F 376 5.68 -18.51 -14.92
N ASN F 377 5.97 -18.98 -13.70
CA ASN F 377 6.97 -20.01 -13.46
C ASN F 377 6.61 -21.35 -14.09
N GLN F 378 5.38 -21.81 -13.88
CA GLN F 378 5.02 -23.13 -14.36
C GLN F 378 4.58 -23.08 -15.82
N LEU F 379 4.54 -21.89 -16.39
CA LEU F 379 4.49 -21.80 -17.84
C LEU F 379 5.89 -21.77 -18.41
N LEU F 380 6.85 -21.21 -17.67
CA LEU F 380 8.22 -21.12 -18.16
C LEU F 380 8.95 -22.44 -18.00
N SER F 381 9.15 -22.89 -16.76
CA SER F 381 10.07 -23.99 -16.48
C SER F 381 9.31 -25.18 -15.92
N LYS F 382 8.17 -25.47 -16.54
CA LYS F 382 7.55 -26.79 -16.47
C LYS F 382 7.52 -27.46 -17.83
N ILE F 383 7.35 -26.69 -18.90
CA ILE F 383 7.50 -27.23 -20.24
C ILE F 383 8.96 -27.44 -20.62
N ASP F 384 9.90 -26.77 -19.97
CA ASP F 384 11.31 -26.81 -20.34
C ASP F 384 12.16 -26.84 -19.07
N GLY F 385 12.90 -27.94 -18.87
CA GLY F 385 13.78 -28.05 -17.72
C GLY F 385 13.09 -28.19 -16.38
N VAL F 386 12.48 -29.34 -16.05
CA VAL F 386 12.59 -30.59 -16.81
C VAL F 386 11.52 -30.64 -17.90
N GLU F 387 11.94 -31.11 -19.08
CA GLU F 387 11.08 -31.01 -20.25
C GLU F 387 10.10 -32.17 -20.30
N GLN F 388 8.88 -31.86 -20.74
CA GLN F 388 7.93 -32.89 -21.15
C GLN F 388 8.23 -33.16 -22.62
N LEU F 389 9.22 -34.03 -22.85
CA LEU F 389 9.80 -34.23 -24.18
C LEU F 389 8.81 -35.02 -25.05
N ASN F 390 7.78 -34.30 -25.48
CA ASN F 390 6.69 -34.89 -26.22
C ASN F 390 6.38 -34.03 -27.43
N ASN F 391 5.29 -34.36 -28.13
CA ASN F 391 4.74 -33.52 -29.17
C ASN F 391 3.56 -32.69 -28.65
N ILE F 392 3.60 -32.28 -27.38
CA ILE F 392 2.52 -31.49 -26.80
C ILE F 392 2.57 -30.07 -27.35
N LEU F 393 1.46 -29.37 -27.21
CA LEU F 393 1.30 -28.11 -27.91
C LEU F 393 0.50 -27.16 -27.03
N VAL F 394 1.18 -26.18 -26.45
CA VAL F 394 0.52 -25.14 -25.66
C VAL F 394 0.00 -24.10 -26.64
N ILE F 395 -1.30 -24.11 -26.90
CA ILE F 395 -1.90 -23.23 -27.90
C ILE F 395 -2.45 -22.02 -27.14
N GLY F 396 -1.66 -20.94 -27.12
CA GLY F 396 -2.05 -19.74 -26.44
C GLY F 396 -2.76 -18.77 -27.37
N MET F 397 -3.50 -17.84 -26.77
CA MET F 397 -4.21 -16.83 -27.54
C MET F 397 -4.33 -15.58 -26.67
N THR F 398 -4.45 -14.43 -27.33
CA THR F 398 -4.38 -13.16 -26.61
C THR F 398 -5.08 -12.07 -27.40
N ASN F 399 -5.33 -10.96 -26.71
CA ASN F 399 -5.90 -9.78 -27.31
C ASN F 399 -5.07 -8.53 -27.08
N ARG F 400 -4.04 -8.61 -26.23
CA ARG F 400 -3.13 -7.49 -25.95
C ARG F 400 -1.71 -8.01 -26.17
N PRO F 401 -1.34 -8.30 -27.42
CA PRO F 401 -0.22 -9.24 -27.66
C PRO F 401 1.17 -8.69 -27.42
N ASP F 402 1.34 -7.38 -27.24
CA ASP F 402 2.69 -6.85 -27.12
C ASP F 402 3.29 -7.08 -25.74
N LEU F 403 2.46 -7.10 -24.70
CA LEU F 403 2.94 -7.12 -23.32
C LEU F 403 3.01 -8.53 -22.73
N ILE F 404 3.23 -9.54 -23.58
CA ILE F 404 3.61 -10.86 -23.09
C ILE F 404 5.12 -10.85 -22.76
N ASP F 405 5.53 -11.79 -21.90
CA ASP F 405 6.91 -11.83 -21.43
C ASP F 405 7.88 -12.18 -22.56
N GLU F 406 9.04 -11.51 -22.54
CA GLU F 406 10.10 -11.80 -23.50
C GLU F 406 10.71 -13.18 -23.28
N ALA F 407 10.68 -13.68 -22.05
CA ALA F 407 11.19 -15.02 -21.75
C ALA F 407 10.28 -16.13 -22.24
N LEU F 408 9.07 -15.80 -22.69
CA LEU F 408 8.15 -16.76 -23.26
C LEU F 408 8.35 -16.93 -24.76
N LEU F 409 8.88 -15.90 -25.42
CA LEU F 409 9.06 -15.93 -26.88
C LEU F 409 10.47 -16.37 -27.22
N ARG F 410 10.80 -17.56 -26.76
CA ARG F 410 12.09 -18.20 -26.97
C ARG F 410 11.90 -19.51 -27.73
N PRO F 411 12.82 -19.89 -28.61
CA PRO F 411 12.64 -21.13 -29.41
C PRO F 411 12.57 -22.43 -28.62
N GLY F 412 12.76 -22.43 -27.30
CA GLY F 412 12.35 -23.59 -26.53
C GLY F 412 10.89 -23.53 -26.13
N ARG F 413 10.39 -22.33 -25.84
CA ARG F 413 9.02 -22.11 -25.43
C ARG F 413 8.17 -21.77 -26.67
N LEU F 414 6.97 -21.23 -26.45
CA LEU F 414 6.06 -20.76 -27.51
C LEU F 414 6.77 -19.73 -28.37
N GLU F 415 7.09 -20.07 -29.61
CA GLU F 415 8.15 -19.34 -30.30
C GLU F 415 7.72 -18.61 -31.57
N VAL F 416 6.58 -18.95 -32.15
CA VAL F 416 6.21 -18.39 -33.45
C VAL F 416 4.82 -17.78 -33.40
N LYS F 417 4.64 -16.72 -34.19
CA LYS F 417 3.47 -15.87 -34.18
C LYS F 417 2.35 -16.49 -35.00
N MET F 418 1.14 -15.95 -34.79
CA MET F 418 -0.01 -16.25 -35.65
C MET F 418 -0.92 -15.03 -35.63
N GLU F 419 -0.77 -14.16 -36.62
CA GLU F 419 -1.62 -12.98 -36.73
C GLU F 419 -2.91 -13.38 -37.43
N ILE F 420 -3.98 -13.54 -36.65
CA ILE F 420 -5.30 -13.73 -37.21
C ILE F 420 -5.95 -12.35 -37.30
N GLY F 421 -5.87 -11.73 -38.47
CA GLY F 421 -6.54 -10.48 -38.67
C GLY F 421 -8.03 -10.66 -38.82
N LEU F 422 -8.75 -9.55 -38.68
CA LEU F 422 -10.19 -9.54 -38.95
C LEU F 422 -10.43 -9.87 -40.42
N PRO F 423 -11.48 -10.61 -40.75
CA PRO F 423 -11.57 -11.22 -42.07
C PRO F 423 -11.97 -10.24 -43.16
N ASP F 424 -11.61 -10.58 -44.39
CA ASP F 424 -11.98 -9.83 -45.58
C ASP F 424 -13.45 -10.13 -45.93
N GLU F 425 -14.00 -9.39 -46.90
CA GLU F 425 -15.37 -9.63 -47.32
C GLU F 425 -15.53 -10.95 -48.05
N LYS F 426 -14.45 -11.49 -48.61
CA LYS F 426 -14.47 -12.89 -49.03
C LYS F 426 -14.53 -13.80 -47.81
N GLY F 427 -13.79 -13.48 -46.76
CA GLY F 427 -13.83 -14.27 -45.54
C GLY F 427 -15.11 -14.11 -44.77
N ARG F 428 -15.75 -12.94 -44.87
CA ARG F 428 -17.08 -12.79 -44.28
C ARG F 428 -18.13 -13.54 -45.08
N LEU F 429 -17.90 -13.74 -46.38
CA LEU F 429 -18.80 -14.56 -47.18
C LEU F 429 -18.71 -16.02 -46.79
N GLN F 430 -17.50 -16.49 -46.47
CA GLN F 430 -17.30 -17.90 -46.14
C GLN F 430 -17.96 -18.28 -44.82
N ILE F 431 -17.96 -17.35 -43.85
CA ILE F 431 -18.53 -17.67 -42.54
C ILE F 431 -20.05 -17.53 -42.56
N LEU F 432 -20.60 -16.65 -43.40
CA LEU F 432 -22.05 -16.56 -43.53
C LEU F 432 -22.63 -17.78 -44.23
N HIS F 433 -21.86 -18.40 -45.14
CA HIS F 433 -22.31 -19.62 -45.79
C HIS F 433 -22.38 -20.80 -44.82
N ILE F 434 -21.59 -20.78 -43.75
CA ILE F 434 -21.60 -21.87 -42.79
C ILE F 434 -22.87 -21.84 -41.95
N HIS F 435 -23.17 -20.69 -41.34
CA HIS F 435 -24.30 -20.59 -40.45
C HIS F 435 -25.58 -20.17 -41.15
N THR F 436 -25.61 -20.26 -42.48
CA THR F 436 -26.85 -20.32 -43.23
C THR F 436 -27.04 -21.66 -43.92
N ALA F 437 -26.05 -22.56 -43.84
CA ALA F 437 -26.24 -23.91 -44.36
C ALA F 437 -27.22 -24.69 -43.51
N ARG F 438 -27.34 -24.34 -42.22
CA ARG F 438 -28.43 -24.87 -41.40
C ARG F 438 -29.72 -24.13 -41.69
N MET F 439 -29.63 -22.84 -42.06
CA MET F 439 -30.80 -22.14 -42.59
C MET F 439 -31.22 -22.71 -43.94
N ARG F 440 -30.25 -23.17 -44.75
CA ARG F 440 -30.58 -23.90 -45.98
C ARG F 440 -31.22 -25.25 -45.69
N GLY F 441 -30.99 -25.81 -44.51
CA GLY F 441 -31.65 -27.03 -44.12
C GLY F 441 -32.98 -26.78 -43.44
N HIS F 442 -33.55 -25.60 -43.63
CA HIS F 442 -34.88 -25.28 -43.13
C HIS F 442 -35.86 -25.16 -44.31
N GLN F 443 -35.78 -24.06 -45.07
CA GLN F 443 -36.36 -24.00 -46.40
C GLN F 443 -35.63 -23.00 -47.29
N LEU F 444 -34.53 -22.39 -46.80
CA LEU F 444 -33.78 -21.20 -47.24
C LEU F 444 -34.55 -19.91 -47.01
N LEU F 445 -35.83 -19.97 -46.60
CA LEU F 445 -36.61 -18.96 -45.89
C LEU F 445 -37.00 -17.72 -46.68
N SER F 446 -36.42 -17.47 -47.85
CA SER F 446 -36.85 -16.26 -48.53
C SER F 446 -36.89 -16.38 -50.04
N ALA F 447 -36.06 -17.28 -50.58
CA ALA F 447 -35.70 -17.41 -52.01
C ALA F 447 -35.02 -16.16 -52.59
N ASP F 448 -34.69 -15.15 -51.76
CA ASP F 448 -33.86 -14.04 -52.23
C ASP F 448 -32.89 -13.50 -51.19
N VAL F 449 -32.78 -14.07 -49.99
CA VAL F 449 -31.71 -13.69 -49.08
C VAL F 449 -30.39 -14.16 -49.65
N ASP F 450 -29.51 -13.21 -49.92
CA ASP F 450 -28.23 -13.51 -50.56
C ASP F 450 -27.13 -13.07 -49.63
N ILE F 451 -26.35 -14.04 -49.15
CA ILE F 451 -25.29 -13.79 -48.18
C ILE F 451 -24.17 -12.94 -48.73
N LYS F 452 -24.01 -12.89 -50.05
CA LYS F 452 -23.10 -11.94 -50.67
C LYS F 452 -23.62 -10.51 -50.52
N GLU F 453 -24.94 -10.34 -50.56
CA GLU F 453 -25.52 -9.00 -50.37
C GLU F 453 -25.50 -8.58 -48.92
N LEU F 454 -25.70 -9.52 -47.99
CA LEU F 454 -25.56 -9.22 -46.57
C LEU F 454 -24.12 -8.98 -46.17
N ALA F 455 -23.16 -9.53 -46.92
CA ALA F 455 -21.75 -9.27 -46.62
C ALA F 455 -21.31 -7.88 -47.04
N VAL F 456 -22.15 -7.13 -47.75
CA VAL F 456 -21.79 -5.78 -48.14
C VAL F 456 -21.90 -4.83 -46.95
N GLU F 457 -23.00 -4.91 -46.20
CA GLU F 457 -23.23 -4.01 -45.08
C GLU F 457 -22.59 -4.46 -43.78
N THR F 458 -21.74 -5.49 -43.83
CA THR F 458 -20.75 -5.75 -42.79
C THR F 458 -19.37 -5.58 -43.40
N LYS F 459 -18.66 -4.53 -42.96
CA LYS F 459 -17.38 -4.20 -43.56
C LYS F 459 -16.19 -4.52 -42.67
N ASN F 460 -16.37 -4.60 -41.36
CA ASN F 460 -15.21 -4.71 -40.47
C ASN F 460 -15.30 -5.85 -39.48
N PHE F 461 -16.47 -6.10 -38.89
CA PHE F 461 -16.46 -6.87 -37.65
C PHE F 461 -16.30 -8.37 -37.92
N SER F 462 -16.02 -9.08 -36.84
CA SER F 462 -15.47 -10.43 -36.91
C SER F 462 -16.58 -11.46 -37.05
N GLY F 463 -16.21 -12.72 -36.96
CA GLY F 463 -17.14 -13.82 -37.15
C GLY F 463 -18.14 -13.99 -36.03
N ALA F 464 -17.70 -13.79 -34.78
CA ALA F 464 -18.52 -14.10 -33.61
C ALA F 464 -19.75 -13.20 -33.48
N GLU F 465 -19.77 -12.06 -34.17
CA GLU F 465 -20.99 -11.30 -34.27
C GLU F 465 -21.89 -11.82 -35.38
N LEU F 466 -21.31 -12.42 -36.43
CA LEU F 466 -22.13 -12.91 -37.53
C LEU F 466 -22.95 -14.12 -37.14
N GLU F 467 -22.48 -14.96 -36.21
CA GLU F 467 -23.38 -15.98 -35.65
C GLU F 467 -24.44 -15.35 -34.76
N GLY F 468 -24.09 -14.26 -34.06
CA GLY F 468 -25.09 -13.51 -33.34
C GLY F 468 -26.05 -12.80 -34.26
N LEU F 469 -25.58 -12.40 -35.45
CA LEU F 469 -26.46 -11.84 -36.46
C LEU F 469 -27.41 -12.90 -37.01
N VAL F 470 -26.89 -14.11 -37.25
CA VAL F 470 -27.74 -15.24 -37.59
C VAL F 470 -28.67 -15.57 -36.43
N ARG F 471 -28.17 -15.46 -35.20
CA ARG F 471 -29.04 -15.62 -34.03
C ARG F 471 -30.05 -14.49 -33.93
N ALA F 472 -29.66 -13.28 -34.36
CA ALA F 472 -30.61 -12.16 -34.37
C ALA F 472 -31.70 -12.35 -35.41
N ALA F 473 -31.40 -13.07 -36.50
CA ALA F 473 -32.44 -13.46 -37.44
C ALA F 473 -33.40 -14.43 -36.79
N GLN F 474 -32.90 -15.57 -36.32
CA GLN F 474 -33.76 -16.62 -35.79
C GLN F 474 -34.27 -16.34 -34.39
N SER F 475 -33.97 -15.16 -33.82
CA SER F 475 -34.72 -14.70 -32.66
C SER F 475 -35.86 -13.78 -33.09
N THR F 476 -35.57 -12.80 -33.94
CA THR F 476 -36.58 -11.82 -34.34
C THR F 476 -37.57 -12.41 -35.35
N ALA F 477 -37.18 -13.40 -36.13
CA ALA F 477 -38.16 -14.11 -36.95
C ALA F 477 -39.12 -14.92 -36.10
N MET F 478 -38.65 -15.41 -34.94
CA MET F 478 -39.57 -15.95 -33.95
C MET F 478 -40.43 -14.85 -33.34
N ASN F 479 -39.88 -13.64 -33.22
CA ASN F 479 -40.67 -12.49 -32.80
C ASN F 479 -41.47 -11.87 -33.94
N ARG F 480 -41.25 -12.35 -35.17
CA ARG F 480 -42.17 -12.02 -36.26
C ARG F 480 -43.46 -12.84 -36.14
N HIS F 481 -43.37 -14.01 -35.53
CA HIS F 481 -44.49 -14.93 -35.44
C HIS F 481 -45.28 -14.79 -34.15
N ILE F 482 -44.76 -14.06 -33.15
CA ILE F 482 -45.63 -13.58 -32.08
C ILE F 482 -46.48 -12.43 -32.59
N LYS F 483 -46.06 -11.76 -33.67
CA LYS F 483 -46.80 -10.68 -34.29
C LYS F 483 -47.34 -11.06 -35.65
N ALA F 484 -47.36 -12.36 -35.96
CA ALA F 484 -48.08 -12.84 -37.15
C ALA F 484 -49.56 -12.99 -36.83
N SER F 485 -49.89 -13.94 -35.95
CA SER F 485 -51.27 -14.05 -35.47
C SER F 485 -51.38 -13.99 -33.94
N THR F 486 -50.70 -14.86 -33.20
CA THR F 486 -51.07 -15.18 -31.83
C THR F 486 -49.82 -15.28 -30.95
N LYS F 487 -49.99 -15.86 -29.76
CA LYS F 487 -49.04 -15.74 -28.68
C LYS F 487 -49.05 -17.05 -27.88
N VAL F 488 -48.07 -17.19 -26.97
CA VAL F 488 -47.96 -18.32 -26.04
C VAL F 488 -49.22 -18.37 -25.16
N GLU F 489 -49.86 -19.55 -25.08
CA GLU F 489 -49.47 -20.81 -25.74
C GLU F 489 -50.20 -21.13 -27.02
N VAL F 490 -51.43 -20.62 -27.14
CA VAL F 490 -52.58 -21.22 -27.84
C VAL F 490 -52.25 -21.92 -29.15
N ASP F 491 -51.44 -21.28 -30.00
CA ASP F 491 -51.13 -21.81 -31.31
C ASP F 491 -50.07 -22.91 -31.25
N MET F 492 -50.27 -23.97 -32.01
CA MET F 492 -49.26 -25.00 -32.22
C MET F 492 -49.27 -25.37 -33.70
N GLU F 493 -48.15 -25.07 -34.38
CA GLU F 493 -47.81 -25.59 -35.72
C GLU F 493 -48.87 -25.16 -36.76
N LYS F 494 -48.92 -23.85 -37.01
CA LYS F 494 -49.85 -23.36 -38.02
C LYS F 494 -49.18 -22.92 -39.33
N ALA F 495 -48.00 -22.29 -39.27
CA ALA F 495 -47.38 -21.80 -40.49
C ALA F 495 -45.86 -21.96 -40.48
N GLU F 496 -45.33 -22.77 -39.56
CA GLU F 496 -43.98 -23.33 -39.60
C GLU F 496 -42.88 -22.27 -39.53
N SER F 497 -42.85 -21.54 -38.41
CA SER F 497 -41.68 -20.76 -37.96
C SER F 497 -41.27 -19.70 -39.00
N LEU F 498 -42.10 -18.66 -39.08
CA LEU F 498 -42.04 -17.60 -40.10
C LEU F 498 -40.65 -16.97 -40.21
N GLN F 499 -40.45 -16.33 -41.35
CA GLN F 499 -39.19 -16.37 -42.06
C GLN F 499 -38.71 -14.95 -42.37
N VAL F 500 -37.58 -14.88 -43.03
CA VAL F 500 -36.90 -13.64 -43.33
C VAL F 500 -37.28 -13.20 -44.75
N THR F 501 -37.19 -11.89 -44.98
CA THR F 501 -37.48 -11.27 -46.26
C THR F 501 -36.20 -10.75 -46.89
N ARG F 502 -36.35 -9.99 -47.98
CA ARG F 502 -35.21 -9.43 -48.70
C ARG F 502 -34.46 -8.38 -47.87
N GLY F 503 -35.14 -7.74 -46.91
CA GLY F 503 -34.64 -6.57 -46.19
C GLY F 503 -33.30 -6.68 -45.47
N ASP F 504 -33.20 -7.42 -44.39
CA ASP F 504 -34.32 -8.06 -43.70
C ASP F 504 -34.44 -7.51 -42.28
N PHE F 505 -33.32 -7.00 -41.80
CA PHE F 505 -33.15 -6.71 -40.38
C PHE F 505 -33.50 -5.24 -40.17
N LEU F 506 -34.81 -4.97 -40.13
CA LEU F 506 -35.30 -3.60 -39.97
C LEU F 506 -35.06 -3.11 -38.55
N ALA F 507 -35.36 -3.96 -37.56
CA ALA F 507 -35.05 -3.68 -36.16
C ALA F 507 -34.15 -4.74 -35.54
N SER F 508 -33.30 -5.39 -36.34
CA SER F 508 -32.49 -6.48 -35.82
C SER F 508 -31.00 -6.16 -35.89
N LEU F 509 -30.47 -5.78 -37.06
CA LEU F 509 -29.07 -5.39 -37.14
C LEU F 509 -28.80 -4.09 -36.40
N GLU F 510 -29.82 -3.24 -36.27
CA GLU F 510 -29.75 -2.15 -35.29
C GLU F 510 -29.69 -2.71 -33.88
N ASN F 511 -30.68 -3.50 -33.50
CA ASN F 511 -30.86 -3.91 -32.10
C ASN F 511 -30.20 -5.24 -31.78
N ASP F 512 -28.92 -5.39 -32.14
CA ASP F 512 -28.11 -6.49 -31.64
C ASP F 512 -26.67 -6.08 -31.39
N ILE F 513 -26.45 -4.82 -30.97
CA ILE F 513 -25.47 -3.89 -31.52
C ILE F 513 -24.15 -4.55 -31.88
N LYS F 514 -23.77 -4.43 -33.15
CA LYS F 514 -22.88 -5.41 -33.76
C LYS F 514 -21.40 -5.30 -33.43
N PRO F 515 -20.69 -4.20 -33.75
CA PRO F 515 -19.25 -4.33 -34.04
C PRO F 515 -18.39 -4.65 -32.84
N ALA F 516 -18.74 -4.12 -31.66
CA ALA F 516 -17.89 -4.08 -30.46
C ALA F 516 -16.52 -3.45 -30.75
N PHE F 517 -16.50 -2.52 -31.70
CA PHE F 517 -15.41 -1.63 -32.07
C PHE F 517 -15.90 -0.20 -32.28
N GLY F 518 -17.18 -0.01 -32.59
CA GLY F 518 -17.76 1.29 -32.79
C GLY F 518 -17.95 1.65 -34.25
N THR F 519 -17.72 0.68 -35.13
CA THR F 519 -17.58 0.92 -36.56
C THR F 519 -18.92 1.30 -37.19
N ASN F 520 -19.04 2.57 -37.58
CA ASN F 520 -20.02 3.10 -38.52
C ASN F 520 -21.45 3.13 -38.00
N GLN F 521 -21.70 2.52 -36.85
CA GLN F 521 -23.04 2.46 -36.24
C GLN F 521 -22.80 2.48 -34.72
N GLU F 522 -22.90 3.66 -34.14
CA GLU F 522 -22.73 3.86 -32.71
C GLU F 522 -23.92 4.61 -32.13
N ASP F 523 -24.86 5.01 -33.00
CA ASP F 523 -25.76 6.14 -32.78
C ASP F 523 -24.94 7.39 -32.46
N TYR F 524 -24.25 7.85 -33.51
CA TYR F 524 -23.49 9.12 -33.54
C TYR F 524 -24.31 10.34 -33.12
N ALA F 525 -25.65 10.24 -33.11
CA ALA F 525 -26.53 11.30 -32.62
C ALA F 525 -26.27 11.68 -31.17
N SER F 526 -25.59 10.83 -30.40
CA SER F 526 -25.03 11.25 -29.13
C SER F 526 -24.04 12.40 -29.30
N TYR F 527 -23.26 12.39 -30.39
CA TYR F 527 -22.35 13.48 -30.67
C TYR F 527 -22.88 14.47 -31.68
N ILE F 528 -23.78 14.06 -32.56
CA ILE F 528 -24.47 15.03 -33.41
C ILE F 528 -25.87 15.15 -32.85
N MET F 529 -26.04 16.06 -31.90
CA MET F 529 -27.21 16.02 -31.03
C MET F 529 -28.42 16.67 -31.67
N ASN F 530 -28.21 17.70 -32.48
CA ASN F 530 -29.29 18.45 -33.08
C ASN F 530 -29.06 18.59 -34.58
N GLY F 531 -28.42 17.60 -35.18
CA GLY F 531 -28.16 17.62 -36.60
C GLY F 531 -27.04 18.58 -36.96
N ILE F 532 -26.77 18.65 -38.26
CA ILE F 532 -25.77 19.56 -38.81
C ILE F 532 -26.47 20.48 -39.79
N ILE F 533 -26.55 21.76 -39.44
CA ILE F 533 -26.95 22.78 -40.39
C ILE F 533 -25.69 23.40 -40.96
N LYS F 534 -25.80 23.99 -42.13
CA LYS F 534 -24.66 24.59 -42.82
C LYS F 534 -24.99 26.06 -43.06
N TRP F 535 -24.70 26.88 -42.05
CA TRP F 535 -25.13 28.27 -42.04
C TRP F 535 -24.30 29.20 -42.92
N GLY F 536 -23.18 28.73 -43.46
CA GLY F 536 -22.38 29.61 -44.30
C GLY F 536 -21.38 28.81 -45.09
N ASP F 537 -20.71 29.52 -45.99
CA ASP F 537 -19.61 28.93 -46.75
C ASP F 537 -18.44 28.38 -45.90
N PRO F 538 -17.97 29.00 -44.81
CA PRO F 538 -16.89 28.34 -44.04
C PRO F 538 -17.31 27.06 -43.33
N VAL F 539 -18.61 26.80 -43.14
CA VAL F 539 -19.04 25.46 -42.76
C VAL F 539 -18.71 24.48 -43.86
N THR F 540 -19.01 24.85 -45.10
CA THR F 540 -18.73 23.99 -46.24
C THR F 540 -17.23 23.94 -46.53
N ARG F 541 -16.48 24.97 -46.13
CA ARG F 541 -15.03 24.95 -46.33
C ARG F 541 -14.32 24.01 -45.37
N VAL F 542 -14.98 23.52 -44.34
CA VAL F 542 -14.30 22.63 -43.40
C VAL F 542 -14.38 21.18 -43.87
N LEU F 543 -15.60 20.68 -44.10
CA LEU F 543 -15.78 19.24 -44.31
C LEU F 543 -15.30 18.78 -45.69
N ASP F 544 -15.14 19.71 -46.64
CA ASP F 544 -14.52 19.30 -47.90
C ASP F 544 -13.00 19.25 -47.77
N ASP F 545 -12.43 20.07 -46.89
CA ASP F 545 -11.04 19.85 -46.48
C ASP F 545 -10.87 18.58 -45.67
N GLY F 546 -11.96 18.08 -45.10
CA GLY F 546 -11.96 16.70 -44.63
C GLY F 546 -11.71 15.72 -45.77
N GLU F 547 -12.56 15.77 -46.81
CA GLU F 547 -12.46 14.78 -47.88
C GLU F 547 -11.27 14.99 -48.78
N LEU F 548 -10.68 16.20 -48.81
CA LEU F 548 -9.39 16.37 -49.45
C LEU F 548 -8.27 15.69 -48.68
N LEU F 549 -8.52 15.37 -47.42
CA LEU F 549 -7.59 14.66 -46.56
C LEU F 549 -8.05 13.24 -46.26
N VAL F 550 -9.34 12.94 -46.42
CA VAL F 550 -9.82 11.55 -46.40
C VAL F 550 -9.22 10.77 -47.56
N GLN F 551 -9.27 11.34 -48.76
CA GLN F 551 -8.69 10.71 -49.93
C GLN F 551 -7.17 10.61 -49.88
N GLN F 552 -6.53 11.33 -48.96
CA GLN F 552 -5.08 11.23 -48.83
C GLN F 552 -4.67 9.90 -48.22
N THR F 553 -5.16 9.61 -47.00
CA THR F 553 -4.74 8.43 -46.25
C THR F 553 -5.16 7.14 -46.95
N LYS F 554 -6.31 7.16 -47.63
CA LYS F 554 -6.78 6.01 -48.38
C LYS F 554 -5.87 5.70 -49.57
N ASN F 555 -5.25 6.72 -50.16
CA ASN F 555 -4.49 6.56 -51.39
C ASN F 555 -3.01 6.87 -51.23
N SER F 556 -2.49 6.90 -50.01
CA SER F 556 -1.10 7.26 -49.81
C SER F 556 -0.19 6.04 -49.65
N ASP F 557 1.09 6.27 -49.89
CA ASP F 557 2.15 5.38 -49.47
C ASP F 557 3.22 6.11 -48.67
N ARG F 558 3.32 7.43 -48.79
CA ARG F 558 4.31 8.23 -48.09
C ARG F 558 3.90 8.50 -46.65
N THR F 559 2.62 8.82 -46.43
CA THR F 559 2.09 9.19 -45.12
C THR F 559 1.04 8.16 -44.72
N PRO F 560 1.44 7.07 -44.04
CA PRO F 560 0.44 6.14 -43.51
C PRO F 560 -0.30 6.68 -42.30
N LEU F 561 0.12 7.81 -41.75
CA LEU F 561 -0.53 8.43 -40.61
C LEU F 561 -0.76 9.91 -40.89
N VAL F 562 -2.02 10.33 -40.89
CA VAL F 562 -2.38 11.72 -41.08
C VAL F 562 -3.21 12.16 -39.88
N SER F 563 -2.78 13.26 -39.24
CA SER F 563 -3.36 13.72 -37.99
C SER F 563 -3.87 15.14 -38.17
N VAL F 564 -5.18 15.30 -38.28
CA VAL F 564 -5.80 16.61 -38.45
C VAL F 564 -6.33 17.07 -37.10
N LEU F 565 -6.26 18.37 -36.85
CA LEU F 565 -6.70 18.97 -35.60
C LEU F 565 -7.73 20.05 -35.87
N LEU F 566 -8.83 20.02 -35.13
CA LEU F 566 -9.88 21.02 -35.23
C LEU F 566 -9.73 21.99 -34.07
N GLU F 567 -9.42 23.24 -34.37
CA GLU F 567 -9.30 24.25 -33.35
C GLU F 567 -10.48 25.22 -33.45
N GLY F 568 -10.49 26.23 -32.58
CA GLY F 568 -11.51 27.24 -32.65
C GLY F 568 -11.99 27.71 -31.29
N PRO F 569 -12.91 28.67 -31.29
CA PRO F 569 -13.51 29.14 -30.04
C PRO F 569 -14.37 28.07 -29.40
N PRO F 570 -14.71 28.20 -28.12
CA PRO F 570 -15.64 27.24 -27.53
C PRO F 570 -17.04 27.40 -28.08
N HIS F 571 -17.82 26.32 -27.95
CA HIS F 571 -19.17 26.16 -28.51
C HIS F 571 -19.22 26.33 -30.03
N SER F 572 -18.11 26.08 -30.75
CA SER F 572 -18.09 26.36 -32.17
C SER F 572 -18.48 25.17 -33.03
N GLY F 573 -18.73 24.01 -32.44
CA GLY F 573 -19.13 22.86 -33.23
C GLY F 573 -18.00 21.95 -33.65
N LYS F 574 -16.93 21.90 -32.87
CA LYS F 574 -15.75 21.12 -33.24
C LYS F 574 -15.99 19.63 -33.06
N THR F 575 -16.70 19.25 -31.99
CA THR F 575 -17.00 17.84 -31.75
C THR F 575 -17.96 17.30 -32.80
N ALA F 576 -18.90 18.12 -33.24
CA ALA F 576 -19.88 17.68 -34.22
C ALA F 576 -19.27 17.48 -35.60
N LEU F 577 -18.41 18.43 -36.01
CA LEU F 577 -17.74 18.28 -37.30
C LEU F 577 -16.72 17.16 -37.28
N ALA F 578 -16.16 16.84 -36.11
CA ALA F 578 -15.22 15.74 -36.03
C ALA F 578 -15.90 14.40 -36.27
N ALA F 579 -17.11 14.24 -35.75
CA ALA F 579 -17.88 13.05 -36.06
C ALA F 579 -18.46 13.11 -37.47
N LYS F 580 -18.54 14.30 -38.07
CA LYS F 580 -19.14 14.42 -39.39
C LYS F 580 -18.13 14.09 -40.48
N ILE F 581 -16.87 14.49 -40.29
CA ILE F 581 -15.83 14.19 -41.26
C ILE F 581 -15.55 12.68 -41.28
N ALA F 582 -15.65 12.04 -40.13
CA ALA F 582 -15.41 10.59 -40.07
C ALA F 582 -16.53 9.82 -40.75
N GLU F 583 -17.78 10.25 -40.53
CA GLU F 583 -18.94 9.55 -41.09
C GLU F 583 -19.00 9.66 -42.61
N GLU F 584 -18.52 10.77 -43.17
CA GLU F 584 -18.46 10.92 -44.62
C GLU F 584 -17.37 10.07 -45.26
N SER F 585 -16.40 9.60 -44.48
CA SER F 585 -15.23 8.96 -45.04
C SER F 585 -15.48 7.53 -45.47
N ASN F 586 -16.56 6.91 -44.96
CA ASN F 586 -16.86 5.47 -45.11
C ASN F 586 -15.72 4.59 -44.62
N PHE F 587 -14.97 5.06 -43.63
CA PHE F 587 -13.88 4.28 -43.08
C PHE F 587 -14.44 3.15 -42.20
N PRO F 588 -13.93 1.93 -42.35
CA PRO F 588 -14.56 0.80 -41.66
C PRO F 588 -14.23 0.71 -40.18
N PHE F 589 -13.45 1.62 -39.60
CA PHE F 589 -13.28 1.66 -38.15
C PHE F 589 -13.27 3.10 -37.68
N ILE F 590 -14.38 3.53 -37.11
CA ILE F 590 -14.55 4.89 -36.59
C ILE F 590 -14.84 4.78 -35.11
N LYS F 591 -13.88 5.17 -34.28
CA LYS F 591 -14.07 5.18 -32.84
C LYS F 591 -13.82 6.60 -32.34
N ILE F 592 -14.70 7.08 -31.47
CA ILE F 592 -14.64 8.45 -30.98
C ILE F 592 -14.12 8.38 -29.55
N CYS F 593 -12.82 8.54 -29.38
CA CYS F 593 -12.25 8.62 -28.05
C CYS F 593 -12.60 9.98 -27.45
N SER F 594 -13.14 9.99 -26.25
CA SER F 594 -13.83 11.17 -25.75
C SER F 594 -13.74 11.17 -24.24
N PRO F 595 -13.82 12.34 -23.60
CA PRO F 595 -13.89 12.39 -22.14
C PRO F 595 -15.24 12.03 -21.56
N ASP F 596 -16.23 11.71 -22.38
CA ASP F 596 -17.56 11.38 -21.85
C ASP F 596 -17.55 10.06 -21.10
N LYS F 597 -16.78 9.09 -21.58
CA LYS F 597 -16.73 7.76 -21.01
C LYS F 597 -15.49 7.57 -20.15
N MET F 598 -14.94 8.64 -19.60
CA MET F 598 -13.70 8.57 -18.83
C MET F 598 -13.78 9.37 -17.54
N ILE F 599 -14.98 9.59 -17.01
CA ILE F 599 -15.10 10.35 -15.76
C ILE F 599 -14.64 9.49 -14.59
N GLY F 600 -13.85 10.08 -13.72
CA GLY F 600 -13.27 9.37 -12.60
C GLY F 600 -12.03 8.57 -12.91
N PHE F 601 -11.61 8.50 -14.18
CA PHE F 601 -10.40 7.78 -14.51
C PHE F 601 -9.16 8.55 -14.08
N SER F 602 -8.20 7.81 -13.51
CA SER F 602 -6.92 8.36 -13.12
C SER F 602 -6.01 8.46 -14.34
N GLU F 603 -4.76 8.90 -14.10
CA GLU F 603 -3.82 9.09 -15.19
C GLU F 603 -3.42 7.77 -15.82
N THR F 604 -3.29 6.72 -15.01
CA THR F 604 -2.98 5.40 -15.55
C THR F 604 -4.15 4.85 -16.34
N ALA F 605 -5.38 5.15 -15.92
CA ALA F 605 -6.55 4.59 -16.57
C ALA F 605 -6.80 5.22 -17.93
N LYS F 606 -6.59 6.53 -18.06
CA LYS F 606 -6.82 7.18 -19.35
C LYS F 606 -5.77 6.80 -20.38
N CYS F 607 -4.56 6.49 -19.93
CA CYS F 607 -3.55 6.03 -20.87
C CYS F 607 -3.88 4.63 -21.39
N GLN F 608 -4.34 3.75 -20.50
CA GLN F 608 -4.70 2.40 -20.93
C GLN F 608 -5.93 2.39 -21.81
N ALA F 609 -6.88 3.29 -21.56
CA ALA F 609 -8.09 3.33 -22.38
C ALA F 609 -7.81 3.93 -23.75
N MET F 610 -6.91 4.91 -23.81
CA MET F 610 -6.54 5.48 -25.10
C MET F 610 -5.62 4.54 -25.86
N LYS F 611 -4.84 3.72 -25.16
CA LYS F 611 -4.01 2.70 -25.80
C LYS F 611 -4.85 1.63 -26.47
N LYS F 612 -6.02 1.30 -25.89
CA LYS F 612 -6.87 0.27 -26.46
C LYS F 612 -7.49 0.71 -27.78
N ILE F 613 -7.91 1.98 -27.86
CA ILE F 613 -8.50 2.47 -29.10
C ILE F 613 -7.45 2.60 -30.18
N PHE F 614 -6.26 3.09 -29.84
CA PHE F 614 -5.19 3.11 -30.82
C PHE F 614 -4.50 1.77 -31.01
N ASP F 615 -4.97 0.70 -30.37
CA ASP F 615 -4.62 -0.63 -30.83
C ASP F 615 -5.72 -1.28 -31.63
N ASP F 616 -6.96 -0.86 -31.43
CA ASP F 616 -8.06 -1.32 -32.28
C ASP F 616 -8.08 -0.62 -33.63
N ALA F 617 -7.21 0.35 -33.87
CA ALA F 617 -7.04 0.92 -35.19
C ALA F 617 -5.76 0.47 -35.86
N TYR F 618 -4.85 -0.17 -35.13
CA TYR F 618 -3.68 -0.79 -35.73
C TYR F 618 -3.97 -2.18 -36.29
N LYS F 619 -5.21 -2.64 -36.18
CA LYS F 619 -5.58 -3.98 -36.59
C LYS F 619 -6.61 -3.99 -37.70
N SER F 620 -7.04 -2.82 -38.14
CA SER F 620 -7.89 -2.69 -39.32
C SER F 620 -7.02 -2.35 -40.53
N GLN F 621 -7.69 -2.02 -41.64
CA GLN F 621 -7.00 -1.61 -42.85
C GLN F 621 -7.11 -0.11 -43.09
N LEU F 622 -8.33 0.41 -43.14
CA LEU F 622 -8.58 1.84 -43.06
C LEU F 622 -9.32 2.11 -41.75
N SER F 623 -8.96 3.21 -41.09
CA SER F 623 -9.55 3.49 -39.78
C SER F 623 -9.43 4.97 -39.48
N CYS F 624 -10.44 5.49 -38.78
CA CYS F 624 -10.46 6.87 -38.32
C CYS F 624 -10.68 6.89 -36.81
N VAL F 625 -9.96 7.78 -36.13
CA VAL F 625 -10.08 7.92 -34.68
C VAL F 625 -10.33 9.38 -34.37
N VAL F 626 -11.47 9.66 -33.76
CA VAL F 626 -11.77 11.00 -33.25
C VAL F 626 -11.29 11.05 -31.81
N VAL F 627 -10.20 11.77 -31.57
CA VAL F 627 -9.75 12.05 -30.21
C VAL F 627 -10.34 13.42 -29.87
N ASP F 628 -11.52 13.40 -29.25
CA ASP F 628 -12.27 14.61 -29.05
C ASP F 628 -11.87 15.28 -27.74
N ASP F 629 -11.81 16.62 -27.78
CA ASP F 629 -11.61 17.48 -26.62
C ASP F 629 -10.29 17.16 -25.92
N ILE F 630 -9.20 17.52 -26.63
CA ILE F 630 -7.82 17.23 -26.22
C ILE F 630 -7.55 17.68 -24.79
N GLU F 631 -7.96 18.90 -24.46
CA GLU F 631 -7.59 19.45 -23.16
C GLU F 631 -8.35 18.80 -22.01
N ARG F 632 -9.55 18.30 -22.24
CA ARG F 632 -10.24 17.59 -21.18
C ARG F 632 -9.84 16.13 -21.10
N LEU F 633 -9.10 15.63 -22.10
CA LEU F 633 -8.40 14.37 -21.92
C LEU F 633 -7.06 14.59 -21.24
N LEU F 634 -6.51 15.80 -21.36
CA LEU F 634 -5.34 16.20 -20.60
C LEU F 634 -5.70 16.89 -19.31
N ASP F 635 -6.93 16.67 -18.84
CA ASP F 635 -7.52 17.08 -17.54
C ASP F 635 -7.03 18.45 -17.06
N TYR F 636 -7.13 19.41 -17.97
CA TYR F 636 -6.43 20.68 -17.93
C TYR F 636 -7.20 21.74 -17.15
N VAL F 637 -6.46 22.66 -16.54
CA VAL F 637 -7.00 23.80 -15.84
C VAL F 637 -5.95 24.91 -15.94
N PRO F 638 -6.33 26.18 -16.16
CA PRO F 638 -5.31 27.22 -16.29
C PRO F 638 -4.87 27.86 -14.98
N ILE F 639 -5.41 27.49 -13.83
CA ILE F 639 -5.00 28.13 -12.58
C ILE F 639 -3.72 27.45 -12.11
N GLY F 640 -2.59 28.05 -12.46
CA GLY F 640 -1.30 27.49 -12.14
C GLY F 640 -1.14 26.16 -12.83
N PRO F 641 -0.98 26.20 -14.18
CA PRO F 641 -1.59 25.18 -15.06
C PRO F 641 -1.22 23.73 -14.77
N ARG F 642 -2.18 22.99 -14.28
CA ARG F 642 -2.00 21.58 -13.96
C ARG F 642 -2.64 20.74 -15.05
N PHE F 643 -1.92 19.70 -15.46
CA PHE F 643 -2.41 18.78 -16.47
C PHE F 643 -1.63 17.48 -16.30
N SER F 644 -2.20 16.40 -16.84
CA SER F 644 -1.55 15.11 -16.73
C SER F 644 -0.47 15.01 -17.79
N ASN F 645 0.78 14.99 -17.34
CA ASN F 645 1.89 14.79 -18.26
C ASN F 645 1.89 13.36 -18.81
N LEU F 646 1.34 12.42 -18.05
CA LEU F 646 1.39 11.02 -18.48
C LEU F 646 0.44 10.76 -19.64
N VAL F 647 -0.69 11.46 -19.70
CA VAL F 647 -1.58 11.33 -20.85
C VAL F 647 -1.05 12.14 -22.03
N LEU F 648 -0.37 13.25 -21.75
CA LEU F 648 0.18 14.09 -22.82
C LEU F 648 1.26 13.36 -23.60
N GLN F 649 2.18 12.72 -22.91
CA GLN F 649 3.24 12.02 -23.60
C GLN F 649 2.77 10.71 -24.22
N ALA F 650 1.70 10.13 -23.68
CA ALA F 650 1.06 9.02 -24.37
C ALA F 650 0.36 9.50 -25.63
N LEU F 651 -0.03 10.75 -25.69
CA LEU F 651 -0.68 11.26 -26.89
C LEU F 651 0.33 11.79 -27.90
N LEU F 652 1.45 12.33 -27.41
CA LEU F 652 2.47 12.87 -28.33
C LEU F 652 3.21 11.78 -29.09
N VAL F 653 3.14 10.54 -28.64
CA VAL F 653 3.77 9.44 -29.34
C VAL F 653 2.79 8.73 -30.27
N LEU F 654 1.54 8.57 -29.83
CA LEU F 654 0.52 7.95 -30.67
C LEU F 654 0.21 8.77 -31.91
N LEU F 655 0.37 10.09 -31.83
CA LEU F 655 0.25 10.93 -33.01
C LEU F 655 1.44 10.82 -33.94
N LYS F 656 2.53 10.21 -33.50
CA LYS F 656 3.68 9.97 -34.37
C LYS F 656 4.08 8.52 -34.42
N LYS F 657 3.24 7.60 -33.94
CA LYS F 657 3.50 6.18 -34.06
C LYS F 657 2.87 5.69 -35.36
N ALA F 658 3.71 5.20 -36.26
CA ALA F 658 3.20 4.66 -37.51
C ALA F 658 2.50 3.33 -37.25
N PRO F 659 1.44 3.03 -38.01
CA PRO F 659 0.75 1.74 -37.88
C PRO F 659 1.63 0.61 -38.36
N PRO F 660 1.24 -0.65 -38.11
CA PRO F 660 1.98 -1.78 -38.71
C PRO F 660 1.92 -1.74 -40.23
N GLN F 661 2.92 -2.39 -40.84
CA GLN F 661 3.34 -2.10 -42.20
C GLN F 661 2.24 -2.35 -43.21
N GLY F 662 1.87 -1.31 -43.94
CA GLY F 662 0.80 -1.39 -44.92
C GLY F 662 -0.58 -1.14 -44.37
N ARG F 663 -0.71 -0.40 -43.28
CA ARG F 663 -2.01 -0.07 -42.71
C ARG F 663 -2.14 1.43 -42.54
N LYS F 664 -3.37 1.91 -42.61
CA LYS F 664 -3.65 3.34 -42.69
C LYS F 664 -4.49 3.78 -41.51
N LEU F 665 -4.30 5.03 -41.09
CA LEU F 665 -4.95 5.56 -39.91
C LEU F 665 -5.16 7.06 -40.05
N LEU F 666 -6.33 7.53 -39.59
CA LEU F 666 -6.69 8.93 -39.59
C LEU F 666 -7.04 9.35 -38.17
N ILE F 667 -6.46 10.44 -37.70
CA ILE F 667 -6.68 10.92 -36.34
C ILE F 667 -7.26 12.33 -36.42
N ILE F 668 -8.45 12.51 -35.90
CA ILE F 668 -9.11 13.81 -35.85
C ILE F 668 -9.12 14.27 -34.40
N GLY F 669 -8.64 15.48 -34.16
CA GLY F 669 -8.61 16.04 -32.82
C GLY F 669 -9.40 17.33 -32.75
N THR F 670 -10.01 17.57 -31.60
CA THR F 670 -10.71 18.82 -31.32
C THR F 670 -10.13 19.47 -30.07
N THR F 671 -10.01 20.79 -30.11
CA THR F 671 -9.59 21.55 -28.95
C THR F 671 -10.10 22.98 -29.07
N SER F 672 -10.48 23.54 -27.93
CA SER F 672 -10.81 24.95 -27.88
C SER F 672 -9.58 25.81 -27.63
N ARG F 673 -8.67 25.35 -26.78
CA ARG F 673 -7.48 26.09 -26.41
C ARG F 673 -6.39 25.76 -27.40
N LYS F 674 -6.37 26.49 -28.53
CA LYS F 674 -5.33 26.34 -29.52
C LYS F 674 -3.96 26.70 -28.96
N ASP F 675 -3.88 27.80 -28.21
CA ASP F 675 -2.59 28.31 -27.76
C ASP F 675 -1.96 27.44 -26.69
N VAL F 676 -2.77 26.71 -25.93
CA VAL F 676 -2.23 25.85 -24.89
C VAL F 676 -1.49 24.67 -25.49
N LEU F 677 -2.09 24.04 -26.50
CA LEU F 677 -1.44 22.93 -27.20
C LEU F 677 -0.20 23.37 -27.97
N GLN F 678 -0.09 24.67 -28.29
CA GLN F 678 1.09 25.17 -28.94
C GLN F 678 2.30 25.13 -28.02
N GLU F 679 2.09 25.42 -26.74
CA GLU F 679 3.19 25.35 -25.79
C GLU F 679 3.38 23.96 -25.21
N MET F 680 2.43 23.05 -25.37
CA MET F 680 2.67 21.64 -25.04
C MET F 680 3.34 20.86 -26.16
N GLU F 681 3.91 21.56 -27.15
CA GLU F 681 4.61 20.98 -28.30
C GLU F 681 3.71 20.04 -29.10
N MET F 682 2.42 20.37 -29.21
CA MET F 682 1.47 19.48 -29.84
C MET F 682 0.96 19.97 -31.18
N LEU F 683 0.87 21.29 -31.39
CA LEU F 683 0.67 21.80 -32.75
C LEU F 683 1.86 21.52 -33.64
N ASN F 684 3.04 21.32 -33.05
CA ASN F 684 4.19 20.81 -33.79
C ASN F 684 3.98 19.35 -34.18
N ALA F 685 3.18 18.60 -33.42
CA ALA F 685 3.01 17.17 -33.62
C ALA F 685 1.95 16.83 -34.66
N PHE F 686 0.87 17.60 -34.73
CA PHE F 686 -0.17 17.32 -35.71
C PHE F 686 0.29 17.63 -37.13
N SER F 687 -0.37 16.98 -38.10
CA SER F 687 -0.02 17.18 -39.49
C SER F 687 -0.56 18.50 -40.02
N THR F 688 -1.81 18.81 -39.72
CA THR F 688 -2.40 20.07 -40.17
C THR F 688 -3.50 20.50 -39.21
N THR F 689 -3.97 21.73 -39.39
CA THR F 689 -5.05 22.29 -38.59
C THR F 689 -6.20 22.72 -39.49
N ILE F 690 -7.41 22.66 -38.94
CA ILE F 690 -8.60 23.20 -39.58
C ILE F 690 -9.37 23.99 -38.52
N HIS F 691 -9.45 25.29 -38.69
CA HIS F 691 -10.16 26.15 -37.76
C HIS F 691 -11.66 25.98 -37.93
N VAL F 692 -12.38 25.99 -36.81
CA VAL F 692 -13.83 25.91 -36.83
C VAL F 692 -14.38 27.24 -36.34
N PRO F 693 -14.71 28.18 -37.22
CA PRO F 693 -15.07 29.53 -36.79
C PRO F 693 -16.53 29.62 -36.38
N ASN F 694 -16.79 30.60 -35.50
CA ASN F 694 -18.15 30.96 -35.15
C ASN F 694 -18.78 31.79 -36.26
N ILE F 695 -20.03 32.20 -36.04
CA ILE F 695 -20.64 33.20 -36.89
C ILE F 695 -19.98 34.53 -36.62
N ALA F 696 -19.73 35.30 -37.68
CA ALA F 696 -19.01 36.55 -37.53
C ALA F 696 -19.79 37.76 -38.01
N THR F 697 -20.69 37.58 -38.96
CA THR F 697 -21.46 38.67 -39.53
C THR F 697 -22.93 38.54 -39.16
N GLY F 698 -23.68 39.62 -39.39
CA GLY F 698 -25.11 39.57 -39.17
C GLY F 698 -25.86 38.80 -40.23
N GLU F 699 -25.26 38.61 -41.41
CA GLU F 699 -25.91 37.83 -42.46
C GLU F 699 -25.85 36.34 -42.17
N GLN F 700 -24.75 35.90 -41.56
CA GLN F 700 -24.61 34.49 -41.19
C GLN F 700 -25.51 34.12 -40.02
N LEU F 701 -25.90 35.10 -39.22
CA LEU F 701 -26.78 34.83 -38.09
C LEU F 701 -28.22 34.60 -38.55
N LEU F 702 -28.69 35.38 -39.51
CA LEU F 702 -30.04 35.19 -40.04
C LEU F 702 -30.14 33.93 -40.87
N GLU F 703 -29.10 33.64 -41.66
CA GLU F 703 -29.08 32.45 -42.51
C GLU F 703 -29.08 31.18 -41.68
N ALA F 704 -28.51 31.23 -40.47
CA ALA F 704 -28.46 30.07 -39.59
C ALA F 704 -29.86 29.64 -39.14
N LEU F 705 -30.67 30.60 -38.71
CA LEU F 705 -32.00 30.28 -38.21
C LEU F 705 -32.97 29.90 -39.33
N GLU F 706 -32.63 30.24 -40.59
CA GLU F 706 -33.41 29.78 -41.73
C GLU F 706 -33.39 28.27 -41.83
N LEU F 707 -32.23 27.65 -41.57
CA LEU F 707 -32.13 26.20 -41.56
C LEU F 707 -32.72 25.60 -40.30
N LEU F 708 -32.83 26.36 -39.21
CA LEU F 708 -33.47 25.86 -38.01
C LEU F 708 -34.97 26.08 -38.01
N GLY F 709 -35.42 27.24 -38.50
CA GLY F 709 -36.83 27.52 -38.68
C GLY F 709 -37.65 27.58 -37.41
N ASN F 710 -37.21 28.38 -36.43
CA ASN F 710 -37.88 28.43 -35.15
C ASN F 710 -38.47 29.80 -34.82
N PHE F 711 -38.20 30.81 -35.63
CA PHE F 711 -38.88 32.09 -35.56
C PHE F 711 -39.62 32.36 -36.86
N LYS F 712 -40.69 33.15 -36.75
CA LYS F 712 -41.45 33.57 -37.92
C LYS F 712 -40.62 34.56 -38.75
N ASP F 713 -40.93 34.63 -40.04
CA ASP F 713 -40.22 35.55 -40.95
C ASP F 713 -40.45 37.01 -40.56
N LYS F 714 -41.60 37.33 -39.98
CA LYS F 714 -41.80 38.65 -39.39
C LYS F 714 -40.97 38.82 -38.13
N GLU F 715 -40.82 37.74 -37.34
CA GLU F 715 -39.96 37.78 -36.16
C GLU F 715 -38.49 37.88 -36.56
N ARG F 716 -38.13 37.25 -37.69
CA ARG F 716 -36.79 37.39 -38.23
C ARG F 716 -36.50 38.82 -38.66
N THR F 717 -37.53 39.52 -39.15
CA THR F 717 -37.38 40.92 -39.54
C THR F 717 -37.07 41.79 -38.33
N THR F 718 -37.64 41.44 -37.17
CA THR F 718 -37.32 42.15 -35.94
C THR F 718 -35.86 41.95 -35.56
N ILE F 719 -35.33 40.75 -35.79
CA ILE F 719 -33.89 40.53 -35.60
C ILE F 719 -33.10 41.23 -36.70
N ALA F 720 -33.61 41.19 -37.94
CA ALA F 720 -32.86 41.68 -39.10
C ALA F 720 -32.64 43.19 -39.05
N GLN F 721 -33.57 43.93 -38.44
CA GLN F 721 -33.39 45.37 -38.30
C GLN F 721 -32.42 45.72 -37.18
N GLN F 722 -32.10 44.77 -36.29
CA GLN F 722 -31.26 45.02 -35.14
C GLN F 722 -29.85 44.47 -35.27
N VAL F 723 -29.60 43.55 -36.21
CA VAL F 723 -28.30 42.90 -36.34
C VAL F 723 -27.63 43.24 -37.65
N LYS F 724 -28.24 44.06 -38.50
CA LYS F 724 -27.72 44.32 -39.83
C LYS F 724 -26.48 45.20 -39.77
N GLY F 725 -25.38 44.72 -40.35
CA GLY F 725 -24.15 45.47 -40.42
C GLY F 725 -23.28 45.44 -39.18
N LYS F 726 -23.81 44.97 -38.04
CA LYS F 726 -23.06 45.01 -36.80
C LYS F 726 -22.11 43.81 -36.72
N LYS F 727 -21.40 43.72 -35.59
CA LYS F 727 -20.41 42.68 -35.35
C LYS F 727 -20.90 41.76 -34.24
N VAL F 728 -21.32 40.56 -34.59
CA VAL F 728 -21.75 39.56 -33.62
C VAL F 728 -20.86 38.34 -33.74
N TRP F 729 -20.67 37.65 -32.62
CA TRP F 729 -19.73 36.55 -32.55
C TRP F 729 -20.17 35.62 -31.40
N ILE F 730 -20.83 34.52 -31.75
CA ILE F 730 -21.35 33.59 -30.75
C ILE F 730 -21.25 32.17 -31.31
N GLY F 731 -21.23 31.19 -30.41
CA GLY F 731 -21.08 29.81 -30.80
C GLY F 731 -22.33 29.17 -31.35
N ILE F 732 -22.14 28.11 -32.14
CA ILE F 732 -23.25 27.42 -32.77
C ILE F 732 -24.02 26.58 -31.75
N LYS F 733 -23.36 26.18 -30.66
CA LYS F 733 -24.05 25.46 -29.60
C LYS F 733 -24.66 26.42 -28.58
N LYS F 734 -24.01 27.56 -28.38
CA LYS F 734 -24.58 28.61 -27.54
C LYS F 734 -25.83 29.20 -28.17
N LEU F 735 -25.88 29.18 -29.51
CA LEU F 735 -27.09 29.61 -30.23
C LEU F 735 -28.27 28.73 -29.92
N LEU F 736 -28.08 27.41 -29.92
CA LEU F 736 -29.16 26.49 -29.62
C LEU F 736 -29.58 26.53 -28.16
N MET F 737 -28.71 27.00 -27.27
CA MET F 737 -29.11 27.15 -25.87
C MET F 737 -30.00 28.37 -25.68
N LEU F 738 -29.67 29.48 -26.35
CA LEU F 738 -30.42 30.70 -26.14
C LEU F 738 -31.80 30.65 -26.80
N ILE F 739 -31.89 29.98 -27.95
CA ILE F 739 -33.17 29.84 -28.65
C ILE F 739 -34.13 28.99 -27.85
N GLU F 740 -33.63 27.87 -27.28
CA GLU F 740 -34.49 27.04 -26.46
C GLU F 740 -34.79 27.71 -25.11
N MET F 741 -33.88 28.56 -24.62
CA MET F 741 -34.24 29.42 -23.51
C MET F 741 -35.22 30.51 -23.93
N SER F 742 -35.19 30.91 -25.20
CA SER F 742 -36.11 31.93 -25.67
C SER F 742 -37.52 31.38 -25.80
N LEU F 743 -37.66 30.16 -26.33
CA LEU F 743 -38.99 29.61 -26.64
C LEU F 743 -39.81 29.30 -25.41
N GLN F 744 -39.18 29.17 -24.24
CA GLN F 744 -39.92 28.93 -23.00
C GLN F 744 -40.64 30.18 -22.49
N MET F 745 -40.35 31.34 -23.06
CA MET F 745 -41.02 32.58 -22.70
C MET F 745 -42.40 32.64 -23.35
N ASP F 746 -43.10 33.74 -23.12
CA ASP F 746 -44.37 33.96 -23.80
C ASP F 746 -44.11 34.28 -25.28
N PRO F 747 -44.93 33.75 -26.20
CA PRO F 747 -44.59 33.82 -27.63
C PRO F 747 -44.62 35.22 -28.23
N GLU F 748 -45.23 36.19 -27.57
CA GLU F 748 -45.15 37.58 -28.00
C GLU F 748 -43.96 38.29 -27.37
N TYR F 749 -43.17 37.58 -26.56
CA TYR F 749 -42.03 38.16 -25.87
C TYR F 749 -40.74 37.39 -26.15
N ARG F 750 -40.79 36.31 -26.92
CA ARG F 750 -39.62 35.49 -27.20
C ARG F 750 -38.59 36.21 -28.06
N VAL F 751 -39.01 37.21 -28.83
CA VAL F 751 -38.16 37.74 -29.89
C VAL F 751 -37.06 38.63 -29.33
N ARG F 752 -37.43 39.71 -28.65
CA ARG F 752 -36.42 40.60 -28.10
C ARG F 752 -35.85 40.09 -26.79
N LYS F 753 -36.43 39.05 -26.20
CA LYS F 753 -35.74 38.30 -25.15
C LYS F 753 -34.50 37.62 -25.71
N PHE F 754 -34.60 37.09 -26.93
CA PHE F 754 -33.43 36.54 -27.60
C PHE F 754 -32.43 37.63 -27.95
N LEU F 755 -32.90 38.84 -28.27
CA LEU F 755 -32.00 39.97 -28.41
C LEU F 755 -31.48 40.48 -27.08
N ALA F 756 -32.19 40.18 -25.99
CA ALA F 756 -31.66 40.51 -24.66
C ALA F 756 -30.55 39.55 -24.25
N LEU F 757 -30.50 38.38 -24.88
CA LEU F 757 -29.49 37.38 -24.54
C LEU F 757 -28.36 37.33 -25.56
N LEU F 758 -28.53 37.95 -26.71
CA LEU F 758 -27.52 37.97 -27.75
C LEU F 758 -26.73 39.27 -27.77
N ARG F 759 -27.25 40.32 -27.12
CA ARG F 759 -26.60 41.63 -27.10
C ARG F 759 -25.25 41.60 -26.40
N GLU F 760 -25.10 40.73 -25.41
CA GLU F 760 -23.83 40.58 -24.71
C GLU F 760 -22.97 39.51 -25.38
PG ATP G . 16.85 -21.37 -19.62
O1G ATP G . 15.82 -20.52 -20.32
O2G ATP G . 17.60 -20.67 -18.53
O3G ATP G . 16.38 -22.74 -19.24
PB ATP G . 19.40 -22.22 -20.38
O1B ATP G . 20.43 -21.12 -20.51
O2B ATP G . 19.29 -23.00 -19.11
O3B ATP G . 17.96 -21.62 -20.77
PA ATP G . 19.14 -24.75 -21.41
O1A ATP G . 17.73 -24.70 -20.87
O2A ATP G . 20.18 -25.55 -20.69
O3A ATP G . 19.66 -23.25 -21.58
O5' ATP G . 19.06 -25.26 -22.92
C5' ATP G . 17.93 -24.93 -23.72
C4' ATP G . 18.18 -25.58 -25.07
O4' ATP G . 19.31 -24.97 -25.66
C3' ATP G . 18.49 -27.05 -24.89
O3' ATP G . 17.58 -27.83 -25.68
C2' ATP G . 19.89 -27.24 -25.41
O2' ATP G . 19.90 -28.29 -26.39
C1' ATP G . 20.26 -25.93 -26.08
N9 ATP G . 21.59 -25.48 -25.63
C8 ATP G . 21.85 -24.37 -24.93
N7 ATP G . 23.18 -24.24 -24.69
C5 ATP G . 23.78 -25.28 -25.26
C6 ATP G . 25.17 -25.75 -25.39
N6 ATP G . 26.20 -25.07 -24.85
N1 ATP G . 25.40 -26.89 -26.08
C2 ATP G . 24.38 -27.58 -26.63
N3 ATP G . 23.09 -27.21 -26.55
C4 ATP G . 22.74 -26.09 -25.89
PG ATP H . 11.24 14.23 -35.23
O1G ATP H . 10.55 15.56 -35.34
O2G ATP H . 10.41 13.16 -34.59
O3G ATP H . 12.65 14.31 -34.70
PB ATP H . 12.32 12.47 -37.06
O1B ATP H . 13.77 12.82 -36.87
O2B ATP H . 11.75 11.30 -36.31
O3B ATP H . 11.44 13.76 -36.75
PA ATP H . 12.31 10.68 -39.12
O1A ATP H . 13.67 10.30 -38.60
O2A ATP H . 11.11 9.85 -38.73
O3A ATP H . 12.08 12.19 -38.63
O5' ATP H . 12.43 10.72 -40.72
C5' ATP H . 11.31 11.04 -41.55
C4' ATP H . 11.46 10.35 -42.90
O4' ATP H . 12.41 11.00 -43.74
C3' ATP H . 11.91 8.91 -42.76
O3' ATP H . 10.88 8.04 -43.22
C2' ATP H . 13.09 8.77 -43.68
O2' ATP H . 12.93 7.59 -44.47
C1' ATP H . 13.02 9.99 -44.54
N9 ATP H . 14.35 10.39 -45.02
C8 ATP H . 14.73 10.40 -46.30
N7 ATP H . 16.01 10.80 -46.45
C5 ATP H . 16.48 11.07 -45.23
C6 ATP H . 17.76 11.53 -44.69
N6 ATP H . 18.80 11.80 -45.51
N1 ATP H . 17.85 11.68 -43.35
C2 ATP H . 16.82 11.42 -42.55
N3 ATP H . 15.62 10.99 -42.98
C4 ATP H . 15.40 10.80 -44.28
PG ATP I . 24.04 -19.64 9.55
O1G ATP I . 24.07 -18.34 10.29
O2G ATP I . 23.12 -19.60 8.36
O3G ATP I . 23.89 -20.87 10.42
PB ATP I . 26.78 -19.23 9.71
O1B ATP I . 27.04 -17.82 9.25
O2B ATP I . 26.54 -19.50 11.17
O3B ATP I . 25.51 -19.79 8.92
PA ATP I . 29.28 -20.15 10.26
O1A ATP I . 29.62 -18.72 10.57
O2A ATP I . 28.98 -21.09 11.40
O3A ATP I . 28.01 -20.14 9.27
O5' ATP I . 30.46 -20.80 9.39
C5' ATP I . 30.45 -22.17 8.99
C4' ATP I . 31.83 -22.47 8.43
O4' ATP I . 32.70 -21.42 8.82
C3' ATP I . 32.40 -23.75 8.99
O3' ATP I . 32.94 -24.54 7.93
C2' ATP I . 33.54 -23.31 9.87
O2' ATP I . 34.65 -24.19 9.69
C1' ATP I . 33.91 -21.94 9.36
N9 ATP I . 34.37 -21.07 10.45
C8 ATP I . 33.85 -19.86 10.71
N7 ATP I . 34.47 -19.27 11.76
C5 ATP I . 35.41 -20.12 12.18
C6 ATP I . 36.41 -20.10 13.26
N6 ATP I . 36.51 -19.03 14.08
N1 ATP I . 37.22 -21.16 13.38
C2 ATP I . 37.12 -22.22 12.57
N3 ATP I . 36.23 -22.29 11.56
C4 ATP I . 35.35 -21.30 11.32
PG ATP J . 33.00 12.55 -14.25
O1G ATP J . 33.45 13.86 -13.65
O2G ATP J . 32.56 11.51 -13.26
O3G ATP J . 32.10 12.70 -15.44
PB ATP J . 35.67 11.96 -14.00
O1B ATP J . 36.29 13.33 -14.09
O2B ATP J . 35.34 11.37 -12.66
O3B ATP J . 34.35 11.98 -14.89
PA ATP J . 36.97 9.56 -14.06
O1A ATP J . 37.78 9.85 -12.83
O2A ATP J . 35.69 8.78 -13.99
O3A ATP J . 36.64 10.95 -14.78
O5' ATP J . 37.97 8.86 -15.11
C5' ATP J . 38.84 9.71 -15.83
C4' ATP J . 39.82 8.87 -16.64
O4' ATP J . 41.03 9.60 -16.83
C3' ATP J . 40.19 7.60 -15.91
O3' ATP J . 39.82 6.50 -16.73
C2' ATP J . 41.69 7.62 -15.79
O2' ATP J . 42.24 6.37 -16.22
C1' ATP J . 42.13 8.71 -16.73
N9 ATP J . 43.30 9.43 -16.21
C8 ATP J . 44.52 9.42 -16.76
N7 ATP J . 45.39 10.17 -16.06
C5 ATP J . 44.72 10.67 -15.01
C6 ATP J . 45.04 11.55 -13.87
N6 ATP J . 46.29 12.04 -13.71
N1 ATP J . 44.05 11.84 -13.00
C2 ATP J . 42.82 11.35 -13.16
N3 ATP J . 42.45 10.55 -14.17
C4 ATP J . 43.34 10.18 -15.11
PG ATP K . 6.94 -11.94 31.28
O1G ATP K . 6.21 -10.86 30.53
O2G ATP K . 6.13 -13.19 31.50
O3G ATP K . 8.35 -12.18 30.80
PB ATP K . 7.94 -10.03 33.06
O1B ATP K . 8.47 -9.48 31.75
O2B ATP K . 7.13 -9.16 33.96
O3B ATP K . 7.15 -11.39 32.77
PA ATP K . 8.87 -11.68 35.04
O1A ATP K . 7.61 -11.33 35.77
O2A ATP K . 8.94 -13.02 34.37
O3A ATP K . 9.16 -10.55 33.95
O5' ATP K . 10.08 -11.59 36.07
C5' ATP K . 10.96 -12.71 36.14
C4' ATP K . 12.17 -12.36 36.99
O4' ATP K . 12.16 -10.99 37.39
C3' ATP K . 12.12 -13.18 38.25
O3' ATP K . 13.28 -14.01 38.29
C2' ATP K . 12.21 -12.20 39.39
O2' ATP K . 13.30 -12.61 40.23
C1' ATP K . 12.53 -10.87 38.76
N9 ATP K . 11.77 -9.75 39.36
C8 ATP K . 11.10 -8.84 38.63
N7 ATP K . 10.50 -7.91 39.41
C5 ATP K . 10.78 -8.22 40.68
C6 ATP K . 10.46 -7.66 42.00
N6 ATP K . 9.69 -6.55 42.11
N1 ATP K . 10.94 -8.27 43.08
C2 ATP K . 11.70 -9.37 42.99
N3 ATP K . 12.04 -9.93 41.82
C4 ATP K . 11.62 -9.43 40.64
PG ATP L . 27.06 19.40 14.63
O1G ATP L . 26.30 20.63 15.02
O2G ATP L . 26.52 18.10 15.18
O3G ATP L . 27.48 19.36 13.18
PB ATP L . 28.37 20.15 16.90
O1B ATP L . 28.47 21.65 16.84
O2B ATP L . 27.19 19.51 17.58
O3B ATP L . 28.45 19.59 15.40
PA ATP L . 29.60 18.16 18.30
O1A ATP L . 28.93 18.40 19.62
O2A ATP L . 29.01 17.22 17.29
O3A ATP L . 29.71 19.57 17.56
O5' ATP L . 31.11 17.75 18.61
C5' ATP L . 31.82 18.52 19.57
C4' ATP L . 33.10 17.83 20.02
O4' ATP L . 33.92 18.77 20.71
C3' ATP L . 32.81 16.70 20.99
O3' ATP L . 33.44 15.52 20.50
C2' ATP L . 33.54 17.05 22.26
O2' ATP L . 34.30 15.95 22.69
C1' ATP L . 34.46 18.20 21.89
N9 ATP L . 34.46 19.23 22.95
C8 ATP L . 35.50 19.56 23.72
N7 ATP L . 35.16 20.56 24.58
C5 ATP L . 33.88 20.87 24.34
C6 ATP L . 32.91 21.84 24.90
N6 ATP L . 33.25 22.68 25.90
N1 ATP L . 31.68 21.84 24.38
C2 ATP L . 31.33 21.01 23.39
N3 ATP L . 32.16 20.11 22.84
C4 ATP L . 33.43 20.00 23.27
PG ATP M . -21.07 -8.22 26.26
O1G ATP M . -21.10 -6.77 25.88
O2G ATP M . -19.78 -8.93 25.94
O3G ATP M . -22.30 -9.00 25.87
PB ATP M . -22.57 -7.97 28.57
O1B ATP M . -23.18 -6.72 27.97
O2B ATP M . -23.29 -9.28 28.55
O3B ATP M . -21.14 -8.20 27.86
PA ATP M . -23.45 -7.02 30.95
O1A ATP M . -23.57 -5.55 30.64
O2A ATP M . -24.64 -7.89 30.73
O3A ATP M . -22.24 -7.59 30.08
O5' ATP M . -22.92 -7.16 32.46
C5' ATP M . -23.16 -8.33 33.23
C4' ATP M . -22.79 -7.97 34.67
O4' ATP M . -22.63 -6.55 34.75
C3' ATP M . -23.87 -8.36 35.66
O3' ATP M . -23.38 -9.39 36.53
C2' ATP M . -24.16 -7.12 36.46
O2' ATP M . -23.67 -7.29 37.79
C1' ATP M . -23.41 -5.98 35.80
N9 ATP M . -24.36 -5.06 35.15
C8 ATP M . -24.26 -4.72 33.85
N7 ATP M . -25.24 -3.86 33.49
C5 ATP M . -25.99 -3.66 34.57
C6 ATP M . -27.19 -2.86 34.84
N6 ATP M . -27.77 -2.12 33.87
N1 ATP M . -27.68 -2.89 36.10
C2 ATP M . -27.11 -3.62 37.07
N3 ATP M . -26.02 -4.37 36.88
C4 ATP M . -25.41 -4.43 35.67
PG ATP N . 0.04 27.86 22.12
O1G ATP N . -0.17 29.30 21.69
O2G ATP N . -0.94 26.88 21.54
O3G ATP N . 1.48 27.42 22.10
PB ATP N . -1.82 28.16 24.16
O1B ATP N . -2.22 29.52 23.68
O2B ATP N . -2.66 26.96 23.81
O3B ATP N . -0.31 27.88 23.68
PA ATP N . -2.76 27.51 26.61
O1A ATP N . -4.07 28.10 26.16
O2A ATP N . -2.57 26.02 26.54
O3A ATP N . -1.64 28.23 25.74
O5' ATP N . -2.49 27.93 28.13
C5' ATP N . -2.61 26.87 29.07
C4' ATP N . -2.14 27.25 30.46
O4' ATP N . -2.57 28.55 30.88
C3' ATP N . -2.73 26.28 31.47
O3' ATP N . -1.73 25.35 31.88
C2' ATP N . -3.13 27.12 32.64
O2' ATP N . -2.47 26.61 33.78
C1' ATP N . -2.63 28.51 32.30
N9 ATP N . -3.49 29.55 32.92
C8 ATP N . -3.46 29.86 34.22
N7 ATP N . -4.34 30.85 34.53
C5 ATP N . -4.95 31.18 33.38
C6 ATP N . -5.99 32.14 32.98
N6 ATP N . -6.56 32.96 33.89
N1 ATP N . -6.37 32.18 31.70
C2 ATP N . -5.81 31.36 30.79
N3 ATP N . -4.86 30.46 31.07
C4 ATP N . -4.40 30.33 32.32
PG ATP O . -42.10 -15.26 0.01
O1G ATP O . -41.02 -14.66 -0.85
O2G ATP O . -42.23 -16.76 -0.10
O3G ATP O . -42.16 -14.73 1.41
PB ATP O . -43.65 -13.18 -1.06
O1B ATP O . -42.77 -12.35 -0.16
O2B ATP O . -43.53 -13.07 -2.56
O3B ATP O . -43.47 -14.73 -0.67
PA ATP O . -45.90 -11.52 -0.59
O1A ATP O . -45.01 -10.54 0.13
O2A ATP O . -47.28 -11.78 -0.06
O3A ATP O . -45.19 -12.96 -0.66
O5' ATP O . -46.05 -11.07 -2.13
C5' ATP O . -45.13 -10.20 -2.79
C4' ATP O . -45.54 -10.16 -4.25
O4' ATP O . -46.13 -8.90 -4.61
C3' ATP O . -44.37 -10.36 -5.19
O3' ATP O . -44.27 -11.72 -5.64
C2' ATP O . -44.66 -9.45 -6.37
O2' ATP O . -44.98 -10.21 -7.53
C1' ATP O . -45.86 -8.61 -5.99
N9 ATP O . -45.61 -7.15 -6.15
C8 ATP O . -45.92 -6.26 -5.22
N7 ATP O . -45.59 -5.00 -5.62
C5 ATP O . -45.06 -5.09 -6.85
C6 ATP O . -44.51 -4.13 -7.83
N6 ATP O . -44.47 -2.80 -7.56
N1 ATP O . -44.05 -4.61 -8.99
C2 ATP O . -44.08 -5.93 -9.27
N3 ATP O . -44.56 -6.84 -8.42
C4 ATP O . -45.07 -6.51 -7.21
PG ATP P . -23.37 28.38 2.30
O1G ATP P . -23.14 29.25 1.08
O2G ATP P . -23.87 27.00 2.02
O3G ATP P . -22.26 28.46 3.32
PB ATP P . -25.81 29.64 2.11
O1B ATP P . -25.50 31.07 1.75
O2B ATP P . -26.01 28.66 0.98
O3B ATP P . -24.61 29.11 3.03
PA ATP P . -28.10 28.40 3.14
O1A ATP P . -28.72 28.21 1.78
O2A ATP P . -27.44 27.23 3.81
O3A ATP P . -27.06 29.62 3.11
O5' ATP P . -29.29 28.95 4.07
C5' ATP P . -29.08 29.17 5.46
C4' ATP P . -30.41 29.41 6.15
O4' ATP P . -31.01 30.63 5.71
C3' ATP P . -31.42 28.30 5.87
O3' ATP P . -31.65 27.54 7.05
C2' ATP P . -32.70 29.01 5.48
O2' ATP P . -33.79 28.53 6.25
C1' ATP P . -32.42 30.47 5.82
N9 ATP P . -33.16 31.44 4.97
C8 ATP P . -33.86 32.47 5.48
N7 ATP P . -34.44 33.20 4.51
C5 ATP P . -34.11 32.64 3.34
C6 ATP P . -34.41 32.94 1.92
N6 ATP P . -35.17 34.00 1.58
N1 ATP P . -33.88 32.12 0.99
C2 ATP P . -33.12 31.07 1.34
N3 ATP P . -32.81 30.75 2.61
C4 ATP P . -33.27 31.48 3.64
PG ATP Q . -11.52 -15.08 -27.83
O1G ATP Q . -11.97 -13.85 -27.07
O2G ATP Q . -10.08 -15.05 -28.26
O3G ATP Q . -11.98 -16.38 -27.21
PB ATP Q . -11.90 -15.95 -30.44
O1B ATP Q . -11.25 -15.10 -31.49
O2B ATP Q . -11.18 -17.16 -29.92
O3B ATP Q . -12.34 -15.01 -29.21
PA ATP Q . -13.84 -17.87 -30.60
O1A ATP Q . -13.87 -17.97 -29.10
O2A ATP Q . -13.03 -18.87 -31.40
O3A ATP Q . -13.32 -16.42 -31.01
O5' ATP Q . -15.35 -17.93 -31.17
C5' ATP Q . -16.50 -17.67 -30.37
C4' ATP Q . -17.68 -18.32 -31.09
O4' ATP Q . -17.93 -17.63 -32.32
C3' ATP Q . -17.36 -19.77 -31.43
O3' ATP Q . -18.38 -20.61 -30.89
C2' ATP Q . -17.36 -19.85 -32.94
O2' ATP Q . -18.30 -20.84 -33.38
C1' ATP Q . -17.77 -18.48 -33.45
N9 ATP Q . -16.71 -17.89 -34.30
C8 ATP Q . -16.09 -16.73 -34.01
N7 ATP Q . -15.16 -16.43 -34.94
C5 ATP Q . -15.19 -17.40 -35.86
C6 ATP Q . -14.47 -17.68 -37.13
N6 ATP Q . -13.51 -16.84 -37.58
N1 ATP Q . -14.79 -18.81 -37.80
C2 ATP Q . -15.73 -19.65 -37.33
N3 ATP Q . -16.44 -19.45 -36.20
C4 ATP Q . -16.22 -18.36 -35.43
PG ATP R . -17.21 22.21 -27.02
O1G ATP R . -16.01 22.82 -27.66
O2G ATP R . -17.19 20.70 -26.92
O3G ATP R . -17.70 22.91 -25.77
PB ATP R . -18.15 22.24 -29.62
O1B ATP R . -17.63 23.52 -30.25
O2B ATP R . -17.38 20.96 -29.79
O3B ATP R . -18.39 22.51 -28.06
PA ATP R . -20.14 20.49 -30.37
O1A ATP R . -19.50 20.02 -31.65
O2A ATP R . -19.92 19.75 -29.07
O3A ATP R . -19.65 22.01 -30.13
O5' ATP R . -21.71 20.62 -30.64
C5' ATP R . -22.24 21.79 -31.26
C4' ATP R . -23.66 21.48 -31.73
O4' ATP R . -24.01 22.30 -32.85
C3' ATP R . -23.78 20.04 -32.20
O3' ATP R . -24.56 19.28 -31.27
C2' ATP R . -24.47 20.09 -33.54
O2' ATP R . -25.67 19.31 -33.48
C1' ATP R . -24.82 21.54 -33.76
N9 ATP R . -24.51 21.93 -35.17
C8 ATP R . -25.44 22.25 -36.08
N7 ATP R . -24.86 22.55 -37.27
C5 ATP R . -23.54 22.41 -37.12
C6 ATP R . -22.36 22.59 -37.99
N6 ATP R . -22.50 22.96 -39.28
N1 ATP R . -21.15 22.35 -37.46
C2 ATP R . -21.01 21.97 -36.18
N3 ATP R . -22.04 21.81 -35.33
C4 ATP R . -23.31 22.00 -35.73
#